data_8TYN
#
_entry.id   8TYN
#
_cell.length_a   1.00
_cell.length_b   1.00
_cell.length_c   1.00
_cell.angle_alpha   90.00
_cell.angle_beta   90.00
_cell.angle_gamma   90.00
#
_symmetry.space_group_name_H-M   'P 1'
#
loop_
_entity.id
_entity.type
_entity.pdbx_description
1 polymer Dynamin-1
2 non-polymer "GUANOSINE-5'-DIPHOSPHATE"
3 non-polymer 'MAGNESIUM ION'
#
_entity_poly.entity_id   1
_entity_poly.type   'polypeptide(L)'
_entity_poly.pdbx_seq_one_letter_code
;GPTGMGNRGMEDLIPLVNRLQDAFSAIGQNADLDLPQIAVVGGQSAGASSVLENFVGRDFLPRGSGIVTRRPLVLQLVNA
TTEYAEFLHCKGKKFTDFEEVRLEIEAETDRVTGTNKGISPVPINLRVYSPHVLNLTLVDLPGMTKVPVGDQPPDIEFQI
RDMLMQFVTKENCLILAVSPANSDLANSDALKVAKEVDPQGQRTIGVITKLDLMDEGTDARDVLENKLLPLRRGYIGVVN
RSQKDIDGKKDITAALAAERKFFLSHPSYRHLADRMGTPYLQKVLNQQLTNHIRDTLPGLRNKLQSQLLSIEKEVEEYKN
FRPDDPARKTKALLQMVQQFAVDFEKRIEGSGDQIDTYELSGGARINRIFHERFPFELVKMEFDEKELRREISYAIKNIH
GIRTGLFTPDMAFETIVKKQVKKIREPCLKCVDMVISELISTVRQCTKKLQQYPRLREEMERIVTTHIREREGRTKEQVM
LLIDIELAYMNTNHEDFIGFANAQQRSNQMNKKKTSGNQDEILVIRKGWLTINNIGIMKGGSKEYWFVLTAENLSWYKDD
EEKEKKYMLSVDNLKLRDVEKGFMSSKHIFALFNTEQRNVYKDYRQLELACETQEEVDSWKASFLRAGVYPERVGDKEKA
SETEENGSDSFMHSMDPQLERQVETIRNLVDSYMAIVNKTVRDLMPKTIMHLMINNTKEFIFSELLANLYSCGDQNTLME
ESAEQAQRRDEMLRMYHALKEALSIIGNINTT
;
_entity_poly.pdbx_strand_id   c,f,C,F
#
loop_
_chem_comp.id
_chem_comp.type
_chem_comp.name
_chem_comp.formula
GDP RNA linking GUANOSINE-5'-DIPHOSPHATE 'C10 H15 N5 O11 P2'
MG non-polymer 'MAGNESIUM ION' 'Mg 2'
#
# COMPACT_ATOMS: atom_id res chain seq x y z
N MET A 5 38.23 -13.61 -73.47
CA MET A 5 38.47 -13.12 -72.12
C MET A 5 37.22 -12.47 -71.55
N GLY A 6 37.30 -12.03 -70.31
CA GLY A 6 36.22 -11.28 -69.69
C GLY A 6 35.22 -12.17 -68.96
N ASN A 7 34.46 -11.54 -68.08
CA ASN A 7 33.43 -12.21 -67.29
C ASN A 7 32.20 -11.31 -67.36
N ARG A 8 31.22 -11.68 -68.18
CA ARG A 8 30.07 -10.83 -68.43
C ARG A 8 28.88 -11.16 -67.55
N GLY A 9 29.04 -12.08 -66.60
CA GLY A 9 28.00 -12.24 -65.62
C GLY A 9 28.06 -11.24 -64.49
N MET A 10 29.16 -10.49 -64.38
CA MET A 10 29.22 -9.43 -63.39
C MET A 10 28.37 -8.23 -63.80
N GLU A 11 28.27 -7.97 -65.11
CA GLU A 11 27.61 -6.76 -65.57
C GLU A 11 26.17 -6.69 -65.07
N ASP A 12 25.46 -7.82 -65.09
CA ASP A 12 24.08 -7.87 -64.63
C ASP A 12 23.97 -7.78 -63.12
N LEU A 13 25.08 -7.85 -62.39
CA LEU A 13 25.05 -7.83 -60.93
C LEU A 13 25.72 -6.59 -60.34
N ILE A 14 26.51 -5.85 -61.12
CA ILE A 14 27.11 -4.61 -60.62
C ILE A 14 26.06 -3.59 -60.24
N PRO A 15 25.11 -3.21 -61.12
CA PRO A 15 24.17 -2.15 -60.75
C PRO A 15 23.36 -2.42 -59.50
N LEU A 16 22.97 -3.66 -59.21
CA LEU A 16 22.24 -3.91 -57.98
C LEU A 16 23.07 -3.51 -56.76
N VAL A 17 24.37 -3.80 -56.78
CA VAL A 17 25.26 -3.41 -55.70
C VAL A 17 25.43 -1.91 -55.65
N ASN A 18 25.56 -1.28 -56.82
CA ASN A 18 25.71 0.17 -56.83
C ASN A 18 24.47 0.85 -56.27
N ARG A 19 23.28 0.42 -56.72
CA ARG A 19 22.04 1.04 -56.27
C ARG A 19 21.87 0.88 -54.76
N LEU A 20 22.07 -0.33 -54.25
CA LEU A 20 21.93 -0.53 -52.80
C LEU A 20 22.94 0.30 -52.01
N GLN A 21 24.19 0.36 -52.49
CA GLN A 21 25.20 1.15 -51.81
C GLN A 21 24.83 2.63 -51.82
N ASP A 22 24.35 3.16 -52.94
CA ASP A 22 23.90 4.54 -52.97
C ASP A 22 22.71 4.76 -52.04
N ALA A 23 21.86 3.74 -51.91
CA ALA A 23 20.69 3.85 -51.05
C ALA A 23 21.13 4.05 -49.61
N PHE A 24 22.11 3.28 -49.16
CA PHE A 24 22.50 3.46 -47.76
C PHE A 24 23.45 4.65 -47.61
N SER A 25 24.33 4.88 -48.57
CA SER A 25 25.28 5.97 -48.46
C SER A 25 24.55 7.31 -48.33
N ALA A 26 23.35 7.41 -48.92
CA ALA A 26 22.62 8.67 -48.81
C ALA A 26 22.23 8.97 -47.37
N ILE A 27 21.97 7.94 -46.56
CA ILE A 27 21.59 8.14 -45.17
C ILE A 27 22.82 8.09 -44.28
N GLY A 28 24.01 8.14 -44.88
CA GLY A 28 25.22 8.14 -44.11
C GLY A 28 25.58 6.79 -43.50
N GLN A 29 25.01 5.71 -44.03
CA GLN A 29 25.29 4.36 -43.56
C GLN A 29 25.73 3.51 -44.75
N ASN A 30 26.38 2.39 -44.45
CA ASN A 30 26.87 1.50 -45.49
C ASN A 30 26.02 0.24 -45.56
N ALA A 31 26.06 -0.41 -46.73
CA ALA A 31 25.27 -1.61 -46.98
C ALA A 31 26.10 -2.85 -46.67
N ASP A 32 25.53 -3.77 -45.90
CA ASP A 32 26.22 -4.99 -45.48
C ASP A 32 26.16 -6.06 -46.57
N LEU A 33 26.62 -5.69 -47.77
CA LEU A 33 26.75 -6.64 -48.88
C LEU A 33 28.05 -7.42 -48.72
N ASP A 34 28.07 -8.27 -47.70
CA ASP A 34 29.26 -9.05 -47.35
C ASP A 34 29.34 -10.26 -48.26
N LEU A 35 29.61 -9.99 -49.53
CA LEU A 35 29.68 -11.05 -50.53
C LEU A 35 30.76 -12.06 -50.12
N PRO A 36 30.53 -13.35 -50.33
CA PRO A 36 31.51 -14.34 -49.89
C PRO A 36 32.80 -14.25 -50.69
N GLN A 37 33.88 -14.69 -50.07
CA GLN A 37 35.16 -14.82 -50.74
C GLN A 37 35.27 -16.23 -51.33
N ILE A 38 36.02 -16.34 -52.41
CA ILE A 38 36.14 -17.59 -53.15
C ILE A 38 37.54 -18.14 -52.92
N ALA A 39 37.63 -19.28 -52.24
CA ALA A 39 38.91 -19.94 -51.99
C ALA A 39 38.98 -21.17 -52.88
N VAL A 40 40.08 -21.31 -53.61
CA VAL A 40 40.32 -22.46 -54.48
C VAL A 40 41.23 -23.42 -53.75
N VAL A 41 40.77 -24.65 -53.56
CA VAL A 41 41.47 -25.65 -52.77
C VAL A 41 41.73 -26.86 -53.66
N GLY A 42 42.91 -27.45 -53.50
CA GLY A 42 43.26 -28.62 -54.28
C GLY A 42 44.60 -29.16 -53.85
N GLY A 43 45.00 -30.23 -54.53
CA GLY A 43 46.32 -30.81 -54.33
C GLY A 43 47.34 -30.30 -55.32
N GLN A 44 48.59 -30.70 -55.09
CA GLN A 44 49.67 -30.28 -55.97
C GLN A 44 49.40 -30.72 -57.40
N SER A 45 49.56 -29.79 -58.34
CA SER A 45 49.37 -30.05 -59.76
C SER A 45 47.94 -30.48 -60.08
N ALA A 46 46.97 -30.07 -59.26
CA ALA A 46 45.57 -30.37 -59.57
C ALA A 46 45.02 -29.48 -60.67
N GLY A 47 45.51 -28.24 -60.78
CA GLY A 47 45.00 -27.33 -61.79
C GLY A 47 44.29 -26.11 -61.23
N ALA A 48 44.49 -25.82 -59.94
CA ALA A 48 43.72 -24.76 -59.29
C ALA A 48 43.94 -23.40 -59.95
N SER A 49 45.20 -23.04 -60.21
CA SER A 49 45.49 -21.71 -60.74
C SER A 49 44.85 -21.50 -62.11
N SER A 50 44.81 -22.55 -62.94
CA SER A 50 44.19 -22.40 -64.25
C SER A 50 42.69 -22.16 -64.12
N VAL A 51 42.04 -22.84 -63.17
CA VAL A 51 40.62 -22.61 -62.97
C VAL A 51 40.39 -21.19 -62.50
N LEU A 52 41.16 -20.77 -61.49
CA LEU A 52 40.89 -19.48 -60.87
C LEU A 52 41.07 -18.35 -61.87
N GLU A 53 42.16 -18.39 -62.66
CA GLU A 53 42.37 -17.29 -63.59
C GLU A 53 41.33 -17.30 -64.69
N ASN A 54 40.71 -18.45 -64.97
CA ASN A 54 39.62 -18.50 -65.93
C ASN A 54 38.35 -17.90 -65.35
N PHE A 55 38.20 -17.97 -64.02
CA PHE A 55 37.07 -17.31 -63.39
C PHE A 55 37.26 -15.80 -63.34
N VAL A 56 38.48 -15.35 -63.06
CA VAL A 56 38.78 -13.92 -63.09
C VAL A 56 38.60 -13.37 -64.50
N GLY A 57 39.03 -14.12 -65.51
CA GLY A 57 38.95 -13.68 -66.88
C GLY A 57 40.14 -12.89 -67.36
N ARG A 58 41.28 -12.97 -66.66
CA ARG A 58 42.52 -12.32 -67.07
C ARG A 58 43.65 -13.33 -66.95
N ASP A 59 44.62 -13.23 -67.83
CA ASP A 59 45.76 -14.15 -67.86
C ASP A 59 46.94 -13.51 -67.13
N PHE A 60 47.03 -13.75 -65.83
CA PHE A 60 48.07 -13.12 -65.02
C PHE A 60 48.73 -14.04 -63.99
N LEU A 61 48.16 -15.20 -63.66
CA LEU A 61 48.76 -16.02 -62.62
C LEU A 61 49.90 -16.89 -63.18
N PRO A 62 50.87 -17.26 -62.34
CA PRO A 62 51.86 -18.25 -62.75
C PRO A 62 51.32 -19.66 -62.58
N ARG A 63 51.55 -20.51 -63.58
CA ARG A 63 51.03 -21.86 -63.55
C ARG A 63 51.96 -22.80 -64.32
N GLY A 64 51.97 -24.06 -63.92
CA GLY A 64 52.81 -25.05 -64.54
C GLY A 64 53.23 -26.11 -63.54
N SER A 65 53.90 -27.13 -64.07
CA SER A 65 54.35 -28.24 -63.23
C SER A 65 55.39 -27.75 -62.23
N GLY A 66 55.58 -28.54 -61.18
CA GLY A 66 56.45 -28.13 -60.09
C GLY A 66 55.67 -27.33 -59.08
N ILE A 67 56.40 -26.81 -58.09
CA ILE A 67 55.80 -26.05 -57.01
C ILE A 67 55.81 -24.58 -57.47
N VAL A 68 54.75 -24.18 -58.16
CA VAL A 68 54.70 -22.83 -58.71
C VAL A 68 53.97 -21.85 -57.78
N THR A 69 53.01 -22.34 -56.99
CA THR A 69 52.27 -21.52 -56.04
C THR A 69 52.90 -21.67 -54.66
N ARG A 70 54.03 -21.00 -54.46
CA ARG A 70 54.77 -21.11 -53.21
C ARG A 70 54.29 -20.17 -52.12
N ARG A 71 53.45 -19.17 -52.45
CA ARG A 71 52.91 -18.26 -51.45
C ARG A 71 51.42 -18.02 -51.68
N PRO A 72 50.62 -17.90 -50.61
CA PRO A 72 49.20 -17.58 -50.79
C PRO A 72 49.02 -16.22 -51.44
N LEU A 73 48.28 -16.19 -52.54
CA LEU A 73 47.98 -14.95 -53.25
C LEU A 73 46.53 -14.55 -52.99
N VAL A 74 46.33 -13.33 -52.50
CA VAL A 74 45.00 -12.80 -52.23
C VAL A 74 44.76 -11.70 -53.24
N LEU A 75 43.84 -11.94 -54.17
CA LEU A 75 43.47 -10.98 -55.20
C LEU A 75 42.17 -10.31 -54.79
N GLN A 76 42.18 -8.98 -54.74
CA GLN A 76 40.99 -8.22 -54.42
C GLN A 76 40.57 -7.42 -55.65
N LEU A 77 39.39 -7.74 -56.18
CA LEU A 77 38.81 -6.98 -57.29
C LEU A 77 38.05 -5.81 -56.69
N VAL A 78 38.26 -4.62 -57.29
CA VAL A 78 37.62 -3.39 -56.86
C VAL A 78 37.05 -2.67 -58.07
N ASN A 79 35.78 -2.28 -57.99
CA ASN A 79 35.16 -1.53 -59.07
C ASN A 79 35.77 -0.13 -59.15
N ALA A 80 36.08 0.30 -60.38
CA ALA A 80 36.77 1.57 -60.58
C ALA A 80 36.47 2.07 -61.98
N THR A 81 36.77 3.35 -62.20
CA THR A 81 36.55 3.99 -63.49
C THR A 81 37.60 3.61 -64.52
N THR A 82 38.72 3.03 -64.10
CA THR A 82 39.77 2.61 -65.02
C THR A 82 40.42 1.35 -64.48
N GLU A 83 41.06 0.61 -65.38
CA GLU A 83 41.60 -0.70 -65.08
C GLU A 83 43.10 -0.62 -64.80
N TYR A 84 43.52 -1.17 -63.66
CA TYR A 84 44.93 -1.21 -63.31
C TYR A 84 45.10 -2.17 -62.14
N ALA A 85 46.36 -2.45 -61.79
CA ALA A 85 46.64 -3.38 -60.69
C ALA A 85 47.77 -2.80 -59.83
N GLU A 86 47.80 -3.22 -58.57
CA GLU A 86 48.86 -2.75 -57.68
C GLU A 86 49.10 -3.75 -56.56
N PHE A 87 50.30 -3.70 -55.99
CA PHE A 87 50.67 -4.52 -54.85
C PHE A 87 50.86 -3.65 -53.61
N LEU A 88 50.82 -4.29 -52.44
CA LEU A 88 51.13 -3.58 -51.20
C LEU A 88 52.62 -3.26 -51.10
N HIS A 89 53.48 -4.17 -51.53
CA HIS A 89 54.92 -3.98 -51.40
C HIS A 89 55.52 -3.21 -52.56
N CYS A 90 54.71 -2.80 -53.53
CA CYS A 90 55.15 -1.92 -54.61
C CYS A 90 54.38 -0.61 -54.54
N LYS A 91 54.20 -0.11 -53.32
CA LYS A 91 53.41 1.10 -53.11
C LYS A 91 53.95 2.24 -53.96
N GLY A 92 53.04 2.94 -54.63
CA GLY A 92 53.41 4.02 -55.53
C GLY A 92 53.62 3.61 -56.97
N LYS A 93 53.64 2.30 -57.25
CA LYS A 93 53.80 1.79 -58.61
C LYS A 93 52.46 1.38 -59.18
N LYS A 94 52.33 1.51 -60.50
CA LYS A 94 51.11 1.16 -61.22
C LYS A 94 51.44 0.15 -62.30
N PHE A 95 50.67 -0.93 -62.35
CA PHE A 95 50.84 -2.00 -63.32
C PHE A 95 49.78 -1.86 -64.42
N THR A 96 50.22 -1.66 -65.66
CA THR A 96 49.33 -1.54 -66.80
C THR A 96 49.40 -2.74 -67.74
N ASP A 97 50.18 -3.76 -67.39
CA ASP A 97 50.30 -4.97 -68.21
C ASP A 97 50.38 -6.16 -67.26
N PHE A 98 49.47 -7.12 -67.46
CA PHE A 98 49.41 -8.26 -66.54
C PHE A 98 50.61 -9.19 -66.65
N GLU A 99 51.32 -9.19 -67.78
CA GLU A 99 52.55 -9.97 -67.87
C GLU A 99 53.56 -9.48 -66.85
N GLU A 100 53.68 -8.17 -66.70
CA GLU A 100 54.52 -7.60 -65.65
C GLU A 100 54.03 -8.05 -64.27
N VAL A 101 52.71 -8.13 -64.09
CA VAL A 101 52.18 -8.60 -62.81
C VAL A 101 52.65 -10.02 -62.52
N ARG A 102 52.58 -10.89 -63.52
CA ARG A 102 53.02 -12.27 -63.34
C ARG A 102 54.50 -12.33 -62.99
N LEU A 103 55.31 -11.55 -63.71
CA LEU A 103 56.74 -11.53 -63.42
C LEU A 103 56.98 -11.03 -62.00
N GLU A 104 56.26 -9.98 -61.59
CA GLU A 104 56.39 -9.48 -60.23
C GLU A 104 56.03 -10.55 -59.22
N ILE A 105 55.02 -11.37 -59.52
CA ILE A 105 54.62 -12.44 -58.60
C ILE A 105 55.76 -13.43 -58.43
N GLU A 106 56.38 -13.82 -59.54
CA GLU A 106 57.52 -14.73 -59.44
C GLU A 106 58.68 -14.09 -58.69
N ALA A 107 58.99 -12.83 -58.97
CA ALA A 107 60.07 -12.15 -58.29
C ALA A 107 59.82 -12.08 -56.80
N GLU A 108 58.62 -11.66 -56.39
CA GLU A 108 58.29 -11.58 -54.98
C GLU A 108 58.33 -12.94 -54.31
N THR A 109 57.98 -13.99 -55.05
CA THR A 109 58.01 -15.32 -54.44
C THR A 109 59.44 -15.77 -54.20
N ASP A 110 60.31 -15.58 -55.19
CA ASP A 110 61.70 -16.01 -55.04
C ASP A 110 62.45 -15.17 -54.01
N ARG A 111 62.18 -13.87 -53.96
CA ARG A 111 62.93 -13.00 -53.05
C ARG A 111 62.84 -13.48 -51.62
N VAL A 112 61.71 -14.07 -51.24
CA VAL A 112 61.47 -14.51 -49.87
C VAL A 112 61.73 -16.00 -49.71
N THR A 113 61.31 -16.81 -50.67
CA THR A 113 61.39 -18.26 -50.52
C THR A 113 62.69 -18.84 -51.04
N GLY A 114 63.43 -18.11 -51.87
CA GLY A 114 64.60 -18.67 -52.51
C GLY A 114 64.21 -19.44 -53.76
N THR A 115 65.15 -20.28 -54.23
CA THR A 115 64.94 -21.05 -55.43
C THR A 115 64.83 -22.55 -55.18
N ASN A 116 65.15 -23.02 -53.98
CA ASN A 116 65.10 -24.46 -53.69
C ASN A 116 63.75 -24.85 -53.07
N LYS A 117 62.69 -24.55 -53.81
CA LYS A 117 61.34 -25.04 -53.52
C LYS A 117 60.92 -24.78 -52.08
N GLY A 118 61.07 -23.52 -51.64
CA GLY A 118 60.58 -23.12 -50.34
C GLY A 118 59.15 -22.60 -50.40
N ILE A 119 58.57 -22.37 -49.22
CA ILE A 119 57.24 -21.80 -49.09
C ILE A 119 57.26 -20.73 -47.99
N SER A 120 56.19 -19.94 -47.92
CA SER A 120 56.07 -18.91 -46.91
C SER A 120 54.61 -18.66 -46.59
N PRO A 121 54.20 -18.73 -45.31
CA PRO A 121 52.79 -18.46 -44.98
C PRO A 121 52.40 -17.00 -45.11
N VAL A 122 53.33 -16.09 -45.38
CA VAL A 122 52.99 -14.68 -45.53
C VAL A 122 52.43 -14.46 -46.93
N PRO A 123 51.20 -13.96 -47.06
CA PRO A 123 50.58 -13.87 -48.39
C PRO A 123 51.08 -12.68 -49.20
N ILE A 124 50.75 -12.71 -50.48
CA ILE A 124 50.95 -11.59 -51.40
C ILE A 124 49.58 -10.99 -51.69
N ASN A 125 49.46 -9.67 -51.56
CA ASN A 125 48.19 -8.98 -51.74
C ASN A 125 48.23 -8.22 -53.06
N LEU A 126 47.40 -8.64 -54.01
CA LEU A 126 47.25 -7.96 -55.29
C LEU A 126 45.87 -7.33 -55.34
N ARG A 127 45.80 -6.05 -55.70
CA ARG A 127 44.55 -5.31 -55.75
C ARG A 127 44.34 -4.80 -57.17
N VAL A 128 43.37 -5.39 -57.87
CA VAL A 128 43.09 -5.04 -59.26
C VAL A 128 41.80 -4.22 -59.32
N TYR A 129 41.90 -3.04 -59.92
CA TYR A 129 40.77 -2.15 -60.11
C TYR A 129 40.28 -2.27 -61.54
N SER A 130 38.95 -2.14 -61.72
CA SER A 130 38.35 -2.23 -63.04
C SER A 130 36.87 -1.86 -63.00
N PRO A 131 36.32 -1.32 -64.09
CA PRO A 131 34.87 -1.05 -64.12
C PRO A 131 34.00 -2.28 -64.28
N HIS A 132 34.57 -3.43 -64.64
CA HIS A 132 33.79 -4.62 -64.95
C HIS A 132 33.83 -5.67 -63.84
N VAL A 133 34.13 -5.26 -62.61
CA VAL A 133 34.30 -6.19 -61.50
C VAL A 133 33.50 -5.72 -60.30
N LEU A 134 33.18 -6.68 -59.43
CA LEU A 134 32.60 -6.39 -58.14
C LEU A 134 33.72 -6.25 -57.12
N ASN A 135 33.36 -5.94 -55.87
CA ASN A 135 34.33 -5.86 -54.79
C ASN A 135 34.46 -7.25 -54.18
N LEU A 136 35.36 -8.06 -54.74
CA LEU A 136 35.47 -9.46 -54.35
C LEU A 136 36.85 -9.80 -53.83
N THR A 137 36.91 -10.82 -52.97
CA THR A 137 38.15 -11.39 -52.47
C THR A 137 38.29 -12.80 -53.00
N LEU A 138 39.39 -13.07 -53.70
CA LEU A 138 39.71 -14.39 -54.24
C LEU A 138 41.03 -14.86 -53.66
N VAL A 139 41.07 -16.09 -53.16
CA VAL A 139 42.25 -16.61 -52.48
C VAL A 139 42.80 -17.79 -53.30
N ASP A 140 44.10 -17.74 -53.60
CA ASP A 140 44.80 -18.80 -54.31
C ASP A 140 45.87 -19.36 -53.38
N LEU A 141 45.66 -20.57 -52.89
CA LEU A 141 46.52 -21.15 -51.88
C LEU A 141 47.51 -22.13 -52.50
N PRO A 142 48.62 -22.39 -51.82
CA PRO A 142 49.52 -23.46 -52.28
C PRO A 142 48.86 -24.82 -52.12
N GLY A 143 49.20 -25.73 -53.02
CA GLY A 143 48.65 -27.07 -52.95
C GLY A 143 49.23 -27.86 -51.79
N MET A 144 48.54 -28.94 -51.45
CA MET A 144 48.95 -29.81 -50.36
C MET A 144 49.86 -30.92 -50.87
N THR A 145 50.73 -31.40 -49.98
CA THR A 145 51.69 -32.45 -50.29
C THR A 145 51.87 -33.34 -49.08
N LYS A 146 52.54 -34.46 -49.29
CA LYS A 146 52.80 -35.45 -48.24
C LYS A 146 54.25 -35.51 -47.80
N VAL A 147 55.21 -35.41 -48.71
CA VAL A 147 56.61 -35.59 -48.36
C VAL A 147 57.41 -34.37 -48.80
N PRO A 148 58.40 -33.94 -48.01
CA PRO A 148 59.14 -32.72 -48.37
C PRO A 148 60.12 -32.95 -49.51
N VAL A 149 60.41 -31.87 -50.24
CA VAL A 149 61.49 -31.83 -51.23
C VAL A 149 62.26 -30.54 -51.04
N GLY A 150 63.49 -30.55 -51.54
CA GLY A 150 64.33 -29.36 -51.42
C GLY A 150 64.56 -28.98 -49.96
N ASP A 151 64.31 -27.71 -49.65
CA ASP A 151 64.55 -27.16 -48.32
C ASP A 151 63.37 -27.32 -47.38
N GLN A 152 62.28 -27.92 -47.84
CA GLN A 152 61.07 -27.98 -47.02
C GLN A 152 61.34 -28.79 -45.76
N PRO A 153 60.92 -28.31 -44.58
CA PRO A 153 61.17 -29.06 -43.35
C PRO A 153 60.31 -30.31 -43.30
N PRO A 154 60.53 -31.18 -42.30
CA PRO A 154 59.71 -32.39 -42.18
C PRO A 154 58.23 -32.11 -42.02
N ASP A 155 57.86 -30.97 -41.43
CA ASP A 155 56.48 -30.62 -41.14
C ASP A 155 55.86 -29.72 -42.21
N ILE A 156 56.24 -29.91 -43.48
CA ILE A 156 55.66 -29.11 -44.56
C ILE A 156 54.17 -29.35 -44.68
N GLU A 157 53.73 -30.58 -44.37
CA GLU A 157 52.31 -30.93 -44.51
C GLU A 157 51.45 -30.05 -43.62
N PHE A 158 51.78 -29.96 -42.33
CA PHE A 158 50.91 -29.24 -41.42
C PHE A 158 50.98 -27.74 -41.63
N GLN A 159 52.14 -27.21 -42.05
CA GLN A 159 52.20 -25.79 -42.37
C GLN A 159 51.28 -25.46 -43.54
N ILE A 160 51.24 -26.33 -44.55
CA ILE A 160 50.34 -26.07 -45.67
C ILE A 160 48.89 -26.23 -45.23
N ARG A 161 48.63 -27.22 -44.38
CA ARG A 161 47.26 -27.43 -43.92
C ARG A 161 46.77 -26.20 -43.15
N ASP A 162 47.61 -25.65 -42.28
CA ASP A 162 47.20 -24.48 -41.50
C ASP A 162 46.99 -23.27 -42.41
N MET A 163 47.84 -23.09 -43.41
CA MET A 163 47.59 -22.04 -44.39
C MET A 163 46.22 -22.22 -45.02
N LEU A 164 45.81 -23.47 -45.23
CA LEU A 164 44.52 -23.72 -45.86
C LEU A 164 43.38 -23.44 -44.87
N MET A 165 43.55 -23.92 -43.63
CA MET A 165 42.48 -23.81 -42.64
C MET A 165 42.14 -22.36 -42.37
N GLN A 166 43.15 -21.48 -42.33
CA GLN A 166 42.84 -20.09 -41.97
C GLN A 166 41.88 -19.45 -42.97
N PHE A 167 41.82 -19.98 -44.20
CA PHE A 167 41.01 -19.40 -45.26
C PHE A 167 39.77 -20.21 -45.61
N VAL A 168 39.67 -21.45 -45.15
CA VAL A 168 38.52 -22.28 -45.52
C VAL A 168 37.58 -22.53 -44.34
N THR A 169 38.04 -22.40 -43.10
CA THR A 169 37.16 -22.42 -41.95
C THR A 169 36.39 -21.12 -41.77
N LYS A 170 36.71 -20.09 -42.55
CA LYS A 170 35.98 -18.83 -42.47
C LYS A 170 34.59 -18.97 -43.08
N GLU A 171 33.58 -18.53 -42.34
CA GLU A 171 32.22 -18.58 -42.82
C GLU A 171 32.06 -17.60 -43.99
N ASN A 172 31.05 -17.86 -44.81
CA ASN A 172 30.78 -17.01 -45.98
C ASN A 172 31.93 -17.09 -46.98
N CYS A 173 32.42 -18.30 -47.22
CA CYS A 173 33.51 -18.52 -48.17
C CYS A 173 33.19 -19.74 -49.02
N LEU A 174 33.17 -19.57 -50.33
CA LEU A 174 32.94 -20.67 -51.25
C LEU A 174 34.22 -21.48 -51.40
N ILE A 175 34.11 -22.78 -51.13
CA ILE A 175 35.23 -23.70 -51.30
C ILE A 175 35.12 -24.29 -52.69
N LEU A 176 36.10 -24.01 -53.53
CA LEU A 176 36.14 -24.50 -54.90
C LEU A 176 37.16 -25.63 -54.94
N ALA A 177 36.68 -26.86 -54.78
CA ALA A 177 37.54 -28.03 -54.66
C ALA A 177 37.88 -28.54 -56.06
N VAL A 178 39.16 -28.56 -56.40
CA VAL A 178 39.63 -29.01 -57.70
C VAL A 178 40.37 -30.33 -57.52
N SER A 179 39.97 -31.34 -58.30
CA SER A 179 40.60 -32.64 -58.28
C SER A 179 40.89 -33.07 -59.71
N PRO A 180 41.93 -33.89 -59.91
CA PRO A 180 42.26 -34.35 -61.26
C PRO A 180 41.37 -35.51 -61.71
N ALA A 181 41.16 -35.57 -63.03
CA ALA A 181 40.34 -36.64 -63.58
C ALA A 181 41.12 -37.93 -63.79
N ASN A 182 42.44 -37.84 -63.96
CA ASN A 182 43.28 -39.00 -64.21
C ASN A 182 43.88 -39.55 -62.93
N SER A 183 43.17 -39.41 -61.81
CA SER A 183 43.52 -40.02 -60.55
C SER A 183 42.22 -40.44 -59.87
N ASP A 184 42.29 -41.50 -59.08
CA ASP A 184 41.09 -41.99 -58.43
C ASP A 184 40.48 -40.89 -57.56
N LEU A 185 39.18 -40.67 -57.72
CA LEU A 185 38.50 -39.61 -56.99
C LEU A 185 38.44 -39.90 -55.50
N ALA A 186 38.49 -41.17 -55.11
CA ALA A 186 38.48 -41.55 -53.71
C ALA A 186 39.74 -41.09 -52.99
N ASN A 187 40.79 -40.73 -53.72
CA ASN A 187 42.07 -40.35 -53.15
C ASN A 187 42.37 -38.85 -53.33
N SER A 188 41.33 -38.03 -53.44
CA SER A 188 41.50 -36.59 -53.55
C SER A 188 41.59 -35.96 -52.16
N ASP A 189 42.47 -34.96 -52.03
CA ASP A 189 42.64 -34.26 -50.76
C ASP A 189 41.67 -33.10 -50.59
N ALA A 190 41.28 -32.46 -51.69
CA ALA A 190 40.35 -31.35 -51.62
C ALA A 190 39.06 -31.78 -50.95
N LEU A 191 38.50 -32.91 -51.37
CA LEU A 191 37.23 -33.32 -50.82
C LEU A 191 37.39 -33.77 -49.38
N LYS A 192 38.58 -34.23 -49.00
CA LYS A 192 38.83 -34.57 -47.60
C LYS A 192 38.76 -33.32 -46.74
N VAL A 193 39.29 -32.20 -47.25
CA VAL A 193 39.23 -30.95 -46.49
C VAL A 193 37.79 -30.44 -46.46
N ALA A 194 37.13 -30.45 -47.62
CA ALA A 194 35.78 -29.90 -47.71
C ALA A 194 34.83 -30.63 -46.76
N LYS A 195 34.90 -31.96 -46.72
CA LYS A 195 33.96 -32.69 -45.87
C LYS A 195 34.30 -32.54 -44.39
N GLU A 196 35.43 -31.90 -44.06
CA GLU A 196 35.76 -31.62 -42.67
C GLU A 196 35.40 -30.21 -42.27
N VAL A 197 35.36 -29.27 -43.21
CA VAL A 197 34.96 -27.90 -42.92
C VAL A 197 33.54 -27.60 -43.33
N ASP A 198 32.98 -28.31 -44.31
CA ASP A 198 31.66 -28.05 -44.85
C ASP A 198 30.92 -29.37 -45.00
N PRO A 199 30.54 -30.01 -43.88
CA PRO A 199 30.00 -31.37 -43.99
C PRO A 199 28.79 -31.51 -44.88
N GLN A 200 27.89 -30.52 -44.90
CA GLN A 200 26.65 -30.63 -45.65
C GLN A 200 26.73 -30.09 -47.07
N GLY A 201 27.90 -29.62 -47.49
CA GLY A 201 28.07 -29.28 -48.88
C GLY A 201 27.34 -28.03 -49.34
N GLN A 202 26.96 -27.14 -48.41
CA GLN A 202 26.27 -25.93 -48.81
C GLN A 202 27.18 -24.98 -49.58
N ARG A 203 28.48 -24.99 -49.28
CA ARG A 203 29.44 -24.15 -49.96
C ARG A 203 30.26 -24.90 -51.01
N THR A 204 30.55 -26.17 -50.79
CA THR A 204 31.49 -26.89 -51.65
C THR A 204 30.94 -27.01 -53.07
N ILE A 205 31.81 -26.76 -54.04
CA ILE A 205 31.54 -27.01 -55.45
C ILE A 205 32.71 -27.80 -56.01
N GLY A 206 32.42 -28.94 -56.63
CA GLY A 206 33.47 -29.80 -57.16
C GLY A 206 33.79 -29.49 -58.62
N VAL A 207 35.08 -29.53 -58.93
CA VAL A 207 35.57 -29.37 -60.30
C VAL A 207 36.46 -30.56 -60.62
N ILE A 208 36.30 -31.10 -61.82
CA ILE A 208 37.09 -32.22 -62.30
C ILE A 208 37.91 -31.74 -63.49
N THR A 209 39.22 -31.82 -63.37
CA THR A 209 40.15 -31.32 -64.38
C THR A 209 40.87 -32.48 -65.05
N LYS A 210 41.47 -32.18 -66.21
CA LYS A 210 42.29 -33.15 -66.93
C LYS A 210 41.44 -34.29 -67.50
N LEU A 211 40.27 -33.95 -68.04
CA LEU A 211 39.43 -34.96 -68.67
C LEU A 211 40.02 -35.45 -69.99
N ASP A 212 40.98 -34.73 -70.56
CA ASP A 212 41.59 -35.14 -71.82
C ASP A 212 42.85 -35.96 -71.61
N LEU A 213 43.22 -36.25 -70.37
CA LEU A 213 44.38 -37.09 -70.05
C LEU A 213 43.96 -38.41 -69.42
N MET A 214 42.72 -38.84 -69.65
CA MET A 214 42.24 -40.10 -69.11
C MET A 214 42.92 -41.26 -69.84
N ASP A 215 43.18 -42.34 -69.10
CA ASP A 215 43.70 -43.55 -69.72
C ASP A 215 42.65 -44.13 -70.67
N GLU A 216 43.11 -44.58 -71.83
CA GLU A 216 42.19 -45.06 -72.85
C GLU A 216 41.32 -46.18 -72.31
N GLY A 217 40.04 -46.13 -72.66
CA GLY A 217 39.07 -47.11 -72.21
C GLY A 217 38.41 -46.80 -70.89
N THR A 218 38.77 -45.70 -70.24
CA THR A 218 38.17 -45.29 -68.98
C THR A 218 37.62 -43.88 -69.10
N ASP A 219 36.60 -43.58 -68.30
CA ASP A 219 36.03 -42.25 -68.24
C ASP A 219 35.53 -42.00 -66.82
N ALA A 220 35.05 -40.78 -66.58
CA ALA A 220 34.58 -40.34 -65.28
C ALA A 220 33.07 -40.12 -65.27
N ARG A 221 32.36 -40.85 -66.13
CA ARG A 221 30.93 -40.61 -66.30
C ARG A 221 30.18 -40.76 -64.98
N ASP A 222 30.57 -41.75 -64.15
CA ASP A 222 29.93 -41.95 -62.87
C ASP A 222 30.42 -40.98 -61.81
N VAL A 223 31.32 -40.06 -62.16
CA VAL A 223 31.71 -38.95 -61.29
C VAL A 223 30.93 -37.69 -61.64
N LEU A 224 30.96 -37.29 -62.91
CA LEU A 224 30.29 -36.08 -63.34
C LEU A 224 28.79 -36.16 -63.13
N GLU A 225 28.24 -37.36 -63.01
CA GLU A 225 26.83 -37.58 -62.74
C GLU A 225 26.53 -37.73 -61.26
N ASN A 226 27.49 -37.44 -60.37
CA ASN A 226 27.23 -37.34 -58.95
C ASN A 226 26.75 -38.66 -58.36
N LYS A 227 27.12 -39.77 -58.99
CA LYS A 227 26.73 -41.09 -58.49
C LYS A 227 27.79 -41.70 -57.58
N LEU A 228 29.05 -41.60 -57.95
CA LEU A 228 30.12 -42.23 -57.17
C LEU A 228 30.20 -41.64 -55.76
N LEU A 229 30.24 -40.32 -55.66
CA LEU A 229 30.37 -39.63 -54.38
C LEU A 229 29.39 -38.45 -54.38
N PRO A 230 28.20 -38.62 -53.80
CA PRO A 230 27.18 -37.57 -53.90
C PRO A 230 27.68 -36.23 -53.34
N LEU A 231 27.48 -35.18 -54.12
CA LEU A 231 27.82 -33.82 -53.74
C LEU A 231 26.62 -32.92 -53.99
N ARG A 232 26.31 -32.05 -53.02
CA ARG A 232 25.08 -31.28 -53.10
C ARG A 232 24.98 -30.49 -54.40
N ARG A 233 26.08 -29.92 -54.87
CA ARG A 233 26.07 -29.06 -56.04
C ARG A 233 26.73 -29.69 -57.26
N GLY A 234 27.03 -30.97 -57.22
CA GLY A 234 27.50 -31.68 -58.39
C GLY A 234 28.92 -31.31 -58.76
N TYR A 235 29.40 -31.92 -59.84
CA TYR A 235 30.76 -31.75 -60.32
C TYR A 235 30.72 -31.12 -61.70
N ILE A 236 31.70 -30.26 -61.98
CA ILE A 236 31.81 -29.58 -63.27
C ILE A 236 33.14 -29.97 -63.89
N GLY A 237 33.09 -30.55 -65.09
CA GLY A 237 34.30 -30.92 -65.80
C GLY A 237 34.84 -29.78 -66.65
N VAL A 238 36.17 -29.61 -66.59
CA VAL A 238 36.86 -28.54 -67.30
C VAL A 238 38.11 -29.11 -67.96
N VAL A 239 38.50 -28.51 -69.08
CA VAL A 239 39.67 -28.95 -69.84
C VAL A 239 40.55 -27.72 -70.03
N ASN A 240 41.51 -27.53 -69.13
CA ASN A 240 42.38 -26.37 -69.16
C ASN A 240 43.51 -26.59 -70.16
N ARG A 241 44.47 -25.68 -70.18
CA ARG A 241 45.64 -25.81 -71.04
C ARG A 241 46.60 -26.87 -70.50
N SER A 242 47.40 -27.43 -71.41
CA SER A 242 48.49 -28.32 -71.06
C SER A 242 49.76 -27.51 -70.83
N GLN A 243 50.77 -28.17 -70.26
CA GLN A 243 52.05 -27.50 -70.05
C GLN A 243 52.65 -27.05 -71.38
N LYS A 244 52.52 -27.88 -72.42
CA LYS A 244 52.93 -27.46 -73.74
C LYS A 244 52.12 -26.26 -74.22
N ASP A 245 50.81 -26.28 -73.95
CA ASP A 245 49.98 -25.14 -74.33
C ASP A 245 50.45 -23.88 -73.62
N ILE A 246 50.75 -23.98 -72.34
CA ILE A 246 51.26 -22.83 -71.58
C ILE A 246 52.54 -22.32 -72.23
N ASP A 247 53.47 -23.23 -72.53
CA ASP A 247 54.72 -22.81 -73.14
C ASP A 247 54.52 -22.36 -74.58
N GLY A 248 53.49 -22.87 -75.25
CA GLY A 248 53.20 -22.45 -76.60
C GLY A 248 52.41 -21.16 -76.72
N LYS A 249 52.04 -20.56 -75.58
CA LYS A 249 51.26 -19.32 -75.57
C LYS A 249 49.94 -19.49 -76.34
N LYS A 250 49.27 -20.62 -76.12
CA LYS A 250 48.00 -20.88 -76.78
C LYS A 250 46.96 -19.87 -76.32
N ASP A 251 46.20 -19.31 -77.26
CA ASP A 251 45.21 -18.29 -76.95
C ASP A 251 44.07 -18.90 -76.14
N ILE A 252 43.37 -18.03 -75.41
CA ILE A 252 42.22 -18.46 -74.63
C ILE A 252 41.08 -18.91 -75.54
N THR A 253 40.85 -18.18 -76.63
CA THR A 253 39.76 -18.51 -77.54
C THR A 253 39.92 -19.93 -78.06
N ALA A 254 41.12 -20.27 -78.51
CA ALA A 254 41.37 -21.63 -79.01
C ALA A 254 41.13 -22.65 -77.93
N ALA A 255 41.56 -22.37 -76.70
CA ALA A 255 41.38 -23.32 -75.62
C ALA A 255 39.90 -23.59 -75.37
N LEU A 256 39.08 -22.53 -75.36
CA LEU A 256 37.65 -22.70 -75.19
C LEU A 256 37.04 -23.49 -76.33
N ALA A 257 37.44 -23.18 -77.57
CA ALA A 257 36.91 -23.90 -78.72
C ALA A 257 37.25 -25.39 -78.63
N ALA A 258 38.50 -25.70 -78.26
CA ALA A 258 38.89 -27.09 -78.11
C ALA A 258 38.11 -27.77 -77.00
N GLU A 259 37.83 -27.06 -75.91
CA GLU A 259 37.03 -27.65 -74.83
C GLU A 259 35.62 -27.94 -75.31
N ARG A 260 35.07 -27.09 -76.17
CA ARG A 260 33.73 -27.30 -76.67
C ARG A 260 33.71 -28.51 -77.61
N LYS A 261 34.68 -28.60 -78.52
CA LYS A 261 34.73 -29.76 -79.39
C LYS A 261 34.90 -31.03 -78.56
N PHE A 262 35.72 -30.96 -77.52
CA PHE A 262 35.97 -32.13 -76.69
C PHE A 262 34.65 -32.64 -76.11
N PHE A 263 33.90 -31.75 -75.45
CA PHE A 263 32.68 -32.21 -74.81
C PHE A 263 31.62 -32.60 -75.83
N LEU A 264 31.59 -31.97 -77.00
CA LEU A 264 30.59 -32.31 -78.00
C LEU A 264 30.90 -33.60 -78.74
N SER A 265 32.15 -34.07 -78.70
CA SER A 265 32.55 -35.23 -79.48
C SER A 265 32.77 -36.49 -78.64
N HIS A 266 33.09 -36.36 -77.36
CA HIS A 266 33.34 -37.53 -76.55
C HIS A 266 32.04 -38.31 -76.35
N PRO A 267 31.97 -39.58 -76.74
CA PRO A 267 30.69 -40.31 -76.67
C PRO A 267 30.06 -40.34 -75.28
N SER A 268 30.86 -40.41 -74.22
CA SER A 268 30.32 -40.57 -72.87
C SER A 268 29.91 -39.25 -72.22
N TYR A 269 30.09 -38.11 -72.88
CA TYR A 269 29.80 -36.82 -72.28
C TYR A 269 28.81 -35.97 -73.06
N ARG A 270 28.43 -36.35 -74.28
CA ARG A 270 27.59 -35.48 -75.10
C ARG A 270 26.31 -35.10 -74.36
N HIS A 271 25.70 -36.04 -73.64
CA HIS A 271 24.45 -35.73 -72.96
C HIS A 271 24.64 -34.81 -71.77
N LEU A 272 25.89 -34.53 -71.38
CA LEU A 272 26.19 -33.56 -70.33
C LEU A 272 26.93 -32.34 -70.90
N ALA A 273 26.87 -32.14 -72.21
CA ALA A 273 27.70 -31.12 -72.84
C ALA A 273 27.34 -29.72 -72.37
N ASP A 274 26.11 -29.51 -71.90
CA ASP A 274 25.64 -28.19 -71.49
C ASP A 274 25.81 -27.93 -70.00
N ARG A 275 26.23 -28.92 -69.22
CA ARG A 275 26.47 -28.76 -67.80
C ARG A 275 27.92 -28.51 -67.45
N MET A 276 28.80 -28.33 -68.44
CA MET A 276 30.22 -28.33 -68.15
C MET A 276 30.95 -27.38 -69.09
N GLY A 277 32.14 -26.98 -68.66
CA GLY A 277 32.93 -25.99 -69.33
C GLY A 277 33.26 -24.81 -68.42
N THR A 278 34.13 -23.95 -68.94
CA THR A 278 34.44 -22.71 -68.22
C THR A 278 33.23 -21.80 -68.05
N PRO A 279 32.49 -21.46 -69.11
CA PRO A 279 31.37 -20.52 -68.92
C PRO A 279 30.32 -21.04 -67.96
N TYR A 280 30.11 -22.36 -67.91
CA TYR A 280 29.09 -22.84 -66.99
C TYR A 280 29.56 -22.68 -65.55
N LEU A 281 30.87 -22.82 -65.30
CA LEU A 281 31.38 -22.59 -63.95
C LEU A 281 31.25 -21.12 -63.58
N GLN A 282 31.46 -20.23 -64.55
CA GLN A 282 31.19 -18.82 -64.30
C GLN A 282 29.73 -18.61 -63.93
N LYS A 283 28.82 -19.23 -64.69
CA LYS A 283 27.40 -19.03 -64.45
C LYS A 283 27.01 -19.52 -63.07
N VAL A 284 27.53 -20.69 -62.66
CA VAL A 284 27.20 -21.24 -61.35
C VAL A 284 27.69 -20.30 -60.24
N LEU A 285 28.93 -19.80 -60.37
CA LEU A 285 29.44 -18.93 -59.32
C LEU A 285 28.65 -17.62 -59.25
N ASN A 286 28.45 -16.98 -60.39
CA ASN A 286 27.65 -15.76 -60.42
C ASN A 286 26.26 -15.98 -59.81
N GLN A 287 25.58 -17.06 -60.20
CA GLN A 287 24.28 -17.37 -59.59
C GLN A 287 24.39 -17.59 -58.09
N GLN A 288 25.56 -18.04 -57.62
CA GLN A 288 25.71 -18.26 -56.18
C GLN A 288 25.85 -16.93 -55.46
N LEU A 289 26.47 -15.96 -56.13
CA LEU A 289 26.51 -14.61 -55.57
C LEU A 289 25.11 -14.02 -55.57
N THR A 290 24.40 -14.12 -56.69
CA THR A 290 23.06 -13.54 -56.76
C THR A 290 22.15 -14.13 -55.69
N ASN A 291 22.33 -15.43 -55.41
CA ASN A 291 21.54 -16.05 -54.36
C ASN A 291 21.91 -15.49 -53.00
N HIS A 292 23.17 -15.11 -52.82
CA HIS A 292 23.57 -14.56 -51.53
C HIS A 292 23.05 -13.13 -51.37
N ILE A 293 23.15 -12.32 -52.43
CA ILE A 293 22.73 -10.92 -52.39
C ILE A 293 21.23 -10.81 -52.19
N ARG A 294 20.45 -11.74 -52.75
CA ARG A 294 19.00 -11.65 -52.61
C ARG A 294 18.49 -12.23 -51.28
N ASP A 295 19.31 -12.95 -50.53
CA ASP A 295 18.90 -13.49 -49.24
C ASP A 295 19.05 -12.50 -48.08
N THR A 296 19.64 -11.32 -48.30
CA THR A 296 19.86 -10.36 -47.23
C THR A 296 18.91 -9.16 -47.26
N LEU A 297 18.14 -8.98 -48.33
CA LEU A 297 17.25 -7.82 -48.42
C LEU A 297 16.28 -7.68 -47.25
N PRO A 298 15.65 -8.74 -46.74
CA PRO A 298 14.71 -8.58 -45.61
C PRO A 298 15.33 -7.88 -44.41
N GLY A 299 16.59 -8.17 -44.10
CA GLY A 299 17.23 -7.48 -43.00
C GLY A 299 17.36 -5.99 -43.26
N LEU A 300 17.74 -5.61 -44.47
CA LEU A 300 17.89 -4.20 -44.78
C LEU A 300 16.55 -3.48 -44.65
N ARG A 301 15.48 -4.10 -45.15
CA ARG A 301 14.17 -3.47 -45.03
C ARG A 301 13.77 -3.34 -43.57
N ASN A 302 14.03 -4.36 -42.75
CA ASN A 302 13.64 -4.26 -41.35
C ASN A 302 14.44 -3.19 -40.62
N LYS A 303 15.73 -3.05 -40.93
CA LYS A 303 16.52 -1.97 -40.35
C LYS A 303 15.91 -0.61 -40.67
N LEU A 304 15.64 -0.36 -41.95
CA LEU A 304 15.07 0.93 -42.32
C LEU A 304 13.68 1.14 -41.71
N GLN A 305 12.89 0.07 -41.62
CA GLN A 305 11.56 0.18 -41.03
C GLN A 305 11.66 0.56 -39.57
N SER A 306 12.60 -0.04 -38.84
CA SER A 306 12.77 0.30 -37.43
C SER A 306 13.18 1.75 -37.28
N GLN A 307 14.11 2.21 -38.14
CA GLN A 307 14.56 3.60 -38.00
C GLN A 307 13.40 4.56 -38.24
N LEU A 308 12.59 4.29 -39.27
CA LEU A 308 11.44 5.15 -39.51
C LEU A 308 10.48 5.14 -38.34
N LEU A 309 10.26 3.97 -37.75
CA LEU A 309 9.34 3.91 -36.61
C LEU A 309 9.85 4.75 -35.45
N SER A 310 11.16 4.68 -35.19
CA SER A 310 11.72 5.45 -34.09
C SER A 310 11.61 6.95 -34.34
N ILE A 311 11.89 7.39 -35.57
CA ILE A 311 11.94 8.83 -35.86
C ILE A 311 10.57 9.46 -36.11
N GLU A 312 9.56 8.68 -36.51
CA GLU A 312 8.33 9.25 -37.03
C GLU A 312 7.59 10.09 -36.00
N LYS A 313 7.55 9.64 -34.75
CA LYS A 313 6.71 10.33 -33.76
C LYS A 313 7.14 11.79 -33.58
N GLU A 314 8.42 12.09 -33.82
CA GLU A 314 8.93 13.45 -33.67
C GLU A 314 8.92 14.20 -34.99
N VAL A 315 9.38 13.57 -36.07
CA VAL A 315 9.35 14.31 -37.33
C VAL A 315 7.92 14.65 -37.71
N GLU A 316 6.93 13.96 -37.14
CA GLU A 316 5.53 14.33 -37.36
C GLU A 316 5.27 15.76 -36.92
N GLU A 317 5.93 16.22 -35.85
CA GLU A 317 5.78 17.58 -35.39
C GLU A 317 6.75 18.50 -36.10
N TYR A 318 7.98 18.04 -36.31
CA TYR A 318 8.98 18.90 -36.93
C TYR A 318 8.58 19.33 -38.33
N LYS A 319 7.90 18.46 -39.08
CA LYS A 319 7.57 18.79 -40.47
C LYS A 319 6.54 19.90 -40.58
N ASN A 320 5.79 20.19 -39.52
CA ASN A 320 4.77 21.25 -39.55
C ASN A 320 5.23 22.54 -38.87
N PHE A 321 6.54 22.71 -38.64
CA PHE A 321 7.02 23.86 -37.90
C PHE A 321 6.79 25.16 -38.64
N ARG A 322 6.35 26.19 -37.90
CA ARG A 322 6.28 27.56 -38.39
C ARG A 322 6.73 28.40 -37.19
N PRO A 323 7.71 29.30 -37.35
CA PRO A 323 8.18 30.07 -36.20
C PRO A 323 7.11 30.92 -35.55
N ASP A 324 6.16 31.45 -36.32
CA ASP A 324 5.08 32.28 -35.78
C ASP A 324 3.88 31.39 -35.48
N ASP A 325 3.96 30.70 -34.34
CA ASP A 325 2.94 29.73 -33.96
C ASP A 325 2.71 29.81 -32.46
N PRO A 326 1.82 30.70 -32.01
CA PRO A 326 1.52 30.78 -30.58
C PRO A 326 1.04 29.47 -29.98
N ALA A 327 0.34 28.63 -30.75
CA ALA A 327 -0.15 27.37 -30.20
C ALA A 327 0.99 26.47 -29.75
N ARG A 328 2.07 26.41 -30.53
CA ARG A 328 3.22 25.60 -30.12
C ARG A 328 3.84 26.17 -28.85
N LYS A 329 4.02 27.48 -28.82
CA LYS A 329 4.66 28.10 -27.65
C LYS A 329 3.87 27.83 -26.39
N THR A 330 2.54 27.97 -26.44
CA THR A 330 1.73 27.71 -25.25
C THR A 330 1.67 26.22 -24.88
N LYS A 331 1.69 25.33 -25.87
CA LYS A 331 1.76 23.91 -25.53
C LYS A 331 3.09 23.56 -24.87
N ALA A 332 4.18 24.16 -25.37
CA ALA A 332 5.48 23.96 -24.73
C ALA A 332 5.47 24.51 -23.32
N LEU A 333 4.83 25.67 -23.12
CA LEU A 333 4.78 26.26 -21.79
C LEU A 333 4.07 25.31 -20.82
N LEU A 334 2.94 24.74 -21.25
CA LEU A 334 2.21 23.86 -20.35
C LEU A 334 2.96 22.55 -20.11
N GLN A 335 3.77 22.12 -21.08
CA GLN A 335 4.52 20.89 -20.90
C GLN A 335 5.67 21.10 -19.93
N MET A 336 6.36 22.23 -20.06
CA MET A 336 7.46 22.54 -19.16
C MET A 336 6.95 22.70 -17.74
N VAL A 337 5.82 23.40 -17.56
CA VAL A 337 5.30 23.61 -16.21
C VAL A 337 4.86 22.29 -15.58
N GLN A 338 4.22 21.41 -16.36
CA GLN A 338 3.82 20.13 -15.79
C GLN A 338 5.03 19.26 -15.46
N GLN A 339 6.08 19.33 -16.28
CA GLN A 339 7.30 18.57 -15.97
C GLN A 339 7.95 19.09 -14.70
N PHE A 340 8.04 20.42 -14.56
CA PHE A 340 8.66 20.96 -13.36
C PHE A 340 7.88 20.58 -12.12
N ALA A 341 6.55 20.68 -12.17
CA ALA A 341 5.76 20.38 -10.97
C ALA A 341 5.81 18.90 -10.62
N VAL A 342 6.02 18.03 -11.62
CA VAL A 342 6.12 16.61 -11.31
C VAL A 342 7.49 16.28 -10.76
N ASP A 343 8.56 16.87 -11.31
CA ASP A 343 9.88 16.62 -10.77
C ASP A 343 10.00 17.15 -9.35
N PHE A 344 9.44 18.34 -9.10
CA PHE A 344 9.51 18.93 -7.77
C PHE A 344 8.78 18.04 -6.77
N GLU A 345 7.55 17.63 -7.09
CA GLU A 345 6.85 16.77 -6.15
C GLU A 345 7.59 15.45 -5.97
N LYS A 346 8.27 14.98 -7.02
CA LYS A 346 9.00 13.72 -6.91
C LYS A 346 10.12 13.84 -5.90
N ARG A 347 10.86 14.95 -5.96
CA ARG A 347 12.02 15.10 -5.08
C ARG A 347 11.61 15.40 -3.64
N ILE A 348 10.50 16.11 -3.44
CA ILE A 348 10.10 16.47 -2.08
C ILE A 348 9.21 15.40 -1.44
N GLU A 349 8.06 15.13 -2.05
CA GLU A 349 7.11 14.20 -1.43
C GLU A 349 7.54 12.75 -1.58
N GLY A 350 8.31 12.43 -2.61
CA GLY A 350 8.58 11.05 -2.95
C GLY A 350 7.51 10.38 -3.79
N SER A 351 6.57 11.15 -4.31
CA SER A 351 5.48 10.62 -5.13
C SER A 351 6.00 10.27 -6.52
N GLY A 352 5.41 9.24 -7.10
CA GLY A 352 5.77 8.78 -8.43
C GLY A 352 6.53 7.46 -8.38
N ASP A 353 6.78 6.93 -9.58
CA ASP A 353 7.49 5.66 -9.73
C ASP A 353 8.91 5.83 -10.27
N GLN A 354 9.40 7.05 -10.38
CA GLN A 354 10.79 7.31 -10.78
C GLN A 354 11.54 7.66 -9.50
N ILE A 355 12.23 6.68 -8.92
CA ILE A 355 12.91 6.85 -7.65
C ILE A 355 14.40 6.83 -7.90
N ASP A 356 15.10 7.83 -7.36
CA ASP A 356 16.55 7.88 -7.43
C ASP A 356 17.10 6.97 -6.33
N THR A 357 17.75 5.89 -6.73
CA THR A 357 18.29 4.90 -5.80
C THR A 357 19.77 5.07 -5.55
N TYR A 358 20.36 6.18 -6.02
CA TYR A 358 21.78 6.43 -5.82
C TYR A 358 22.05 7.45 -4.73
N GLU A 359 21.33 8.57 -4.74
CA GLU A 359 21.53 9.63 -3.78
C GLU A 359 20.46 9.56 -2.69
N LEU A 360 20.47 10.53 -1.79
CA LEU A 360 19.28 10.88 -1.02
C LEU A 360 18.49 11.93 -1.78
N SER A 361 17.16 11.87 -1.62
CA SER A 361 16.26 12.53 -2.57
C SER A 361 16.50 14.03 -2.65
N GLY A 362 17.34 14.59 -1.81
CA GLY A 362 17.50 16.03 -1.77
C GLY A 362 16.58 16.64 -0.72
N GLY A 363 15.74 17.58 -1.13
CA GLY A 363 14.93 18.28 -0.15
C GLY A 363 14.22 17.34 0.80
N ALA A 364 13.73 16.20 0.29
CA ALA A 364 12.90 15.34 1.12
C ALA A 364 13.67 14.81 2.33
N ARG A 365 14.87 14.29 2.10
CA ARG A 365 15.60 13.62 3.18
C ARG A 365 16.69 14.49 3.77
N ILE A 366 17.09 15.54 3.08
CA ILE A 366 17.88 16.56 3.72
C ILE A 366 17.03 17.29 4.76
N ASN A 367 15.82 17.70 4.39
CA ASN A 367 14.94 18.33 5.39
C ASN A 367 14.55 17.33 6.48
N ARG A 368 14.21 16.10 6.09
CA ARG A 368 13.89 15.08 7.06
C ARG A 368 15.01 14.87 8.06
N ILE A 369 16.25 15.12 7.66
CA ILE A 369 17.36 14.99 8.59
C ILE A 369 17.63 16.30 9.31
N PHE A 370 17.28 17.43 8.71
CA PHE A 370 17.35 18.69 9.45
C PHE A 370 16.46 18.62 10.68
N HIS A 371 15.36 17.86 10.58
CA HIS A 371 14.48 17.64 11.72
C HIS A 371 14.99 16.59 12.70
N GLU A 372 16.21 16.06 12.49
CA GLU A 372 16.84 15.18 13.45
C GLU A 372 18.28 15.61 13.73
N ARG A 373 18.72 16.71 13.13
CA ARG A 373 19.83 17.50 13.63
C ARG A 373 19.35 18.57 14.59
N PHE A 374 18.14 19.09 14.37
CA PHE A 374 17.64 20.14 15.24
C PHE A 374 17.63 19.71 16.70
N PRO A 375 17.22 18.48 17.05
CA PRO A 375 17.34 18.07 18.46
C PRO A 375 18.75 18.18 19.00
N PHE A 376 19.77 18.00 18.16
CA PHE A 376 21.14 18.18 18.61
C PHE A 376 21.40 19.62 19.01
N GLU A 377 20.86 20.57 18.26
CA GLU A 377 21.07 21.98 18.58
C GLU A 377 20.44 22.34 19.92
N LEU A 378 19.39 21.64 20.32
CA LEU A 378 18.67 21.97 21.55
C LEU A 378 19.37 21.46 22.81
N VAL A 379 20.38 20.62 22.68
CA VAL A 379 21.08 20.07 23.84
C VAL A 379 22.45 20.67 24.05
N LYS A 380 22.93 21.51 23.13
CA LYS A 380 24.19 22.23 23.33
C LYS A 380 23.89 23.56 24.03
N MET A 381 23.55 23.46 25.32
CA MET A 381 23.23 24.66 26.10
C MET A 381 24.23 24.98 27.19
N GLU A 382 24.69 24.00 27.97
CA GLU A 382 25.75 24.19 28.95
C GLU A 382 25.37 25.26 29.99
N PHE A 383 24.32 24.99 30.76
CA PHE A 383 23.91 25.88 31.84
C PHE A 383 24.74 25.63 33.10
N ASP A 384 25.22 26.71 33.72
CA ASP A 384 26.10 26.62 34.88
C ASP A 384 25.28 26.34 36.14
N GLU A 385 25.55 25.20 36.79
CA GLU A 385 24.78 24.81 37.97
C GLU A 385 25.02 25.75 39.16
N LYS A 386 26.26 26.18 39.37
CA LYS A 386 26.56 26.97 40.57
C LYS A 386 25.79 28.29 40.59
N GLU A 387 25.78 29.00 39.45
CA GLU A 387 25.06 30.26 39.40
C GLU A 387 23.56 30.03 39.54
N LEU A 388 23.07 28.88 39.09
CA LEU A 388 21.68 28.53 39.33
C LEU A 388 21.41 28.44 40.82
N ARG A 389 22.23 27.67 41.54
CA ARG A 389 21.93 27.47 42.96
C ARG A 389 22.07 28.77 43.76
N ARG A 390 22.98 29.65 43.33
CA ARG A 390 23.09 30.95 43.98
C ARG A 390 21.84 31.79 43.73
N GLU A 391 21.42 31.89 42.47
CA GLU A 391 20.30 32.77 42.15
C GLU A 391 19.00 32.19 42.71
N ILE A 392 18.91 30.86 42.83
CA ILE A 392 17.77 30.26 43.51
C ILE A 392 17.74 30.69 44.97
N SER A 393 18.90 30.67 45.65
CA SER A 393 18.91 31.07 47.05
C SER A 393 18.47 32.52 47.20
N TYR A 394 19.07 33.41 46.41
CA TYR A 394 18.70 34.82 46.51
C TYR A 394 17.25 35.04 46.12
N ALA A 395 16.74 34.26 45.16
CA ALA A 395 15.35 34.43 44.76
C ALA A 395 14.43 34.06 45.90
N ILE A 396 14.70 32.94 46.56
CA ILE A 396 13.84 32.50 47.66
C ILE A 396 13.82 33.56 48.75
N LYS A 397 15.01 34.03 49.15
CA LYS A 397 15.07 35.01 50.23
C LYS A 397 14.38 36.31 49.85
N ASN A 398 14.54 36.78 48.61
CA ASN A 398 13.90 38.03 48.22
C ASN A 398 12.40 37.86 48.05
N ILE A 399 11.95 36.68 47.64
CA ILE A 399 10.51 36.43 47.51
C ILE A 399 9.85 36.46 48.88
N HIS A 400 10.43 35.73 49.85
CA HIS A 400 9.89 35.83 51.21
C HIS A 400 9.97 37.26 51.71
N GLY A 401 11.11 37.91 51.53
CA GLY A 401 11.23 39.31 51.92
C GLY A 401 11.20 39.49 53.42
N ILE A 402 10.36 40.43 53.87
CA ILE A 402 10.36 40.83 55.27
C ILE A 402 9.83 39.73 56.17
N ARG A 403 9.09 38.78 55.62
CA ARG A 403 8.59 37.65 56.39
C ARG A 403 9.63 36.53 56.41
N THR A 404 9.56 35.69 57.44
CA THR A 404 10.50 34.58 57.53
C THR A 404 10.22 33.53 56.47
N GLY A 405 8.98 33.44 56.02
CA GLY A 405 8.61 32.43 55.04
C GLY A 405 8.28 31.11 55.69
N LEU A 406 7.29 30.43 55.16
CA LEU A 406 6.81 29.18 55.76
C LEU A 406 6.81 28.03 54.78
N PHE A 407 6.51 28.29 53.49
CA PHE A 407 6.59 27.29 52.45
C PHE A 407 7.41 27.84 51.29
N THR A 408 7.93 26.95 50.47
CA THR A 408 8.75 27.36 49.34
C THR A 408 7.91 28.21 48.36
N PRO A 409 8.45 29.30 47.84
CA PRO A 409 7.69 30.14 46.92
C PRO A 409 7.63 29.55 45.52
N ASP A 410 6.61 29.96 44.77
CA ASP A 410 6.47 29.54 43.38
C ASP A 410 7.19 30.46 42.38
N MET A 411 7.25 31.76 42.66
CA MET A 411 7.80 32.69 41.68
C MET A 411 9.28 32.45 41.40
N ALA A 412 10.01 31.80 42.30
CA ALA A 412 11.39 31.42 41.98
C ALA A 412 11.43 30.43 40.84
N PHE A 413 10.55 29.42 40.90
CA PHE A 413 10.49 28.42 39.85
C PHE A 413 10.14 29.06 38.51
N GLU A 414 9.23 30.04 38.54
CA GLU A 414 8.82 30.68 37.30
C GLU A 414 9.93 31.56 36.75
N THR A 415 10.70 32.20 37.64
CA THR A 415 11.76 33.09 37.13
C THR A 415 12.87 32.27 36.50
N ILE A 416 13.21 31.14 37.12
CA ILE A 416 14.28 30.31 36.60
C ILE A 416 13.86 29.73 35.26
N VAL A 417 12.63 29.21 35.20
CA VAL A 417 12.18 28.61 33.96
C VAL A 417 12.16 29.66 32.86
N LYS A 418 11.63 30.85 33.14
CA LYS A 418 11.59 31.86 32.10
C LYS A 418 12.99 32.17 31.58
N LYS A 419 14.00 32.12 32.47
CA LYS A 419 15.35 32.43 32.00
C LYS A 419 15.89 31.35 31.10
N GLN A 420 15.61 30.08 31.42
CA GLN A 420 16.11 29.03 30.53
C GLN A 420 15.31 28.98 29.24
N VAL A 421 14.00 29.20 29.31
CA VAL A 421 13.15 29.15 28.12
C VAL A 421 13.53 30.25 27.14
N LYS A 422 14.04 31.38 27.62
CA LYS A 422 14.38 32.44 26.66
C LYS A 422 15.54 32.08 25.75
N LYS A 423 16.30 31.01 26.04
CA LYS A 423 17.47 30.67 25.25
C LYS A 423 17.16 29.93 23.96
N ILE A 424 15.98 29.32 23.83
CA ILE A 424 15.67 28.45 22.69
C ILE A 424 15.57 29.18 21.36
N ARG A 425 15.47 30.51 21.36
CA ARG A 425 15.24 31.25 20.12
C ARG A 425 16.32 31.01 19.07
N GLU A 426 17.55 30.71 19.48
CA GLU A 426 18.64 30.60 18.51
C GLU A 426 18.51 29.40 17.58
N PRO A 427 18.47 28.15 18.07
CA PRO A 427 18.37 27.02 17.15
C PRO A 427 17.16 27.04 16.23
N CYS A 428 16.06 27.68 16.65
CA CYS A 428 14.88 27.67 15.79
C CYS A 428 15.09 28.58 14.58
N LEU A 429 15.76 29.70 14.79
CA LEU A 429 16.02 30.59 13.67
C LEU A 429 17.18 30.08 12.83
N LYS A 430 17.99 29.17 13.38
CA LYS A 430 18.96 28.49 12.52
C LYS A 430 18.26 27.46 11.63
N CYS A 431 17.35 26.68 12.23
CA CYS A 431 16.65 25.63 11.49
C CYS A 431 15.85 26.19 10.33
N VAL A 432 15.34 27.43 10.48
CA VAL A 432 14.56 28.00 9.39
C VAL A 432 15.46 28.32 8.21
N ASP A 433 16.63 28.90 8.47
CA ASP A 433 17.54 29.24 7.38
C ASP A 433 18.06 27.98 6.71
N MET A 434 18.31 26.93 7.49
CA MET A 434 18.77 25.68 6.91
C MET A 434 17.73 25.12 5.95
N VAL A 435 16.45 25.15 6.34
CA VAL A 435 15.42 24.56 5.49
C VAL A 435 15.25 25.41 4.23
N ILE A 436 15.33 26.74 4.36
CA ILE A 436 15.24 27.58 3.17
C ILE A 436 16.36 27.24 2.20
N SER A 437 17.58 27.06 2.71
CA SER A 437 18.70 26.77 1.81
C SER A 437 18.47 25.45 1.08
N GLU A 438 17.98 24.44 1.80
CA GLU A 438 17.74 23.16 1.15
C GLU A 438 16.68 23.29 0.06
N LEU A 439 15.62 24.04 0.33
CA LEU A 439 14.58 24.20 -0.69
C LEU A 439 15.14 24.87 -1.93
N ILE A 440 15.96 25.92 -1.74
CA ILE A 440 16.53 26.59 -2.91
C ILE A 440 17.40 25.61 -3.69
N SER A 441 18.07 24.69 -2.99
CA SER A 441 18.88 23.71 -3.68
C SER A 441 18.01 22.81 -4.55
N THR A 442 16.92 22.31 -3.98
CA THR A 442 16.10 21.39 -4.75
C THR A 442 15.43 22.09 -5.92
N VAL A 443 15.07 23.36 -5.78
CA VAL A 443 14.52 24.08 -6.94
C VAL A 443 15.58 24.22 -8.02
N ARG A 444 16.84 24.38 -7.63
CA ARG A 444 17.86 24.55 -8.65
C ARG A 444 18.17 23.24 -9.34
N GLN A 445 17.99 22.12 -8.63
CA GLN A 445 18.09 20.83 -9.31
C GLN A 445 16.92 20.64 -10.27
N CYS A 446 15.72 21.05 -9.86
CA CYS A 446 14.54 20.79 -10.68
C CYS A 446 14.54 21.61 -11.96
N THR A 447 15.23 22.74 -11.97
CA THR A 447 15.23 23.56 -13.18
C THR A 447 16.27 23.13 -14.22
N LYS A 448 17.06 22.08 -13.96
CA LYS A 448 18.04 21.63 -14.94
C LYS A 448 17.45 21.00 -16.18
N LYS A 449 16.16 20.69 -16.21
CA LYS A 449 15.55 20.00 -17.35
C LYS A 449 15.00 20.94 -18.41
N LEU A 450 15.07 22.26 -18.20
CA LEU A 450 14.53 23.24 -19.12
C LEU A 450 15.61 23.88 -19.99
N GLN A 451 16.72 23.18 -20.21
CA GLN A 451 17.87 23.78 -20.87
C GLN A 451 17.57 24.19 -22.31
N GLN A 452 16.68 23.49 -23.01
CA GLN A 452 16.41 23.85 -24.40
C GLN A 452 15.66 25.16 -24.53
N TYR A 453 15.18 25.73 -23.42
CA TYR A 453 14.50 27.02 -23.42
C TYR A 453 15.24 27.98 -22.49
N PRO A 454 16.15 28.79 -23.02
CA PRO A 454 16.67 29.91 -22.24
C PRO A 454 15.62 30.98 -22.10
N ARG A 455 15.74 31.79 -21.05
CA ARG A 455 14.79 32.81 -20.63
C ARG A 455 13.56 32.20 -19.95
N LEU A 456 13.39 30.87 -19.96
CA LEU A 456 12.37 30.22 -19.18
C LEU A 456 12.92 29.50 -17.97
N ARG A 457 14.18 29.09 -18.00
CA ARG A 457 14.82 28.55 -16.81
C ARG A 457 15.17 29.65 -15.83
N GLU A 458 15.52 30.83 -16.37
CA GLU A 458 15.80 31.98 -15.52
C GLU A 458 14.53 32.47 -14.83
N GLU A 459 13.45 32.65 -15.60
CA GLU A 459 12.23 33.18 -15.02
C GLU A 459 11.68 32.24 -13.96
N MET A 460 11.64 30.93 -14.25
CA MET A 460 11.08 30.00 -13.28
C MET A 460 11.95 29.89 -12.04
N GLU A 461 13.27 30.01 -12.20
CA GLU A 461 14.14 30.05 -11.03
C GLU A 461 13.86 31.29 -10.21
N ARG A 462 13.75 32.44 -10.87
CA ARG A 462 13.55 33.69 -10.16
C ARG A 462 12.23 33.68 -9.40
N ILE A 463 11.17 33.18 -10.04
CA ILE A 463 9.85 33.26 -9.44
C ILE A 463 9.72 32.31 -8.25
N VAL A 464 10.20 31.07 -8.39
CA VAL A 464 10.07 30.16 -7.27
C VAL A 464 11.03 30.54 -6.15
N THR A 465 12.20 31.08 -6.49
CA THR A 465 13.14 31.49 -5.46
C THR A 465 12.60 32.68 -4.67
N THR A 466 12.10 33.69 -5.39
CA THR A 466 11.55 34.85 -4.69
C THR A 466 10.42 34.43 -3.76
N HIS A 467 9.55 33.53 -4.20
CA HIS A 467 8.45 33.13 -3.33
C HIS A 467 8.99 32.46 -2.07
N ILE A 468 9.94 31.53 -2.24
CA ILE A 468 10.44 30.80 -1.08
C ILE A 468 11.12 31.75 -0.12
N ARG A 469 11.79 32.77 -0.63
CA ARG A 469 12.48 33.71 0.25
C ARG A 469 11.46 34.57 1.00
N GLU A 470 10.42 35.04 0.31
CA GLU A 470 9.45 35.92 0.95
C GLU A 470 8.66 35.21 2.05
N ARG A 471 8.53 33.88 1.99
CA ARG A 471 7.81 33.20 3.08
C ARG A 471 8.62 33.09 4.37
N GLU A 472 9.89 33.50 4.35
CA GLU A 472 10.74 33.42 5.55
C GLU A 472 10.23 34.32 6.66
N GLY A 473 9.81 35.55 6.34
CA GLY A 473 9.39 36.47 7.39
C GLY A 473 8.25 35.91 8.20
N ARG A 474 7.22 35.40 7.52
CA ARG A 474 6.05 34.89 8.23
C ARG A 474 6.39 33.62 9.00
N THR A 475 7.32 32.81 8.48
CA THR A 475 7.64 31.59 9.22
C THR A 475 8.41 31.95 10.50
N LYS A 476 9.23 32.99 10.45
CA LYS A 476 9.98 33.37 11.64
C LYS A 476 9.08 34.02 12.65
N GLU A 477 8.13 34.84 12.18
CA GLU A 477 7.20 35.47 13.12
C GLU A 477 6.43 34.41 13.89
N GLN A 478 5.95 33.39 13.19
CA GLN A 478 5.23 32.32 13.89
C GLN A 478 6.14 31.60 14.88
N VAL A 479 7.39 31.36 14.49
CA VAL A 479 8.30 30.67 15.41
C VAL A 479 8.51 31.48 16.69
N MET A 480 8.74 32.78 16.55
CA MET A 480 8.90 33.63 17.73
C MET A 480 7.66 33.61 18.61
N LEU A 481 6.48 33.71 17.98
CA LEU A 481 5.25 33.75 18.74
C LEU A 481 5.05 32.46 19.55
N LEU A 482 5.38 31.31 18.96
CA LEU A 482 5.18 30.07 19.70
C LEU A 482 6.04 29.97 20.95
N ILE A 483 7.12 30.76 21.04
CA ILE A 483 7.93 30.78 22.25
C ILE A 483 7.36 31.78 23.26
N ASP A 484 6.94 32.95 22.77
CA ASP A 484 6.25 33.87 23.65
C ASP A 484 5.09 33.15 24.34
N ILE A 485 4.35 32.33 23.60
CA ILE A 485 3.27 31.57 24.19
C ILE A 485 3.78 30.70 25.33
N GLU A 486 5.01 30.19 25.21
CA GLU A 486 5.57 29.32 26.24
C GLU A 486 5.94 30.11 27.49
N LEU A 487 6.32 31.37 27.34
CA LEU A 487 6.67 32.17 28.52
C LEU A 487 5.45 32.67 29.29
N ALA A 488 4.29 32.78 28.65
CA ALA A 488 3.18 33.53 29.22
C ALA A 488 2.50 32.83 30.41
N TYR A 489 2.59 31.51 30.52
CA TYR A 489 1.83 30.79 31.52
C TYR A 489 2.50 29.47 31.84
N MET A 490 2.63 29.19 33.13
CA MET A 490 3.33 28.01 33.63
C MET A 490 2.30 26.97 34.07
N ASN A 491 2.12 25.93 33.26
CA ASN A 491 1.13 24.89 33.52
C ASN A 491 1.82 23.73 34.23
N THR A 492 1.51 23.56 35.51
CA THR A 492 2.13 22.52 36.34
C THR A 492 1.24 21.29 36.48
N ASN A 493 0.11 21.23 35.78
CA ASN A 493 -0.81 20.11 35.86
C ASN A 493 -0.53 19.08 34.77
N HIS A 494 0.55 19.27 34.01
CA HIS A 494 1.00 18.39 32.94
C HIS A 494 1.71 17.17 33.50
N GLU A 495 2.49 16.48 32.68
CA GLU A 495 3.36 15.40 33.13
C GLU A 495 4.51 16.05 33.90
N ASP A 496 4.43 16.03 35.22
CA ASP A 496 5.41 16.70 36.06
C ASP A 496 5.51 15.92 37.37
N PHE A 497 6.41 16.37 38.24
CA PHE A 497 6.53 15.82 39.59
C PHE A 497 5.37 16.33 40.44
N ILE A 498 4.20 15.72 40.25
CA ILE A 498 3.04 16.10 41.05
C ILE A 498 3.17 15.41 42.39
N GLY A 499 3.09 16.19 43.47
CA GLY A 499 3.33 15.63 44.80
C GLY A 499 4.80 15.57 45.14
N PHE A 500 5.59 14.94 44.28
CA PHE A 500 7.05 14.85 44.47
C PHE A 500 7.38 14.14 45.78
N ILE A 525 34.91 -3.61 41.75
CA ILE A 525 36.30 -3.59 41.33
C ILE A 525 36.86 -5.01 41.25
N ARG A 526 36.19 -5.95 41.92
CA ARG A 526 36.66 -7.33 41.96
C ARG A 526 35.46 -8.26 42.00
N LYS A 527 35.59 -9.41 41.33
CA LYS A 527 34.57 -10.44 41.37
C LYS A 527 35.22 -11.79 41.60
N GLY A 528 34.50 -12.69 42.27
CA GLY A 528 35.05 -14.02 42.49
C GLY A 528 34.25 -14.78 43.52
N TRP A 529 34.74 -15.99 43.81
CA TRP A 529 34.11 -16.84 44.82
C TRP A 529 34.69 -16.53 46.19
N LEU A 530 33.83 -16.59 47.20
CA LEU A 530 34.23 -16.22 48.56
C LEU A 530 33.37 -16.97 49.56
N THR A 531 34.01 -17.69 50.48
CA THR A 531 33.29 -18.50 51.45
C THR A 531 32.99 -17.69 52.71
N ILE A 532 31.80 -17.89 53.25
CA ILE A 532 31.35 -17.29 54.51
C ILE A 532 31.22 -18.41 55.53
N ASN A 533 31.97 -18.31 56.62
CA ASN A 533 31.93 -19.31 57.68
C ASN A 533 30.85 -19.03 58.70
N ASN A 534 30.53 -17.75 58.95
CA ASN A 534 29.52 -17.36 59.93
C ASN A 534 28.21 -17.07 59.21
N ILE A 535 27.30 -18.04 59.21
CA ILE A 535 25.99 -17.91 58.61
C ILE A 535 24.95 -18.30 59.65
N GLY A 536 23.85 -17.55 59.70
CA GLY A 536 22.80 -17.79 60.67
C GLY A 536 22.49 -19.26 60.87
N ILE A 537 22.28 -19.66 62.13
CA ILE A 537 22.18 -21.08 62.44
C ILE A 537 21.01 -21.71 61.70
N MET A 538 19.90 -20.98 61.55
CA MET A 538 18.78 -21.51 60.79
C MET A 538 19.18 -21.88 59.37
N LYS A 539 20.19 -21.20 58.81
CA LYS A 539 20.78 -21.55 57.52
C LYS A 539 22.30 -21.63 57.63
N GLY A 540 22.79 -22.13 58.76
CA GLY A 540 24.20 -22.05 59.08
C GLY A 540 25.04 -23.06 58.34
N GLY A 541 26.32 -23.05 58.67
CA GLY A 541 27.31 -23.87 57.98
C GLY A 541 28.03 -23.07 56.92
N SER A 542 29.35 -23.26 56.83
CA SER A 542 30.14 -22.50 55.87
C SER A 542 29.65 -22.74 54.45
N LYS A 543 29.49 -21.67 53.68
CA LYS A 543 28.99 -21.77 52.31
C LYS A 543 29.76 -20.80 51.42
N GLU A 544 29.95 -21.19 50.16
CA GLU A 544 30.63 -20.37 49.18
C GLU A 544 29.63 -19.60 48.34
N TYR A 545 29.87 -18.30 48.18
CA TYR A 545 28.99 -17.41 47.43
C TYR A 545 29.79 -16.67 46.38
N TRP A 546 29.12 -16.28 45.30
CA TRP A 546 29.72 -15.41 44.30
C TRP A 546 29.63 -13.97 44.80
N PHE A 547 30.76 -13.30 44.90
CA PHE A 547 30.84 -11.98 45.51
C PHE A 547 31.37 -10.97 44.51
N VAL A 548 30.71 -9.81 44.47
CA VAL A 548 31.11 -8.68 43.65
C VAL A 548 31.36 -7.49 44.57
N LEU A 549 32.57 -6.94 44.51
CA LEU A 549 32.96 -5.79 45.29
C LEU A 549 33.19 -4.62 44.36
N THR A 550 32.52 -3.50 44.64
CA THR A 550 32.68 -2.26 43.90
C THR A 550 32.92 -1.13 44.90
N ALA A 551 33.09 0.09 44.38
CA ALA A 551 33.37 1.22 45.24
C ALA A 551 32.22 1.50 46.19
N GLU A 552 30.98 1.24 45.75
CA GLU A 552 29.81 1.63 46.53
C GLU A 552 29.37 0.54 47.51
N ASN A 553 29.28 -0.71 47.06
CA ASN A 553 28.63 -1.73 47.87
C ASN A 553 29.30 -3.10 47.66
N LEU A 554 28.88 -4.04 48.50
CA LEU A 554 29.27 -5.45 48.45
C LEU A 554 28.02 -6.23 48.08
N SER A 555 28.05 -6.94 46.95
CA SER A 555 26.90 -7.67 46.45
C SER A 555 27.17 -9.17 46.51
N TRP A 556 26.24 -9.93 47.11
CA TRP A 556 26.38 -11.37 47.24
C TRP A 556 25.36 -12.07 46.37
N TYR A 557 25.81 -13.13 45.69
CA TYR A 557 24.99 -13.93 44.79
C TYR A 557 25.20 -15.41 45.07
N LYS A 558 24.20 -16.21 44.69
CA LYS A 558 24.34 -17.65 44.80
C LYS A 558 25.33 -18.20 43.78
N ASP A 559 25.40 -17.59 42.59
CA ASP A 559 26.24 -18.08 41.53
C ASP A 559 26.71 -16.91 40.68
N ASP A 560 27.69 -17.19 39.81
CA ASP A 560 28.27 -16.16 38.95
C ASP A 560 27.31 -15.65 37.88
N GLU A 561 26.09 -16.21 37.79
CA GLU A 561 25.08 -15.62 36.92
C GLU A 561 24.67 -14.22 37.38
N GLU A 562 24.92 -13.88 38.64
CA GLU A 562 24.64 -12.54 39.17
C GLU A 562 23.17 -12.19 38.98
N LYS A 563 22.29 -13.08 39.44
CA LYS A 563 20.85 -12.93 39.28
C LYS A 563 20.12 -12.62 40.57
N GLU A 564 20.50 -13.26 41.67
CA GLU A 564 19.68 -13.25 42.88
C GLU A 564 19.71 -11.88 43.56
N LYS A 565 20.89 -11.30 43.73
CA LYS A 565 21.07 -10.08 44.51
C LYS A 565 20.46 -10.27 45.90
N LYS A 566 20.77 -11.42 46.51
CA LYS A 566 20.09 -11.80 47.75
C LYS A 566 20.38 -10.79 48.87
N TYR A 567 21.63 -10.38 49.02
CA TYR A 567 21.98 -9.48 50.11
C TYR A 567 23.23 -8.68 49.75
N MET A 568 23.42 -7.60 50.50
CA MET A 568 24.50 -6.66 50.23
C MET A 568 24.92 -6.00 51.54
N LEU A 569 26.13 -5.46 51.52
CA LEU A 569 26.67 -4.63 52.59
C LEU A 569 27.21 -3.33 52.01
N SER A 570 27.18 -2.27 52.80
CA SER A 570 27.73 -1.01 52.32
C SER A 570 29.24 -0.99 52.53
N VAL A 571 29.97 -0.44 51.54
CA VAL A 571 31.42 -0.35 51.65
C VAL A 571 31.82 0.55 52.82
N ASP A 572 31.15 1.69 52.95
CA ASP A 572 31.46 2.61 54.03
C ASP A 572 30.99 2.03 55.36
N ASN A 573 31.58 2.55 56.44
CA ASN A 573 31.21 2.14 57.80
C ASN A 573 31.45 0.64 58.02
N LEU A 574 32.57 0.14 57.50
CA LEU A 574 33.01 -1.23 57.74
C LEU A 574 34.48 -1.23 58.11
N LYS A 575 34.87 -2.24 58.88
CA LYS A 575 36.25 -2.45 59.30
C LYS A 575 36.70 -3.85 58.93
N LEU A 576 37.94 -3.95 58.46
CA LEU A 576 38.53 -5.21 58.00
C LEU A 576 39.56 -5.69 59.01
N ARG A 577 39.45 -6.95 59.44
CA ARG A 577 40.31 -7.49 60.47
C ARG A 577 40.88 -8.84 60.04
N ASP A 578 42.03 -9.17 60.61
CA ASP A 578 42.59 -10.51 60.52
C ASP A 578 41.89 -11.44 61.49
N VAL A 579 41.97 -12.74 61.20
CA VAL A 579 41.35 -13.73 62.08
C VAL A 579 42.13 -13.84 63.38
N GLU A 580 41.43 -14.32 64.42
CA GLU A 580 42.06 -14.50 65.71
C GLU A 580 43.24 -15.46 65.62
N LYS A 581 44.32 -15.13 66.30
CA LYS A 581 45.47 -16.03 66.36
C LYS A 581 45.09 -17.31 67.11
N GLY A 582 45.54 -18.44 66.58
CA GLY A 582 45.17 -19.73 67.13
C GLY A 582 43.86 -20.29 66.64
N PHE A 583 43.15 -19.58 65.77
CA PHE A 583 41.90 -20.05 65.21
C PHE A 583 42.17 -21.08 64.13
N MET A 584 41.10 -21.72 63.65
CA MET A 584 41.21 -22.75 62.63
C MET A 584 42.12 -22.29 61.50
N SER A 585 43.06 -23.16 61.12
CA SER A 585 44.00 -22.89 60.04
C SER A 585 43.67 -23.66 58.77
N SER A 586 42.56 -24.41 58.75
CA SER A 586 42.19 -25.16 57.56
C SER A 586 41.83 -24.24 56.39
N LYS A 587 41.46 -22.99 56.68
CA LYS A 587 41.12 -22.03 55.64
C LYS A 587 41.81 -20.71 55.96
N HIS A 588 42.08 -19.93 54.91
CA HIS A 588 42.64 -18.60 55.10
C HIS A 588 41.51 -17.61 55.38
N ILE A 589 41.51 -17.04 56.58
CA ILE A 589 40.34 -16.38 57.14
C ILE A 589 40.64 -14.91 57.40
N PHE A 590 39.66 -14.07 57.11
CA PHE A 590 39.66 -12.66 57.46
C PHE A 590 38.21 -12.30 57.75
N ALA A 591 37.97 -11.12 58.33
CA ALA A 591 36.60 -10.81 58.76
C ALA A 591 36.28 -9.35 58.52
N LEU A 592 34.99 -9.09 58.30
CA LEU A 592 34.43 -7.75 58.23
C LEU A 592 33.53 -7.54 59.45
N PHE A 593 33.67 -6.38 60.08
CA PHE A 593 32.96 -6.11 61.33
C PHE A 593 32.80 -4.60 61.47
N ASN A 594 31.96 -4.20 62.42
CA ASN A 594 31.83 -2.79 62.74
C ASN A 594 31.14 -2.64 64.09
N THR A 595 31.42 -1.52 64.75
CA THR A 595 30.82 -1.21 66.04
C THR A 595 30.31 0.22 66.15
N GLU A 596 30.64 1.11 65.21
CA GLU A 596 30.32 2.52 65.34
C GLU A 596 29.05 2.92 64.59
N GLN A 597 28.70 2.20 63.53
CA GLN A 597 27.53 2.53 62.71
C GLN A 597 26.67 1.29 62.53
N ARG A 598 25.39 1.52 62.26
CA ARG A 598 24.43 0.43 62.05
C ARG A 598 24.51 -0.06 60.60
N ASN A 599 25.71 -0.48 60.21
CA ASN A 599 25.97 -1.10 58.92
C ASN A 599 26.53 -2.51 59.08
N VAL A 600 26.16 -3.17 60.17
CA VAL A 600 26.72 -4.46 60.55
C VAL A 600 25.92 -5.55 59.85
N TYR A 601 26.60 -6.65 59.51
CA TYR A 601 25.95 -7.82 58.93
C TYR A 601 25.00 -8.41 59.95
N LYS A 602 24.24 -9.44 59.57
CA LYS A 602 23.31 -10.08 60.50
C LYS A 602 23.96 -10.31 61.85
N ASP A 603 23.26 -9.89 62.92
CA ASP A 603 23.83 -9.90 64.27
C ASP A 603 23.87 -11.33 64.81
N TYR A 604 24.70 -12.14 64.16
CA TYR A 604 24.99 -13.49 64.59
C TYR A 604 26.45 -13.63 64.99
N ARG A 605 27.36 -13.28 64.08
CA ARG A 605 28.79 -13.16 64.39
C ARG A 605 29.35 -12.07 63.48
N GLN A 606 30.62 -11.76 63.69
CA GLN A 606 31.35 -10.94 62.73
C GLN A 606 31.44 -11.67 61.40
N LEU A 607 31.35 -10.92 60.30
CA LEU A 607 31.23 -11.54 58.99
C LEU A 607 32.56 -12.18 58.60
N GLU A 608 32.75 -13.44 59.02
CA GLU A 608 33.99 -14.17 58.76
C GLU A 608 33.99 -14.70 57.33
N LEU A 609 34.92 -14.21 56.52
CA LEU A 609 35.09 -14.61 55.14
C LEU A 609 36.35 -15.46 55.05
N ALA A 610 36.33 -16.46 54.18
CA ALA A 610 37.44 -17.40 54.09
C ALA A 610 37.69 -17.77 52.63
N CYS A 611 38.92 -18.23 52.38
CA CYS A 611 39.33 -18.67 51.07
C CYS A 611 40.23 -19.89 51.20
N GLU A 612 40.47 -20.55 50.06
CA GLU A 612 41.29 -21.76 50.04
C GLU A 612 42.78 -21.43 50.18
N THR A 613 43.21 -20.27 49.68
CA THR A 613 44.62 -19.90 49.70
C THR A 613 44.77 -18.49 50.25
N GLN A 614 46.00 -18.18 50.67
CA GLN A 614 46.31 -16.85 51.20
C GLN A 614 46.20 -15.78 50.14
N GLU A 615 46.53 -16.10 48.88
CA GLU A 615 46.47 -15.09 47.83
C GLU A 615 45.06 -14.55 47.63
N GLU A 616 44.06 -15.43 47.67
CA GLU A 616 42.68 -14.97 47.53
C GLU A 616 42.28 -14.06 48.68
N VAL A 617 42.69 -14.40 49.91
CA VAL A 617 42.39 -13.56 51.07
C VAL A 617 43.06 -12.20 50.91
N ASP A 618 44.33 -12.18 50.51
CA ASP A 618 45.02 -10.89 50.34
C ASP A 618 44.37 -10.06 49.25
N SER A 619 43.98 -10.71 48.15
CA SER A 619 43.30 -10.00 47.07
C SER A 619 41.99 -9.37 47.53
N TRP A 620 41.20 -10.13 48.29
CA TRP A 620 39.93 -9.60 48.79
C TRP A 620 40.17 -8.48 49.78
N LYS A 621 41.09 -8.67 50.72
CA LYS A 621 41.37 -7.64 51.71
C LYS A 621 41.84 -6.35 51.06
N ALA A 622 42.73 -6.45 50.08
CA ALA A 622 43.19 -5.27 49.35
C ALA A 622 42.05 -4.61 48.60
N SER A 623 41.18 -5.41 47.97
CA SER A 623 40.05 -4.84 47.25
C SER A 623 39.12 -4.11 48.20
N PHE A 624 38.85 -4.69 49.37
CA PHE A 624 38.01 -4.03 50.37
C PHE A 624 38.63 -2.71 50.82
N LEU A 625 39.94 -2.72 51.08
CA LEU A 625 40.61 -1.49 51.49
C LEU A 625 40.54 -0.42 50.42
N ARG A 626 40.76 -0.80 49.16
CA ARG A 626 40.64 0.16 48.07
C ARG A 626 39.22 0.69 47.93
N ALA A 627 38.22 -0.18 48.12
CA ALA A 627 36.84 0.26 47.99
C ALA A 627 36.49 1.31 49.03
N GLY A 628 37.08 1.24 50.21
CA GLY A 628 36.83 2.22 51.26
C GLY A 628 36.59 1.59 52.62
N VAL A 629 36.83 0.28 52.73
CA VAL A 629 36.72 -0.39 54.02
C VAL A 629 37.90 0.01 54.90
N TYR A 630 37.59 0.44 56.10
CA TYR A 630 38.64 0.91 57.01
C TYR A 630 39.46 -0.27 57.51
N PRO A 631 40.79 -0.21 57.46
CA PRO A 631 41.59 -1.32 57.98
C PRO A 631 41.49 -1.41 59.50
N GLU A 632 41.22 -2.61 60.00
CA GLU A 632 41.08 -2.84 61.44
C GLU A 632 40.20 -1.80 62.09
N PRO A 657 22.37 24.60 56.06
CA PRO A 657 21.00 24.67 56.59
C PRO A 657 19.96 24.01 55.69
N GLN A 658 18.69 24.11 56.09
CA GLN A 658 17.60 23.54 55.30
C GLN A 658 17.41 24.20 53.95
N LEU A 659 17.93 25.42 53.77
CA LEU A 659 17.71 26.13 52.51
C LEU A 659 18.24 25.33 51.32
N GLU A 660 19.30 24.55 51.52
CA GLU A 660 19.83 23.78 50.42
C GLU A 660 18.82 22.77 49.91
N ARG A 661 18.07 22.14 50.83
CA ARG A 661 17.04 21.23 50.38
C ARG A 661 16.00 21.93 49.53
N GLN A 662 15.62 23.16 49.91
CA GLN A 662 14.71 23.90 49.06
C GLN A 662 15.31 24.14 47.69
N VAL A 663 16.59 24.51 47.66
CA VAL A 663 17.23 24.74 46.38
C VAL A 663 17.22 23.46 45.57
N GLU A 664 17.50 22.34 46.24
CA GLU A 664 17.50 21.07 45.53
C GLU A 664 16.15 20.80 44.90
N THR A 665 15.08 21.06 45.65
CA THR A 665 13.76 20.78 45.10
C THR A 665 13.53 21.61 43.85
N ILE A 666 13.85 22.90 43.90
CA ILE A 666 13.60 23.71 42.72
C ILE A 666 14.48 23.26 41.57
N ARG A 667 15.70 22.81 41.88
CA ARG A 667 16.58 22.36 40.81
C ARG A 667 15.99 21.18 40.09
N ASN A 668 15.36 20.25 40.83
CA ASN A 668 14.76 19.11 40.17
C ASN A 668 13.49 19.50 39.41
N LEU A 669 12.72 20.42 39.95
CA LEU A 669 11.44 20.73 39.29
C LEU A 669 11.65 21.40 37.95
N VAL A 670 12.68 22.23 37.84
CA VAL A 670 12.91 22.90 36.56
C VAL A 670 13.31 21.87 35.53
N ASP A 671 14.11 20.89 35.91
CA ASP A 671 14.47 19.87 34.93
C ASP A 671 13.22 19.20 34.40
N SER A 672 12.31 18.83 35.30
CA SER A 672 11.12 18.13 34.83
C SER A 672 10.31 19.02 33.91
N TYR A 673 10.19 20.29 34.25
CA TYR A 673 9.40 21.16 33.40
C TYR A 673 10.10 21.39 32.08
N MET A 674 11.43 21.55 32.11
CA MET A 674 12.10 21.77 30.84
C MET A 674 12.11 20.50 30.00
N ALA A 675 11.94 19.33 30.63
CA ALA A 675 11.80 18.12 29.83
C ALA A 675 10.53 18.16 29.00
N ILE A 676 9.51 18.88 29.46
CA ILE A 676 8.29 18.97 28.68
C ILE A 676 8.42 20.04 27.60
N VAL A 677 9.14 21.13 27.89
CA VAL A 677 9.16 22.22 26.92
C VAL A 677 9.88 21.81 25.66
N ASN A 678 10.97 21.06 25.80
CA ASN A 678 11.71 20.67 24.61
C ASN A 678 10.85 19.79 23.72
N LYS A 679 10.12 18.84 24.31
CA LYS A 679 9.24 18.04 23.47
C LYS A 679 8.34 18.92 22.61
N THR A 680 7.71 19.91 23.23
CA THR A 680 6.81 20.74 22.44
C THR A 680 7.54 21.44 21.32
N VAL A 681 8.75 21.94 21.60
CA VAL A 681 9.48 22.64 20.56
C VAL A 681 9.89 21.67 19.47
N ARG A 682 10.22 20.43 19.85
CA ARG A 682 10.59 19.47 18.83
C ARG A 682 9.39 19.11 17.95
N ASP A 683 8.19 19.02 18.54
CA ASP A 683 7.04 18.64 17.75
C ASP A 683 6.50 19.78 16.87
N LEU A 684 6.48 20.99 17.39
CA LEU A 684 5.82 22.09 16.68
C LEU A 684 6.73 22.79 15.69
N MET A 685 8.04 22.78 15.92
CA MET A 685 8.92 23.51 15.01
C MET A 685 8.91 22.94 13.60
N PRO A 686 9.02 21.63 13.37
CA PRO A 686 8.87 21.13 12.00
C PRO A 686 7.51 21.39 11.39
N LYS A 687 6.42 21.27 12.16
CA LYS A 687 5.11 21.51 11.58
C LYS A 687 4.91 22.98 11.27
N THR A 688 5.42 23.85 12.13
CA THR A 688 5.31 25.27 11.85
C THR A 688 5.96 25.60 10.51
N ILE A 689 6.95 24.81 10.12
CA ILE A 689 7.66 25.05 8.86
C ILE A 689 6.93 24.40 7.70
N MET A 690 6.37 23.21 7.93
CA MET A 690 5.61 22.55 6.88
C MET A 690 4.43 23.40 6.43
N HIS A 691 3.69 23.97 7.38
CA HIS A 691 2.49 24.71 7.02
C HIS A 691 2.81 25.99 6.27
N LEU A 692 3.78 26.76 6.77
CA LEU A 692 3.94 28.14 6.32
C LEU A 692 4.94 28.31 5.18
N MET A 693 5.85 27.37 4.96
CA MET A 693 6.85 27.54 3.91
C MET A 693 6.89 26.42 2.89
N ILE A 694 6.92 25.16 3.31
CA ILE A 694 7.04 24.07 2.34
C ILE A 694 5.72 23.84 1.61
N ASN A 695 4.64 23.61 2.35
CA ASN A 695 3.35 23.35 1.71
C ASN A 695 2.83 24.57 0.97
N ASN A 696 3.23 25.77 1.38
CA ASN A 696 2.82 26.95 0.64
C ASN A 696 3.53 27.00 -0.70
N THR A 697 4.81 26.67 -0.71
CA THR A 697 5.53 26.65 -1.98
C THR A 697 4.94 25.61 -2.91
N LYS A 698 4.63 24.44 -2.37
CA LYS A 698 4.04 23.39 -3.20
C LYS A 698 2.75 23.88 -3.84
N GLU A 699 1.87 24.46 -3.04
CA GLU A 699 0.59 24.90 -3.59
C GLU A 699 0.78 26.04 -4.58
N PHE A 700 1.78 26.89 -4.37
CA PHE A 700 2.07 27.92 -5.36
C PHE A 700 2.49 27.29 -6.68
N ILE A 701 3.31 26.24 -6.60
CA ILE A 701 3.80 25.60 -7.81
C ILE A 701 2.63 25.05 -8.60
N PHE A 702 1.76 24.29 -7.93
CA PHE A 702 0.66 23.65 -8.64
C PHE A 702 -0.35 24.65 -9.17
N SER A 703 -0.74 25.63 -8.34
CA SER A 703 -1.92 26.42 -8.64
C SER A 703 -1.64 27.78 -9.28
N GLU A 704 -0.54 28.43 -8.93
CA GLU A 704 -0.31 29.82 -9.35
C GLU A 704 0.86 30.02 -10.30
N LEU A 705 1.79 29.06 -10.41
CA LEU A 705 2.99 29.30 -11.21
C LEU A 705 2.68 29.52 -12.68
N LEU A 706 1.77 28.73 -13.26
CA LEU A 706 1.51 28.84 -14.70
C LEU A 706 0.96 30.20 -15.07
N ALA A 707 0.06 30.75 -14.25
CA ALA A 707 -0.52 32.05 -14.56
C ALA A 707 0.52 33.16 -14.42
N ASN A 708 1.43 33.03 -13.45
CA ASN A 708 2.48 34.02 -13.30
C ASN A 708 3.41 34.00 -14.51
N LEU A 709 3.81 32.81 -14.95
CA LEU A 709 4.69 32.72 -16.11
C LEU A 709 4.01 33.27 -17.35
N TYR A 710 2.74 32.91 -17.54
CA TYR A 710 2.01 33.36 -18.73
C TYR A 710 1.83 34.87 -18.74
N SER A 711 1.61 35.47 -17.57
CA SER A 711 1.27 36.89 -17.52
C SER A 711 2.43 37.80 -17.92
N CYS A 712 3.67 37.34 -17.81
CA CYS A 712 4.79 38.16 -18.26
C CYS A 712 4.66 38.44 -19.75
N GLY A 713 5.04 39.65 -20.15
CA GLY A 713 4.92 40.05 -21.54
C GLY A 713 5.86 39.30 -22.46
N ASP A 714 5.70 39.54 -23.75
CA ASP A 714 6.56 38.96 -24.78
C ASP A 714 6.66 37.45 -24.65
N GLN A 715 5.50 36.78 -24.78
CA GLN A 715 5.49 35.33 -24.76
C GLN A 715 6.25 34.76 -25.95
N ASN A 716 6.36 35.52 -27.04
CA ASN A 716 7.11 35.05 -28.20
C ASN A 716 8.60 34.99 -27.94
N THR A 717 9.09 35.70 -26.92
CA THR A 717 10.50 35.67 -26.57
C THR A 717 10.78 34.83 -25.32
N LEU A 718 9.76 34.60 -24.49
CA LEU A 718 9.95 33.75 -23.32
C LEU A 718 10.26 32.32 -23.72
N MET A 719 9.60 31.84 -24.77
CA MET A 719 9.68 30.44 -25.19
C MET A 719 10.54 30.24 -26.42
N GLU A 720 11.40 31.21 -26.75
CA GLU A 720 12.24 31.07 -27.93
C GLU A 720 13.16 29.85 -27.81
N GLU A 721 13.31 29.11 -28.90
CA GLU A 721 14.17 27.94 -28.95
C GLU A 721 15.63 28.32 -29.15
N SER A 722 16.51 27.50 -28.60
CA SER A 722 17.94 27.66 -28.85
C SER A 722 18.26 27.15 -30.26
N ALA A 723 19.38 27.63 -30.81
CA ALA A 723 19.78 27.26 -32.16
C ALA A 723 20.01 25.75 -32.29
N GLU A 724 20.36 25.10 -31.18
CA GLU A 724 20.64 23.67 -31.23
C GLU A 724 19.39 22.89 -31.63
N GLN A 725 18.22 23.25 -31.09
CA GLN A 725 17.02 22.53 -31.46
C GLN A 725 16.66 22.75 -32.92
N ALA A 726 16.88 23.97 -33.44
CA ALA A 726 16.66 24.21 -34.86
C ALA A 726 17.53 23.33 -35.74
N GLN A 727 18.78 23.09 -35.29
CA GLN A 727 19.65 22.20 -36.06
C GLN A 727 19.18 20.76 -35.93
N ARG A 728 18.76 20.37 -34.73
CA ARG A 728 18.36 19.00 -34.49
C ARG A 728 17.15 18.64 -35.33
N ARG A 729 16.15 19.52 -35.36
CA ARG A 729 14.94 19.21 -36.13
C ARG A 729 15.17 19.29 -37.63
N ASP A 730 16.06 20.18 -38.09
CA ASP A 730 16.36 20.18 -39.51
C ASP A 730 17.04 18.89 -39.92
N GLU A 731 17.95 18.39 -39.07
CA GLU A 731 18.65 17.16 -39.39
C GLU A 731 17.69 15.98 -39.35
N MET A 732 16.77 15.95 -38.37
CA MET A 732 15.86 14.81 -38.31
C MET A 732 14.92 14.79 -39.50
N LEU A 733 14.55 15.96 -40.03
CA LEU A 733 13.72 15.97 -41.24
C LEU A 733 14.49 15.42 -42.43
N ARG A 734 15.76 15.81 -42.59
CA ARG A 734 16.54 15.27 -43.69
C ARG A 734 16.74 13.76 -43.55
N MET A 735 17.01 13.30 -42.33
CA MET A 735 17.18 11.86 -42.11
C MET A 735 15.89 11.10 -42.44
N TYR A 736 14.74 11.66 -42.07
CA TYR A 736 13.48 10.97 -42.32
C TYR A 736 13.24 10.82 -43.82
N HIS A 737 13.44 11.89 -44.58
CA HIS A 737 13.21 11.78 -46.02
C HIS A 737 14.20 10.83 -46.66
N ALA A 738 15.47 10.87 -46.23
CA ALA A 738 16.46 9.98 -46.83
C ALA A 738 16.12 8.52 -46.55
N LEU A 739 15.65 8.23 -45.34
CA LEU A 739 15.26 6.85 -45.02
C LEU A 739 14.12 6.39 -45.91
N LYS A 740 13.13 7.27 -46.15
CA LYS A 740 12.02 6.85 -47.00
C LYS A 740 12.49 6.56 -48.41
N GLU A 741 13.35 7.42 -48.97
CA GLU A 741 13.86 7.16 -50.31
C GLU A 741 14.64 5.85 -50.37
N ALA A 742 15.50 5.59 -49.39
CA ALA A 742 16.27 4.35 -49.40
C ALA A 742 15.37 3.13 -49.34
N LEU A 743 14.34 3.15 -48.49
CA LEU A 743 13.45 2.00 -48.42
C LEU A 743 12.64 1.85 -49.70
N SER A 744 12.37 2.96 -50.41
CA SER A 744 11.70 2.85 -51.69
C SER A 744 12.60 2.16 -52.70
N ILE A 745 13.89 2.53 -52.74
CA ILE A 745 14.79 1.91 -53.71
C ILE A 745 14.91 0.42 -53.42
N ILE A 746 15.03 0.05 -52.15
CA ILE A 746 15.14 -1.37 -51.84
C ILE A 746 13.89 -2.10 -52.30
N GLY A 747 12.72 -1.50 -52.09
CA GLY A 747 11.49 -2.13 -52.54
C GLY A 747 11.44 -2.28 -54.05
N ASN A 748 11.97 -1.30 -54.78
CA ASN A 748 11.95 -1.36 -56.24
C ASN A 748 13.09 -2.18 -56.83
N ILE A 749 14.00 -2.67 -56.00
CA ILE A 749 15.09 -3.53 -56.44
C ILE A 749 14.81 -5.00 -56.15
N ASN A 750 14.29 -5.31 -54.97
CA ASN A 750 13.98 -6.71 -54.65
C ASN A 750 13.13 -7.35 -55.73
N THR A 751 12.02 -6.70 -56.10
CA THR A 751 11.18 -7.16 -57.20
C THR A 751 10.94 -8.67 -57.15
N LEU B 13 -29.86 65.33 6.51
CA LEU B 13 -28.89 64.29 6.26
C LEU B 13 -29.20 63.02 7.05
N ILE B 14 -28.64 61.91 6.60
CA ILE B 14 -28.86 60.61 7.23
C ILE B 14 -27.75 60.40 8.26
N PRO B 15 -28.07 60.15 9.53
CA PRO B 15 -27.01 59.85 10.50
C PRO B 15 -26.34 58.52 10.20
N LEU B 16 -25.11 58.40 10.68
CA LEU B 16 -24.26 57.27 10.32
C LEU B 16 -24.93 55.93 10.66
N VAL B 17 -25.54 55.82 11.83
CA VAL B 17 -26.12 54.53 12.20
C VAL B 17 -27.25 54.14 11.26
N ASN B 18 -27.89 55.12 10.61
CA ASN B 18 -28.85 54.81 9.55
C ASN B 18 -28.14 54.36 8.28
N ARG B 19 -27.03 55.03 7.95
CA ARG B 19 -26.26 54.65 6.78
C ARG B 19 -25.78 53.21 6.91
N LEU B 20 -25.55 52.75 8.14
CA LEU B 20 -25.17 51.36 8.34
C LEU B 20 -26.30 50.43 7.96
N GLN B 21 -27.53 50.76 8.34
CA GLN B 21 -28.64 49.87 8.04
C GLN B 21 -28.88 49.84 6.53
N ASP B 22 -28.72 50.98 5.87
CA ASP B 22 -28.77 50.98 4.41
C ASP B 22 -27.70 50.07 3.81
N ALA B 23 -26.48 50.13 4.34
CA ALA B 23 -25.41 49.28 3.82
C ALA B 23 -25.71 47.80 4.05
N PHE B 24 -26.12 47.44 5.27
CA PHE B 24 -26.45 46.05 5.57
C PHE B 24 -27.66 45.58 4.77
N SER B 25 -28.53 46.50 4.36
CA SER B 25 -29.61 46.14 3.46
C SER B 25 -29.06 45.85 2.08
N ALA B 26 -28.10 46.65 1.62
CA ALA B 26 -27.47 46.39 0.33
C ALA B 26 -26.80 45.01 0.32
N ILE B 27 -26.08 44.68 1.39
CA ILE B 27 -25.50 43.33 1.50
C ILE B 27 -26.61 42.29 1.41
N GLY B 28 -27.66 42.47 2.22
CA GLY B 28 -28.85 41.66 2.11
C GLY B 28 -28.89 40.41 2.96
N GLN B 29 -27.81 40.05 3.66
CA GLN B 29 -27.84 38.82 4.43
C GLN B 29 -26.70 38.78 5.43
N ASN B 30 -26.94 38.06 6.53
CA ASN B 30 -25.91 37.65 7.48
C ASN B 30 -25.29 38.81 8.25
N ALA B 31 -26.00 39.93 8.40
CA ALA B 31 -25.45 41.03 9.17
C ALA B 31 -26.58 41.99 9.55
N ASP B 32 -26.52 42.50 10.78
CA ASP B 32 -27.52 43.44 11.27
C ASP B 32 -27.06 43.97 12.62
N LEU B 33 -27.55 45.16 12.95
CA LEU B 33 -27.22 45.81 14.21
C LEU B 33 -28.12 45.28 15.32
N ASP B 34 -27.57 45.25 16.54
CA ASP B 34 -28.32 44.87 17.72
C ASP B 34 -28.65 46.14 18.51
N LEU B 35 -29.92 46.53 18.49
CA LEU B 35 -30.38 47.74 19.14
C LEU B 35 -31.34 47.40 20.28
N PRO B 36 -31.54 48.33 21.21
CA PRO B 36 -32.49 48.08 22.31
C PRO B 36 -33.93 48.27 21.86
N GLN B 37 -34.83 47.75 22.70
CA GLN B 37 -36.26 47.95 22.54
C GLN B 37 -36.64 49.28 23.18
N ILE B 38 -37.57 50.00 22.58
CA ILE B 38 -38.02 51.29 23.10
C ILE B 38 -39.44 51.13 23.62
N ALA B 39 -39.67 51.47 24.89
CA ALA B 39 -40.99 51.43 25.49
C ALA B 39 -41.41 52.83 25.90
N VAL B 40 -42.67 53.15 25.66
CA VAL B 40 -43.26 54.43 26.05
C VAL B 40 -44.27 54.16 27.14
N VAL B 41 -44.15 54.86 28.27
CA VAL B 41 -44.99 54.62 29.44
C VAL B 41 -45.50 55.95 29.95
N GLY B 42 -46.74 55.95 30.43
CA GLY B 42 -47.32 57.16 30.95
C GLY B 42 -48.72 56.91 31.46
N GLY B 43 -49.31 57.96 32.04
CA GLY B 43 -50.68 57.90 32.46
C GLY B 43 -51.64 58.20 31.33
N GLN B 44 -52.90 57.79 31.55
CA GLN B 44 -53.91 57.94 30.52
C GLN B 44 -54.07 59.40 30.12
N SER B 45 -54.21 59.63 28.82
CA SER B 45 -54.32 60.95 28.21
C SER B 45 -53.06 61.79 28.39
N ALA B 46 -51.94 61.17 28.78
CA ALA B 46 -50.69 61.92 28.89
C ALA B 46 -50.25 62.42 27.52
N GLY B 47 -50.44 61.62 26.48
CA GLY B 47 -49.95 61.95 25.16
C GLY B 47 -48.91 60.98 24.63
N ALA B 48 -48.88 59.75 25.15
CA ALA B 48 -47.86 58.80 24.72
C ALA B 48 -48.00 58.44 23.25
N SER B 49 -49.22 58.13 22.81
CA SER B 49 -49.39 57.69 21.43
C SER B 49 -49.20 58.84 20.44
N SER B 50 -49.30 60.09 20.90
CA SER B 50 -48.89 61.18 20.02
C SER B 50 -47.39 61.34 20.00
N VAL B 51 -46.69 60.69 20.93
CA VAL B 51 -45.24 60.73 20.94
C VAL B 51 -44.72 59.67 19.99
N LEU B 52 -45.28 58.46 20.06
CA LEU B 52 -44.90 57.46 19.08
C LEU B 52 -45.23 57.93 17.67
N GLU B 53 -46.43 58.50 17.49
CA GLU B 53 -46.79 59.02 16.18
C GLU B 53 -45.78 60.04 15.68
N ASN B 54 -45.45 61.04 16.51
CA ASN B 54 -44.49 62.05 16.08
C ASN B 54 -43.13 61.43 15.77
N PHE B 55 -42.69 60.50 16.62
CA PHE B 55 -41.37 59.89 16.44
C PHE B 55 -41.28 59.13 15.13
N VAL B 56 -42.24 58.25 14.87
CA VAL B 56 -42.21 57.48 13.63
C VAL B 56 -42.36 58.39 12.42
N GLY B 57 -43.25 59.37 12.51
CA GLY B 57 -43.47 60.32 11.43
C GLY B 57 -44.68 60.03 10.57
N ARG B 58 -45.47 59.02 10.91
CA ARG B 58 -46.67 58.65 10.17
C ARG B 58 -47.84 58.62 11.14
N ASP B 59 -48.94 59.26 10.74
CA ASP B 59 -50.15 59.33 11.57
C ASP B 59 -51.00 58.10 11.29
N PHE B 60 -50.69 57.01 12.01
CA PHE B 60 -51.37 55.74 11.83
C PHE B 60 -51.90 55.17 13.14
N LEU B 61 -51.63 55.80 14.28
CA LEU B 61 -52.10 55.25 15.55
C LEU B 61 -53.45 55.85 15.92
N PRO B 62 -54.35 55.07 16.51
CA PRO B 62 -55.57 55.66 17.08
C PRO B 62 -55.21 56.61 18.21
N ARG B 63 -55.92 57.73 18.28
CA ARG B 63 -55.60 58.78 19.23
C ARG B 63 -56.86 59.55 19.59
N GLY B 64 -56.83 60.17 20.76
CA GLY B 64 -57.95 60.98 21.21
C GLY B 64 -58.25 60.83 22.69
N SER B 65 -59.19 61.64 23.18
CA SER B 65 -59.53 61.60 24.59
C SER B 65 -60.21 60.28 24.95
N GLY B 66 -60.09 59.93 26.23
CA GLY B 66 -60.66 58.69 26.73
C GLY B 66 -59.77 57.51 26.46
N ILE B 67 -60.22 56.34 26.94
CA ILE B 67 -59.51 55.10 26.67
C ILE B 67 -59.52 54.86 25.17
N VAL B 68 -58.32 54.76 24.60
CA VAL B 68 -58.17 54.42 23.18
C VAL B 68 -57.27 53.20 23.07
N THR B 69 -56.08 53.29 23.66
CA THR B 69 -55.12 52.19 23.65
C THR B 69 -55.60 51.12 24.63
N ARG B 70 -56.19 50.05 24.10
CA ARG B 70 -56.68 48.95 24.92
C ARG B 70 -55.80 47.71 24.83
N ARG B 71 -54.77 47.71 23.98
CA ARG B 71 -53.91 46.54 23.83
C ARG B 71 -52.48 46.99 23.59
N PRO B 72 -51.50 46.15 23.93
CA PRO B 72 -50.09 46.48 23.62
C PRO B 72 -49.82 46.38 22.12
N LEU B 73 -49.40 47.49 21.53
CA LEU B 73 -49.07 47.55 20.10
C LEU B 73 -47.56 47.45 19.94
N VAL B 74 -47.08 46.34 19.39
CA VAL B 74 -45.65 46.10 19.22
C VAL B 74 -45.28 46.46 17.78
N LEU B 75 -44.98 47.74 17.57
CA LEU B 75 -44.63 48.26 16.25
C LEU B 75 -43.19 47.89 15.94
N GLN B 76 -42.97 47.21 14.81
CA GLN B 76 -41.62 46.77 14.44
C GLN B 76 -41.23 47.38 13.09
N LEU B 77 -40.27 48.29 13.11
CA LEU B 77 -39.83 48.93 11.88
C LEU B 77 -38.87 48.01 11.13
N VAL B 78 -38.83 48.19 9.80
CA VAL B 78 -37.91 47.47 8.94
C VAL B 78 -37.45 48.42 7.84
N ASN B 79 -36.16 48.36 7.52
CA ASN B 79 -35.61 49.16 6.44
C ASN B 79 -35.95 48.52 5.10
N ALA B 80 -36.45 49.32 4.17
CA ALA B 80 -36.83 48.82 2.86
C ALA B 80 -36.88 50.00 1.89
N THR B 81 -36.96 49.68 0.60
CA THR B 81 -36.92 50.70 -0.44
C THR B 81 -38.26 51.37 -0.68
N THR B 82 -39.34 50.81 -0.15
CA THR B 82 -40.68 51.34 -0.38
C THR B 82 -41.47 51.31 0.92
N GLU B 83 -42.40 52.25 1.03
CA GLU B 83 -43.11 52.53 2.28
C GLU B 83 -44.43 51.77 2.32
N TYR B 84 -44.60 50.89 3.29
CA TYR B 84 -45.89 50.21 3.46
C TYR B 84 -45.88 49.52 4.81
N ALA B 85 -47.01 48.93 5.17
CA ALA B 85 -47.18 48.28 6.46
C ALA B 85 -47.72 46.87 6.24
N GLU B 86 -47.75 46.08 7.31
CA GLU B 86 -48.37 44.77 7.27
C GLU B 86 -48.58 44.27 8.69
N PHE B 87 -49.54 43.37 8.83
CA PHE B 87 -49.85 42.74 10.11
C PHE B 87 -49.48 41.27 10.05
N LEU B 88 -49.33 40.67 11.23
CA LEU B 88 -49.17 39.23 11.32
C LEU B 88 -50.49 38.50 11.38
N HIS B 89 -51.59 39.23 11.28
CA HIS B 89 -52.88 38.71 10.86
C HIS B 89 -53.27 39.43 9.58
N CYS B 90 -54.27 38.91 8.88
CA CYS B 90 -54.56 39.36 7.52
C CYS B 90 -53.33 39.19 6.64
N LYS B 91 -52.78 37.98 6.66
CA LYS B 91 -51.49 37.71 6.05
C LYS B 91 -51.48 38.07 4.57
N GLY B 92 -50.39 38.70 4.13
CA GLY B 92 -50.13 38.93 2.72
C GLY B 92 -50.66 40.23 2.18
N LYS B 93 -51.52 40.93 2.92
CA LYS B 93 -52.07 42.20 2.45
C LYS B 93 -51.10 43.32 2.76
N LYS B 94 -50.71 44.07 1.73
CA LYS B 94 -49.78 45.18 1.88
C LYS B 94 -50.59 46.48 1.95
N PHE B 95 -50.48 47.18 3.07
CA PHE B 95 -51.23 48.41 3.31
C PHE B 95 -50.37 49.60 2.89
N THR B 96 -50.76 50.26 1.80
CA THR B 96 -50.08 51.47 1.38
C THR B 96 -50.83 52.73 1.78
N ASP B 97 -52.00 52.59 2.42
CA ASP B 97 -52.75 53.71 2.98
C ASP B 97 -52.90 53.47 4.47
N PHE B 98 -52.35 54.36 5.27
CA PHE B 98 -52.28 54.15 6.72
C PHE B 98 -53.58 54.43 7.44
N GLU B 99 -54.56 55.07 6.78
CA GLU B 99 -55.89 55.17 7.35
C GLU B 99 -56.51 53.78 7.50
N GLU B 100 -56.27 52.92 6.52
CA GLU B 100 -56.73 51.53 6.62
C GLU B 100 -56.04 50.85 7.80
N VAL B 101 -54.75 51.14 8.01
CA VAL B 101 -54.04 50.56 9.15
C VAL B 101 -54.72 50.98 10.45
N ARG B 102 -55.02 52.28 10.57
CA ARG B 102 -55.65 52.80 11.79
C ARG B 102 -57.00 52.12 12.04
N LEU B 103 -57.81 51.99 11.00
CA LEU B 103 -59.11 51.34 11.16
C LEU B 103 -58.94 49.87 11.50
N GLU B 104 -57.92 49.22 10.92
CA GLU B 104 -57.66 47.82 11.23
C GLU B 104 -57.23 47.65 12.67
N ILE B 105 -56.47 48.61 13.20
CA ILE B 105 -56.08 48.56 14.60
C ILE B 105 -57.32 48.63 15.48
N GLU B 106 -58.23 49.56 15.18
CA GLU B 106 -59.43 49.69 15.97
C GLU B 106 -60.28 48.41 15.90
N ALA B 107 -60.47 47.89 14.69
CA ALA B 107 -61.27 46.67 14.54
C ALA B 107 -60.65 45.50 15.29
N GLU B 108 -59.33 45.33 15.19
CA GLU B 108 -58.68 44.24 15.89
C GLU B 108 -58.80 44.42 17.40
N THR B 109 -58.75 45.65 17.89
CA THR B 109 -58.93 45.89 19.31
C THR B 109 -60.32 45.44 19.75
N ASP B 110 -61.33 45.81 18.97
CA ASP B 110 -62.71 45.50 19.36
C ASP B 110 -62.99 44.00 19.28
N ARG B 111 -62.38 43.30 18.32
CA ARG B 111 -62.68 41.88 18.17
C ARG B 111 -62.36 41.09 19.44
N VAL B 112 -61.38 41.54 20.22
CA VAL B 112 -60.92 40.82 21.40
C VAL B 112 -61.42 41.47 22.69
N THR B 113 -61.28 42.78 22.80
CA THR B 113 -61.61 43.44 24.07
C THR B 113 -63.11 43.68 24.23
N GLY B 114 -63.84 43.80 23.13
CA GLY B 114 -65.20 44.29 23.20
C GLY B 114 -65.21 45.81 23.16
N THR B 115 -66.42 46.37 23.16
CA THR B 115 -66.58 47.81 23.00
C THR B 115 -66.80 48.55 24.30
N ASN B 116 -67.05 47.85 25.41
CA ASN B 116 -67.31 48.52 26.68
C ASN B 116 -66.01 48.67 27.48
N LYS B 117 -65.06 49.39 26.88
CA LYS B 117 -63.81 49.78 27.53
C LYS B 117 -63.08 48.58 28.16
N GLY B 118 -62.93 47.50 27.38
CA GLY B 118 -62.21 46.35 27.87
C GLY B 118 -60.71 46.47 27.64
N ILE B 119 -59.95 45.72 28.44
CA ILE B 119 -58.49 45.71 28.35
C ILE B 119 -58.01 44.26 28.32
N SER B 120 -57.10 43.96 27.40
CA SER B 120 -56.59 42.61 27.20
C SER B 120 -55.08 42.65 27.05
N PRO B 121 -54.37 41.63 27.55
CA PRO B 121 -52.91 41.61 27.43
C PRO B 121 -52.36 41.09 26.11
N VAL B 122 -53.19 40.51 25.25
CA VAL B 122 -52.69 39.92 24.01
C VAL B 122 -52.22 41.05 23.10
N PRO B 123 -50.96 41.05 22.67
CA PRO B 123 -50.44 42.17 21.89
C PRO B 123 -50.87 42.12 20.43
N ILE B 124 -50.81 43.29 19.79
CA ILE B 124 -51.04 43.43 18.36
C ILE B 124 -49.69 43.62 17.69
N ASN B 125 -49.41 42.79 16.69
CA ASN B 125 -48.13 42.80 15.99
C ASN B 125 -48.29 43.50 14.64
N LEU B 126 -47.52 44.57 14.45
CA LEU B 126 -47.52 45.36 13.23
C LEU B 126 -46.08 45.58 12.80
N ARG B 127 -45.85 45.57 11.49
CA ARG B 127 -44.51 45.74 10.93
C ARG B 127 -44.57 46.76 9.80
N VAL B 128 -43.69 47.76 9.86
CA VAL B 128 -43.70 48.86 8.90
C VAL B 128 -42.38 48.90 8.14
N TYR B 129 -42.45 48.88 6.82
CA TYR B 129 -41.28 48.95 5.95
C TYR B 129 -41.13 50.37 5.45
N SER B 130 -39.90 50.89 5.50
CA SER B 130 -39.65 52.27 5.12
C SER B 130 -38.15 52.45 4.88
N PRO B 131 -37.74 53.55 4.23
CA PRO B 131 -36.32 53.68 3.84
C PRO B 131 -35.30 53.70 4.97
N HIS B 132 -35.53 54.47 6.05
CA HIS B 132 -34.45 54.84 6.97
C HIS B 132 -34.87 54.62 8.42
N VAL B 133 -35.39 53.42 8.69
CA VAL B 133 -36.02 53.09 9.97
C VAL B 133 -35.21 52.05 10.74
N LEU B 134 -33.89 52.06 10.55
CA LEU B 134 -33.01 51.06 11.14
C LEU B 134 -33.71 49.71 11.30
N ASN B 135 -33.77 49.18 12.51
CA ASN B 135 -34.64 48.04 12.82
C ASN B 135 -35.28 48.25 14.18
N LEU B 136 -35.49 49.50 14.55
CA LEU B 136 -35.94 49.84 15.89
C LEU B 136 -37.31 49.24 16.17
N THR B 137 -37.46 48.69 17.37
CA THR B 137 -38.74 48.16 17.84
C THR B 137 -39.32 49.12 18.86
N LEU B 138 -40.61 49.44 18.71
CA LEU B 138 -41.31 50.34 19.60
C LEU B 138 -42.51 49.62 20.19
N VAL B 139 -42.84 49.91 21.44
CA VAL B 139 -43.99 49.31 22.10
C VAL B 139 -44.88 50.41 22.65
N ASP B 140 -46.18 50.29 22.41
CA ASP B 140 -47.18 51.20 22.97
C ASP B 140 -48.05 50.44 23.96
N LEU B 141 -48.14 50.95 25.19
CA LEU B 141 -48.85 50.30 26.27
C LEU B 141 -50.10 51.09 26.67
N PRO B 142 -51.12 50.41 27.24
CA PRO B 142 -52.43 51.05 27.46
C PRO B 142 -52.54 51.84 28.76
N GLY B 143 -51.75 52.92 28.86
CA GLY B 143 -51.94 53.88 29.94
C GLY B 143 -51.99 53.29 31.33
N MET B 144 -52.43 54.08 32.31
CA MET B 144 -52.58 53.63 33.68
C MET B 144 -53.76 54.37 34.31
N THR B 145 -54.52 53.65 35.14
CA THR B 145 -55.74 54.17 35.73
C THR B 145 -55.86 53.74 37.18
N LYS B 146 -56.71 54.46 37.91
CA LYS B 146 -56.99 54.17 39.32
C LYS B 146 -58.38 53.63 39.58
N VAL B 147 -59.39 54.13 38.90
CA VAL B 147 -60.79 53.80 39.17
C VAL B 147 -61.35 53.04 37.97
N PRO B 148 -61.94 51.86 38.15
CA PRO B 148 -62.54 51.16 37.02
C PRO B 148 -63.72 51.93 36.44
N VAL B 149 -63.87 51.86 35.12
CA VAL B 149 -65.05 52.38 34.44
C VAL B 149 -65.48 51.39 33.37
N GLY B 150 -66.78 51.39 33.05
CA GLY B 150 -67.29 50.49 32.05
C GLY B 150 -67.23 49.03 32.50
N ASP B 151 -67.05 48.14 31.53
CA ASP B 151 -66.98 46.71 31.82
C ASP B 151 -65.54 46.31 32.15
N GLN B 152 -65.03 46.93 33.20
CA GLN B 152 -63.68 46.71 33.70
C GLN B 152 -63.73 46.15 35.11
N PRO B 153 -63.07 45.04 35.39
CA PRO B 153 -63.14 44.48 36.75
C PRO B 153 -62.46 45.39 37.75
N PRO B 154 -62.73 45.21 39.04
CA PRO B 154 -62.13 46.11 40.05
C PRO B 154 -60.62 46.15 40.04
N ASP B 155 -59.96 45.03 39.73
CA ASP B 155 -58.51 44.90 39.82
C ASP B 155 -57.79 45.29 38.53
N ILE B 156 -58.38 46.15 37.71
CA ILE B 156 -57.74 46.50 36.44
C ILE B 156 -56.41 47.21 36.65
N GLU B 157 -56.27 47.95 37.75
CA GLU B 157 -55.02 48.68 37.99
C GLU B 157 -53.83 47.72 38.01
N PHE B 158 -53.98 46.59 38.70
CA PHE B 158 -52.87 45.65 38.80
C PHE B 158 -52.63 44.95 37.47
N GLN B 159 -53.67 44.68 36.69
CA GLN B 159 -53.46 44.03 35.41
C GLN B 159 -52.71 44.97 34.45
N ILE B 160 -53.04 46.25 34.47
CA ILE B 160 -52.30 47.19 33.62
C ILE B 160 -50.85 47.28 34.07
N ARG B 161 -50.61 47.36 35.38
CA ARG B 161 -49.23 47.39 35.83
C ARG B 161 -48.50 46.12 35.42
N ASP B 162 -49.15 44.96 35.59
CA ASP B 162 -48.52 43.71 35.21
C ASP B 162 -48.18 43.69 33.72
N MET B 163 -49.00 44.33 32.89
CA MET B 163 -48.65 44.46 31.48
C MET B 163 -47.40 45.29 31.31
N LEU B 164 -47.29 46.40 32.06
CA LEU B 164 -46.08 47.21 31.95
C LEU B 164 -44.85 46.45 32.41
N MET B 165 -44.98 45.68 33.50
CA MET B 165 -43.83 45.00 34.09
C MET B 165 -43.30 43.84 33.24
N GLN B 166 -43.86 43.59 32.06
CA GLN B 166 -43.29 42.61 31.14
C GLN B 166 -42.37 43.24 30.12
N PHE B 167 -42.35 44.56 29.99
CA PHE B 167 -41.51 45.24 29.02
C PHE B 167 -40.44 46.11 29.67
N VAL B 168 -40.82 46.98 30.61
CA VAL B 168 -39.88 47.91 31.22
C VAL B 168 -38.96 47.25 32.24
N THR B 169 -39.24 46.01 32.63
CA THR B 169 -38.39 45.31 33.59
C THR B 169 -37.29 44.51 32.93
N LYS B 170 -37.19 44.55 31.60
CA LYS B 170 -36.09 43.92 30.89
C LYS B 170 -34.99 44.93 30.64
N GLU B 171 -33.75 44.44 30.56
CA GLU B 171 -32.64 45.28 30.16
C GLU B 171 -32.69 45.49 28.65
N ASN B 172 -31.72 46.25 28.12
CA ASN B 172 -31.69 46.52 26.70
C ASN B 172 -32.99 47.19 26.25
N CYS B 173 -33.60 47.97 27.14
CA CYS B 173 -34.89 48.59 26.87
C CYS B 173 -34.88 50.02 27.37
N LEU B 174 -35.01 50.98 26.45
CA LEU B 174 -35.17 52.37 26.84
C LEU B 174 -36.60 52.60 27.29
N ILE B 175 -36.76 53.63 28.12
CA ILE B 175 -38.06 54.01 28.65
C ILE B 175 -38.26 55.51 28.44
N LEU B 176 -39.38 55.88 27.84
CA LEU B 176 -39.83 57.26 27.80
C LEU B 176 -40.95 57.42 28.82
N ALA B 177 -40.71 58.28 29.81
CA ALA B 177 -41.71 58.60 30.83
C ALA B 177 -42.45 59.84 30.36
N VAL B 178 -43.73 59.68 30.03
CA VAL B 178 -44.53 60.76 29.47
C VAL B 178 -45.44 61.31 30.55
N SER B 179 -45.43 62.63 30.73
CA SER B 179 -46.22 63.24 31.80
C SER B 179 -46.76 64.60 31.36
N PRO B 180 -48.04 64.88 31.59
CA PRO B 180 -48.60 66.17 31.17
C PRO B 180 -48.04 67.33 31.99
N ALA B 181 -47.95 68.48 31.33
CA ALA B 181 -47.39 69.66 31.97
C ALA B 181 -48.39 70.36 32.89
N ASN B 182 -49.68 70.20 32.61
CA ASN B 182 -50.73 70.86 33.38
C ASN B 182 -51.22 70.01 34.55
N SER B 183 -50.33 69.16 35.08
CA SER B 183 -50.65 68.32 36.23
C SER B 183 -49.36 68.18 37.02
N ASP B 184 -49.39 68.61 38.29
CA ASP B 184 -48.16 68.67 39.08
C ASP B 184 -47.35 67.39 38.94
N LEU B 185 -46.04 67.56 38.74
CA LEU B 185 -45.17 66.43 38.40
C LEU B 185 -45.22 65.35 39.47
N ALA B 186 -45.48 65.72 40.72
CA ALA B 186 -45.46 64.75 41.81
C ALA B 186 -46.48 63.63 41.63
N ASN B 187 -47.49 63.82 40.79
CA ASN B 187 -48.54 62.82 40.62
C ASN B 187 -48.25 61.82 39.51
N SER B 188 -47.15 61.97 38.78
CA SER B 188 -46.92 61.18 37.58
C SER B 188 -46.72 59.70 37.93
N ASP B 189 -47.45 58.82 37.24
CA ASP B 189 -47.24 57.39 37.39
C ASP B 189 -46.12 56.89 36.48
N ALA B 190 -45.76 57.67 35.46
CA ALA B 190 -44.64 57.31 34.61
C ALA B 190 -43.35 57.34 35.40
N LEU B 191 -43.11 58.45 36.10
CA LEU B 191 -41.88 58.55 36.87
C LEU B 191 -41.86 57.51 37.98
N LYS B 192 -43.01 57.27 38.62
CA LYS B 192 -43.04 56.26 39.66
C LYS B 192 -42.58 54.90 39.14
N VAL B 193 -43.04 54.52 37.94
CA VAL B 193 -42.61 53.24 37.41
C VAL B 193 -41.15 53.28 36.99
N ALA B 194 -40.73 54.36 36.31
CA ALA B 194 -39.34 54.44 35.87
C ALA B 194 -38.40 54.40 37.05
N LYS B 195 -38.74 55.11 38.13
CA LYS B 195 -37.92 55.11 39.32
C LYS B 195 -37.88 53.73 39.96
N GLU B 196 -38.99 52.99 39.89
CA GLU B 196 -39.03 51.69 40.55
C GLU B 196 -38.21 50.66 39.79
N VAL B 197 -38.25 50.69 38.45
CA VAL B 197 -37.52 49.71 37.66
C VAL B 197 -36.14 50.18 37.24
N ASP B 198 -35.90 51.49 37.19
CA ASP B 198 -34.63 52.07 36.81
C ASP B 198 -34.23 53.12 37.84
N PRO B 199 -33.86 52.70 39.04
CA PRO B 199 -33.56 53.68 40.09
C PRO B 199 -32.43 54.64 39.73
N GLN B 200 -31.44 54.17 38.97
CA GLN B 200 -30.26 54.95 38.69
C GLN B 200 -30.46 55.96 37.56
N GLY B 201 -31.59 55.92 36.87
CA GLY B 201 -31.81 56.85 35.78
C GLY B 201 -31.02 56.56 34.53
N GLN B 202 -30.58 55.31 34.36
CA GLN B 202 -29.68 54.99 33.25
C GLN B 202 -30.41 55.01 31.92
N ARG B 203 -31.61 54.43 31.86
CA ARG B 203 -32.37 54.30 30.61
C ARG B 203 -33.46 55.34 30.45
N THR B 204 -33.98 55.87 31.55
CA THR B 204 -35.17 56.69 31.50
C THR B 204 -34.91 58.06 30.90
N ILE B 205 -35.83 58.50 30.03
CA ILE B 205 -35.84 59.87 29.53
C ILE B 205 -37.24 60.42 29.75
N GLY B 206 -37.33 61.68 30.17
CA GLY B 206 -38.60 62.30 30.51
C GLY B 206 -39.12 63.21 29.41
N VAL B 207 -40.42 63.11 29.15
CA VAL B 207 -41.12 63.91 28.15
C VAL B 207 -42.28 64.63 28.82
N ILE B 208 -42.38 65.93 28.56
CA ILE B 208 -43.43 66.79 29.11
C ILE B 208 -44.27 67.30 27.94
N THR B 209 -45.55 66.93 27.92
CA THR B 209 -46.30 66.92 26.66
C THR B 209 -47.21 68.11 26.44
N LYS B 210 -47.80 68.70 27.47
CA LYS B 210 -48.91 69.63 27.25
C LYS B 210 -48.56 71.03 27.74
N LEU B 211 -47.37 71.50 27.38
CA LEU B 211 -46.88 72.78 27.87
C LEU B 211 -47.71 73.96 27.40
N ASP B 212 -48.59 73.76 26.41
CA ASP B 212 -49.42 74.85 25.93
C ASP B 212 -50.71 75.03 26.72
N LEU B 213 -51.02 74.09 27.62
CA LEU B 213 -52.24 74.12 28.41
C LEU B 213 -51.99 74.52 29.86
N MET B 214 -50.82 75.08 30.17
CA MET B 214 -50.53 75.50 31.53
C MET B 214 -51.49 76.59 31.97
N ASP B 215 -52.01 76.45 33.18
CA ASP B 215 -52.92 77.47 33.71
C ASP B 215 -52.22 78.82 33.71
N GLU B 216 -52.93 79.85 33.24
CA GLU B 216 -52.32 81.16 33.07
C GLU B 216 -51.67 81.62 34.37
N GLY B 217 -50.42 82.04 34.28
CA GLY B 217 -49.64 82.45 35.44
C GLY B 217 -48.68 81.41 35.96
N THR B 218 -48.62 80.23 35.36
CA THR B 218 -47.69 79.18 35.77
C THR B 218 -46.96 78.65 34.54
N ASP B 219 -45.88 77.90 34.79
CA ASP B 219 -45.14 77.25 33.72
C ASP B 219 -44.40 76.06 34.32
N ALA B 220 -43.64 75.36 33.47
CA ALA B 220 -42.88 74.19 33.88
C ALA B 220 -41.37 74.45 33.81
N ARG B 221 -40.95 75.71 33.85
CA ARG B 221 -39.54 76.05 33.73
C ARG B 221 -38.71 75.30 34.77
N ASP B 222 -39.25 75.14 35.98
CA ASP B 222 -38.51 74.45 37.03
C ASP B 222 -38.34 72.96 36.76
N VAL B 223 -39.20 72.37 35.93
CA VAL B 223 -39.08 70.96 35.60
C VAL B 223 -38.20 70.74 34.38
N LEU B 224 -38.29 71.66 33.42
CA LEU B 224 -37.49 71.53 32.20
C LEU B 224 -36.00 71.72 32.46
N GLU B 225 -35.65 72.41 33.53
CA GLU B 225 -34.25 72.64 33.90
C GLU B 225 -33.71 71.55 34.83
N ASN B 226 -34.47 70.48 35.04
CA ASN B 226 -33.98 69.31 35.78
C ASN B 226 -33.57 69.68 37.20
N LYS B 227 -34.32 70.58 37.82
CA LYS B 227 -34.08 71.01 39.19
C LYS B 227 -35.08 70.43 40.19
N LEU B 228 -36.37 70.48 39.88
CA LEU B 228 -37.39 70.08 40.84
C LEU B 228 -37.23 68.62 41.24
N LEU B 229 -37.18 67.71 40.27
CA LEU B 229 -37.06 66.28 40.52
C LEU B 229 -35.92 65.78 39.65
N PRO B 230 -34.67 66.01 40.06
CA PRO B 230 -33.54 65.76 39.17
C PRO B 230 -33.54 64.35 38.59
N LEU B 231 -33.47 64.28 37.28
CA LEU B 231 -33.39 63.04 36.53
C LEU B 231 -32.12 63.09 35.70
N ARG B 232 -31.42 61.96 35.61
CA ARG B 232 -30.07 61.97 35.05
C ARG B 232 -30.03 62.62 33.67
N ARG B 233 -30.95 62.23 32.78
CA ARG B 233 -30.88 62.59 31.38
C ARG B 233 -31.76 63.78 31.01
N GLY B 234 -32.38 64.43 31.98
CA GLY B 234 -33.11 65.65 31.72
C GLY B 234 -34.53 65.40 31.24
N TYR B 235 -35.20 66.51 30.92
CA TYR B 235 -36.58 66.50 30.46
C TYR B 235 -36.70 67.25 29.14
N ILE B 236 -37.53 66.73 28.24
CA ILE B 236 -37.73 67.32 26.92
C ILE B 236 -39.20 67.67 26.77
N GLY B 237 -39.48 68.92 26.40
CA GLY B 237 -40.84 69.41 26.30
C GLY B 237 -41.32 69.45 24.86
N VAL B 238 -42.54 68.98 24.65
CA VAL B 238 -43.12 68.82 23.32
C VAL B 238 -44.51 69.41 23.32
N VAL B 239 -44.96 69.83 22.14
CA VAL B 239 -46.31 70.34 21.94
C VAL B 239 -46.89 69.65 20.71
N ASN B 240 -47.99 68.93 20.89
CA ASN B 240 -48.61 68.15 19.84
C ASN B 240 -49.88 68.83 19.34
N ARG B 241 -50.62 68.13 18.49
CA ARG B 241 -51.86 68.65 17.93
C ARG B 241 -53.01 68.45 18.90
N SER B 242 -53.79 69.51 19.13
CA SER B 242 -54.94 69.43 20.00
C SER B 242 -56.02 68.55 19.37
N GLN B 243 -57.08 68.29 20.14
CA GLN B 243 -58.15 67.43 19.67
C GLN B 243 -58.81 68.01 18.43
N LYS B 244 -59.03 69.33 18.43
CA LYS B 244 -59.63 69.98 17.27
C LYS B 244 -58.76 69.79 16.02
N ASP B 245 -57.44 69.94 16.16
CA ASP B 245 -56.58 69.86 14.98
C ASP B 245 -56.56 68.44 14.42
N ILE B 246 -56.51 67.43 15.29
CA ILE B 246 -56.51 66.06 14.80
C ILE B 246 -57.84 65.73 14.16
N ASP B 247 -58.93 66.29 14.70
CA ASP B 247 -60.22 66.16 14.02
C ASP B 247 -60.28 67.07 12.79
N GLY B 248 -59.55 68.18 12.81
CA GLY B 248 -59.46 69.03 11.64
C GLY B 248 -58.49 68.57 10.59
N LYS B 249 -57.81 67.44 10.81
CA LYS B 249 -56.88 66.88 9.83
C LYS B 249 -55.74 67.84 9.50
N LYS B 250 -55.11 68.37 10.54
CA LYS B 250 -53.89 69.16 10.35
C LYS B 250 -52.68 68.25 10.10
N ASP B 251 -51.82 68.69 9.19
CA ASP B 251 -50.67 67.90 8.79
C ASP B 251 -49.54 68.04 9.81
N ILE B 252 -48.68 67.02 9.87
CA ILE B 252 -47.58 67.02 10.82
C ILE B 252 -46.65 68.22 10.62
N THR B 253 -46.44 68.65 9.37
CA THR B 253 -45.55 69.78 9.13
C THR B 253 -46.04 71.04 9.83
N ALA B 254 -47.35 71.30 9.76
CA ALA B 254 -47.90 72.47 10.45
C ALA B 254 -47.73 72.32 11.96
N ALA B 255 -47.94 71.11 12.48
CA ALA B 255 -47.78 70.90 13.91
C ALA B 255 -46.36 71.21 14.36
N LEU B 256 -45.37 70.73 13.60
CA LEU B 256 -43.98 71.00 13.94
C LEU B 256 -43.68 72.50 13.88
N ALA B 257 -44.20 73.19 12.86
CA ALA B 257 -43.99 74.63 12.77
C ALA B 257 -44.61 75.34 13.97
N ALA B 258 -45.80 74.91 14.39
CA ALA B 258 -46.42 75.51 15.57
C ALA B 258 -45.58 75.24 16.81
N GLU B 259 -45.08 74.03 16.96
CA GLU B 259 -44.26 73.71 18.14
C GLU B 259 -43.05 74.62 18.21
N ARG B 260 -42.40 74.83 17.06
CA ARG B 260 -41.22 75.70 17.04
C ARG B 260 -41.62 77.14 17.37
N LYS B 261 -42.76 77.60 16.86
CA LYS B 261 -43.18 78.96 17.18
C LYS B 261 -43.45 79.10 18.67
N PHE B 262 -44.10 78.09 19.26
CA PHE B 262 -44.44 78.16 20.67
C PHE B 262 -43.19 78.28 21.51
N PHE B 263 -42.24 77.36 21.32
CA PHE B 263 -41.04 77.39 22.16
C PHE B 263 -40.22 78.65 21.91
N LEU B 264 -40.11 79.09 20.65
CA LEU B 264 -39.37 80.32 20.37
C LEU B 264 -40.06 81.54 20.98
N SER B 265 -41.37 81.48 21.21
CA SER B 265 -42.10 82.66 21.65
C SER B 265 -42.24 82.76 23.16
N HIS B 266 -42.50 81.65 23.85
CA HIS B 266 -42.80 81.70 25.27
C HIS B 266 -41.63 82.30 26.05
N PRO B 267 -41.85 83.36 26.83
CA PRO B 267 -40.71 84.01 27.50
C PRO B 267 -39.90 83.08 28.40
N SER B 268 -40.55 82.12 29.05
CA SER B 268 -39.86 81.24 29.99
C SER B 268 -39.12 80.10 29.32
N TYR B 269 -39.19 79.98 27.99
CA TYR B 269 -38.51 78.91 27.27
C TYR B 269 -37.59 79.41 26.16
N ARG B 270 -37.38 80.73 26.03
CA ARG B 270 -36.54 81.20 24.94
C ARG B 270 -35.13 80.64 25.04
N HIS B 271 -34.55 80.64 26.23
CA HIS B 271 -33.18 80.16 26.38
C HIS B 271 -33.08 78.64 26.31
N LEU B 272 -34.21 77.93 26.41
CA LEU B 272 -34.23 76.49 26.26
C LEU B 272 -34.70 76.05 24.88
N ALA B 273 -34.94 77.00 23.97
CA ALA B 273 -35.57 76.67 22.69
C ALA B 273 -34.80 75.59 21.95
N ASP B 274 -33.47 75.59 22.05
CA ASP B 274 -32.63 74.67 21.30
C ASP B 274 -32.60 73.26 21.88
N ARG B 275 -33.18 73.06 23.07
CA ARG B 275 -33.24 71.74 23.69
C ARG B 275 -34.65 71.17 23.72
N MET B 276 -35.61 71.82 23.06
CA MET B 276 -37.02 71.45 23.17
C MET B 276 -37.58 71.13 21.79
N GLY B 277 -38.46 70.12 21.75
CA GLY B 277 -39.16 69.76 20.53
C GLY B 277 -39.00 68.28 20.21
N THR B 278 -39.79 67.85 19.22
CA THR B 278 -39.67 66.49 18.70
C THR B 278 -38.33 66.23 18.04
N PRO B 279 -37.82 67.09 17.14
CA PRO B 279 -36.53 66.77 16.51
C PRO B 279 -35.41 66.58 17.51
N TYR B 280 -35.37 67.38 18.58
CA TYR B 280 -34.34 67.18 19.58
C TYR B 280 -34.50 65.81 20.22
N LEU B 281 -35.73 65.40 20.50
CA LEU B 281 -35.95 64.06 21.04
C LEU B 281 -35.42 63.00 20.09
N GLN B 282 -35.54 63.25 18.79
CA GLN B 282 -34.99 62.31 17.81
C GLN B 282 -33.47 62.26 17.92
N LYS B 283 -32.83 63.44 18.02
CA LYS B 283 -31.38 63.46 18.17
C LYS B 283 -30.96 62.69 19.42
N VAL B 284 -31.64 62.92 20.53
CA VAL B 284 -31.29 62.27 21.79
C VAL B 284 -31.42 60.76 21.65
N LEU B 285 -32.43 60.29 20.93
CA LEU B 285 -32.59 58.85 20.80
C LEU B 285 -31.62 58.25 19.79
N ASN B 286 -31.22 59.03 18.79
CA ASN B 286 -30.20 58.57 17.87
C ASN B 286 -28.86 58.41 18.58
N GLN B 287 -28.48 59.41 19.39
CA GLN B 287 -27.24 59.28 20.17
C GLN B 287 -27.32 58.13 21.16
N GLN B 288 -28.47 57.96 21.80
CA GLN B 288 -28.63 56.88 22.75
C GLN B 288 -28.47 55.53 22.05
N LEU B 289 -29.02 55.39 20.84
CA LEU B 289 -28.92 54.10 20.16
C LEU B 289 -27.52 53.90 19.59
N THR B 290 -26.90 54.98 19.09
CA THR B 290 -25.55 54.88 18.57
C THR B 290 -24.59 54.40 19.64
N ASN B 291 -24.86 54.71 20.91
CA ASN B 291 -23.95 54.34 21.98
C ASN B 291 -24.17 52.93 22.51
N HIS B 292 -25.15 52.19 22.00
CA HIS B 292 -25.34 50.78 22.34
C HIS B 292 -24.73 49.82 21.34
N ILE B 293 -24.08 50.33 20.30
CA ILE B 293 -23.36 49.49 19.35
C ILE B 293 -21.85 49.66 19.43
N ARG B 294 -21.37 50.63 20.21
CA ARG B 294 -19.95 50.96 20.18
C ARG B 294 -19.07 49.76 20.50
N ASP B 295 -19.43 48.97 21.51
CA ASP B 295 -18.60 47.82 21.87
C ASP B 295 -18.88 46.59 21.02
N THR B 296 -19.83 46.65 20.10
CA THR B 296 -20.12 45.55 19.19
C THR B 296 -19.54 45.74 17.80
N LEU B 297 -19.20 46.97 17.42
CA LEU B 297 -18.61 47.22 16.11
C LEU B 297 -17.36 46.39 15.80
N PRO B 298 -16.41 46.17 16.72
CA PRO B 298 -15.28 45.31 16.38
C PRO B 298 -15.65 43.93 15.87
N GLY B 299 -16.70 43.32 16.43
CA GLY B 299 -17.16 42.04 15.92
C GLY B 299 -17.75 42.13 14.53
N LEU B 300 -18.55 43.16 14.27
CA LEU B 300 -19.11 43.30 12.94
C LEU B 300 -18.00 43.50 11.93
N ARG B 301 -17.04 44.38 12.25
CA ARG B 301 -15.98 44.69 11.32
C ARG B 301 -15.15 43.45 11.01
N ASN B 302 -14.86 42.64 12.02
CA ASN B 302 -14.10 41.42 11.77
C ASN B 302 -14.88 40.46 10.88
N LYS B 303 -16.18 40.32 11.15
CA LYS B 303 -17.00 39.40 10.36
C LYS B 303 -17.05 39.83 8.90
N LEU B 304 -17.23 41.14 8.66
CA LEU B 304 -17.23 41.64 7.30
C LEU B 304 -15.88 41.46 6.62
N GLN B 305 -14.77 41.68 7.34
CA GLN B 305 -13.47 41.55 6.70
C GLN B 305 -13.20 40.09 6.35
N SER B 306 -13.65 39.18 7.20
CA SER B 306 -13.53 37.77 6.90
C SER B 306 -14.31 37.43 5.65
N GLN B 307 -15.52 37.97 5.53
CA GLN B 307 -16.30 37.66 4.33
C GLN B 307 -15.62 38.22 3.08
N LEU B 308 -15.10 39.45 3.16
CA LEU B 308 -14.50 40.09 1.99
C LEU B 308 -13.25 39.37 1.53
N LEU B 309 -12.60 38.62 2.42
CA LEU B 309 -11.39 37.92 2.00
C LEU B 309 -11.71 36.74 1.09
N SER B 310 -12.87 36.10 1.29
CA SER B 310 -13.24 34.98 0.43
C SER B 310 -13.70 35.45 -0.95
N ILE B 311 -13.88 36.75 -1.14
CA ILE B 311 -14.37 37.28 -2.40
C ILE B 311 -13.29 37.97 -3.21
N GLU B 312 -12.27 38.55 -2.58
CA GLU B 312 -11.28 39.31 -3.34
C GLU B 312 -10.51 38.43 -4.33
N LYS B 313 -10.13 37.22 -3.90
CA LYS B 313 -9.32 36.35 -4.75
C LYS B 313 -9.96 36.15 -6.10
N GLU B 314 -11.29 36.10 -6.14
CA GLU B 314 -12.01 35.81 -7.37
C GLU B 314 -12.39 37.09 -8.10
N VAL B 315 -12.90 38.09 -7.38
CA VAL B 315 -13.37 39.28 -8.07
C VAL B 315 -12.22 40.07 -8.68
N GLU B 316 -10.97 39.77 -8.29
CA GLU B 316 -9.87 40.45 -8.95
C GLU B 316 -9.80 40.12 -10.43
N GLU B 317 -10.34 38.96 -10.83
CA GLU B 317 -10.45 38.62 -12.24
C GLU B 317 -11.64 39.31 -12.91
N TYR B 318 -12.75 39.45 -12.20
CA TYR B 318 -13.96 40.03 -12.78
C TYR B 318 -13.81 41.53 -13.03
N LYS B 319 -13.12 42.25 -12.14
CA LYS B 319 -13.06 43.70 -12.25
C LYS B 319 -12.50 44.16 -13.59
N ASN B 320 -11.57 43.42 -14.17
CA ASN B 320 -11.00 43.76 -15.47
C ASN B 320 -11.63 42.98 -16.61
N PHE B 321 -12.84 42.47 -16.42
CA PHE B 321 -13.46 41.64 -17.43
C PHE B 321 -13.78 42.45 -18.68
N ARG B 322 -13.51 41.86 -19.84
CA ARG B 322 -13.87 42.40 -21.14
C ARG B 322 -14.54 41.31 -21.96
N PRO B 323 -15.49 41.68 -22.83
CA PRO B 323 -16.12 40.65 -23.66
C PRO B 323 -15.18 40.03 -24.67
N ASP B 324 -14.06 40.67 -24.99
CA ASP B 324 -13.13 40.20 -26.01
C ASP B 324 -11.72 40.33 -25.44
N ASP B 325 -11.20 39.24 -24.88
CA ASP B 325 -9.89 39.25 -24.22
C ASP B 325 -9.21 37.90 -24.47
N PRO B 326 -8.46 37.78 -25.57
CA PRO B 326 -7.81 36.49 -25.87
C PRO B 326 -6.88 35.97 -24.79
N ALA B 327 -6.14 36.84 -24.09
CA ALA B 327 -5.23 36.37 -23.04
C ALA B 327 -5.99 35.68 -21.91
N ARG B 328 -7.13 36.24 -21.52
CA ARG B 328 -7.91 35.63 -20.46
C ARG B 328 -8.39 34.25 -20.87
N LYS B 329 -8.85 34.12 -22.12
CA LYS B 329 -9.33 32.84 -22.59
C LYS B 329 -8.20 31.84 -22.63
N THR B 330 -7.03 32.27 -23.11
CA THR B 330 -5.89 31.36 -23.25
C THR B 330 -5.46 30.81 -21.90
N LYS B 331 -5.35 31.67 -20.88
CA LYS B 331 -4.93 31.14 -19.60
C LYS B 331 -6.03 30.36 -18.90
N ALA B 332 -7.30 30.60 -19.27
CA ALA B 332 -8.37 29.78 -18.71
C ALA B 332 -8.33 28.39 -19.34
N LEU B 333 -8.00 28.31 -20.62
CA LEU B 333 -7.86 27.02 -21.28
C LEU B 333 -6.73 26.24 -20.65
N LEU B 334 -5.56 26.87 -20.50
CA LEU B 334 -4.41 26.15 -19.98
C LEU B 334 -4.68 25.66 -18.57
N GLN B 335 -5.25 26.52 -17.72
CA GLN B 335 -5.54 26.11 -16.35
C GLN B 335 -6.56 24.99 -16.28
N MET B 336 -7.53 24.98 -17.19
CA MET B 336 -8.54 23.94 -17.14
C MET B 336 -8.01 22.61 -17.68
N VAL B 337 -7.14 22.66 -18.68
CA VAL B 337 -6.50 21.42 -19.14
C VAL B 337 -5.64 20.81 -18.04
N GLN B 338 -4.87 21.66 -17.34
CA GLN B 338 -4.04 21.13 -16.26
C GLN B 338 -4.91 20.55 -15.15
N GLN B 339 -6.02 21.23 -14.84
CA GLN B 339 -6.90 20.72 -13.79
C GLN B 339 -7.44 19.36 -14.19
N PHE B 340 -7.85 19.21 -15.45
CA PHE B 340 -8.45 17.95 -15.89
C PHE B 340 -7.45 16.82 -15.79
N ALA B 341 -6.23 17.03 -16.29
CA ALA B 341 -5.25 15.95 -16.27
C ALA B 341 -4.92 15.53 -14.85
N VAL B 342 -4.75 16.50 -13.95
CA VAL B 342 -4.45 16.17 -12.56
C VAL B 342 -5.61 15.43 -11.91
N ASP B 343 -6.84 15.89 -12.13
CA ASP B 343 -7.97 15.25 -11.47
C ASP B 343 -8.15 13.82 -11.97
N PHE B 344 -8.03 13.60 -13.29
CA PHE B 344 -8.21 12.26 -13.82
C PHE B 344 -7.18 11.31 -13.24
N GLU B 345 -5.90 11.68 -13.32
CA GLU B 345 -4.88 10.82 -12.75
C GLU B 345 -5.15 10.56 -11.27
N LYS B 346 -5.65 11.57 -10.56
CA LYS B 346 -5.93 11.38 -9.13
C LYS B 346 -7.05 10.39 -8.92
N ARG B 347 -8.02 10.36 -9.83
CA ARG B 347 -9.18 9.51 -9.63
C ARG B 347 -8.88 8.05 -9.92
N ILE B 348 -8.03 7.78 -10.91
CA ILE B 348 -7.76 6.37 -11.22
C ILE B 348 -6.51 5.86 -10.49
N GLU B 349 -5.42 6.61 -10.46
CA GLU B 349 -4.22 6.11 -9.80
C GLU B 349 -4.41 6.00 -8.29
N GLY B 350 -5.18 6.91 -7.69
CA GLY B 350 -5.31 6.96 -6.25
C GLY B 350 -4.24 7.77 -5.56
N SER B 351 -3.59 8.68 -6.27
CA SER B 351 -2.49 9.48 -5.73
C SER B 351 -3.00 10.75 -5.09
N GLY B 352 -2.14 11.40 -4.32
CA GLY B 352 -2.47 12.67 -3.72
C GLY B 352 -3.26 12.51 -2.44
N ASP B 353 -3.73 13.65 -1.93
CA ASP B 353 -4.50 13.74 -0.71
C ASP B 353 -5.97 14.00 -1.07
N GLN B 354 -6.80 14.24 -0.05
CA GLN B 354 -8.21 14.52 -0.27
C GLN B 354 -8.91 13.33 -0.93
N ILE B 355 -8.97 12.24 -0.17
CA ILE B 355 -9.64 11.03 -0.62
C ILE B 355 -10.98 10.89 0.10
N ASP B 356 -11.85 10.05 -0.48
CA ASP B 356 -13.21 9.87 0.03
C ASP B 356 -13.20 8.79 1.10
N THR B 357 -12.83 9.19 2.32
CA THR B 357 -12.59 8.21 3.36
C THR B 357 -13.86 7.54 3.85
N TYR B 358 -15.03 8.17 3.70
CA TYR B 358 -16.25 7.63 4.27
C TYR B 358 -17.30 7.21 3.24
N GLU B 359 -17.34 7.84 2.07
CA GLU B 359 -18.53 7.73 1.24
C GLU B 359 -18.54 6.45 0.42
N LEU B 360 -17.59 6.29 -0.49
CA LEU B 360 -17.73 5.25 -1.50
C LEU B 360 -16.39 4.93 -2.13
N SER B 361 -16.30 3.72 -2.68
CA SER B 361 -15.23 3.41 -3.62
C SER B 361 -15.53 4.10 -4.94
N GLY B 362 -14.52 4.71 -5.53
CA GLY B 362 -14.74 5.51 -6.71
C GLY B 362 -13.51 5.56 -7.59
N GLY B 363 -13.76 5.80 -8.87
CA GLY B 363 -12.68 5.88 -9.83
C GLY B 363 -12.23 4.50 -10.27
N ALA B 364 -10.94 4.23 -10.14
CA ALA B 364 -10.36 2.98 -10.56
C ALA B 364 -10.43 1.88 -9.52
N ARG B 365 -10.87 2.17 -8.30
CA ARG B 365 -11.10 1.07 -7.37
C ARG B 365 -12.30 0.22 -7.78
N ILE B 366 -13.12 0.71 -8.71
CA ILE B 366 -14.13 -0.13 -9.32
C ILE B 366 -13.51 -1.07 -10.35
N ASN B 367 -12.56 -0.56 -11.15
CA ASN B 367 -11.89 -1.43 -12.11
C ASN B 367 -11.24 -2.64 -11.43
N ARG B 368 -10.61 -2.44 -10.27
CA ARG B 368 -9.99 -3.59 -9.63
C ARG B 368 -11.05 -4.62 -9.29
N ILE B 369 -12.28 -4.17 -9.06
CA ILE B 369 -13.35 -5.13 -8.83
C ILE B 369 -13.58 -5.94 -10.09
N PHE B 370 -13.55 -5.31 -11.26
CA PHE B 370 -13.65 -6.09 -12.50
C PHE B 370 -12.53 -7.14 -12.54
N HIS B 371 -11.31 -6.72 -12.27
CA HIS B 371 -10.17 -7.65 -12.27
C HIS B 371 -10.32 -8.80 -11.28
N GLU B 372 -11.10 -8.63 -10.22
CA GLU B 372 -11.35 -9.73 -9.27
C GLU B 372 -12.82 -10.18 -9.24
N ARG B 373 -13.60 -9.80 -10.24
CA ARG B 373 -14.90 -10.36 -10.58
C ARG B 373 -14.89 -11.20 -11.84
N PHE B 374 -13.97 -10.92 -12.76
CA PHE B 374 -13.76 -11.80 -13.90
C PHE B 374 -13.57 -13.24 -13.47
N PRO B 375 -12.88 -13.54 -12.36
CA PRO B 375 -12.83 -14.93 -11.90
C PRO B 375 -14.21 -15.50 -11.65
N PHE B 376 -15.20 -14.66 -11.38
CA PHE B 376 -16.54 -15.18 -11.17
C PHE B 376 -17.18 -15.56 -12.49
N GLU B 377 -16.88 -14.81 -13.56
CA GLU B 377 -17.40 -15.17 -14.87
C GLU B 377 -16.76 -16.46 -15.36
N LEU B 378 -15.51 -16.71 -14.97
CA LEU B 378 -14.83 -17.89 -15.46
C LEU B 378 -15.33 -19.18 -14.82
N VAL B 379 -16.17 -19.11 -13.79
CA VAL B 379 -16.71 -20.30 -13.14
C VAL B 379 -18.19 -20.48 -13.40
N LYS B 380 -18.82 -19.59 -14.16
CA LYS B 380 -20.17 -19.85 -14.63
C LYS B 380 -20.20 -20.82 -15.79
N MET B 381 -19.06 -21.05 -16.44
CA MET B 381 -19.01 -21.93 -17.60
C MET B 381 -19.17 -23.38 -17.16
N GLU B 382 -20.40 -23.75 -16.82
CA GLU B 382 -20.70 -25.11 -16.40
C GLU B 382 -20.87 -26.00 -17.62
N PHE B 383 -20.65 -27.31 -17.41
CA PHE B 383 -20.80 -28.30 -18.45
C PHE B 383 -21.39 -29.57 -17.86
N ASP B 384 -22.09 -30.33 -18.72
CA ASP B 384 -22.63 -31.62 -18.31
C ASP B 384 -21.55 -32.68 -18.39
N GLU B 385 -21.30 -33.37 -17.27
CA GLU B 385 -20.23 -34.34 -17.23
C GLU B 385 -20.43 -35.45 -18.27
N LYS B 386 -21.65 -35.96 -18.38
CA LYS B 386 -21.91 -37.06 -19.30
C LYS B 386 -21.69 -36.66 -20.76
N GLU B 387 -21.75 -35.37 -21.08
CA GLU B 387 -21.37 -34.93 -22.42
C GLU B 387 -19.87 -34.92 -22.58
N LEU B 388 -19.14 -34.62 -21.52
CA LEU B 388 -17.69 -34.71 -21.59
C LEU B 388 -17.25 -36.16 -21.80
N ARG B 389 -17.87 -37.10 -21.08
CA ARG B 389 -17.51 -38.50 -21.29
C ARG B 389 -17.92 -39.00 -22.67
N ARG B 390 -19.08 -38.54 -23.15
CA ARG B 390 -19.52 -38.94 -24.49
C ARG B 390 -18.54 -38.46 -25.55
N GLU B 391 -18.07 -37.22 -25.42
CA GLU B 391 -17.20 -36.67 -26.43
C GLU B 391 -15.80 -37.25 -26.33
N ILE B 392 -15.34 -37.57 -25.11
CA ILE B 392 -14.06 -38.27 -24.98
C ILE B 392 -14.14 -39.60 -25.71
N SER B 393 -15.24 -40.33 -25.51
CA SER B 393 -15.38 -41.65 -26.13
C SER B 393 -15.35 -41.52 -27.66
N TYR B 394 -16.19 -40.65 -28.21
CA TYR B 394 -16.20 -40.52 -29.66
C TYR B 394 -14.89 -39.95 -30.19
N ALA B 395 -14.12 -39.26 -29.35
CA ALA B 395 -12.84 -38.75 -29.81
C ALA B 395 -11.84 -39.88 -29.91
N ILE B 396 -11.84 -40.77 -28.93
CA ILE B 396 -10.91 -41.91 -28.99
C ILE B 396 -11.25 -42.77 -30.19
N LYS B 397 -12.54 -43.05 -30.39
CA LYS B 397 -12.93 -43.90 -31.51
C LYS B 397 -12.55 -43.26 -32.84
N ASN B 398 -12.75 -41.95 -32.98
CA ASN B 398 -12.42 -41.33 -34.25
C ASN B 398 -10.91 -41.15 -34.43
N ILE B 399 -10.15 -41.18 -33.34
CA ILE B 399 -8.71 -41.01 -33.46
C ILE B 399 -8.04 -42.31 -33.88
N HIS B 400 -8.42 -43.44 -33.26
CA HIS B 400 -7.90 -44.71 -33.77
C HIS B 400 -8.22 -44.89 -35.25
N GLY B 401 -9.48 -44.84 -35.60
CA GLY B 401 -9.91 -44.99 -36.99
C GLY B 401 -10.20 -46.44 -37.34
N ILE B 402 -9.48 -46.96 -38.35
CA ILE B 402 -9.62 -48.35 -38.75
C ILE B 402 -8.80 -49.28 -37.86
N ARG B 403 -7.83 -48.73 -37.14
CA ARG B 403 -6.84 -49.47 -36.37
C ARG B 403 -7.43 -49.92 -35.03
N THR B 404 -6.57 -50.40 -34.13
CA THR B 404 -6.99 -50.97 -32.86
C THR B 404 -6.32 -50.24 -31.71
N GLY B 405 -7.03 -50.17 -30.58
CA GLY B 405 -6.63 -49.32 -29.49
C GLY B 405 -5.63 -49.93 -28.53
N LEU B 406 -4.36 -50.00 -28.90
CA LEU B 406 -3.36 -50.51 -27.97
C LEU B 406 -3.10 -49.52 -26.85
N PHE B 407 -2.89 -48.25 -27.19
CA PHE B 407 -2.61 -47.21 -26.22
C PHE B 407 -3.55 -46.03 -26.43
N THR B 408 -3.69 -45.22 -25.38
CA THR B 408 -4.54 -44.04 -25.47
C THR B 408 -3.88 -42.98 -26.34
N PRO B 409 -4.59 -42.42 -27.31
CA PRO B 409 -3.98 -41.42 -28.19
C PRO B 409 -3.83 -40.08 -27.50
N ASP B 410 -2.95 -39.24 -28.06
CA ASP B 410 -2.80 -37.89 -27.50
C ASP B 410 -3.98 -37.01 -27.85
N MET B 411 -4.48 -37.08 -29.08
CA MET B 411 -5.55 -36.18 -29.50
C MET B 411 -6.83 -36.36 -28.69
N ALA B 412 -6.99 -37.49 -27.98
CA ALA B 412 -8.11 -37.61 -27.07
C ALA B 412 -8.02 -36.59 -25.94
N PHE B 413 -6.81 -36.15 -25.61
CA PHE B 413 -6.57 -35.12 -24.61
C PHE B 413 -6.53 -33.74 -25.26
N GLU B 414 -5.77 -33.63 -26.35
CA GLU B 414 -5.54 -32.34 -26.99
C GLU B 414 -6.83 -31.75 -27.53
N THR B 415 -7.70 -32.56 -28.13
CA THR B 415 -8.89 -31.98 -28.76
C THR B 415 -9.99 -31.66 -27.76
N ILE B 416 -10.04 -32.36 -26.63
CA ILE B 416 -10.97 -31.98 -25.58
C ILE B 416 -10.49 -30.70 -24.90
N VAL B 417 -9.18 -30.58 -24.67
CA VAL B 417 -8.69 -29.34 -24.08
C VAL B 417 -8.92 -28.19 -25.04
N LYS B 418 -8.56 -28.37 -26.32
CA LYS B 418 -8.75 -27.29 -27.27
C LYS B 418 -10.22 -26.92 -27.40
N LYS B 419 -11.12 -27.87 -27.15
CA LYS B 419 -12.54 -27.58 -27.27
C LYS B 419 -13.01 -26.76 -26.09
N GLN B 420 -12.51 -27.07 -24.89
CA GLN B 420 -12.95 -26.32 -23.72
C GLN B 420 -12.29 -24.94 -23.65
N VAL B 421 -11.06 -24.82 -24.15
CA VAL B 421 -10.38 -23.52 -24.11
C VAL B 421 -11.08 -22.49 -24.98
N LYS B 422 -11.72 -22.92 -26.09
CA LYS B 422 -12.39 -21.95 -26.95
C LYS B 422 -13.58 -21.28 -26.28
N LYS B 423 -14.08 -21.84 -25.18
CA LYS B 423 -15.20 -21.21 -24.49
C LYS B 423 -14.80 -19.95 -23.75
N ILE B 424 -13.51 -19.65 -23.64
CA ILE B 424 -13.04 -18.53 -22.84
C ILE B 424 -13.10 -17.18 -23.55
N ARG B 425 -13.28 -17.15 -24.87
CA ARG B 425 -13.28 -15.88 -25.58
C ARG B 425 -14.34 -14.91 -25.06
N GLU B 426 -15.49 -15.41 -24.66
CA GLU B 426 -16.60 -14.52 -24.34
C GLU B 426 -16.35 -13.69 -23.07
N PRO B 427 -16.19 -14.28 -21.89
CA PRO B 427 -15.98 -13.45 -20.69
C PRO B 427 -14.78 -12.52 -20.80
N CYS B 428 -13.73 -12.93 -21.53
CA CYS B 428 -12.58 -12.06 -21.68
C CYS B 428 -12.96 -10.76 -22.39
N LEU B 429 -13.89 -10.82 -23.32
CA LEU B 429 -14.33 -9.61 -24.02
C LEU B 429 -15.40 -8.85 -23.22
N LYS B 430 -16.09 -9.55 -22.32
CA LYS B 430 -16.95 -8.85 -21.37
C LYS B 430 -16.13 -7.96 -20.45
N CYS B 431 -15.00 -8.47 -19.97
CA CYS B 431 -14.18 -7.68 -19.05
C CYS B 431 -13.70 -6.39 -19.72
N VAL B 432 -13.34 -6.47 -21.00
CA VAL B 432 -12.86 -5.29 -21.71
C VAL B 432 -14.01 -4.29 -21.87
N ASP B 433 -15.23 -4.78 -22.10
CA ASP B 433 -16.34 -3.84 -22.24
C ASP B 433 -16.62 -3.14 -20.92
N MET B 434 -16.59 -3.89 -19.82
CA MET B 434 -16.86 -3.28 -18.52
C MET B 434 -15.83 -2.21 -18.19
N VAL B 435 -14.55 -2.49 -18.47
CA VAL B 435 -13.52 -1.52 -18.15
C VAL B 435 -13.69 -0.27 -19.01
N ILE B 436 -14.11 -0.42 -20.28
CA ILE B 436 -14.32 0.77 -21.08
C ILE B 436 -15.49 1.56 -20.53
N SER B 437 -16.46 0.88 -19.91
CA SER B 437 -17.59 1.58 -19.32
C SER B 437 -17.10 2.46 -18.17
N GLU B 438 -16.24 1.90 -17.31
CA GLU B 438 -15.74 2.70 -16.19
C GLU B 438 -14.90 3.88 -16.66
N LEU B 439 -14.04 3.67 -17.66
CA LEU B 439 -13.23 4.80 -18.12
C LEU B 439 -14.09 5.92 -18.68
N ILE B 440 -15.18 5.58 -19.38
CA ILE B 440 -16.07 6.63 -19.88
C ILE B 440 -16.79 7.32 -18.72
N SER B 441 -17.16 6.55 -17.70
CA SER B 441 -17.82 7.15 -16.55
C SER B 441 -16.90 8.17 -15.89
N THR B 442 -15.66 7.76 -15.60
CA THR B 442 -14.76 8.66 -14.89
C THR B 442 -14.47 9.90 -15.72
N VAL B 443 -14.33 9.75 -17.04
CA VAL B 443 -14.06 10.94 -17.83
C VAL B 443 -15.25 11.90 -17.75
N ARG B 444 -16.45 11.34 -17.55
CA ARG B 444 -17.61 12.20 -17.43
C ARG B 444 -17.65 12.89 -16.08
N GLN B 445 -17.23 12.19 -15.03
CA GLN B 445 -17.16 12.84 -13.73
C GLN B 445 -16.19 14.01 -13.76
N CYS B 446 -15.00 13.78 -14.31
CA CYS B 446 -13.99 14.84 -14.33
C CYS B 446 -14.47 16.05 -15.12
N THR B 447 -15.13 15.81 -16.26
CA THR B 447 -15.60 16.93 -17.06
C THR B 447 -16.81 17.60 -16.46
N LYS B 448 -17.65 16.85 -15.74
CA LYS B 448 -18.78 17.48 -15.07
C LYS B 448 -18.29 18.39 -13.96
N LYS B 449 -17.41 17.87 -13.10
CA LYS B 449 -16.95 18.63 -11.95
C LYS B 449 -16.26 19.91 -12.38
N LEU B 450 -15.28 19.82 -13.26
CA LEU B 450 -14.42 20.98 -13.46
C LEU B 450 -15.12 22.11 -14.20
N GLN B 451 -15.81 21.80 -15.29
CA GLN B 451 -15.98 22.78 -16.37
C GLN B 451 -17.41 23.27 -16.51
N GLN B 452 -17.52 24.58 -16.74
CA GLN B 452 -18.77 25.25 -17.04
C GLN B 452 -18.58 26.19 -18.23
N TYR B 453 -17.75 25.76 -19.17
CA TYR B 453 -17.68 26.33 -20.51
C TYR B 453 -18.28 25.23 -21.36
N PRO B 454 -19.56 25.29 -21.72
CA PRO B 454 -20.21 24.13 -22.34
C PRO B 454 -19.49 23.61 -23.57
N ARG B 455 -18.98 24.51 -24.39
CA ARG B 455 -18.22 24.11 -25.57
C ARG B 455 -16.97 23.33 -25.19
N LEU B 456 -16.24 23.79 -24.18
CA LEU B 456 -15.00 23.13 -23.82
C LEU B 456 -15.24 21.79 -23.14
N ARG B 457 -16.29 21.69 -22.31
CA ARG B 457 -16.56 20.40 -21.68
C ARG B 457 -17.04 19.39 -22.72
N GLU B 458 -17.81 19.87 -23.70
CA GLU B 458 -18.29 18.97 -24.75
C GLU B 458 -17.12 18.44 -25.57
N GLU B 459 -16.27 19.33 -26.05
CA GLU B 459 -15.15 18.90 -26.87
C GLU B 459 -14.22 17.98 -26.09
N MET B 460 -13.88 18.37 -24.85
CA MET B 460 -12.90 17.58 -24.11
C MET B 460 -13.42 16.16 -23.86
N GLU B 461 -14.73 16.02 -23.62
CA GLU B 461 -15.24 14.68 -23.37
C GLU B 461 -15.36 13.88 -24.66
N ARG B 462 -15.60 14.58 -25.77
CA ARG B 462 -15.65 13.87 -27.04
C ARG B 462 -14.28 13.32 -27.39
N ILE B 463 -13.24 14.12 -27.18
CA ILE B 463 -11.89 13.70 -27.57
C ILE B 463 -11.43 12.53 -26.71
N VAL B 464 -11.63 12.64 -25.38
CA VAL B 464 -11.11 11.57 -24.53
C VAL B 464 -11.90 10.27 -24.76
N THR B 465 -13.16 10.37 -25.19
CA THR B 465 -13.90 9.13 -25.41
C THR B 465 -13.59 8.55 -26.78
N THR B 466 -13.35 9.40 -27.78
CA THR B 466 -12.93 8.88 -29.07
C THR B 466 -11.62 8.12 -28.95
N HIS B 467 -10.69 8.65 -28.14
CA HIS B 467 -9.45 7.91 -27.94
C HIS B 467 -9.70 6.57 -27.24
N ILE B 468 -10.56 6.55 -26.22
CA ILE B 468 -10.78 5.27 -25.54
C ILE B 468 -11.44 4.26 -26.48
N ARG B 469 -12.19 4.76 -27.46
CA ARG B 469 -12.81 3.86 -28.43
C ARG B 469 -11.77 3.34 -29.40
N GLU B 470 -10.90 4.21 -29.90
CA GLU B 470 -9.89 3.74 -30.83
C GLU B 470 -8.97 2.71 -30.17
N ARG B 471 -8.86 2.76 -28.84
CA ARG B 471 -8.04 1.78 -28.12
C ARG B 471 -8.76 0.47 -27.82
N GLU B 472 -10.09 0.48 -27.69
CA GLU B 472 -10.78 -0.81 -27.56
C GLU B 472 -10.46 -1.74 -28.73
N GLY B 473 -10.28 -1.17 -29.93
CA GLY B 473 -9.97 -1.93 -31.13
C GLY B 473 -8.60 -2.58 -31.11
N ARG B 474 -7.70 -2.11 -30.24
CA ARG B 474 -6.37 -2.70 -30.13
C ARG B 474 -6.28 -3.58 -28.89
N THR B 475 -7.06 -3.27 -27.87
CA THR B 475 -7.05 -4.09 -26.67
C THR B 475 -7.68 -5.45 -26.92
N LYS B 476 -8.62 -5.55 -27.87
CA LYS B 476 -9.32 -6.81 -28.04
C LYS B 476 -8.59 -7.78 -28.98
N GLU B 477 -7.75 -7.25 -29.87
CA GLU B 477 -6.91 -8.10 -30.69
C GLU B 477 -5.96 -8.95 -29.86
N GLN B 478 -5.30 -8.35 -28.86
CA GLN B 478 -4.36 -9.14 -28.07
C GLN B 478 -5.04 -10.17 -27.19
N VAL B 479 -6.34 -10.03 -26.93
CA VAL B 479 -7.05 -11.06 -26.18
C VAL B 479 -7.40 -12.22 -27.09
N MET B 480 -7.83 -11.91 -28.32
CA MET B 480 -8.02 -12.99 -29.28
C MET B 480 -6.70 -13.68 -29.56
N LEU B 481 -5.62 -12.92 -29.71
CA LEU B 481 -4.33 -13.51 -30.05
C LEU B 481 -3.75 -14.29 -28.89
N LEU B 482 -4.14 -13.97 -27.64
CA LEU B 482 -3.66 -14.77 -26.53
C LEU B 482 -4.40 -16.09 -26.44
N ILE B 483 -5.67 -16.10 -26.86
CA ILE B 483 -6.35 -17.38 -26.86
C ILE B 483 -5.85 -18.24 -28.01
N ASP B 484 -5.66 -17.64 -29.18
CA ASP B 484 -5.05 -18.37 -30.28
C ASP B 484 -3.72 -18.97 -29.85
N ILE B 485 -2.91 -18.20 -29.11
CA ILE B 485 -1.62 -18.73 -28.66
C ILE B 485 -1.84 -19.90 -27.72
N GLU B 486 -2.90 -19.82 -26.90
CA GLU B 486 -3.21 -20.94 -26.00
C GLU B 486 -3.57 -22.19 -26.78
N LEU B 487 -4.09 -22.06 -27.99
CA LEU B 487 -4.48 -23.23 -28.78
C LEU B 487 -3.36 -23.79 -29.65
N ALA B 488 -2.25 -23.08 -29.81
CA ALA B 488 -1.23 -23.49 -30.77
C ALA B 488 -0.38 -24.66 -30.28
N TYR B 489 -0.28 -24.88 -28.98
CA TYR B 489 0.65 -25.87 -28.45
C TYR B 489 0.20 -26.28 -27.05
N MET B 490 0.47 -27.54 -26.71
CA MET B 490 0.08 -28.12 -25.44
C MET B 490 1.33 -28.40 -24.62
N ASN B 491 1.53 -27.64 -23.54
CA ASN B 491 2.73 -27.70 -22.73
C ASN B 491 2.42 -28.48 -21.45
N THR B 492 2.96 -29.69 -21.35
CA THR B 492 2.68 -30.59 -20.23
C THR B 492 3.89 -30.76 -19.31
N ASN B 493 4.74 -29.75 -19.22
CA ASN B 493 5.99 -29.84 -18.48
C ASN B 493 5.94 -29.25 -17.07
N HIS B 494 4.81 -28.73 -16.60
CA HIS B 494 4.81 -28.06 -15.31
C HIS B 494 3.46 -28.20 -14.63
N GLU B 495 3.50 -28.26 -13.29
CA GLU B 495 2.30 -28.19 -12.44
C GLU B 495 1.14 -29.04 -12.95
N ASP B 496 1.45 -30.16 -13.58
CA ASP B 496 0.45 -31.08 -14.09
C ASP B 496 0.70 -32.45 -13.46
N PHE B 497 -0.26 -33.35 -13.65
CA PHE B 497 -0.07 -34.71 -13.15
C PHE B 497 1.22 -35.30 -13.69
N ILE B 498 1.44 -35.20 -15.00
CA ILE B 498 2.64 -35.75 -15.59
C ILE B 498 3.88 -35.01 -15.08
N GLY B 499 3.81 -33.68 -15.03
CA GLY B 499 4.93 -32.88 -14.60
C GLY B 499 5.08 -32.86 -13.08
N ILE B 525 -9.23 -40.77 -3.65
CA ILE B 525 -10.38 -40.07 -4.18
C ILE B 525 -11.41 -39.82 -3.08
N ARG B 526 -11.40 -40.66 -2.05
CA ARG B 526 -12.32 -40.50 -0.93
C ARG B 526 -11.65 -40.99 0.34
N LYS B 527 -11.80 -40.22 1.43
CA LYS B 527 -11.19 -40.61 2.69
C LYS B 527 -12.20 -40.48 3.83
N GLY B 528 -12.02 -41.29 4.85
CA GLY B 528 -12.91 -41.21 6.00
C GLY B 528 -12.72 -42.39 6.93
N TRP B 529 -13.42 -42.34 8.05
CA TRP B 529 -13.35 -43.42 9.04
C TRP B 529 -14.44 -44.45 8.74
N LEU B 530 -14.05 -45.72 8.71
CA LEU B 530 -14.97 -46.82 8.48
C LEU B 530 -14.91 -47.80 9.63
N THR B 531 -16.08 -48.32 10.01
CA THR B 531 -16.19 -49.24 11.13
C THR B 531 -16.68 -50.60 10.66
N ILE B 532 -15.96 -51.65 11.04
CA ILE B 532 -16.35 -53.03 10.77
C ILE B 532 -17.31 -53.45 11.87
N ASN B 533 -18.52 -53.84 11.46
CA ASN B 533 -19.57 -54.21 12.41
C ASN B 533 -19.44 -55.66 12.87
N ASN B 534 -19.04 -56.56 11.97
CA ASN B 534 -18.90 -57.97 12.30
C ASN B 534 -17.47 -58.22 12.77
N ILE B 535 -17.34 -58.72 13.99
CA ILE B 535 -16.06 -58.94 14.64
C ILE B 535 -15.89 -60.42 14.91
N GLY B 536 -14.68 -60.92 14.69
CA GLY B 536 -14.39 -62.33 14.84
C GLY B 536 -14.27 -62.75 16.29
N ILE B 537 -13.99 -64.04 16.48
CA ILE B 537 -13.93 -64.60 17.82
C ILE B 537 -12.79 -64.01 18.66
N MET B 538 -11.75 -63.49 18.03
CA MET B 538 -10.60 -62.98 18.76
C MET B 538 -10.75 -61.51 19.15
N LYS B 539 -11.84 -60.87 18.76
CA LYS B 539 -12.07 -59.45 19.02
C LYS B 539 -13.55 -59.25 19.36
N GLY B 540 -13.84 -58.12 20.02
CA GLY B 540 -15.19 -57.76 20.37
C GLY B 540 -15.56 -56.37 19.87
N GLY B 541 -16.77 -55.95 20.21
CA GLY B 541 -17.24 -54.63 19.82
C GLY B 541 -17.27 -54.45 18.32
N SER B 542 -16.59 -53.40 17.85
CA SER B 542 -16.47 -53.09 16.43
C SER B 542 -15.08 -52.55 16.19
N LYS B 543 -14.65 -52.60 14.93
CA LYS B 543 -13.29 -52.17 14.57
C LYS B 543 -13.35 -50.90 13.73
N GLU B 544 -12.67 -49.84 14.17
CA GLU B 544 -12.64 -48.59 13.41
C GLU B 544 -11.26 -48.38 12.82
N TYR B 545 -11.24 -47.88 11.59
CA TYR B 545 -9.97 -47.59 10.91
C TYR B 545 -10.15 -46.46 9.92
N TRP B 546 -9.05 -45.76 9.64
CA TRP B 546 -9.05 -44.70 8.64
C TRP B 546 -8.86 -45.32 7.27
N PHE B 547 -9.76 -45.01 6.35
CA PHE B 547 -9.81 -45.65 5.03
C PHE B 547 -9.57 -44.61 3.95
N VAL B 548 -8.74 -44.98 2.98
CA VAL B 548 -8.44 -44.15 1.82
C VAL B 548 -8.77 -44.94 0.56
N LEU B 549 -9.57 -44.33 -0.31
CA LEU B 549 -9.96 -44.89 -1.59
C LEU B 549 -9.33 -44.06 -2.69
N THR B 550 -8.66 -44.73 -3.63
CA THR B 550 -8.13 -44.15 -4.83
C THR B 550 -8.76 -44.85 -6.04
N ALA B 551 -8.44 -44.35 -7.23
CA ALA B 551 -8.90 -45.00 -8.44
C ALA B 551 -8.16 -46.30 -8.71
N GLU B 552 -7.09 -46.58 -7.96
CA GLU B 552 -6.27 -47.77 -8.17
C GLU B 552 -6.41 -48.80 -7.07
N ASN B 553 -6.50 -48.37 -5.81
CA ASN B 553 -6.51 -49.32 -4.70
C ASN B 553 -7.24 -48.72 -3.50
N LEU B 554 -7.54 -49.59 -2.54
CA LEU B 554 -8.11 -49.24 -1.26
C LEU B 554 -7.05 -49.49 -0.19
N SER B 555 -7.01 -48.64 0.84
CA SER B 555 -5.99 -48.78 1.87
C SER B 555 -6.56 -48.48 3.24
N TRP B 556 -6.10 -49.25 4.23
CA TRP B 556 -6.49 -49.10 5.62
C TRP B 556 -5.33 -48.54 6.42
N TYR B 557 -5.63 -47.71 7.40
CA TYR B 557 -4.64 -47.15 8.30
C TYR B 557 -5.22 -47.07 9.70
N LYS B 558 -4.32 -47.05 10.69
CA LYS B 558 -4.73 -46.94 12.08
C LYS B 558 -5.01 -45.49 12.49
N ASP B 559 -4.63 -44.53 11.64
CA ASP B 559 -4.84 -43.12 11.96
C ASP B 559 -4.88 -42.32 10.67
N ASP B 560 -5.24 -41.04 10.79
CA ASP B 560 -5.31 -40.14 9.65
C ASP B 560 -3.94 -39.77 9.11
N GLU B 561 -2.86 -40.09 9.83
CA GLU B 561 -1.51 -39.82 9.33
C GLU B 561 -1.15 -40.71 8.15
N GLU B 562 -1.87 -41.81 7.95
CA GLU B 562 -1.66 -42.70 6.80
C GLU B 562 -0.21 -43.18 6.77
N LYS B 563 0.26 -43.70 7.89
CA LYS B 563 1.62 -44.20 8.03
C LYS B 563 1.71 -45.71 8.14
N GLU B 564 0.65 -46.36 8.64
CA GLU B 564 0.75 -47.78 8.99
C GLU B 564 0.85 -48.64 7.74
N LYS B 565 -0.01 -48.42 6.76
CA LYS B 565 -0.01 -49.19 5.51
C LYS B 565 -0.03 -50.69 5.78
N LYS B 566 -1.11 -51.14 6.39
CA LYS B 566 -1.23 -52.53 6.85
C LYS B 566 -2.12 -53.39 5.97
N TYR B 567 -3.24 -52.87 5.48
CA TYR B 567 -4.19 -53.65 4.70
C TYR B 567 -4.56 -52.90 3.43
N MET B 568 -4.75 -53.64 2.34
CA MET B 568 -5.07 -53.03 1.06
C MET B 568 -6.00 -53.95 0.29
N LEU B 569 -6.79 -53.35 -0.60
CA LEU B 569 -7.64 -54.10 -1.52
C LEU B 569 -7.51 -53.52 -2.93
N SER B 570 -7.72 -54.38 -3.93
CA SER B 570 -7.70 -53.91 -5.31
C SER B 570 -9.04 -53.26 -5.66
N VAL B 571 -8.98 -52.15 -6.41
CA VAL B 571 -10.21 -51.51 -6.87
C VAL B 571 -10.97 -52.43 -7.80
N ASP B 572 -10.25 -53.07 -8.73
CA ASP B 572 -10.85 -54.06 -9.60
C ASP B 572 -10.89 -55.41 -8.90
N ASN B 573 -11.56 -56.37 -9.53
CA ASN B 573 -11.75 -57.70 -8.94
C ASN B 573 -12.41 -57.59 -7.57
N LEU B 574 -13.38 -56.67 -7.46
CA LEU B 574 -14.08 -56.43 -6.22
C LEU B 574 -15.48 -55.93 -6.53
N LYS B 575 -16.42 -56.24 -5.64
CA LYS B 575 -17.83 -55.90 -5.84
C LYS B 575 -18.35 -55.11 -4.65
N LEU B 576 -19.32 -54.25 -4.92
CA LEU B 576 -19.91 -53.35 -3.94
C LEU B 576 -21.39 -53.64 -3.78
N ARG B 577 -21.88 -53.67 -2.54
CA ARG B 577 -23.27 -53.99 -2.30
C ARG B 577 -23.77 -53.27 -1.04
N ASP B 578 -25.09 -53.14 -0.96
CA ASP B 578 -25.76 -52.67 0.24
C ASP B 578 -26.00 -53.86 1.17
N VAL B 579 -26.82 -53.68 2.19
CA VAL B 579 -27.08 -54.72 3.19
C VAL B 579 -28.59 -54.82 3.43
N GLU B 580 -28.98 -55.96 3.98
CA GLU B 580 -30.38 -56.28 4.23
C GLU B 580 -30.86 -55.60 5.52
N LYS B 581 -32.14 -55.79 5.82
CA LYS B 581 -32.69 -55.31 7.09
C LYS B 581 -32.08 -56.07 8.26
N GLY B 582 -31.88 -55.36 9.36
CA GLY B 582 -31.22 -55.89 10.54
C GLY B 582 -29.90 -55.21 10.86
N PHE B 583 -29.28 -54.57 9.87
CA PHE B 583 -28.06 -53.80 10.09
C PHE B 583 -28.39 -52.47 10.77
N MET B 584 -27.37 -51.89 11.41
CA MET B 584 -27.58 -50.67 12.16
C MET B 584 -28.11 -49.57 11.25
N SER B 585 -29.17 -48.90 11.69
CA SER B 585 -29.72 -47.75 10.98
C SER B 585 -29.06 -46.44 11.40
N SER B 586 -28.58 -46.35 12.64
CA SER B 586 -27.83 -45.18 13.06
C SER B 586 -26.48 -45.09 12.38
N LYS B 587 -25.90 -46.23 11.99
CA LYS B 587 -24.64 -46.29 11.25
C LYS B 587 -24.84 -47.19 10.04
N HIS B 588 -25.27 -46.60 8.92
CA HIS B 588 -25.60 -47.38 7.74
C HIS B 588 -24.38 -48.18 7.27
N ILE B 589 -24.62 -49.42 6.86
CA ILE B 589 -23.55 -50.37 6.54
C ILE B 589 -23.66 -50.71 5.05
N PHE B 590 -22.52 -50.63 4.35
CA PHE B 590 -22.36 -51.20 3.03
C PHE B 590 -21.39 -52.36 3.12
N ALA B 591 -21.06 -52.96 1.97
CA ALA B 591 -20.19 -54.13 1.98
C ALA B 591 -19.39 -54.20 0.69
N LEU B 592 -18.13 -54.61 0.84
CA LEU B 592 -17.25 -54.98 -0.27
C LEU B 592 -17.06 -56.50 -0.22
N PHE B 593 -17.18 -57.15 -1.38
CA PHE B 593 -17.20 -58.60 -1.40
C PHE B 593 -16.67 -59.11 -2.73
N ASN B 594 -16.30 -60.39 -2.73
CA ASN B 594 -15.93 -61.11 -3.94
C ASN B 594 -16.74 -62.39 -4.04
N THR B 595 -16.98 -62.82 -5.27
CA THR B 595 -17.61 -64.11 -5.53
C THR B 595 -16.67 -65.12 -6.17
N GLU B 596 -15.58 -64.67 -6.79
CA GLU B 596 -14.57 -65.56 -7.34
C GLU B 596 -13.54 -65.99 -6.31
N GLN B 597 -13.51 -65.37 -5.14
CA GLN B 597 -12.57 -65.72 -4.08
C GLN B 597 -13.29 -65.77 -2.75
N ARG B 598 -12.86 -66.71 -1.89
CA ARG B 598 -13.45 -66.83 -0.57
C ARG B 598 -12.98 -65.74 0.38
N ASN B 599 -11.73 -65.30 0.25
CA ASN B 599 -11.14 -64.29 1.11
C ASN B 599 -11.14 -62.96 0.37
N VAL B 600 -11.91 -61.99 0.88
CA VAL B 600 -12.00 -60.66 0.25
C VAL B 600 -10.87 -59.81 0.84
N TYR B 601 -9.69 -59.96 0.24
CA TYR B 601 -8.53 -59.11 0.54
C TYR B 601 -8.34 -58.96 2.06
N LYS B 602 -8.03 -60.08 2.70
CA LYS B 602 -7.93 -60.13 4.16
C LYS B 602 -9.25 -59.73 4.79
N ASP B 603 -10.28 -60.52 4.46
CA ASP B 603 -11.65 -60.16 4.79
C ASP B 603 -11.90 -60.20 6.29
N TYR B 604 -12.81 -59.34 6.74
CA TYR B 604 -13.29 -59.31 8.12
C TYR B 604 -14.79 -59.57 8.07
N ARG B 605 -15.17 -60.85 8.06
CA ARG B 605 -16.56 -61.28 8.01
C ARG B 605 -17.33 -60.48 6.94
N GLN B 606 -16.87 -60.64 5.70
CA GLN B 606 -17.46 -60.05 4.50
C GLN B 606 -17.31 -58.54 4.43
N LEU B 607 -16.48 -57.94 5.29
CA LEU B 607 -16.16 -56.51 5.20
C LEU B 607 -17.42 -55.67 5.11
N GLU B 608 -18.31 -55.85 6.08
CA GLU B 608 -19.53 -55.04 6.21
C GLU B 608 -19.16 -53.81 7.02
N LEU B 609 -19.03 -52.68 6.34
CA LEU B 609 -18.44 -51.47 6.90
C LEU B 609 -19.53 -50.43 7.14
N ALA B 610 -19.55 -49.86 8.34
CA ALA B 610 -20.49 -48.82 8.71
C ALA B 610 -19.90 -47.44 8.49
N CYS B 611 -20.76 -46.48 8.19
CA CYS B 611 -20.39 -45.08 8.06
C CYS B 611 -21.18 -44.25 9.07
N GLU B 612 -20.78 -42.99 9.22
CA GLU B 612 -21.44 -42.12 10.18
C GLU B 612 -22.89 -41.84 9.75
N THR B 613 -23.11 -41.67 8.45
CA THR B 613 -24.42 -41.32 7.93
C THR B 613 -24.69 -42.11 6.66
N GLN B 614 -25.97 -42.13 6.26
CA GLN B 614 -26.34 -42.75 4.99
C GLN B 614 -25.73 -41.97 3.82
N GLU B 615 -25.65 -40.65 3.94
CA GLU B 615 -25.04 -39.85 2.89
C GLU B 615 -23.58 -40.23 2.71
N GLU B 616 -22.87 -40.48 3.82
CA GLU B 616 -21.49 -40.92 3.72
C GLU B 616 -21.39 -42.24 2.95
N VAL B 617 -22.31 -43.17 3.21
CA VAL B 617 -22.33 -44.43 2.49
C VAL B 617 -22.54 -44.19 1.00
N ASP B 618 -23.50 -43.32 0.66
CA ASP B 618 -23.76 -43.03 -0.75
C ASP B 618 -22.55 -42.41 -1.42
N SER B 619 -21.88 -41.48 -0.74
CA SER B 619 -20.67 -40.88 -1.31
C SER B 619 -19.58 -41.91 -1.50
N TRP B 620 -19.40 -42.81 -0.53
CA TRP B 620 -18.42 -43.88 -0.69
C TRP B 620 -18.76 -44.77 -1.88
N LYS B 621 -20.03 -45.13 -2.02
CA LYS B 621 -20.45 -45.97 -3.15
C LYS B 621 -20.17 -45.27 -4.47
N ALA B 622 -20.46 -43.97 -4.55
CA ALA B 622 -20.17 -43.21 -5.75
C ALA B 622 -18.68 -43.19 -6.05
N SER B 623 -17.85 -43.01 -5.03
CA SER B 623 -16.41 -43.00 -5.24
C SER B 623 -15.93 -44.37 -5.71
N PHE B 624 -16.44 -45.45 -5.11
CA PHE B 624 -16.07 -46.79 -5.55
C PHE B 624 -16.47 -47.03 -7.00
N LEU B 625 -17.68 -46.60 -7.39
CA LEU B 625 -18.10 -46.77 -8.77
C LEU B 625 -17.22 -45.97 -9.73
N ARG B 626 -16.86 -44.75 -9.36
CA ARG B 626 -15.95 -43.98 -10.21
C ARG B 626 -14.59 -44.66 -10.31
N ALA B 627 -14.10 -45.19 -9.19
CA ALA B 627 -12.82 -45.91 -9.20
C ALA B 627 -12.87 -47.11 -10.12
N GLY B 628 -14.00 -47.83 -10.15
CA GLY B 628 -14.16 -48.96 -11.03
C GLY B 628 -14.63 -50.20 -10.32
N VAL B 629 -15.16 -50.05 -9.10
CA VAL B 629 -15.69 -51.18 -8.38
C VAL B 629 -17.02 -51.58 -8.98
N TYR B 630 -17.16 -52.85 -9.34
CA TYR B 630 -18.34 -53.32 -10.04
C TYR B 630 -19.54 -53.37 -9.09
N PRO B 631 -20.64 -52.70 -9.38
CA PRO B 631 -21.82 -52.82 -8.51
C PRO B 631 -22.36 -54.24 -8.51
N GLU B 632 -22.89 -54.65 -7.35
CA GLU B 632 -23.43 -55.99 -7.18
C GLU B 632 -24.31 -56.41 -8.35
N MET B 655 -16.01 -52.83 -25.34
CA MET B 655 -15.17 -51.65 -25.15
C MET B 655 -15.09 -51.22 -23.68
N ASP B 656 -16.16 -51.50 -22.94
CA ASP B 656 -16.35 -50.86 -21.64
C ASP B 656 -15.15 -50.99 -20.70
N PRO B 657 -14.57 -52.17 -20.50
CA PRO B 657 -13.46 -52.28 -19.54
C PRO B 657 -12.27 -51.39 -19.85
N GLN B 658 -11.94 -51.21 -21.13
CA GLN B 658 -10.80 -50.37 -21.49
C GLN B 658 -11.22 -48.95 -21.80
N LEU B 659 -12.34 -48.79 -22.52
CA LEU B 659 -12.78 -47.46 -22.90
C LEU B 659 -13.10 -46.61 -21.67
N GLU B 660 -13.76 -47.20 -20.67
CA GLU B 660 -14.10 -46.42 -19.49
C GLU B 660 -12.86 -45.93 -18.76
N ARG B 661 -11.83 -46.79 -18.66
CA ARG B 661 -10.57 -46.39 -18.04
C ARG B 661 -9.88 -45.29 -18.83
N GLN B 662 -9.86 -45.40 -20.16
CA GLN B 662 -9.26 -44.35 -20.97
C GLN B 662 -10.00 -43.03 -20.80
N VAL B 663 -11.33 -43.10 -20.75
CA VAL B 663 -12.13 -41.89 -20.57
C VAL B 663 -11.81 -41.25 -19.23
N GLU B 664 -11.74 -42.05 -18.17
CA GLU B 664 -11.46 -41.47 -16.85
C GLU B 664 -10.08 -40.81 -16.82
N THR B 665 -9.07 -41.47 -17.40
CA THR B 665 -7.73 -40.89 -17.41
C THR B 665 -7.72 -39.56 -18.15
N ILE B 666 -8.40 -39.50 -19.30
CA ILE B 666 -8.42 -38.27 -20.08
C ILE B 666 -9.14 -37.18 -19.30
N ARG B 667 -10.23 -37.54 -18.61
CA ARG B 667 -10.99 -36.54 -17.89
C ARG B 667 -10.14 -35.89 -16.80
N ASN B 668 -9.40 -36.71 -16.04
CA ASN B 668 -8.56 -36.16 -14.99
C ASN B 668 -7.46 -35.27 -15.57
N LEU B 669 -6.84 -35.70 -16.67
CA LEU B 669 -5.80 -34.88 -17.26
C LEU B 669 -6.36 -33.55 -17.77
N VAL B 670 -7.59 -33.56 -18.27
CA VAL B 670 -8.21 -32.33 -18.76
C VAL B 670 -8.42 -31.37 -17.60
N ASP B 671 -8.97 -31.87 -16.49
CA ASP B 671 -9.20 -30.99 -15.34
C ASP B 671 -7.90 -30.33 -14.91
N SER B 672 -6.84 -31.14 -14.78
CA SER B 672 -5.58 -30.60 -14.30
C SER B 672 -5.00 -29.55 -15.23
N TYR B 673 -5.16 -29.73 -16.55
CA TYR B 673 -4.58 -28.75 -17.46
C TYR B 673 -5.45 -27.50 -17.58
N MET B 674 -6.76 -27.61 -17.33
CA MET B 674 -7.58 -26.42 -17.37
C MET B 674 -7.43 -25.57 -16.13
N ALA B 675 -6.96 -26.13 -15.02
CA ALA B 675 -6.62 -25.26 -13.89
C ALA B 675 -5.49 -24.32 -14.26
N ILE B 676 -4.48 -24.83 -14.98
CA ILE B 676 -3.38 -23.99 -15.42
C ILE B 676 -3.89 -22.93 -16.37
N VAL B 677 -4.77 -23.32 -17.30
CA VAL B 677 -5.18 -22.33 -18.30
C VAL B 677 -6.00 -21.23 -17.64
N ASN B 678 -6.72 -21.55 -16.57
CA ASN B 678 -7.47 -20.52 -15.86
C ASN B 678 -6.54 -19.58 -15.13
N LYS B 679 -5.49 -20.10 -14.48
CA LYS B 679 -4.56 -19.20 -13.81
C LYS B 679 -3.91 -18.25 -14.81
N THR B 680 -3.50 -18.77 -15.97
CA THR B 680 -2.85 -17.91 -16.94
C THR B 680 -3.79 -16.82 -17.43
N VAL B 681 -5.06 -17.15 -17.68
CA VAL B 681 -5.95 -16.13 -18.22
C VAL B 681 -6.22 -15.06 -17.17
N ARG B 682 -6.41 -15.50 -15.91
CA ARG B 682 -6.68 -14.56 -14.84
C ARG B 682 -5.51 -13.59 -14.66
N ASP B 683 -4.28 -14.08 -14.85
CA ASP B 683 -3.13 -13.24 -14.58
C ASP B 683 -2.69 -12.44 -15.80
N LEU B 684 -3.24 -12.70 -16.98
CA LEU B 684 -2.83 -11.98 -18.17
C LEU B 684 -3.87 -11.01 -18.70
N MET B 685 -5.13 -11.08 -18.27
CA MET B 685 -6.10 -10.10 -18.76
C MET B 685 -5.88 -8.72 -18.18
N PRO B 686 -5.83 -8.53 -16.85
CA PRO B 686 -5.54 -7.19 -16.31
C PRO B 686 -4.28 -6.55 -16.84
N LYS B 687 -3.18 -7.28 -17.02
CA LYS B 687 -1.96 -6.64 -17.51
C LYS B 687 -2.11 -6.19 -18.96
N THR B 688 -2.85 -6.95 -19.78
CA THR B 688 -3.08 -6.52 -21.16
C THR B 688 -3.96 -5.29 -21.22
N ILE B 689 -4.95 -5.19 -20.33
CA ILE B 689 -5.80 -4.01 -20.36
C ILE B 689 -5.06 -2.81 -19.80
N MET B 690 -4.27 -3.00 -18.75
CA MET B 690 -3.48 -1.91 -18.20
C MET B 690 -2.49 -1.39 -19.23
N HIS B 691 -1.81 -2.27 -19.94
CA HIS B 691 -0.80 -1.82 -20.89
C HIS B 691 -1.44 -1.11 -22.07
N LEU B 692 -2.46 -1.72 -22.67
CA LEU B 692 -2.94 -1.27 -23.97
C LEU B 692 -3.93 -0.13 -23.90
N MET B 693 -4.70 0.00 -22.82
CA MET B 693 -5.76 1.00 -22.74
C MET B 693 -5.51 2.09 -21.70
N ILE B 694 -5.30 1.73 -20.44
CA ILE B 694 -5.26 2.74 -19.38
C ILE B 694 -3.97 3.55 -19.45
N ASN B 695 -2.84 2.86 -19.54
CA ASN B 695 -1.57 3.57 -19.52
C ASN B 695 -1.36 4.36 -20.78
N ASN B 696 -2.02 4.00 -21.88
CA ASN B 696 -1.89 4.81 -23.08
C ASN B 696 -2.84 5.99 -23.02
N THR B 697 -3.94 5.85 -22.29
CA THR B 697 -4.85 6.96 -22.07
C THR B 697 -4.17 8.06 -21.28
N LYS B 698 -3.45 7.71 -20.21
CA LYS B 698 -2.74 8.75 -19.47
C LYS B 698 -1.79 9.54 -20.37
N GLU B 699 -0.98 8.82 -21.15
CA GLU B 699 -0.05 9.46 -22.08
C GLU B 699 -0.78 10.38 -23.05
N PHE B 700 -1.94 9.93 -23.56
CA PHE B 700 -2.70 10.78 -24.46
C PHE B 700 -3.11 12.05 -23.76
N ILE B 701 -3.65 11.93 -22.54
CA ILE B 701 -4.17 13.09 -21.83
C ILE B 701 -3.05 14.11 -21.69
N PHE B 702 -1.89 13.66 -21.25
CA PHE B 702 -0.81 14.60 -20.95
C PHE B 702 -0.24 15.23 -22.23
N SER B 703 -0.13 14.46 -23.32
CA SER B 703 0.68 14.92 -24.45
C SER B 703 -0.10 15.43 -25.66
N GLU B 704 -1.32 14.94 -25.93
CA GLU B 704 -2.02 15.26 -27.17
C GLU B 704 -3.31 16.06 -26.99
N LEU B 705 -3.86 16.14 -25.77
CA LEU B 705 -5.18 16.71 -25.59
C LEU B 705 -5.22 18.18 -26.02
N LEU B 706 -4.24 18.98 -25.61
CA LEU B 706 -4.31 20.39 -25.97
C LEU B 706 -4.16 20.59 -27.47
N ALA B 707 -3.38 19.74 -28.13
CA ALA B 707 -3.24 19.87 -29.58
C ALA B 707 -4.56 19.54 -30.26
N ASN B 708 -5.28 18.55 -29.73
CA ASN B 708 -6.59 18.25 -30.30
C ASN B 708 -7.53 19.42 -30.10
N LEU B 709 -7.53 20.00 -28.89
CA LEU B 709 -8.46 21.10 -28.63
C LEU B 709 -8.17 22.28 -29.55
N TYR B 710 -6.88 22.52 -29.85
CA TYR B 710 -6.53 23.52 -30.85
C TYR B 710 -6.87 23.06 -32.27
N SER B 711 -7.22 21.79 -32.45
CA SER B 711 -7.55 21.28 -33.77
C SER B 711 -9.04 21.38 -34.10
N CYS B 712 -9.86 21.86 -33.16
CA CYS B 712 -11.29 22.00 -33.38
C CYS B 712 -11.59 23.01 -34.49
N GLY B 713 -12.75 22.83 -35.11
CA GLY B 713 -13.08 23.58 -36.31
C GLY B 713 -13.18 25.08 -36.09
N ASP B 714 -13.84 25.51 -35.00
CA ASP B 714 -14.16 26.92 -34.78
C ASP B 714 -13.50 27.37 -33.49
N GLN B 715 -12.48 28.22 -33.61
CA GLN B 715 -11.71 28.66 -32.45
C GLN B 715 -12.17 29.99 -31.86
N ASN B 716 -13.08 30.71 -32.52
CA ASN B 716 -13.59 31.96 -31.98
C ASN B 716 -14.80 31.78 -31.07
N THR B 717 -15.40 30.58 -31.06
CA THR B 717 -16.51 30.27 -30.17
C THR B 717 -16.13 29.26 -29.11
N LEU B 718 -14.89 28.78 -29.12
CA LEU B 718 -14.42 27.93 -28.02
C LEU B 718 -14.21 28.77 -26.78
N MET B 719 -14.64 28.23 -25.65
CA MET B 719 -14.55 28.93 -24.36
C MET B 719 -15.39 30.20 -24.36
N GLU B 720 -16.64 30.08 -24.80
CA GLU B 720 -17.61 31.16 -24.62
C GLU B 720 -18.39 30.91 -23.34
N GLU B 721 -18.41 31.91 -22.46
CA GLU B 721 -18.99 31.72 -21.14
C GLU B 721 -20.51 31.60 -21.22
N SER B 722 -21.07 30.78 -20.34
CA SER B 722 -22.52 30.68 -20.24
C SER B 722 -23.08 31.91 -19.55
N ALA B 723 -24.41 32.06 -19.62
CA ALA B 723 -25.07 33.19 -18.97
C ALA B 723 -24.95 33.14 -17.45
N GLU B 724 -24.92 31.94 -16.86
CA GLU B 724 -24.86 31.85 -15.41
C GLU B 724 -23.56 32.46 -14.87
N GLN B 725 -22.45 32.21 -15.56
CA GLN B 725 -21.19 32.85 -15.17
C GLN B 725 -21.29 34.37 -15.27
N ALA B 726 -22.12 34.87 -16.20
CA ALA B 726 -22.29 36.30 -16.34
C ALA B 726 -23.14 36.89 -15.23
N GLN B 727 -24.08 36.11 -14.70
CA GLN B 727 -24.87 36.57 -13.57
C GLN B 727 -24.03 36.55 -12.29
N ARG B 728 -23.25 35.49 -12.12
CA ARG B 728 -22.42 35.37 -10.93
C ARG B 728 -21.34 36.45 -10.89
N ARG B 729 -20.86 36.89 -12.07
CA ARG B 729 -19.86 37.96 -12.06
C ARG B 729 -20.43 39.23 -11.46
N ASP B 730 -21.67 39.57 -11.83
CA ASP B 730 -22.27 40.81 -11.35
C ASP B 730 -22.66 40.69 -9.89
N GLU B 731 -23.11 39.50 -9.48
CA GLU B 731 -23.44 39.31 -8.07
C GLU B 731 -22.20 39.46 -7.20
N MET B 732 -21.07 38.91 -7.64
CA MET B 732 -19.86 39.00 -6.84
C MET B 732 -19.35 40.44 -6.77
N LEU B 733 -19.45 41.19 -7.87
CA LEU B 733 -19.01 42.58 -7.81
C LEU B 733 -19.93 43.43 -6.93
N ARG B 734 -21.23 43.19 -7.02
CA ARG B 734 -22.17 43.93 -6.17
C ARG B 734 -21.89 43.68 -4.70
N MET B 735 -21.67 42.42 -4.33
CA MET B 735 -21.35 42.12 -2.94
C MET B 735 -20.03 42.73 -2.52
N TYR B 736 -19.10 42.86 -3.46
CA TYR B 736 -17.80 43.42 -3.13
C TYR B 736 -17.91 44.90 -2.79
N HIS B 737 -18.63 45.65 -3.63
CA HIS B 737 -18.79 47.08 -3.34
C HIS B 737 -19.64 47.30 -2.10
N ALA B 738 -20.62 46.43 -1.83
CA ALA B 738 -21.43 46.60 -0.63
C ALA B 738 -20.58 46.42 0.62
N LEU B 739 -19.74 45.38 0.63
CA LEU B 739 -18.91 45.16 1.81
C LEU B 739 -17.91 46.29 2.00
N LYS B 740 -17.37 46.83 0.90
CA LYS B 740 -16.45 47.95 1.05
C LYS B 740 -17.15 49.15 1.68
N GLU B 741 -18.35 49.48 1.21
CA GLU B 741 -19.02 50.66 1.74
C GLU B 741 -19.38 50.47 3.21
N ALA B 742 -19.79 49.25 3.59
CA ALA B 742 -20.07 49.00 5.00
C ALA B 742 -18.85 49.17 5.88
N LEU B 743 -17.68 48.70 5.40
CA LEU B 743 -16.48 48.88 6.21
C LEU B 743 -16.05 50.34 6.28
N SER B 744 -16.26 51.09 5.20
CA SER B 744 -15.93 52.51 5.24
C SER B 744 -16.80 53.22 6.27
N ILE B 745 -18.08 52.88 6.34
CA ILE B 745 -18.94 53.56 7.29
C ILE B 745 -18.56 53.19 8.72
N ILE B 746 -18.32 51.90 8.99
CA ILE B 746 -17.88 51.55 10.35
C ILE B 746 -16.60 52.31 10.69
N GLY B 747 -15.75 52.56 9.70
CA GLY B 747 -14.56 53.35 9.94
C GLY B 747 -14.89 54.77 10.34
N ASN B 748 -15.88 55.36 9.69
CA ASN B 748 -16.23 56.74 10.01
C ASN B 748 -16.86 56.81 11.40
N ILE B 749 -17.64 55.81 11.76
CA ILE B 749 -18.30 55.82 13.07
C ILE B 749 -17.27 55.75 14.17
N ASN B 750 -16.38 54.75 14.11
CA ASN B 750 -15.38 54.63 15.17
C ASN B 750 -14.43 55.83 15.19
N THR B 751 -13.98 56.27 14.02
CA THR B 751 -13.04 57.39 13.99
C THR B 751 -13.64 58.65 14.59
N THR B 752 -14.91 58.92 14.32
CA THR B 752 -15.58 60.11 14.83
C THR B 752 -14.83 61.37 14.43
N MET C 5 34.06 -92.37 -87.65
CA MET C 5 34.31 -91.39 -86.59
C MET C 5 33.09 -90.51 -86.40
N GLY C 6 33.18 -89.59 -85.43
CA GLY C 6 32.15 -88.61 -85.21
C GLY C 6 31.06 -89.07 -84.24
N ASN C 7 30.34 -88.08 -83.72
CA ASN C 7 29.23 -88.28 -82.80
C ASN C 7 28.12 -87.39 -83.33
N ARG C 8 27.11 -87.98 -83.99
CA ARG C 8 26.10 -87.20 -84.65
C ARG C 8 24.85 -86.99 -83.81
N GLY C 9 24.86 -87.43 -82.55
CA GLY C 9 23.77 -87.03 -81.70
C GLY C 9 23.93 -85.65 -81.10
N MET C 10 25.13 -85.06 -81.23
CA MET C 10 25.32 -83.69 -80.78
C MET C 10 24.68 -82.70 -81.75
N GLU C 11 24.65 -83.04 -83.04
CA GLU C 11 24.18 -82.08 -84.04
C GLU C 11 22.76 -81.62 -83.74
N ASP C 12 21.90 -82.56 -83.33
CA ASP C 12 20.52 -82.28 -82.99
C ASP C 12 20.37 -81.52 -81.67
N LEU C 13 21.46 -81.37 -80.91
CA LEU C 13 21.41 -80.71 -79.61
C LEU C 13 22.18 -79.40 -79.56
N ILE C 14 23.05 -79.14 -80.53
CA ILE C 14 23.77 -77.87 -80.58
C ILE C 14 22.83 -76.68 -80.73
N PRO C 15 21.93 -76.64 -81.72
CA PRO C 15 21.10 -75.44 -81.90
C PRO C 15 20.27 -75.06 -80.69
N LEU C 16 19.75 -76.02 -79.92
CA LEU C 16 19.00 -75.64 -78.72
C LEU C 16 19.87 -74.83 -77.76
N VAL C 17 21.13 -75.24 -77.61
CA VAL C 17 22.06 -74.52 -76.75
C VAL C 17 22.39 -73.16 -77.34
N ASN C 18 22.58 -73.09 -78.66
CA ASN C 18 22.87 -71.80 -79.28
C ASN C 18 21.70 -70.84 -79.08
N ARG C 19 20.49 -71.31 -79.36
CA ARG C 19 19.31 -70.45 -79.25
C ARG C 19 19.12 -69.95 -77.83
N LEU C 20 19.21 -70.84 -76.84
CA LEU C 20 19.06 -70.39 -75.45
C LEU C 20 20.15 -69.40 -75.04
N GLN C 21 21.39 -69.67 -75.45
CA GLN C 21 22.47 -68.75 -75.12
C GLN C 21 22.26 -67.38 -75.76
N ASP C 22 21.85 -67.35 -77.03
CA ASP C 22 21.55 -66.07 -77.66
C ASP C 22 20.38 -65.37 -76.98
N ALA C 23 19.41 -66.16 -76.49
CA ALA C 23 18.25 -65.58 -75.83
C ALA C 23 18.68 -64.82 -74.58
N PHE C 24 19.55 -65.42 -73.78
CA PHE C 24 19.93 -64.70 -72.57
C PHE C 24 21.00 -63.66 -72.86
N SER C 25 21.95 -63.95 -73.76
CA SER C 25 23.00 -62.99 -74.05
C SER C 25 22.42 -61.68 -74.54
N ALA C 26 21.26 -61.73 -75.22
CA ALA C 26 20.68 -60.49 -75.72
C ALA C 26 20.25 -59.58 -74.57
N ILE C 27 19.86 -60.16 -73.43
CA ILE C 27 19.43 -59.37 -72.27
C ILE C 27 20.61 -59.14 -71.34
N GLY C 28 21.81 -59.42 -71.82
CA GLY C 28 22.99 -59.20 -71.01
C GLY C 28 23.17 -60.19 -69.87
N GLN C 29 22.52 -61.35 -69.95
CA GLN C 29 22.64 -62.39 -68.94
C GLN C 29 23.01 -63.69 -69.64
N ASN C 30 23.53 -64.64 -68.86
CA ASN C 30 23.97 -65.92 -69.40
C ASN C 30 22.99 -67.01 -69.00
N ALA C 31 22.98 -68.09 -69.78
CA ALA C 31 22.07 -69.21 -69.54
C ALA C 31 22.74 -70.26 -68.68
N ASP C 32 22.04 -70.71 -67.63
CA ASP C 32 22.59 -71.69 -66.68
C ASP C 32 22.43 -73.11 -67.22
N LEU C 33 22.95 -73.34 -68.42
CA LEU C 33 22.98 -74.68 -69.02
C LEU C 33 24.18 -75.44 -68.47
N ASP C 34 24.08 -75.78 -67.17
CA ASP C 34 25.17 -76.44 -66.45
C ASP C 34 25.12 -77.94 -66.76
N LEU C 35 25.46 -78.24 -68.02
CA LEU C 35 25.44 -79.62 -68.48
C LEU C 35 26.38 -80.46 -67.62
N PRO C 36 26.02 -81.69 -67.29
CA PRO C 36 26.88 -82.50 -66.43
C PRO C 36 28.19 -82.86 -67.11
N GLN C 37 29.20 -83.11 -66.30
CA GLN C 37 30.47 -83.63 -66.78
C GLN C 37 30.42 -85.15 -66.71
N ILE C 38 31.18 -85.80 -67.59
CA ILE C 38 31.15 -87.25 -67.73
C ILE C 38 32.46 -87.78 -67.19
N ALA C 39 32.40 -88.52 -66.10
CA ALA C 39 33.58 -89.15 -65.50
C ALA C 39 33.52 -90.64 -65.77
N VAL C 40 34.61 -91.19 -66.30
CA VAL C 40 34.74 -92.62 -66.58
C VAL C 40 35.53 -93.24 -65.45
N VAL C 41 34.94 -94.22 -64.76
CA VAL C 41 35.51 -94.84 -63.57
C VAL C 41 35.67 -96.32 -63.85
N GLY C 42 36.77 -96.88 -63.37
CA GLY C 42 37.02 -98.31 -63.54
C GLY C 42 38.29 -98.70 -62.84
N GLY C 43 38.61 -99.99 -62.95
CA GLY C 43 39.84 -100.52 -62.43
C GLY C 43 40.95 -100.57 -63.47
N GLN C 44 42.14 -100.92 -63.00
CA GLN C 44 43.29 -101.01 -63.89
C GLN C 44 43.02 -102.00 -65.01
N SER C 45 43.31 -101.59 -66.24
CA SER C 45 43.14 -102.42 -67.43
C SER C 45 41.68 -102.85 -67.61
N ALA C 46 40.72 -102.07 -67.12
CA ALA C 46 39.32 -102.39 -67.35
C ALA C 46 38.87 -102.04 -68.75
N GLY C 47 39.45 -101.00 -69.36
CA GLY C 47 39.05 -100.58 -70.69
C GLY C 47 38.41 -99.20 -70.74
N ALA C 48 38.60 -98.40 -69.68
CA ALA C 48 37.90 -97.12 -69.58
C ALA C 48 38.27 -96.19 -70.72
N SER C 49 39.57 -96.07 -71.01
CA SER C 49 40.01 -95.11 -72.03
C SER C 49 39.46 -95.45 -73.40
N SER C 50 39.34 -96.74 -73.72
CA SER C 50 38.79 -97.12 -75.01
C SER C 50 37.33 -96.72 -75.12
N VAL C 51 36.57 -96.88 -74.02
CA VAL C 51 35.16 -96.47 -74.05
C VAL C 51 35.09 -94.96 -74.26
N LEU C 52 35.86 -94.21 -73.45
CA LEU C 52 35.70 -92.77 -73.46
C LEU C 52 36.05 -92.19 -74.82
N GLU C 53 37.16 -92.65 -75.42
CA GLU C 53 37.52 -92.07 -76.70
C GLU C 53 36.52 -92.47 -77.79
N ASN C 54 35.79 -93.57 -77.60
CA ASN C 54 34.74 -93.93 -78.54
C ASN C 54 33.53 -93.03 -78.37
N PHE C 55 33.32 -92.52 -77.15
CA PHE C 55 32.25 -91.55 -76.95
C PHE C 55 32.61 -90.19 -77.52
N VAL C 56 33.86 -89.77 -77.34
CA VAL C 56 34.30 -88.52 -77.95
C VAL C 56 34.22 -88.59 -79.47
N GLY C 57 34.60 -89.73 -80.04
CA GLY C 57 34.59 -89.88 -81.47
C GLY C 57 35.86 -89.45 -82.16
N ARG C 58 36.96 -89.34 -81.42
CA ARG C 58 38.26 -89.00 -81.99
C ARG C 58 39.29 -89.96 -81.42
N ASP C 59 40.28 -90.30 -82.23
CA ASP C 59 41.32 -91.25 -81.83
C ASP C 59 42.55 -90.49 -81.35
N PHE C 60 42.60 -90.19 -80.06
CA PHE C 60 43.71 -89.38 -79.53
C PHE C 60 44.28 -89.86 -78.20
N LEU C 61 43.60 -90.70 -77.44
CA LEU C 61 44.13 -91.05 -76.13
C LEU C 61 45.16 -92.18 -76.22
N PRO C 62 46.10 -92.25 -75.28
CA PRO C 62 46.98 -93.42 -75.19
C PRO C 62 46.30 -94.54 -74.44
N ARG C 63 46.41 -95.76 -74.95
CA ARG C 63 45.74 -96.90 -74.34
C ARG C 63 46.55 -98.16 -74.59
N GLY C 64 46.41 -99.11 -73.66
CA GLY C 64 47.13 -100.37 -73.75
C GLY C 64 47.41 -100.91 -72.36
N SER C 65 47.96 -102.13 -72.34
CA SER C 65 48.25 -102.79 -71.08
C SER C 65 49.32 -102.02 -70.30
N GLY C 66 49.39 -102.31 -69.01
CA GLY C 66 50.25 -101.59 -68.11
C GLY C 66 49.56 -100.36 -67.59
N ILE C 67 50.31 -99.56 -66.83
CA ILE C 67 49.77 -98.34 -66.23
C ILE C 67 50.03 -97.21 -67.23
N VAL C 68 49.09 -97.00 -68.14
CA VAL C 68 49.25 -96.00 -69.18
C VAL C 68 48.62 -94.66 -68.81
N THR C 69 47.57 -94.67 -67.99
CA THR C 69 46.91 -93.45 -67.54
C THR C 69 47.44 -93.06 -66.16
N ARG C 70 48.63 -92.47 -66.15
CA ARG C 70 49.30 -92.12 -64.90
C ARG C 70 48.88 -90.74 -64.36
N ARG C 71 48.18 -89.93 -65.15
CA ARG C 71 47.72 -88.62 -64.69
C ARG C 71 46.28 -88.36 -65.13
N PRO C 72 45.46 -87.71 -64.28
CA PRO C 72 44.10 -87.38 -64.69
C PRO C 72 44.10 -86.42 -65.88
N LEU C 73 43.40 -86.81 -66.94
CA LEU C 73 43.25 -85.99 -68.12
C LEU C 73 41.85 -85.38 -68.15
N VAL C 74 41.78 -84.06 -68.23
CA VAL C 74 40.50 -83.36 -68.30
C VAL C 74 40.40 -82.77 -69.70
N LEU C 75 39.48 -83.31 -70.50
CA LEU C 75 39.24 -82.85 -71.85
C LEU C 75 38.01 -81.96 -71.83
N GLN C 76 38.14 -80.74 -72.35
CA GLN C 76 37.02 -79.82 -72.44
C GLN C 76 36.72 -79.57 -73.90
N LEU C 77 35.53 -79.98 -74.33
CA LEU C 77 35.06 -79.71 -75.68
C LEU C 77 34.40 -78.34 -75.68
N VAL C 78 34.74 -77.53 -76.69
CA VAL C 78 34.22 -76.18 -76.84
C VAL C 78 33.76 -76.00 -78.28
N ASN C 79 32.54 -75.50 -78.45
CA ASN C 79 32.02 -75.22 -79.78
C ASN C 79 32.77 -74.05 -80.40
N ALA C 80 33.15 -74.20 -81.66
CA ALA C 80 33.96 -73.20 -82.35
C ALA C 80 33.75 -73.34 -83.85
N THR C 81 34.18 -72.31 -84.57
CA THR C 81 34.04 -72.29 -86.02
C THR C 81 35.07 -73.16 -86.72
N THR C 82 36.11 -73.59 -86.03
CA THR C 82 37.13 -74.45 -86.62
C THR C 82 37.64 -75.42 -85.55
N GLU C 83 38.22 -76.52 -86.03
CA GLU C 83 38.62 -77.63 -85.18
C GLU C 83 40.11 -77.56 -84.86
N TYR C 84 40.45 -77.62 -83.58
CA TYR C 84 41.85 -77.63 -83.16
C TYR C 84 41.90 -78.02 -81.69
N ALA C 85 43.11 -78.22 -81.18
CA ALA C 85 43.28 -78.63 -79.80
C ALA C 85 44.44 -77.84 -79.19
N GLU C 86 44.41 -77.69 -77.87
CA GLU C 86 45.49 -76.98 -77.19
C GLU C 86 45.61 -77.44 -75.74
N PHE C 87 46.80 -77.24 -75.16
CA PHE C 87 47.05 -77.53 -73.77
C PHE C 87 47.28 -76.25 -72.98
N LEU C 88 47.12 -76.35 -71.66
CA LEU C 88 47.46 -75.23 -70.80
C LEU C 88 48.96 -74.99 -70.71
N HIS C 89 49.75 -76.06 -70.67
CA HIS C 89 51.19 -75.93 -70.50
C HIS C 89 51.92 -75.73 -71.83
N CYS C 90 51.20 -75.69 -72.94
CA CYS C 90 51.77 -75.36 -74.25
C CYS C 90 51.14 -74.08 -74.76
N LYS C 91 50.98 -73.11 -73.88
CA LYS C 91 50.32 -71.87 -74.24
C LYS C 91 51.00 -71.24 -75.45
N GLY C 92 50.18 -70.81 -76.42
CA GLY C 92 50.66 -70.24 -77.65
C GLY C 92 50.84 -71.24 -78.78
N LYS C 93 50.75 -72.54 -78.50
CA LYS C 93 50.87 -73.57 -79.52
C LYS C 93 49.48 -74.07 -79.91
N LYS C 94 49.36 -74.48 -81.16
CA LYS C 94 48.10 -74.99 -81.71
C LYS C 94 48.33 -76.38 -82.28
N PHE C 95 47.46 -77.32 -81.90
CA PHE C 95 47.54 -78.71 -82.35
C PHE C 95 46.50 -78.96 -83.42
N THR C 96 46.96 -79.35 -84.61
CA THR C 96 46.09 -79.65 -85.73
C THR C 96 46.07 -81.14 -86.08
N ASP C 97 46.73 -81.99 -85.29
CA ASP C 97 46.75 -83.43 -85.51
C ASP C 97 46.69 -84.13 -84.16
N PHE C 98 45.70 -85.02 -84.00
CA PHE C 98 45.49 -85.67 -82.71
C PHE C 98 46.60 -86.65 -82.36
N GLU C 99 47.34 -87.17 -83.33
CA GLU C 99 48.50 -88.00 -83.02
C GLU C 99 49.49 -87.21 -82.19
N GLU C 100 49.70 -85.94 -82.57
CA GLU C 100 50.53 -85.05 -81.77
C GLU C 100 49.96 -84.88 -80.37
N VAL C 101 48.62 -84.82 -80.25
CA VAL C 101 48.02 -84.70 -78.93
C VAL C 101 48.37 -85.90 -78.07
N ARG C 102 48.26 -87.10 -78.63
CA ARG C 102 48.57 -88.30 -77.86
C ARG C 102 50.04 -88.31 -77.43
N LEU C 103 50.93 -87.97 -78.36
CA LEU C 103 52.35 -87.93 -78.03
C LEU C 103 52.63 -86.89 -76.95
N GLU C 104 52.02 -85.71 -77.06
CA GLU C 104 52.19 -84.69 -76.04
C GLU C 104 51.71 -85.19 -74.68
N ILE C 105 50.62 -85.97 -74.67
CA ILE C 105 50.12 -86.49 -73.40
C ILE C 105 51.15 -87.42 -72.77
N GLU C 106 51.74 -88.29 -73.58
CA GLU C 106 52.77 -89.18 -73.06
C GLU C 106 54.00 -88.40 -72.58
N ALA C 107 54.43 -87.41 -73.36
CA ALA C 107 55.59 -86.61 -72.98
C ALA C 107 55.33 -85.91 -71.64
N GLU C 108 54.18 -85.25 -71.52
CA GLU C 108 53.84 -84.56 -70.28
C GLU C 108 53.73 -85.52 -69.12
N THR C 109 53.29 -86.76 -69.38
CA THR C 109 53.19 -87.73 -68.30
C THR C 109 54.56 -88.14 -67.80
N ASP C 110 55.48 -88.41 -68.73
CA ASP C 110 56.82 -88.84 -68.31
C ASP C 110 57.58 -87.71 -67.64
N ARG C 111 57.43 -86.48 -68.14
CA ARG C 111 58.21 -85.38 -67.60
C ARG C 111 57.98 -85.20 -66.10
N VAL C 112 56.78 -85.50 -65.61
CA VAL C 112 56.42 -85.31 -64.22
C VAL C 112 56.51 -86.61 -63.43
N THR C 113 56.06 -87.72 -64.01
CA THR C 113 55.96 -88.97 -63.26
C THR C 113 57.21 -89.83 -63.36
N GLY C 114 58.08 -89.59 -64.34
CA GLY C 114 59.19 -90.47 -64.57
C GLY C 114 58.76 -91.66 -65.42
N THR C 115 59.60 -92.69 -65.42
CA THR C 115 59.36 -93.89 -66.21
C THR C 115 59.03 -95.12 -65.39
N ASN C 116 59.25 -95.10 -64.07
CA ASN C 116 58.99 -96.28 -63.25
C ASN C 116 57.58 -96.26 -62.64
N LYS C 117 56.59 -96.18 -63.52
CA LYS C 117 55.19 -96.37 -63.15
C LYS C 117 54.77 -95.51 -61.97
N GLY C 118 55.06 -94.21 -62.06
CA GLY C 118 54.60 -93.25 -61.07
C GLY C 118 53.25 -92.66 -61.43
N ILE C 119 52.70 -91.89 -60.49
CA ILE C 119 51.44 -91.19 -60.70
C ILE C 119 51.58 -89.76 -60.16
N SER C 120 50.61 -88.92 -60.52
CA SER C 120 50.59 -87.54 -60.08
C SER C 120 49.15 -87.04 -60.01
N PRO C 121 48.70 -86.50 -58.87
CA PRO C 121 47.33 -85.98 -58.79
C PRO C 121 47.11 -84.71 -59.59
N VAL C 122 48.15 -84.11 -60.15
CA VAL C 122 47.99 -82.89 -60.95
C VAL C 122 47.50 -83.24 -62.34
N PRO C 123 46.34 -82.73 -62.78
CA PRO C 123 45.77 -83.16 -64.05
C PRO C 123 46.44 -82.50 -65.24
N ILE C 124 46.14 -83.04 -66.42
CA ILE C 124 46.50 -82.45 -67.70
C ILE C 124 45.22 -81.88 -68.30
N ASN C 125 45.26 -80.62 -68.74
CA ASN C 125 44.08 -79.94 -69.25
C ASN C 125 44.22 -79.83 -70.77
N LEU C 126 43.36 -80.54 -71.49
CA LEU C 126 43.30 -80.47 -72.94
C LEU C 126 41.99 -79.80 -73.32
N ARG C 127 42.06 -78.81 -74.20
CA ARG C 127 40.89 -78.04 -74.62
C ARG C 127 40.76 -78.17 -76.13
N VAL C 128 39.77 -78.93 -76.58
CA VAL C 128 39.54 -79.17 -78.00
C VAL C 128 38.36 -78.33 -78.46
N TYR C 129 38.58 -77.53 -79.50
CA TYR C 129 37.56 -76.71 -80.11
C TYR C 129 37.09 -77.39 -81.39
N SER C 130 35.80 -77.23 -81.69
CA SER C 130 35.23 -77.84 -82.89
C SER C 130 33.80 -77.36 -83.13
N PRO C 131 33.36 -77.30 -84.39
CA PRO C 131 31.96 -76.94 -84.66
C PRO C 131 30.95 -78.04 -84.33
N HIS C 132 31.38 -79.28 -84.10
CA HIS C 132 30.48 -80.40 -83.94
C HIS C 132 30.35 -80.84 -82.49
N VAL C 133 30.67 -79.96 -81.54
CA VAL C 133 30.68 -80.33 -80.13
C VAL C 133 29.92 -79.32 -79.29
N LEU C 134 29.47 -79.78 -78.14
CA LEU C 134 28.90 -78.91 -77.11
C LEU C 134 30.01 -78.49 -76.16
N ASN C 135 29.67 -77.66 -75.18
CA ASN C 135 30.62 -77.23 -74.16
C ASN C 135 30.59 -78.25 -73.03
N LEU C 136 31.40 -79.30 -73.16
CA LEU C 136 31.36 -80.42 -72.22
C LEU C 136 32.70 -80.62 -71.52
N THR C 137 32.63 -81.20 -70.32
CA THR C 137 33.79 -81.61 -69.55
C THR C 137 33.81 -83.13 -69.44
N LEU C 138 34.90 -83.75 -69.88
CA LEU C 138 35.11 -85.18 -69.82
C LEU C 138 36.36 -85.47 -69.00
N VAL C 139 36.26 -86.38 -68.04
CA VAL C 139 37.36 -86.66 -67.13
C VAL C 139 37.80 -88.10 -67.35
N ASP C 140 39.11 -88.30 -67.55
CA ASP C 140 39.71 -89.62 -67.70
C ASP C 140 40.68 -89.81 -66.54
N LEU C 141 40.32 -90.67 -65.60
CA LEU C 141 41.08 -90.83 -64.38
C LEU C 141 41.98 -92.05 -64.44
N PRO C 142 43.04 -92.09 -63.63
CA PRO C 142 43.82 -93.33 -63.53
C PRO C 142 43.00 -94.44 -62.88
N GLY C 143 43.28 -95.67 -63.31
CA GLY C 143 42.58 -96.80 -62.74
C GLY C 143 43.04 -97.09 -61.32
N MET C 144 42.23 -97.88 -60.62
CA MET C 144 42.53 -98.25 -59.24
C MET C 144 43.32 -99.54 -59.20
N THR C 145 44.11 -99.69 -58.14
CA THR C 145 44.97 -100.84 -57.93
C THR C 145 45.01 -101.16 -56.43
N LYS C 146 45.58 -102.32 -56.10
CA LYS C 146 45.66 -102.79 -54.72
C LYS C 146 47.06 -102.74 -54.15
N VAL C 147 48.09 -103.10 -54.92
CA VAL C 147 49.44 -103.21 -54.39
C VAL C 147 50.39 -102.35 -55.23
N PRO C 148 51.37 -101.69 -54.63
CA PRO C 148 52.26 -100.82 -55.41
C PRO C 148 53.26 -101.61 -56.24
N VAL C 149 53.70 -101.00 -57.34
CA VAL C 149 54.81 -101.49 -58.13
C VAL C 149 55.71 -100.32 -58.48
N GLY C 150 56.96 -100.64 -58.82
CA GLY C 150 57.91 -99.59 -59.18
C GLY C 150 58.12 -98.61 -58.05
N ASP C 151 57.99 -97.32 -58.35
CA ASP C 151 58.24 -96.27 -57.37
C ASP C 151 57.00 -95.91 -56.57
N GLN C 152 55.88 -96.57 -56.81
CA GLN C 152 54.63 -96.19 -56.16
C GLN C 152 54.77 -96.39 -54.65
N PRO C 153 54.34 -95.44 -53.83
CA PRO C 153 54.48 -95.61 -52.38
C PRO C 153 53.51 -96.66 -51.86
N PRO C 154 53.63 -97.03 -50.58
CA PRO C 154 52.71 -98.03 -50.03
C PRO C 154 51.25 -97.61 -50.10
N ASP C 155 50.96 -96.31 -50.07
CA ASP C 155 49.59 -95.79 -50.05
C ASP C 155 49.12 -95.38 -51.44
N ILE C 156 49.52 -96.11 -52.48
CA ILE C 156 49.07 -95.79 -53.83
C ILE C 156 47.56 -95.96 -53.96
N GLU C 157 47.00 -96.91 -53.21
CA GLU C 157 45.57 -97.17 -53.29
C GLU C 157 44.77 -95.94 -52.89
N PHE C 158 45.07 -95.36 -51.73
CA PHE C 158 44.27 -94.26 -51.24
C PHE C 158 44.52 -92.99 -52.03
N GLN C 159 45.73 -92.79 -52.55
CA GLN C 159 45.96 -91.64 -53.41
C GLN C 159 45.11 -91.73 -54.68
N ILE C 160 44.98 -92.93 -55.26
CA ILE C 160 44.14 -93.04 -56.44
C ILE C 160 42.68 -92.87 -56.07
N ARG C 161 42.27 -93.40 -54.92
CA ARG C 161 40.88 -93.26 -54.52
C ARG C 161 40.54 -91.79 -54.33
N ASP C 162 41.43 -91.03 -53.68
CA ASP C 162 41.15 -89.61 -53.46
C ASP C 162 41.11 -88.84 -54.77
N MET C 163 42.01 -89.17 -55.70
CA MET C 163 41.92 -88.57 -57.04
C MET C 163 40.55 -88.84 -57.63
N LEU C 164 39.99 -90.01 -57.37
CA LEU C 164 38.69 -90.34 -57.93
C LEU C 164 37.60 -89.55 -57.22
N MET C 165 37.67 -89.49 -55.89
CA MET C 165 36.61 -88.87 -55.12
C MET C 165 36.47 -87.40 -55.49
N GLN C 166 37.58 -86.72 -55.75
CA GLN C 166 37.45 -85.29 -56.02
C GLN C 166 36.59 -85.02 -57.25
N PHE C 167 36.47 -85.99 -58.16
CA PHE C 167 35.76 -85.82 -59.41
C PHE C 167 34.43 -86.57 -59.49
N VAL C 168 34.17 -87.51 -58.59
CA VAL C 168 32.94 -88.30 -58.67
C VAL C 168 31.94 -87.96 -57.57
N THR C 169 32.37 -87.40 -56.45
CA THR C 169 31.43 -86.91 -55.45
C THR C 169 30.80 -85.57 -55.85
N LYS C 170 31.27 -84.97 -56.94
CA LYS C 170 30.68 -83.74 -57.44
C LYS C 170 29.32 -84.01 -58.05
N GLU C 171 28.32 -83.22 -57.64
CA GLU C 171 26.98 -83.36 -58.18
C GLU C 171 26.97 -82.95 -59.64
N ASN C 172 25.97 -83.44 -60.37
CA ASN C 172 25.82 -83.15 -61.79
C ASN C 172 26.98 -83.75 -62.59
N CYS C 173 27.33 -85.00 -62.28
CA CYS C 173 28.40 -85.70 -62.97
C CYS C 173 27.94 -87.12 -63.24
N LEU C 174 27.97 -87.52 -64.51
CA LEU C 174 27.61 -88.89 -64.87
C LEU C 174 28.77 -89.82 -64.59
N ILE C 175 28.51 -90.86 -63.80
CA ILE C 175 29.51 -91.87 -63.48
C ILE C 175 29.34 -93.00 -64.49
N LEU C 176 30.36 -93.22 -65.30
CA LEU C 176 30.35 -94.27 -66.32
C LEU C 176 31.25 -95.38 -65.80
N ALA C 177 30.63 -96.37 -65.15
CA ALA C 177 31.35 -97.45 -64.48
C ALA C 177 31.67 -98.54 -65.49
N VAL C 178 32.96 -98.80 -65.68
CA VAL C 178 33.42 -99.81 -66.63
C VAL C 178 34.00 -100.98 -65.86
N SER C 179 33.53 -102.18 -66.17
CA SER C 179 34.00 -103.41 -65.56
C SER C 179 34.31 -104.41 -66.66
N PRO C 180 35.26 -105.31 -66.43
CA PRO C 180 35.58 -106.32 -67.44
C PRO C 180 34.59 -107.47 -67.43
N ALA C 181 34.42 -108.07 -68.60
CA ALA C 181 33.50 -109.20 -68.73
C ALA C 181 34.15 -110.49 -68.30
N ASN C 182 35.47 -110.59 -68.39
CA ASN C 182 36.20 -111.80 -68.03
C ASN C 182 36.67 -111.79 -66.59
N SER C 183 35.93 -111.11 -65.72
CA SER C 183 36.15 -111.14 -64.28
C SER C 183 34.80 -111.11 -63.61
N ASP C 184 34.72 -111.72 -62.42
CA ASP C 184 33.45 -111.77 -61.71
C ASP C 184 32.95 -110.36 -61.43
N LEU C 185 31.68 -110.12 -61.76
CA LEU C 185 31.11 -108.79 -61.58
C LEU C 185 31.00 -108.41 -60.12
N ALA C 186 30.91 -109.41 -59.23
CA ALA C 186 30.86 -109.14 -57.80
C ALA C 186 32.16 -108.55 -57.29
N ASN C 187 33.24 -108.65 -58.05
CA ASN C 187 34.56 -108.17 -57.65
C ASN C 187 35.00 -106.94 -58.44
N SER C 188 34.06 -106.15 -58.94
CA SER C 188 34.36 -104.92 -59.66
C SER C 188 34.51 -103.76 -58.68
N ASP C 189 35.47 -102.87 -58.95
CA ASP C 189 35.71 -101.71 -58.10
C ASP C 189 34.85 -100.52 -58.50
N ALA C 190 34.56 -100.40 -59.80
CA ALA C 190 33.75 -99.27 -60.26
C ALA C 190 32.40 -99.25 -59.57
N LEU C 191 31.73 -100.40 -59.50
CA LEU C 191 30.40 -100.42 -58.90
C LEU C 191 30.49 -100.22 -57.40
N LYS C 192 31.61 -100.61 -56.79
CA LYS C 192 31.80 -100.33 -55.37
C LYS C 192 31.85 -98.83 -55.13
N VAL C 193 32.52 -98.09 -56.03
CA VAL C 193 32.57 -96.64 -55.87
C VAL C 193 31.20 -96.03 -56.14
N ALA C 194 30.56 -96.47 -57.23
CA ALA C 194 29.27 -95.89 -57.62
C ALA C 194 28.25 -96.05 -56.51
N LYS C 195 28.18 -97.23 -55.89
CA LYS C 195 27.18 -97.43 -54.85
C LYS C 195 27.51 -96.67 -53.58
N GLU C 196 28.70 -96.04 -53.51
CA GLU C 196 29.05 -95.22 -52.36
C GLU C 196 28.82 -93.74 -52.62
N VAL C 197 28.88 -93.31 -53.88
CA VAL C 197 28.61 -91.92 -54.22
C VAL C 197 27.21 -91.70 -54.80
N ASP C 198 26.62 -92.72 -55.41
CA ASP C 198 25.31 -92.62 -56.08
C ASP C 198 24.46 -93.81 -55.70
N PRO C 199 24.00 -93.88 -54.45
CA PRO C 199 23.32 -95.10 -53.99
C PRO C 199 22.12 -95.50 -54.82
N GLN C 200 21.35 -94.54 -55.32
CA GLN C 200 20.11 -94.82 -56.03
C GLN C 200 20.28 -94.96 -57.54
N GLY C 201 21.51 -94.83 -58.05
CA GLY C 201 21.73 -95.13 -59.45
C GLY C 201 21.17 -94.12 -60.43
N GLN C 202 20.90 -92.89 -59.99
CA GLN C 202 20.37 -91.89 -60.90
C GLN C 202 21.40 -91.45 -61.93
N ARG C 203 22.69 -91.47 -61.56
CA ARG C 203 23.77 -91.09 -62.47
C ARG C 203 24.51 -92.28 -63.07
N THR C 204 24.64 -93.38 -62.34
CA THR C 204 25.50 -94.47 -62.77
C THR C 204 24.98 -95.10 -64.06
N ILE C 205 25.90 -95.35 -64.99
CA ILE C 205 25.63 -96.13 -66.19
C ILE C 205 26.71 -97.20 -66.29
N GLY C 206 26.30 -98.46 -66.41
CA GLY C 206 27.27 -99.55 -66.47
C GLY C 206 27.65 -99.93 -67.89
N VAL C 207 28.93 -100.20 -68.08
CA VAL C 207 29.46 -100.70 -69.34
C VAL C 207 30.21 -101.98 -69.07
N ILE C 208 30.02 -102.98 -69.93
CA ILE C 208 30.69 -104.27 -69.82
C ILE C 208 31.58 -104.44 -71.04
N THR C 209 32.88 -104.59 -70.81
CA THR C 209 33.86 -104.68 -71.86
C THR C 209 34.45 -106.09 -71.90
N LYS C 210 35.08 -106.41 -73.02
CA LYS C 210 35.78 -107.69 -73.19
C LYS C 210 34.80 -108.86 -73.24
N LEU C 211 33.68 -108.68 -73.94
CA LEU C 211 32.73 -109.77 -74.10
C LEU C 211 33.28 -110.86 -75.01
N ASP C 212 34.32 -110.55 -75.79
CA ASP C 212 34.92 -111.51 -76.69
C ASP C 212 36.07 -112.28 -76.07
N LEU C 213 36.35 -112.03 -74.79
CA LEU C 213 37.40 -112.74 -74.06
C LEU C 213 36.80 -113.62 -72.95
N MET C 214 35.54 -113.98 -73.08
CA MET C 214 34.91 -114.86 -72.11
C MET C 214 35.47 -116.26 -72.22
N ASP C 215 35.58 -116.94 -71.09
CA ASP C 215 35.99 -118.34 -71.10
C ASP C 215 34.91 -119.17 -71.79
N GLU C 216 35.34 -120.11 -72.62
CA GLU C 216 34.40 -120.89 -73.41
C GLU C 216 33.41 -121.61 -72.49
N GLY C 217 32.14 -121.60 -72.90
CA GLY C 217 31.09 -122.20 -72.11
C GLY C 217 30.45 -121.28 -71.11
N THR C 218 30.90 -120.05 -71.01
CA THR C 218 30.32 -119.06 -70.11
C THR C 218 29.89 -117.82 -70.89
N ASP C 219 28.89 -117.12 -70.36
CA ASP C 219 28.42 -115.88 -70.96
C ASP C 219 27.92 -114.98 -69.84
N ALA C 220 27.54 -113.75 -70.20
CA ALA C 220 27.09 -112.74 -69.24
C ALA C 220 25.61 -112.44 -69.38
N ARG C 221 24.84 -113.42 -69.86
CA ARG C 221 23.43 -113.17 -70.16
C ARG C 221 22.68 -112.68 -68.94
N ASP C 222 22.98 -113.25 -67.77
CA ASP C 222 22.33 -112.83 -66.53
C ASP C 222 22.93 -111.56 -65.94
N VAL C 223 23.91 -110.96 -66.60
CA VAL C 223 24.42 -109.63 -66.25
C VAL C 223 23.80 -108.55 -67.13
N LEU C 224 23.87 -108.73 -68.44
CA LEU C 224 23.35 -107.76 -69.39
C LEU C 224 21.85 -107.57 -69.25
N GLU C 225 21.16 -108.53 -68.63
CA GLU C 225 19.74 -108.45 -68.37
C GLU C 225 19.42 -107.89 -66.98
N ASN C 226 20.42 -107.35 -66.28
CA ASN C 226 20.17 -106.60 -65.05
C ASN C 226 19.54 -107.45 -63.96
N LYS C 227 19.78 -108.76 -64.02
CA LYS C 227 19.26 -109.70 -63.03
C LYS C 227 20.23 -109.95 -61.88
N LEU C 228 21.52 -110.14 -62.18
CA LEU C 228 22.49 -110.47 -61.15
C LEU C 228 22.62 -109.33 -60.13
N LEU C 229 22.81 -108.11 -60.61
CA LEU C 229 22.99 -106.95 -59.75
C LEU C 229 22.17 -105.81 -60.32
N PRO C 230 20.96 -105.58 -59.81
CA PRO C 230 20.07 -104.58 -60.43
C PRO C 230 20.71 -103.21 -60.46
N LEU C 231 20.65 -102.58 -61.64
CA LEU C 231 21.15 -101.22 -61.84
C LEU C 231 20.05 -100.42 -62.53
N ARG C 232 19.81 -99.21 -62.06
CA ARG C 232 18.67 -98.44 -62.54
C ARG C 232 18.67 -98.28 -64.05
N ARG C 233 19.84 -98.09 -64.66
CA ARG C 233 19.92 -97.82 -66.09
C ARG C 233 20.54 -98.97 -66.89
N GLY C 234 20.70 -100.14 -66.27
CA GLY C 234 21.11 -101.32 -67.01
C GLY C 234 22.57 -101.25 -67.43
N TYR C 235 22.99 -102.31 -68.12
CA TYR C 235 24.37 -102.48 -68.56
C TYR C 235 24.42 -102.48 -70.08
N ILE C 236 25.48 -101.91 -70.63
CA ILE C 236 25.67 -101.85 -72.08
C ILE C 236 26.97 -102.58 -72.41
N GLY C 237 26.89 -103.60 -73.25
CA GLY C 237 28.06 -104.35 -73.67
C GLY C 237 28.73 -103.73 -74.89
N VAL C 238 30.07 -103.67 -74.84
CA VAL C 238 30.88 -103.08 -75.90
C VAL C 238 32.06 -103.99 -76.17
N VAL C 239 32.53 -103.98 -77.42
CA VAL C 239 33.65 -104.81 -77.86
C VAL C 239 34.65 -103.86 -78.52
N ASN C 240 35.63 -103.41 -77.73
CA ASN C 240 36.63 -102.46 -78.21
C ASN C 240 37.73 -103.20 -78.97
N ARG C 241 38.80 -102.48 -79.29
CA ARG C 241 39.94 -103.08 -79.97
C ARG C 241 40.75 -103.94 -78.99
N SER C 242 41.47 -104.91 -79.55
CA SER C 242 42.41 -105.70 -78.77
C SER C 242 43.78 -105.03 -78.79
N GLN C 243 44.66 -105.51 -77.91
CA GLN C 243 46.02 -104.96 -77.88
C GLN C 243 46.71 -105.17 -79.22
N LYS C 244 46.51 -106.33 -79.84
CA LYS C 244 47.02 -106.53 -81.19
C LYS C 244 46.40 -105.54 -82.17
N ASP C 245 45.09 -105.30 -82.04
CA ASP C 245 44.44 -104.33 -82.91
C ASP C 245 45.04 -102.93 -82.71
N ILE C 246 45.27 -102.55 -81.45
CA ILE C 246 45.89 -101.26 -81.17
C ILE C 246 47.25 -101.18 -81.84
N ASP C 247 48.07 -102.21 -81.67
CA ASP C 247 49.39 -102.19 -82.28
C ASP C 247 49.29 -102.32 -83.79
N GLY C 248 48.22 -102.95 -84.27
CA GLY C 248 47.99 -103.08 -85.70
C GLY C 248 47.33 -101.88 -86.32
N LYS C 249 47.02 -100.85 -85.52
CA LYS C 249 46.37 -99.64 -86.01
C LYS C 249 45.05 -99.96 -86.70
N LYS C 250 44.26 -100.84 -86.10
CA LYS C 250 42.96 -101.22 -86.65
C LYS C 250 42.02 -100.02 -86.68
N ASP C 251 41.34 -99.85 -87.81
CA ASP C 251 40.45 -98.72 -87.99
C ASP C 251 39.22 -98.83 -87.08
N ILE C 252 38.59 -97.69 -86.81
CA ILE C 252 37.38 -97.67 -86.00
C ILE C 252 36.23 -98.36 -86.73
N THR C 253 36.11 -98.14 -88.04
CA THR C 253 35.02 -98.73 -88.80
C THR C 253 35.03 -100.25 -88.69
N ALA C 254 36.20 -100.87 -88.86
CA ALA C 254 36.30 -102.31 -88.74
C ALA C 254 35.91 -102.77 -87.34
N ALA C 255 36.35 -102.03 -86.32
CA ALA C 255 36.02 -102.43 -84.95
C ALA C 255 34.51 -102.42 -84.73
N LEU C 256 33.84 -101.38 -85.22
CA LEU C 256 32.39 -101.32 -85.09
C LEU C 256 31.71 -102.47 -85.84
N ALA C 257 32.16 -102.74 -87.07
CA ALA C 257 31.57 -103.81 -87.84
C ALA C 257 31.75 -105.15 -87.13
N ALA C 258 32.94 -105.40 -86.59
CA ALA C 258 33.18 -106.64 -85.85
C ALA C 258 32.30 -106.71 -84.61
N GLU C 259 32.08 -105.57 -83.94
CA GLU C 259 31.20 -105.58 -82.76
C GLU C 259 29.77 -105.92 -83.15
N ARG C 260 29.34 -105.46 -84.31
CA ARG C 260 27.98 -105.75 -84.74
C ARG C 260 27.84 -107.22 -85.10
N LYS C 261 28.82 -107.77 -85.84
CA LYS C 261 28.76 -109.19 -86.15
C LYS C 261 28.79 -110.01 -84.88
N PHE C 262 29.61 -109.60 -83.91
CA PHE C 262 29.73 -110.35 -82.66
C PHE C 262 28.37 -110.44 -81.99
N PHE C 263 27.70 -109.30 -81.81
CA PHE C 263 26.43 -109.32 -81.10
C PHE C 263 25.34 -110.02 -81.92
N LEU C 264 25.41 -109.95 -83.25
CA LEU C 264 24.40 -110.58 -84.07
C LEU C 264 24.57 -112.10 -84.16
N SER C 265 25.75 -112.62 -83.85
CA SER C 265 26.01 -114.05 -84.03
C SER C 265 26.05 -114.84 -82.72
N HIS C 266 26.37 -114.21 -81.60
CA HIS C 266 26.45 -114.94 -80.34
C HIS C 266 25.06 -115.41 -79.93
N PRO C 267 24.84 -116.72 -79.74
CA PRO C 267 23.48 -117.19 -79.44
C PRO C 267 22.85 -116.55 -78.21
N SER C 268 23.63 -116.22 -77.19
CA SER C 268 23.08 -115.71 -75.94
C SER C 268 22.84 -114.21 -75.96
N TYR C 269 23.17 -113.52 -77.06
CA TYR C 269 23.04 -112.07 -77.12
C TYR C 269 22.15 -111.58 -78.25
N ARG C 270 21.72 -112.44 -79.17
CA ARG C 270 20.97 -111.95 -80.33
C ARG C 270 19.74 -111.15 -79.91
N HIS C 271 19.03 -111.62 -78.89
CA HIS C 271 17.82 -110.94 -78.46
C HIS C 271 18.10 -109.62 -77.77
N LEU C 272 19.37 -109.32 -77.48
CA LEU C 272 19.77 -108.02 -76.94
C LEU C 272 20.61 -107.23 -77.92
N ALA C 273 20.59 -107.61 -79.21
CA ALA C 273 21.50 -107.02 -80.16
C ALA C 273 21.27 -105.52 -80.35
N ASP C 274 20.07 -105.03 -80.07
CA ASP C 274 19.75 -103.62 -80.28
C ASP C 274 19.93 -102.77 -79.04
N ARG C 275 20.25 -103.37 -77.89
CA ARG C 275 20.49 -102.64 -76.67
C ARG C 275 21.98 -102.41 -76.39
N MET C 276 22.85 -102.76 -77.33
CA MET C 276 24.27 -102.78 -76.99
C MET C 276 25.11 -102.40 -78.19
N GLY C 277 26.33 -101.98 -77.91
CA GLY C 277 27.25 -101.46 -78.89
C GLY C 277 27.70 -100.05 -78.56
N THR C 278 28.68 -99.58 -79.33
CA THR C 278 29.13 -98.19 -79.19
C THR C 278 28.03 -97.18 -79.52
N PRO C 279 27.37 -97.25 -80.66
CA PRO C 279 26.37 -96.22 -80.98
C PRO C 279 25.25 -96.16 -79.97
N TYR C 280 24.87 -97.29 -79.37
CA TYR C 280 23.79 -97.22 -78.40
C TYR C 280 24.25 -96.50 -77.15
N LEU C 281 25.53 -96.65 -76.78
CA LEU C 281 26.04 -95.92 -75.63
C LEU C 281 26.09 -94.42 -75.93
N GLN C 282 26.42 -94.06 -77.18
CA GLN C 282 26.31 -92.66 -77.57
C GLN C 282 24.88 -92.17 -77.41
N LYS C 283 23.92 -92.96 -77.89
CA LYS C 283 22.53 -92.53 -77.86
C LYS C 283 22.06 -92.34 -76.42
N VAL C 284 22.43 -93.26 -75.53
CA VAL C 284 22.03 -93.16 -74.13
C VAL C 284 22.61 -91.90 -73.49
N LEU C 285 23.89 -91.63 -73.74
CA LEU C 285 24.51 -90.45 -73.14
C LEU C 285 23.87 -89.16 -73.67
N ASN C 286 23.75 -89.05 -74.99
CA ASN C 286 23.09 -87.89 -75.58
C ASN C 286 21.69 -87.68 -75.00
N GLN C 287 20.88 -88.76 -74.93
CA GLN C 287 19.56 -88.64 -74.33
C GLN C 287 19.63 -88.22 -72.88
N GLN C 288 20.73 -88.53 -72.19
CA GLN C 288 20.85 -88.13 -70.79
C GLN C 288 21.12 -86.64 -70.70
N LEU C 289 21.84 -86.12 -71.68
CA LEU C 289 22.02 -84.67 -71.74
C LEU C 289 20.69 -84.01 -72.07
N THR C 290 19.98 -84.52 -73.07
CA THR C 290 18.71 -83.91 -73.45
C THR C 290 17.74 -83.89 -72.27
N ASN C 291 17.77 -84.95 -71.44
CA ASN C 291 16.91 -84.98 -70.27
C ASN C 291 17.34 -83.93 -69.27
N HIS C 292 18.64 -83.63 -69.21
CA HIS C 292 19.08 -82.61 -68.25
C HIS C 292 18.72 -81.21 -68.75
N ILE C 293 18.94 -80.96 -70.04
CA ILE C 293 18.69 -79.65 -70.62
C ILE C 293 17.20 -79.30 -70.59
N ARG C 294 16.32 -80.28 -70.75
CA ARG C 294 14.89 -80.00 -70.76
C ARG C 294 14.27 -79.89 -69.37
N ASP C 295 14.97 -80.30 -68.32
CA ASP C 295 14.45 -80.20 -66.96
C ASP C 295 14.68 -78.82 -66.32
N THR C 296 15.40 -77.91 -66.96
CA THR C 296 15.69 -76.61 -66.38
C THR C 296 14.87 -75.46 -66.97
N LEU C 297 14.14 -75.68 -68.06
CA LEU C 297 13.39 -74.60 -68.69
C LEU C 297 12.42 -73.88 -67.75
N PRO C 298 11.67 -74.56 -66.88
CA PRO C 298 10.75 -73.84 -66.00
C PRO C 298 11.43 -72.75 -65.18
N GLY C 299 12.65 -73.00 -64.71
CA GLY C 299 13.36 -71.97 -63.98
C GLY C 299 13.65 -70.76 -64.84
N LEU C 300 14.05 -70.99 -66.09
CA LEU C 300 14.35 -69.86 -66.96
C LEU C 300 13.11 -69.02 -67.20
N ARG C 301 11.97 -69.68 -67.44
CA ARG C 301 10.74 -68.93 -67.64
C ARG C 301 10.37 -68.16 -66.39
N ASN C 302 10.51 -68.76 -65.22
CA ASN C 302 10.13 -68.04 -64.01
C ASN C 302 11.03 -66.84 -63.76
N LYS C 303 12.34 -66.97 -64.03
CA LYS C 303 13.22 -65.81 -63.91
C LYS C 303 12.76 -64.68 -64.81
N LEU C 304 12.54 -64.97 -66.10
CA LEU C 304 12.14 -63.91 -67.01
C LEU C 304 10.77 -63.34 -66.65
N GLN C 305 9.85 -64.18 -66.17
CA GLN C 305 8.54 -63.69 -65.77
C GLN C 305 8.65 -62.74 -64.59
N SER C 306 9.50 -63.07 -63.61
CA SER C 306 9.68 -62.18 -62.48
C SER C 306 10.26 -60.85 -62.92
N GLN C 307 11.23 -60.88 -63.82
CA GLN C 307 11.83 -59.63 -64.27
C GLN C 307 10.79 -58.76 -64.96
N LEU C 308 9.96 -59.37 -65.81
CA LEU C 308 8.91 -58.59 -66.47
C LEU C 308 7.95 -58.01 -65.44
N LEU C 309 7.59 -58.78 -64.42
CA LEU C 309 6.67 -58.25 -63.42
C LEU C 309 7.27 -57.05 -62.71
N SER C 310 8.55 -57.12 -62.38
CA SER C 310 9.19 -55.99 -61.70
C SER C 310 9.23 -54.75 -62.58
N ILE C 311 9.56 -54.92 -63.87
CA ILE C 311 9.76 -53.76 -64.74
C ILE C 311 8.46 -53.18 -65.32
N GLU C 312 7.39 -53.98 -65.40
CA GLU C 312 6.23 -53.58 -66.19
C GLU C 312 5.56 -52.31 -65.66
N LYS C 313 5.44 -52.18 -64.34
CA LYS C 313 4.67 -51.07 -63.79
C LYS C 313 5.26 -49.72 -64.21
N GLU C 314 6.56 -49.67 -64.47
CA GLU C 314 7.22 -48.43 -64.87
C GLU C 314 7.30 -48.30 -66.38
N VAL C 315 7.72 -49.37 -67.08
CA VAL C 315 7.78 -49.20 -68.53
C VAL C 315 6.39 -48.93 -69.10
N GLU C 316 5.32 -49.23 -68.34
CA GLU C 316 3.98 -48.86 -68.75
C GLU C 316 3.85 -47.35 -68.94
N GLU C 317 4.55 -46.57 -68.12
CA GLU C 317 4.54 -45.12 -68.25
C GLU C 317 5.60 -44.65 -69.22
N TYR C 318 6.77 -45.26 -69.19
CA TYR C 318 7.86 -44.82 -70.06
C TYR C 318 7.50 -44.97 -71.52
N LYS C 319 6.71 -46.00 -71.87
CA LYS C 319 6.39 -46.25 -73.28
C LYS C 319 5.50 -45.18 -73.91
N ASN C 320 4.81 -44.36 -73.11
CA ASN C 320 3.94 -43.32 -73.65
C ASN C 320 4.58 -41.93 -73.60
N PHE C 321 5.89 -41.85 -73.41
CA PHE C 321 6.54 -40.55 -73.22
C PHE C 321 6.48 -39.70 -74.47
N ARG C 322 6.18 -38.41 -74.27
CA ARG C 322 6.30 -37.38 -75.30
C ARG C 322 6.84 -36.18 -74.53
N PRO C 323 7.94 -35.56 -74.97
CA PRO C 323 8.46 -34.42 -74.18
C PRO C 323 7.50 -33.27 -74.03
N ASP C 324 6.66 -33.01 -75.03
CA ASP C 324 5.68 -31.91 -74.98
C ASP C 324 4.37 -32.48 -74.45
N ASP C 325 4.30 -32.66 -73.14
CA ASP C 325 3.15 -33.29 -72.50
C ASP C 325 2.86 -32.57 -71.18
N PRO C 326 2.07 -31.49 -71.22
CA PRO C 326 1.72 -30.81 -69.97
C PRO C 326 1.07 -31.71 -68.93
N ALA C 327 0.32 -32.73 -69.35
CA ALA C 327 -0.34 -33.60 -68.37
C ALA C 327 0.70 -34.31 -67.50
N ARG C 328 1.78 -34.79 -68.12
CA ARG C 328 2.83 -35.44 -67.34
C ARG C 328 3.47 -34.46 -66.38
N LYS C 329 3.78 -33.26 -66.87
CA LYS C 329 4.45 -32.26 -66.05
C LYS C 329 3.62 -31.91 -64.82
N THR C 330 2.31 -31.70 -65.02
CA THR C 330 1.46 -31.36 -63.89
C THR C 330 1.25 -32.54 -62.93
N LYS C 331 1.18 -33.77 -63.44
CA LYS C 331 1.10 -34.89 -62.52
C LYS C 331 2.38 -35.05 -61.71
N ALA C 332 3.54 -34.83 -62.34
CA ALA C 332 4.79 -34.86 -61.61
C ALA C 332 4.84 -33.74 -60.57
N LEU C 333 4.35 -32.56 -60.92
CA LEU C 333 4.34 -31.46 -59.98
C LEU C 333 3.53 -31.81 -58.74
N LEU C 334 2.34 -32.38 -58.95
CA LEU C 334 1.50 -32.71 -57.80
C LEU C 334 2.09 -33.86 -56.99
N GLN C 335 2.85 -34.76 -57.64
CA GLN C 335 3.45 -35.87 -56.90
C GLN C 335 4.61 -35.38 -56.04
N MET C 336 5.43 -34.50 -56.61
CA MET C 336 6.55 -33.95 -55.85
C MET C 336 6.06 -33.13 -54.68
N VAL C 337 5.02 -32.32 -54.89
CA VAL C 337 4.52 -31.49 -53.79
C VAL C 337 3.93 -32.35 -52.68
N GLN C 338 3.21 -33.42 -53.04
CA GLN C 338 2.66 -34.27 -51.99
C GLN C 338 3.77 -35.02 -51.25
N GLN C 339 4.82 -35.43 -51.95
CA GLN C 339 5.94 -36.09 -51.28
C GLN C 339 6.63 -35.13 -50.31
N PHE C 340 6.88 -33.89 -50.74
CA PHE C 340 7.55 -32.94 -49.87
C PHE C 340 6.71 -32.67 -48.64
N ALA C 341 5.40 -32.47 -48.81
CA ALA C 341 4.58 -32.13 -47.66
C ALA C 341 4.43 -33.31 -46.70
N VAL C 342 4.56 -34.54 -47.21
CA VAL C 342 4.49 -35.69 -46.33
C VAL C 342 5.80 -35.87 -45.58
N ASP C 343 6.94 -35.68 -46.25
CA ASP C 343 8.20 -35.80 -45.55
C ASP C 343 8.33 -34.71 -44.47
N PHE C 344 7.92 -33.49 -44.80
CA PHE C 344 8.02 -32.39 -43.82
C PHE C 344 7.16 -32.70 -42.60
N GLU C 345 5.90 -33.09 -42.83
CA GLU C 345 5.06 -33.40 -41.68
C GLU C 345 5.62 -34.57 -40.91
N LYS C 346 6.28 -35.51 -41.61
CA LYS C 346 6.85 -36.67 -40.92
C LYS C 346 7.94 -36.24 -39.96
N ARG C 347 8.80 -35.33 -40.42
CA ARG C 347 9.94 -34.93 -39.60
C ARG C 347 9.52 -34.04 -38.44
N ILE C 348 8.50 -33.21 -38.62
CA ILE C 348 8.11 -32.28 -37.55
C ILE C 348 7.08 -32.93 -36.62
N GLU C 349 5.93 -33.31 -37.16
CA GLU C 349 4.85 -33.83 -36.33
C GLU C 349 5.10 -35.26 -35.87
N GLY C 350 5.87 -36.03 -36.62
CA GLY C 350 5.98 -37.46 -36.38
C GLY C 350 4.89 -38.29 -37.01
N SER C 351 4.09 -37.71 -37.90
CA SER C 351 3.01 -38.42 -38.57
C SER C 351 3.57 -39.36 -39.63
N GLY C 352 2.89 -40.48 -39.81
CA GLY C 352 3.27 -41.49 -40.79
C GLY C 352 3.84 -42.74 -40.12
N ASP C 353 4.10 -43.74 -40.96
CA ASP C 353 4.62 -45.02 -40.50
C ASP C 353 6.08 -45.25 -40.88
N GLN C 354 6.76 -44.27 -41.45
CA GLN C 354 8.19 -44.38 -41.74
C GLN C 354 8.95 -43.60 -40.68
N ILE C 355 9.44 -44.30 -39.65
CA ILE C 355 10.10 -43.66 -38.52
C ILE C 355 11.59 -43.97 -38.58
N ASP C 356 12.41 -42.92 -38.48
CA ASP C 356 13.86 -43.06 -38.42
C ASP C 356 14.28 -43.40 -37.01
N THR C 357 14.80 -44.62 -36.81
CA THR C 357 15.19 -45.11 -35.50
C THR C 357 16.69 -44.99 -35.24
N TYR C 358 17.41 -44.28 -36.11
CA TYR C 358 18.84 -44.08 -35.96
C TYR C 358 19.20 -42.71 -35.41
N GLU C 359 18.59 -41.66 -35.94
CA GLU C 359 18.88 -40.29 -35.54
C GLU C 359 17.80 -39.82 -34.57
N LEU C 360 17.87 -38.55 -34.18
CA LEU C 360 16.70 -37.84 -33.69
C LEU C 360 15.98 -37.19 -34.85
N SER C 361 14.66 -37.08 -34.73
CA SER C 361 13.79 -36.86 -35.89
C SER C 361 14.13 -35.58 -36.64
N GLY C 362 15.02 -34.76 -36.11
CA GLY C 362 15.30 -33.46 -36.72
C GLY C 362 14.46 -32.36 -36.09
N GLY C 363 13.73 -31.63 -36.91
CA GLY C 363 13.02 -30.48 -36.39
C GLY C 363 12.21 -30.81 -35.15
N ALA C 364 11.59 -31.99 -35.11
CA ALA C 364 10.67 -32.30 -34.02
C ALA C 364 11.39 -32.31 -32.67
N ARG C 365 12.52 -33.00 -32.58
CA ARG C 365 13.14 -33.18 -31.28
C ARG C 365 14.32 -32.25 -31.06
N ILE C 366 14.86 -31.67 -32.14
CA ILE C 366 15.77 -30.56 -31.97
C ILE C 366 15.00 -29.36 -31.41
N ASN C 367 13.85 -29.02 -31.99
CA ASN C 367 13.06 -27.93 -31.45
C ASN C 367 12.53 -28.28 -30.06
N ARG C 368 12.04 -29.52 -29.87
CA ARG C 368 11.57 -29.93 -28.55
C ARG C 368 12.66 -29.78 -27.50
N ILE C 369 13.93 -29.86 -27.90
CA ILE C 369 15.01 -29.66 -26.95
C ILE C 369 15.46 -28.20 -26.90
N PHE C 370 15.26 -27.43 -27.96
CA PHE C 370 15.48 -25.99 -27.85
C PHE C 370 14.58 -25.41 -26.78
N HIS C 371 13.41 -26.01 -26.61
CA HIS C 371 12.48 -25.62 -25.56
C HIS C 371 12.86 -26.19 -24.20
N GLU C 372 14.02 -26.85 -24.11
CA GLU C 372 14.57 -27.30 -22.83
C GLU C 372 16.04 -26.90 -22.69
N ARG C 373 16.58 -26.18 -23.68
CA ARG C 373 17.75 -25.33 -23.49
C ARG C 373 17.35 -23.95 -23.07
N PHE C 374 16.20 -23.46 -23.55
CA PHE C 374 15.78 -22.11 -23.19
C PHE C 374 15.71 -21.92 -21.68
N PRO C 375 15.18 -22.86 -20.90
CA PRO C 375 15.23 -22.70 -19.43
C PRO C 375 16.63 -22.51 -18.88
N PHE C 376 17.65 -23.11 -19.52
CA PHE C 376 19.02 -22.90 -19.08
C PHE C 376 19.44 -21.46 -19.26
N GLU C 377 19.03 -20.84 -20.36
CA GLU C 377 19.39 -19.45 -20.63
C GLU C 377 18.78 -18.50 -19.60
N LEU C 378 17.65 -18.87 -19.00
CA LEU C 378 16.94 -18.01 -18.06
C LEU C 378 17.55 -17.98 -16.66
N VAL C 379 18.49 -18.87 -16.35
CA VAL C 379 19.09 -18.91 -15.02
C VAL C 379 20.51 -18.38 -14.98
N LYS C 380 21.10 -18.05 -16.13
CA LYS C 380 22.42 -17.41 -16.18
C LYS C 380 22.24 -15.89 -16.12
N MET C 381 21.88 -15.40 -14.93
CA MET C 381 21.67 -13.96 -14.73
C MET C 381 22.70 -13.28 -13.84
N GLU C 382 23.05 -13.86 -12.70
CA GLU C 382 24.11 -13.34 -11.84
C GLU C 382 23.85 -11.89 -11.39
N PHE C 383 22.77 -11.70 -10.63
CA PHE C 383 22.47 -10.39 -10.06
C PHE C 383 23.26 -10.15 -8.78
N ASP C 384 23.87 -8.96 -8.67
CA ASP C 384 24.73 -8.62 -7.55
C ASP C 384 23.88 -8.26 -6.33
N GLU C 385 24.04 -9.02 -5.25
CA GLU C 385 23.23 -8.81 -4.04
C GLU C 385 23.53 -7.49 -3.36
N LYS C 386 24.81 -7.09 -3.29
CA LYS C 386 25.15 -5.89 -2.53
C LYS C 386 24.49 -4.65 -3.12
N GLU C 387 24.55 -4.50 -4.44
CA GLU C 387 23.93 -3.34 -5.06
C GLU C 387 22.43 -3.39 -4.94
N LEU C 388 21.85 -4.59 -4.89
CA LEU C 388 20.42 -4.70 -4.60
C LEU C 388 20.11 -4.13 -3.23
N ARG C 389 20.82 -4.57 -2.20
CA ARG C 389 20.47 -4.12 -0.86
C ARG C 389 20.70 -2.63 -0.68
N ARG C 390 21.71 -2.09 -1.37
CA ARG C 390 21.93 -0.64 -1.32
C ARG C 390 20.78 0.10 -2.00
N GLU C 391 20.44 -0.31 -3.21
CA GLU C 391 19.43 0.43 -3.95
C GLU C 391 18.05 0.25 -3.32
N ILE C 392 17.82 -0.89 -2.66
CA ILE C 392 16.59 -1.06 -1.88
C ILE C 392 16.54 -0.06 -0.74
N SER C 393 17.66 0.10 -0.02
CA SER C 393 17.66 1.05 1.09
C SER C 393 17.38 2.46 0.59
N TYR C 394 18.11 2.88 -0.45
CA TYR C 394 17.91 4.22 -0.99
C TYR C 394 16.50 4.37 -1.55
N ALA C 395 15.94 3.31 -2.12
CA ALA C 395 14.60 3.40 -2.67
C ALA C 395 13.59 3.65 -1.55
N ILE C 396 13.71 2.90 -0.45
CA ILE C 396 12.77 3.07 0.64
C ILE C 396 12.84 4.49 1.18
N LYS C 397 14.07 4.97 1.44
CA LYS C 397 14.22 6.31 1.98
C LYS C 397 13.70 7.38 1.01
N ASN C 398 13.96 7.22 -0.28
CA ASN C 398 13.50 8.23 -1.23
C ASN C 398 12.00 8.17 -1.42
N ILE C 399 11.40 7.00 -1.31
CA ILE C 399 9.95 6.88 -1.43
C ILE C 399 9.27 7.57 -0.25
N HIS C 400 9.72 7.27 0.97
CA HIS C 400 9.17 7.99 2.12
C HIS C 400 9.42 9.49 2.00
N GLY C 401 10.65 9.86 1.66
CA GLY C 401 10.95 11.26 1.44
C GLY C 401 10.91 12.05 2.74
N ILE C 402 10.21 13.19 2.71
CA ILE C 402 10.23 14.13 3.83
C ILE C 402 9.55 13.58 5.06
N ARG C 403 8.70 12.57 4.92
CA ARG C 403 8.04 11.95 6.06
C ARG C 403 8.92 10.84 6.64
N THR C 404 8.70 10.56 7.92
CA THR C 404 9.49 9.52 8.56
C THR C 404 9.12 8.14 8.05
N GLY C 405 7.90 7.98 7.57
CA GLY C 405 7.45 6.70 7.09
C GLY C 405 6.97 5.84 8.24
N LEU C 406 5.92 5.10 8.01
CA LEU C 406 5.29 4.30 9.05
C LEU C 406 5.19 2.84 8.65
N PHE C 407 4.96 2.56 7.37
CA PHE C 407 4.94 1.20 6.85
C PHE C 407 5.85 1.14 5.63
N THR C 408 6.28 -0.07 5.29
CA THR C 408 7.17 -0.27 4.16
C THR C 408 6.50 0.19 2.87
N PRO C 409 7.21 0.87 1.98
CA PRO C 409 6.58 1.33 0.74
C PRO C 409 6.44 0.20 -0.27
N ASP C 410 5.57 0.42 -1.24
CA ASP C 410 5.33 -0.55 -2.30
C ASP C 410 5.96 -0.23 -3.64
N MET C 411 6.41 1.01 -3.86
CA MET C 411 7.09 1.32 -5.11
C MET C 411 8.50 0.76 -5.18
N ALA C 412 9.13 0.48 -4.04
CA ALA C 412 10.43 -0.19 -4.07
C ALA C 412 10.35 -1.59 -4.66
N PHE C 413 9.34 -2.35 -4.25
CA PHE C 413 9.17 -3.69 -4.79
C PHE C 413 8.93 -3.64 -6.29
N GLU C 414 8.15 -2.66 -6.74
CA GLU C 414 7.86 -2.58 -8.16
C GLU C 414 9.09 -2.14 -8.94
N THR C 415 9.91 -1.27 -8.37
CA THR C 415 11.08 -0.79 -9.11
C THR C 415 12.10 -1.91 -9.25
N ILE C 416 12.28 -2.69 -8.19
CA ILE C 416 13.26 -3.76 -8.25
C ILE C 416 12.79 -4.82 -9.25
N VAL C 417 11.51 -5.19 -9.16
CA VAL C 417 11.02 -6.22 -10.05
C VAL C 417 11.15 -5.75 -11.50
N LYS C 418 10.74 -4.51 -11.79
CA LYS C 418 10.84 -4.04 -13.16
C LYS C 418 12.28 -4.09 -13.66
N LYS C 419 13.25 -3.85 -12.77
CA LYS C 419 14.64 -3.87 -13.22
C LYS C 419 15.07 -5.29 -13.56
N GLN C 420 14.65 -6.26 -12.77
CA GLN C 420 15.06 -7.64 -13.09
C GLN C 420 14.28 -8.16 -14.30
N VAL C 421 13.01 -7.80 -14.41
CA VAL C 421 12.17 -8.25 -15.53
C VAL C 421 12.69 -7.73 -16.86
N LYS C 422 13.32 -6.56 -16.88
CA LYS C 422 13.79 -6.06 -18.18
C LYS C 422 14.90 -6.91 -18.80
N LYS C 423 15.53 -7.82 -18.04
CA LYS C 423 16.65 -8.58 -18.57
C LYS C 423 16.25 -9.76 -19.44
N ILE C 424 15.00 -10.23 -19.36
CA ILE C 424 14.61 -11.46 -20.05
C ILE C 424 14.59 -11.34 -21.57
N ARG C 425 14.63 -10.13 -22.12
CA ARG C 425 14.49 -9.97 -23.57
C ARG C 425 15.56 -10.71 -24.37
N GLU C 426 16.75 -10.91 -23.79
CA GLU C 426 17.84 -11.50 -24.56
C GLU C 426 17.63 -12.98 -24.90
N PRO C 427 17.46 -13.88 -23.93
CA PRO C 427 17.29 -15.31 -24.29
C PRO C 427 16.09 -15.58 -25.19
N CYS C 428 15.06 -14.75 -25.16
CA CYS C 428 13.90 -15.03 -25.99
C CYS C 428 14.22 -14.76 -27.45
N LEU C 429 14.99 -13.71 -27.71
CA LEU C 429 15.36 -13.41 -29.07
C LEU C 429 16.49 -14.32 -29.54
N LYS C 430 17.19 -14.98 -28.61
CA LYS C 430 18.10 -16.03 -29.04
C LYS C 430 17.32 -17.27 -29.47
N CYS C 431 16.32 -17.65 -28.66
CA CYS C 431 15.53 -18.85 -28.92
C CYS C 431 14.81 -18.76 -30.26
N VAL C 432 14.43 -17.56 -30.67
CA VAL C 432 13.72 -17.45 -31.95
C VAL C 432 14.67 -17.73 -33.11
N ASP C 433 15.90 -17.19 -33.04
CA ASP C 433 16.86 -17.43 -34.11
C ASP C 433 17.27 -18.90 -34.15
N MET C 434 17.39 -19.52 -32.98
CA MET C 434 17.74 -20.94 -32.95
C MET C 434 16.67 -21.77 -33.64
N VAL C 435 15.40 -21.47 -33.38
CA VAL C 435 14.34 -22.27 -33.97
C VAL C 435 14.27 -22.04 -35.46
N ILE C 436 14.46 -20.80 -35.91
CA ILE C 436 14.48 -20.54 -37.35
C ILE C 436 15.56 -21.36 -38.02
N SER C 437 16.75 -21.40 -37.42
CA SER C 437 17.85 -22.14 -38.04
C SER C 437 17.52 -23.63 -38.14
N GLU C 438 16.92 -24.18 -37.08
CA GLU C 438 16.59 -25.60 -37.13
C GLU C 438 15.55 -25.88 -38.22
N LEU C 439 14.55 -25.01 -38.35
CA LEU C 439 13.55 -25.22 -39.38
C LEU C 439 14.18 -25.19 -40.77
N ILE C 440 15.08 -24.23 -41.01
CA ILE C 440 15.71 -24.18 -42.34
C ILE C 440 16.49 -25.46 -42.59
N SER C 441 17.08 -26.02 -41.52
CA SER C 441 17.80 -27.28 -41.69
C SER C 441 16.85 -28.39 -42.13
N THR C 442 15.72 -28.51 -41.44
CA THR C 442 14.81 -29.61 -41.76
C THR C 442 14.20 -29.44 -43.14
N VAL C 443 13.97 -28.19 -43.59
CA VAL C 443 13.49 -28.00 -44.95
C VAL C 443 14.55 -28.45 -45.95
N ARG C 444 15.83 -28.25 -45.63
CA ARG C 444 16.86 -28.62 -46.58
C ARG C 444 17.03 -30.13 -46.60
N GLN C 445 16.74 -30.81 -45.49
CA GLN C 445 16.70 -32.26 -45.53
C GLN C 445 15.53 -32.74 -46.37
N CYS C 446 14.37 -32.09 -46.24
CA CYS C 446 13.18 -32.57 -46.92
C CYS C 446 13.29 -32.41 -48.43
N THR C 447 14.10 -31.46 -48.89
CA THR C 447 14.21 -31.25 -50.33
C THR C 447 15.20 -32.18 -51.04
N LYS C 448 15.87 -33.09 -50.31
CA LYS C 448 16.81 -34.01 -50.94
C LYS C 448 16.17 -35.05 -51.85
N LYS C 449 14.84 -35.20 -51.83
CA LYS C 449 14.18 -36.23 -52.61
C LYS C 449 13.79 -35.79 -54.01
N LEU C 450 14.04 -34.54 -54.38
CA LEU C 450 13.66 -33.98 -55.67
C LEU C 450 14.85 -33.89 -56.63
N GLN C 451 15.85 -34.75 -56.46
CA GLN C 451 17.09 -34.62 -57.23
C GLN C 451 16.87 -34.79 -58.72
N GLN C 452 15.90 -35.61 -59.14
CA GLN C 452 15.70 -35.84 -60.57
C GLN C 452 15.13 -34.62 -61.29
N TYR C 453 14.71 -33.59 -60.57
CA TYR C 453 14.20 -32.35 -61.15
C TYR C 453 15.04 -31.17 -60.69
N PRO C 454 16.03 -30.76 -61.46
CA PRO C 454 16.67 -29.47 -61.21
C PRO C 454 15.76 -28.34 -61.62
N ARG C 455 15.95 -27.18 -61.00
CA ARG C 455 15.14 -25.98 -61.12
C ARG C 455 13.84 -26.10 -60.34
N LEU C 456 13.50 -27.27 -59.80
CA LEU C 456 12.38 -27.41 -58.89
C LEU C 456 12.79 -27.59 -57.44
N ARG C 457 13.99 -28.10 -57.19
CA ARG C 457 14.52 -28.16 -55.84
C ARG C 457 14.99 -26.79 -55.38
N GLU C 458 15.51 -25.99 -56.33
CA GLU C 458 15.90 -24.63 -56.02
C GLU C 458 14.69 -23.77 -55.71
N GLU C 459 13.66 -23.84 -56.56
CA GLU C 459 12.50 -22.99 -56.35
C GLU C 459 11.80 -23.33 -55.05
N MET C 460 11.63 -24.63 -54.76
CA MET C 460 10.93 -24.99 -53.54
C MET C 460 11.73 -24.62 -52.30
N GLU C 461 13.06 -24.71 -52.38
CA GLU C 461 13.89 -24.24 -51.27
C GLU C 461 13.75 -22.75 -51.10
N ARG C 462 13.81 -22.01 -52.20
CA ARG C 462 13.76 -20.56 -52.12
C ARG C 462 12.42 -20.10 -51.54
N ILE C 463 11.33 -20.72 -51.97
CA ILE C 463 10.01 -20.24 -51.57
C ILE C 463 9.73 -20.56 -50.10
N VAL C 464 10.05 -21.79 -49.67
CA VAL C 464 9.78 -22.11 -48.27
C VAL C 464 10.76 -21.39 -47.36
N THR C 465 11.99 -21.16 -47.80
CA THR C 465 12.95 -20.46 -46.97
C THR C 465 12.54 -19.00 -46.82
N THR C 466 12.19 -18.35 -47.93
CA THR C 466 11.79 -16.95 -47.83
C THR C 466 10.60 -16.81 -46.88
N HIS C 467 9.63 -17.72 -46.98
CA HIS C 467 8.47 -17.59 -46.09
C HIS C 467 8.89 -17.72 -44.63
N ILE C 468 9.72 -18.72 -44.33
CA ILE C 468 10.11 -18.95 -42.94
C ILE C 468 10.89 -17.76 -42.41
N ARG C 469 11.70 -17.13 -43.26
CA ARG C 469 12.48 -15.99 -42.80
C ARG C 469 11.58 -14.80 -42.54
N GLU C 470 10.63 -14.54 -43.44
CA GLU C 470 9.77 -13.38 -43.28
C GLU C 470 8.87 -13.46 -42.06
N ARG C 471 8.55 -14.67 -41.57
CA ARG C 471 7.72 -14.73 -40.36
C ARG C 471 8.48 -14.38 -39.07
N GLU C 472 9.80 -14.17 -39.16
CA GLU C 472 10.61 -13.84 -37.99
C GLU C 472 10.22 -12.50 -37.38
N GLY C 473 9.98 -11.48 -38.22
CA GLY C 473 9.68 -10.17 -37.69
C GLY C 473 8.45 -10.20 -36.79
N ARG C 474 7.39 -10.83 -37.28
CA ARG C 474 6.15 -10.86 -36.53
C ARG C 474 6.30 -11.70 -35.26
N THR C 475 7.14 -12.75 -35.32
CA THR C 475 7.29 -13.55 -34.11
C THR C 475 8.06 -12.78 -33.04
N LYS C 476 9.02 -11.94 -33.46
CA LYS C 476 9.79 -11.18 -32.49
C LYS C 476 8.95 -10.05 -31.92
N GLU C 477 8.13 -9.41 -32.76
CA GLU C 477 7.28 -8.35 -32.25
C GLU C 477 6.36 -8.88 -31.15
N GLN C 478 5.77 -10.06 -31.38
CA GLN C 478 4.90 -10.64 -30.36
C GLN C 478 5.70 -10.98 -29.09
N VAL C 479 6.93 -11.48 -29.26
CA VAL C 479 7.73 -11.81 -28.07
C VAL C 479 8.01 -10.56 -27.25
N MET C 480 8.39 -9.46 -27.90
CA MET C 480 8.63 -8.22 -27.16
C MET C 480 7.37 -7.74 -26.45
N LEU C 481 6.22 -7.82 -27.13
CA LEU C 481 4.99 -7.34 -26.54
C LEU C 481 4.64 -8.13 -25.30
N LEU C 482 4.84 -9.45 -25.32
CA LEU C 482 4.50 -10.24 -24.14
C LEU C 482 5.31 -9.87 -22.91
N ILE C 483 6.46 -9.23 -23.08
CA ILE C 483 7.24 -8.75 -21.94
C ILE C 483 6.76 -7.38 -21.48
N ASP C 484 6.49 -6.50 -22.45
CA ASP C 484 5.88 -5.24 -22.08
C ASP C 484 4.64 -5.49 -21.24
N ILE C 485 3.84 -6.50 -21.61
CA ILE C 485 2.66 -6.83 -20.82
C ILE C 485 3.05 -7.16 -19.38
N GLU C 486 4.23 -7.76 -19.19
CA GLU C 486 4.66 -8.13 -17.84
C GLU C 486 5.08 -6.92 -17.03
N LEU C 487 5.61 -5.88 -17.69
CA LEU C 487 6.01 -4.69 -16.96
C LEU C 487 4.85 -3.79 -16.56
N ALA C 488 3.71 -3.86 -17.26
CA ALA C 488 2.68 -2.83 -17.15
C ALA C 488 1.92 -2.88 -15.83
N TYR C 489 1.86 -4.04 -15.18
CA TYR C 489 1.01 -4.19 -14.01
C TYR C 489 1.54 -5.31 -13.13
N MET C 490 1.62 -5.03 -11.83
CA MET C 490 2.18 -5.95 -10.85
C MET C 490 1.03 -6.60 -10.10
N ASN C 491 0.75 -7.86 -10.41
CA ASN C 491 -0.36 -8.58 -9.80
C ASN C 491 0.17 -9.37 -8.61
N THR C 492 -0.17 -8.94 -7.41
CA THR C 492 0.29 -9.55 -6.17
C THR C 492 -0.74 -10.49 -5.56
N ASN C 493 -1.85 -10.74 -6.26
CA ASN C 493 -2.91 -11.62 -5.77
C ASN C 493 -2.72 -13.07 -6.22
N HIS C 494 -1.61 -13.36 -6.89
CA HIS C 494 -1.26 -14.69 -7.38
C HIS C 494 -0.73 -15.57 -6.26
N GLU C 495 -0.03 -16.65 -6.61
CA GLU C 495 0.69 -17.49 -5.65
C GLU C 495 1.91 -16.72 -5.17
N ASP C 496 1.82 -16.12 -4.00
CA ASP C 496 2.88 -15.27 -3.48
C ASP C 496 2.87 -15.39 -1.96
N PHE C 497 3.82 -14.71 -1.32
CA PHE C 497 3.85 -14.63 0.14
C PHE C 497 2.75 -13.69 0.58
N ILE C 498 1.51 -14.20 0.59
CA ILE C 498 0.36 -13.43 1.02
C ILE C 498 0.34 -13.43 2.54
N GLY C 499 0.30 -12.24 3.13
CA GLY C 499 0.39 -12.14 4.58
C GLY C 499 1.82 -12.16 5.06
N PHE C 500 2.56 -13.19 4.68
CA PHE C 500 3.98 -13.31 5.01
C PHE C 500 4.17 -13.36 6.52
N ILE C 525 29.67 -33.34 12.43
CA ILE C 525 31.06 -33.62 12.13
C ILE C 525 31.45 -34.98 12.70
N ARG C 526 30.67 -35.48 13.65
CA ARG C 526 30.98 -36.74 14.30
C ARG C 526 29.69 -37.46 14.66
N LYS C 527 29.70 -38.78 14.55
CA LYS C 527 28.58 -39.60 14.96
C LYS C 527 29.06 -40.77 15.79
N GLY C 528 28.24 -41.23 16.72
CA GLY C 528 28.63 -42.37 17.53
C GLY C 528 27.73 -42.54 18.74
N TRP C 529 28.08 -43.55 19.53
CA TRP C 529 27.34 -43.82 20.76
C TRP C 529 27.93 -43.01 21.91
N LEU C 530 27.05 -42.55 22.80
CA LEU C 530 27.47 -41.68 23.89
C LEU C 530 26.50 -41.84 25.06
N THR C 531 27.04 -42.15 26.23
CA THR C 531 26.22 -42.39 27.41
C THR C 531 25.99 -41.10 28.18
N ILE C 532 24.77 -40.94 28.68
CA ILE C 532 24.38 -39.82 29.53
C ILE C 532 24.10 -40.37 30.92
N ASN C 533 24.84 -39.89 31.91
CA ASN C 533 24.67 -40.33 33.29
C ASN C 533 23.60 -39.53 34.03
N ASN C 534 23.43 -38.26 33.69
CA ASN C 534 22.45 -37.39 34.35
C ASN C 534 21.20 -37.30 33.48
N ILE C 535 20.19 -38.10 33.85
CA ILE C 535 18.91 -38.10 33.15
C ILE C 535 17.82 -37.91 34.20
N GLY C 536 16.80 -37.11 33.86
CA GLY C 536 15.71 -36.80 34.77
C GLY C 536 15.25 -38.01 35.55
N ILE C 537 14.97 -37.82 36.85
CA ILE C 537 14.70 -38.95 37.73
C ILE C 537 13.48 -39.72 37.26
N MET C 538 12.47 -39.02 36.73
CA MET C 538 11.30 -39.71 36.18
C MET C 538 11.69 -40.70 35.10
N LYS C 539 12.77 -40.43 34.37
CA LYS C 539 13.34 -41.34 33.39
C LYS C 539 14.83 -41.51 33.61
N GLY C 540 15.25 -41.52 34.88
CA GLY C 540 16.66 -41.45 35.22
C GLY C 540 17.39 -42.76 35.04
N GLY C 541 18.66 -42.73 35.42
CA GLY C 541 19.55 -43.86 35.20
C GLY C 541 20.39 -43.67 33.95
N SER C 542 21.67 -43.99 34.02
CA SER C 542 22.57 -43.80 32.89
C SER C 542 22.08 -44.58 31.68
N LYS C 543 22.05 -43.92 30.52
CA LYS C 543 21.58 -44.56 29.30
C LYS C 543 22.46 -44.15 28.13
N GLU C 544 22.61 -45.05 27.17
CA GLU C 544 23.42 -44.81 25.97
C GLU C 544 22.52 -44.38 24.83
N TYR C 545 22.90 -43.29 24.14
CA TYR C 545 22.13 -42.74 23.03
C TYR C 545 23.04 -42.59 21.82
N TRP C 546 22.44 -42.66 20.64
CA TRP C 546 23.15 -42.35 19.41
C TRP C 546 23.21 -40.85 19.24
N PHE C 547 24.41 -40.30 19.11
CA PHE C 547 24.62 -38.86 19.11
C PHE C 547 25.27 -38.43 17.81
N VAL C 548 24.75 -37.34 17.24
CA VAL C 548 25.29 -36.72 16.05
C VAL C 548 25.66 -35.28 16.40
N LEU C 549 26.92 -34.93 16.18
CA LEU C 549 27.42 -33.58 16.43
C LEU C 549 27.80 -32.95 15.10
N THR C 550 27.25 -31.77 14.84
CA THR C 550 27.57 -30.98 13.65
C THR C 550 27.92 -29.57 14.09
N ALA C 551 28.22 -28.72 13.10
CA ALA C 551 28.61 -27.35 13.43
C ALA C 551 27.48 -26.60 14.10
N GLU C 552 26.23 -26.89 13.73
CA GLU C 552 25.10 -26.10 14.19
C GLU C 552 24.53 -26.62 15.50
N ASN C 553 24.30 -27.93 15.63
CA ASN C 553 23.53 -28.44 16.76
C ASN C 553 24.04 -29.81 17.18
N LEU C 554 23.50 -30.26 18.31
CA LEU C 554 23.73 -31.58 18.89
C LEU C 554 22.41 -32.33 18.81
N SER C 555 22.39 -33.45 18.09
CA SER C 555 21.17 -34.23 17.88
C SER C 555 21.27 -35.57 18.59
N TRP C 556 20.25 -35.90 19.38
CA TRP C 556 20.23 -37.15 20.13
C TRP C 556 19.15 -38.07 19.57
N TYR C 557 19.48 -39.35 19.42
CA TYR C 557 18.60 -40.37 18.90
C TYR C 557 18.65 -41.61 19.79
N LYS C 558 17.57 -42.39 19.71
CA LYS C 558 17.54 -43.67 20.43
C LYS C 558 18.47 -44.69 19.80
N ASP C 559 18.64 -44.65 18.47
CA ASP C 559 19.44 -45.64 17.77
C ASP C 559 20.04 -45.00 16.53
N ASP C 560 21.01 -45.70 15.92
CA ASP C 560 21.71 -45.20 14.75
C ASP C 560 20.82 -45.11 13.50
N GLU C 561 19.56 -45.53 13.57
CA GLU C 561 18.64 -45.27 12.47
C GLU C 561 18.39 -43.78 12.28
N GLU C 562 18.65 -42.97 13.31
CA GLU C 562 18.51 -41.51 13.21
C GLU C 562 17.08 -41.13 12.79
N LYS C 563 16.11 -41.65 13.53
CA LYS C 563 14.70 -41.44 13.22
C LYS C 563 13.98 -40.54 14.22
N GLU C 564 14.27 -40.69 15.52
CA GLU C 564 13.43 -40.08 16.55
C GLU C 564 13.61 -38.56 16.59
N LYS C 565 14.85 -38.09 16.58
CA LYS C 565 15.14 -36.68 16.78
C LYS C 565 14.49 -36.19 18.07
N LYS C 566 14.66 -36.99 19.14
CA LYS C 566 13.92 -36.73 20.37
C LYS C 566 14.29 -35.39 20.97
N TYR C 567 15.58 -35.06 21.01
CA TYR C 567 16.02 -33.82 21.63
C TYR C 567 17.35 -33.37 21.05
N MET C 568 17.65 -32.09 21.29
CA MET C 568 18.83 -31.46 20.72
C MET C 568 19.30 -30.35 21.64
N LEU C 569 20.57 -29.98 21.47
CA LEU C 569 21.18 -28.83 22.13
C LEU C 569 21.86 -27.97 21.08
N SER C 570 21.95 -26.67 21.34
CA SER C 570 22.65 -25.79 20.41
C SER C 570 24.15 -25.83 20.69
N VAL C 571 24.94 -25.83 19.60
CA VAL C 571 26.40 -25.84 19.76
C VAL C 571 26.87 -24.57 20.45
N ASP C 572 26.34 -23.42 20.04
CA ASP C 572 26.73 -22.17 20.64
C ASP C 572 26.17 -22.06 22.07
N ASN C 573 26.80 -21.20 22.86
CA ASN C 573 26.36 -20.94 24.23
C ASN C 573 26.44 -22.21 25.08
N LEU C 574 27.51 -22.98 24.89
CA LEU C 574 27.77 -24.15 25.72
C LEU C 574 29.24 -24.14 26.15
N LYS C 575 29.49 -24.74 27.31
CA LYS C 575 30.82 -24.88 27.87
C LYS C 575 31.12 -26.35 28.16
N LEU C 576 32.35 -26.75 27.88
CA LEU C 576 32.80 -28.13 28.03
C LEU C 576 33.75 -28.21 29.21
N ARG C 577 33.49 -29.16 30.12
CA ARG C 577 34.26 -29.29 31.35
C ARG C 577 34.69 -30.74 31.57
N ASP C 578 35.79 -30.90 32.30
CA ASP C 578 36.20 -32.19 32.81
C ASP C 578 35.38 -32.55 34.05
N VAL C 579 35.32 -33.86 34.34
CA VAL C 579 34.57 -34.31 35.51
C VAL C 579 35.31 -33.93 36.78
N GLU C 580 34.55 -33.85 37.88
CA GLU C 580 35.13 -33.51 39.17
C GLU C 580 36.19 -34.53 39.56
N LYS C 581 37.30 -34.03 40.11
CA LYS C 581 38.34 -34.92 40.61
C LYS C 581 37.82 -35.72 41.81
N GLY C 582 38.14 -37.01 41.83
CA GLY C 582 37.64 -37.89 42.85
C GLY C 582 36.27 -38.47 42.56
N PHE C 583 35.67 -38.15 41.43
CA PHE C 583 34.38 -38.69 41.05
C PHE C 583 34.55 -40.12 40.52
N MET C 584 33.42 -40.79 40.28
CA MET C 584 33.44 -42.17 39.81
C MET C 584 34.42 -42.33 38.65
N SER C 585 35.25 -43.36 38.74
CA SER C 585 36.23 -43.67 37.72
C SER C 585 35.83 -44.87 36.87
N SER C 586 34.65 -45.45 37.10
CA SER C 586 34.22 -46.60 36.31
C SER C 586 33.97 -46.24 34.85
N LYS C 587 33.75 -44.97 34.55
CA LYS C 587 33.54 -44.50 33.18
C LYS C 587 34.37 -43.25 32.96
N HIS C 588 34.74 -43.03 31.70
CA HIS C 588 35.44 -41.80 31.33
C HIS C 588 34.42 -40.69 31.10
N ILE C 589 34.47 -39.65 31.94
CA ILE C 589 33.36 -38.71 32.09
C ILE C 589 33.83 -37.32 31.73
N PHE C 590 32.95 -36.58 31.04
CA PHE C 590 33.09 -35.16 30.75
C PHE C 590 31.69 -34.58 30.77
N ALA C 591 31.57 -33.26 30.78
CA ALA C 591 30.26 -32.67 30.95
C ALA C 591 30.10 -31.42 30.10
N LEU C 592 28.85 -31.17 29.69
CA LEU C 592 28.44 -29.95 29.04
C LEU C 592 27.54 -29.15 29.98
N PHE C 593 27.80 -27.84 30.07
CA PHE C 593 27.11 -27.00 31.02
C PHE C 593 27.11 -25.58 30.50
N ASN C 594 26.29 -24.73 31.13
CA ASN C 594 26.32 -23.30 30.80
C ASN C 594 25.63 -22.53 31.90
N THR C 595 26.02 -21.26 32.03
CA THR C 595 25.44 -20.35 33.01
C THR C 595 25.09 -18.98 32.46
N GLU C 596 25.55 -18.63 31.26
CA GLU C 596 25.38 -17.27 30.74
C GLU C 596 24.17 -17.13 29.82
N GLN C 597 23.75 -18.19 29.15
CA GLN C 597 22.64 -18.14 28.22
C GLN C 597 21.66 -19.26 28.52
N ARG C 598 20.40 -19.04 28.12
CA ARG C 598 19.34 -20.02 28.34
C ARG C 598 19.37 -21.10 27.26
N ASN C 599 20.53 -21.75 27.15
CA ASN C 599 20.73 -22.90 26.27
C ASN C 599 21.13 -24.13 27.06
N VAL C 600 20.68 -24.22 28.31
CA VAL C 600 21.10 -25.27 29.23
C VAL C 600 20.19 -26.47 29.02
N TYR C 601 20.75 -27.66 29.22
CA TYR C 601 19.98 -28.90 29.17
C TYR C 601 18.94 -28.90 30.29
N LYS C 602 18.09 -29.92 30.33
CA LYS C 602 17.08 -30.01 31.38
C LYS C 602 17.68 -29.69 32.75
N ASP C 603 17.01 -28.81 33.49
CA ASP C 603 17.55 -28.28 34.74
C ASP C 603 17.43 -29.35 35.84
N TYR C 604 18.17 -30.44 35.65
CA TYR C 604 18.31 -31.50 36.63
C TYR C 604 19.73 -31.58 37.14
N ARG C 605 20.70 -31.74 36.24
CA ARG C 605 22.11 -31.63 36.54
C ARG C 605 22.81 -31.10 35.31
N GLN C 606 24.11 -30.84 35.44
CA GLN C 606 24.94 -30.57 34.27
C GLN C 606 24.97 -31.81 33.39
N LEU C 607 24.99 -31.60 32.08
CA LEU C 607 24.83 -32.71 31.15
C LEU C 607 26.08 -33.58 31.16
N GLU C 608 26.12 -34.54 32.06
CA GLU C 608 27.27 -35.43 32.22
C GLU C 608 27.24 -36.52 31.16
N LEU C 609 28.23 -36.52 30.28
CA LEU C 609 28.38 -37.48 29.20
C LEU C 609 29.53 -38.40 29.57
N ALA C 610 29.42 -39.67 29.20
CA ALA C 610 30.42 -40.66 29.58
C ALA C 610 30.66 -41.64 28.45
N CYS C 611 31.82 -42.27 28.49
CA CYS C 611 32.21 -43.28 27.51
C CYS C 611 32.96 -44.40 28.21
N GLU C 612 33.14 -45.50 27.47
CA GLU C 612 33.83 -46.67 28.01
C GLU C 612 35.34 -46.46 28.09
N THR C 613 35.90 -45.67 27.19
CA THR C 613 37.34 -45.46 27.13
C THR C 613 37.65 -43.97 27.04
N GLN C 614 38.90 -43.64 27.37
CA GLN C 614 39.34 -42.24 27.30
C GLN C 614 39.38 -41.72 25.87
N GLU C 615 39.69 -42.58 24.90
CA GLU C 615 39.76 -42.12 23.52
C GLU C 615 38.43 -41.58 23.02
N GLU C 616 37.33 -42.26 23.36
CA GLU C 616 36.01 -41.78 22.96
C GLU C 616 35.70 -40.42 23.59
N VAL C 617 36.05 -40.25 24.87
CA VAL C 617 35.83 -38.97 25.53
C VAL C 617 36.65 -37.88 24.87
N ASP C 618 37.92 -38.15 24.57
CA ASP C 618 38.75 -37.13 23.92
C ASP C 618 38.21 -36.79 22.54
N SER C 619 37.76 -37.80 21.80
CA SER C 619 37.21 -37.56 20.47
C SER C 619 35.96 -36.69 20.55
N TRP C 620 35.07 -36.97 21.50
CA TRP C 620 33.87 -36.16 21.64
C TRP C 620 34.20 -34.74 22.09
N LYS C 621 35.10 -34.61 23.07
CA LYS C 621 35.46 -33.27 23.55
C LYS C 621 36.08 -32.45 22.43
N ALA C 622 36.99 -33.04 21.65
CA ALA C 622 37.58 -32.33 20.52
C ALA C 622 36.54 -31.96 19.49
N SER C 623 35.60 -32.86 19.21
CA SER C 623 34.55 -32.54 18.24
C SER C 623 33.68 -31.39 18.73
N PHE C 624 33.33 -31.39 20.02
CA PHE C 624 32.55 -30.29 20.58
C PHE C 624 33.31 -28.97 20.47
N LEU C 625 34.61 -28.99 20.79
CA LEU C 625 35.41 -27.77 20.69
C LEU C 625 35.48 -27.26 19.25
N ARG C 626 35.67 -28.16 18.30
CA ARG C 626 35.69 -27.76 16.89
C ARG C 626 34.34 -27.21 16.45
N ALA C 627 33.26 -27.82 16.92
CA ALA C 627 31.92 -27.35 16.54
C ALA C 627 31.67 -25.93 17.01
N GLY C 628 32.24 -25.53 18.14
CA GLY C 628 32.08 -24.19 18.66
C GLY C 628 31.75 -24.15 20.14
N VAL C 629 31.84 -25.30 20.81
CA VAL C 629 31.62 -25.35 22.24
C VAL C 629 32.82 -24.72 22.95
N TYR C 630 32.55 -23.78 23.85
CA TYR C 630 33.62 -23.07 24.53
C TYR C 630 34.29 -24.00 25.53
N PRO C 631 35.63 -24.08 25.55
CA PRO C 631 36.28 -24.94 26.54
C PRO C 631 36.15 -24.36 27.95
N GLU C 632 35.72 -25.20 28.88
CA GLU C 632 35.53 -24.78 30.27
C GLU C 632 34.77 -23.46 30.36
N PRO C 657 20.14 -1.17 12.21
CA PRO C 657 18.80 -0.73 12.56
C PRO C 657 17.70 -1.61 11.98
N GLN C 658 16.43 -1.23 12.18
CA GLN C 658 15.31 -2.00 11.66
C GLN C 658 15.25 -1.97 10.14
N LEU C 659 15.91 -0.99 9.51
CA LEU C 659 15.84 -0.89 8.05
C LEU C 659 16.33 -2.15 7.36
N GLU C 660 17.28 -2.85 7.98
CA GLU C 660 17.78 -4.08 7.37
C GLU C 660 16.68 -5.11 7.25
N ARG C 661 15.81 -5.21 8.25
CA ARG C 661 14.70 -6.15 8.14
C ARG C 661 13.81 -5.78 6.97
N GLN C 662 13.57 -4.48 6.75
CA GLN C 662 12.78 -4.10 5.60
C GLN C 662 13.47 -4.54 4.33
N VAL C 663 14.79 -4.37 4.24
CA VAL C 663 15.48 -4.79 3.04
C VAL C 663 15.32 -6.29 2.87
N GLU C 664 15.43 -7.03 3.97
CA GLU C 664 15.28 -8.47 3.86
C GLU C 664 13.91 -8.82 3.31
N THR C 665 12.87 -8.15 3.80
CA THR C 665 11.54 -8.49 3.32
C THR C 665 11.45 -8.25 1.82
N ILE C 666 11.92 -7.10 1.36
CA ILE C 666 11.80 -6.85 -0.08
C ILE C 666 12.64 -7.84 -0.85
N ARG C 667 13.79 -8.23 -0.31
CA ARG C 667 14.62 -9.17 -1.05
C ARG C 667 13.89 -10.48 -1.24
N ASN C 668 13.16 -10.93 -0.22
CA ASN C 668 12.44 -12.18 -0.40
C ASN C 668 11.24 -12.02 -1.33
N LEU C 669 10.56 -10.87 -1.27
CA LEU C 669 9.36 -10.76 -2.07
C LEU C 669 9.68 -10.70 -3.56
N VAL C 670 10.79 -10.06 -3.92
CA VAL C 670 11.11 -10.00 -5.33
C VAL C 670 11.43 -11.40 -5.83
N ASP C 671 12.14 -12.18 -5.02
CA ASP C 671 12.42 -13.54 -5.46
C ASP C 671 11.12 -14.29 -5.70
N SER C 672 10.18 -14.17 -4.77
CA SER C 672 8.94 -14.90 -4.93
C SER C 672 8.22 -14.46 -6.18
N TYR C 673 8.20 -13.15 -6.45
CA TYR C 673 7.49 -12.69 -7.62
C TYR C 673 8.21 -13.14 -8.88
N MET C 674 9.54 -13.09 -8.88
CA MET C 674 10.22 -13.53 -10.08
C MET C 674 10.11 -15.03 -10.28
N ALA C 675 9.84 -15.77 -9.21
CA ALA C 675 9.57 -17.19 -9.39
C ALA C 675 8.31 -17.41 -10.20
N ILE C 676 7.36 -16.48 -10.14
CA ILE C 676 6.15 -16.64 -10.93
C ILE C 676 6.39 -16.17 -12.37
N VAL C 677 7.21 -15.13 -12.55
CA VAL C 677 7.36 -14.56 -13.88
C VAL C 677 8.04 -15.55 -14.81
N ASN C 678 9.03 -16.27 -14.29
CA ASN C 678 9.73 -17.20 -15.14
C ASN C 678 8.79 -18.29 -15.64
N LYS C 679 7.94 -18.81 -14.76
CA LYS C 679 6.98 -19.81 -15.25
C LYS C 679 6.22 -19.30 -16.46
N THR C 680 5.70 -18.08 -16.38
CA THR C 680 4.92 -17.58 -17.50
C THR C 680 5.76 -17.50 -18.76
N VAL C 681 7.01 -17.04 -18.62
CA VAL C 681 7.85 -16.92 -19.80
C VAL C 681 8.18 -18.30 -20.33
N ARG C 682 8.37 -19.26 -19.45
CA ARG C 682 8.65 -20.61 -19.92
C ARG C 682 7.46 -21.20 -20.64
N ASP C 683 6.23 -20.93 -20.18
CA ASP C 683 5.06 -21.50 -20.82
C ASP C 683 4.69 -20.82 -22.13
N LEU C 684 4.81 -19.50 -22.19
CA LEU C 684 4.30 -18.75 -23.34
C LEU C 684 5.29 -18.65 -24.48
N MET C 685 6.59 -18.71 -24.21
CA MET C 685 7.56 -18.55 -25.28
C MET C 685 7.50 -19.66 -26.32
N PRO C 686 7.45 -20.94 -25.97
CA PRO C 686 7.25 -21.96 -27.01
C PRO C 686 5.94 -21.85 -27.76
N LYS C 687 4.83 -21.51 -27.10
CA LYS C 687 3.57 -21.42 -27.81
C LYS C 687 3.56 -20.21 -28.73
N THR C 688 4.16 -19.11 -28.29
CA THR C 688 4.24 -17.94 -29.16
C THR C 688 4.95 -18.30 -30.45
N ILE C 689 5.85 -19.29 -30.39
CA ILE C 689 6.60 -19.68 -31.58
C ILE C 689 5.82 -20.68 -32.42
N MET C 690 5.10 -21.60 -31.75
CA MET C 690 4.28 -22.55 -32.48
C MET C 690 3.22 -21.86 -33.32
N HIS C 691 2.54 -20.86 -32.76
CA HIS C 691 1.44 -20.22 -33.49
C HIS C 691 1.94 -19.43 -34.69
N LEU C 692 2.98 -18.63 -34.51
CA LEU C 692 3.30 -17.61 -35.50
C LEU C 692 4.31 -18.06 -36.54
N MET C 693 5.11 -19.10 -36.28
CA MET C 693 6.13 -19.50 -37.22
C MET C 693 6.03 -20.96 -37.66
N ILE C 694 5.89 -21.91 -36.73
CA ILE C 694 5.88 -23.32 -37.13
C ILE C 694 4.54 -23.69 -37.76
N ASN C 695 3.44 -23.45 -37.05
CA ASN C 695 2.14 -23.83 -37.61
C ASN C 695 1.77 -23.01 -38.83
N ASN C 696 2.29 -21.80 -38.95
CA ASN C 696 2.02 -21.03 -40.16
C ASN C 696 2.76 -21.61 -41.34
N THR C 697 4.01 -22.04 -41.13
CA THR C 697 4.75 -22.66 -42.22
C THR C 697 4.07 -23.95 -42.64
N LYS C 698 3.64 -24.75 -41.67
CA LYS C 698 2.97 -26.00 -42.00
C LYS C 698 1.74 -25.75 -42.87
N GLU C 699 0.88 -24.81 -42.44
CA GLU C 699 -0.33 -24.56 -43.18
C GLU C 699 -0.02 -23.98 -44.55
N PHE C 700 1.05 -23.19 -44.66
CA PHE C 700 1.45 -22.70 -45.97
C PHE C 700 1.86 -23.84 -46.87
N ILE C 701 2.59 -24.81 -46.31
CA ILE C 701 3.05 -25.94 -47.11
C ILE C 701 1.85 -26.69 -47.68
N PHE C 702 0.90 -27.02 -46.82
CA PHE C 702 -0.23 -27.82 -47.27
C PHE C 702 -1.11 -27.03 -48.24
N SER C 703 -1.41 -25.77 -47.94
CA SER C 703 -2.49 -25.07 -48.62
C SER C 703 -2.04 -24.14 -49.73
N GLU C 704 -0.88 -23.50 -49.63
CA GLU C 704 -0.50 -22.44 -50.56
C GLU C 704 0.70 -22.75 -51.45
N LEU C 705 1.53 -23.74 -51.11
CA LEU C 705 2.75 -23.96 -51.87
C LEU C 705 2.48 -24.35 -53.32
N LEU C 706 1.50 -25.22 -53.55
CA LEU C 706 1.25 -25.72 -54.89
C LEU C 706 0.83 -24.61 -55.84
N ALA C 707 0.01 -23.68 -55.38
CA ALA C 707 -0.42 -22.58 -56.25
C ALA C 707 0.75 -21.65 -56.56
N ASN C 708 1.64 -21.45 -55.61
CA ASN C 708 2.81 -20.62 -55.88
C ASN C 708 3.71 -21.27 -56.91
N LEU C 709 3.98 -22.56 -56.77
CA LEU C 709 4.84 -23.22 -57.75
C LEU C 709 4.20 -23.21 -59.13
N TYR C 710 2.90 -23.50 -59.23
CA TYR C 710 2.28 -23.52 -60.55
C TYR C 710 2.29 -22.13 -61.16
N SER C 711 2.11 -21.10 -60.34
CA SER C 711 1.96 -19.75 -60.85
C SER C 711 3.24 -19.18 -61.44
N CYS C 712 4.41 -19.69 -61.05
CA CYS C 712 5.66 -19.24 -61.66
C CYS C 712 5.63 -19.53 -63.14
N GLY C 713 6.21 -18.62 -63.92
CA GLY C 713 6.21 -18.76 -65.36
C GLY C 713 7.08 -19.91 -65.83
N ASP C 714 7.02 -20.18 -67.13
CA ASP C 714 7.84 -21.20 -67.76
C ASP C 714 7.70 -22.55 -67.06
N GLN C 715 6.46 -23.06 -67.04
CA GLN C 715 6.24 -24.38 -66.47
C GLN C 715 6.94 -25.46 -67.27
N ASN C 716 7.20 -25.22 -68.55
CA ASN C 716 7.91 -26.20 -69.36
C ASN C 716 9.37 -26.35 -68.95
N THR C 717 9.93 -25.38 -68.24
CA THR C 717 11.30 -25.46 -67.78
C THR C 717 11.43 -25.77 -66.29
N LEU C 718 10.37 -25.52 -65.52
CA LEU C 718 10.42 -25.85 -64.10
C LEU C 718 10.53 -27.36 -63.87
N MET C 719 9.81 -28.15 -64.68
CA MET C 719 9.73 -29.59 -64.47
C MET C 719 10.58 -30.38 -65.45
N GLU C 720 11.54 -29.74 -66.12
CA GLU C 720 12.37 -30.46 -67.07
C GLU C 720 13.15 -31.57 -66.39
N GLU C 721 13.24 -32.71 -67.06
CA GLU C 721 13.99 -33.86 -66.54
C GLU C 721 15.47 -33.73 -66.83
N SER C 722 16.28 -34.29 -65.93
CA SER C 722 17.71 -34.39 -66.17
C SER C 722 17.99 -35.51 -67.19
N ALA C 723 19.16 -35.42 -67.82
CA ALA C 723 19.52 -36.38 -68.86
C ALA C 723 19.59 -37.80 -68.31
N GLU C 724 19.84 -37.94 -67.00
CA GLU C 724 19.94 -39.26 -66.42
C GLU C 724 18.63 -40.01 -66.51
N GLN C 725 17.50 -39.35 -66.27
CA GLN C 725 16.22 -40.03 -66.37
C GLN C 725 15.93 -40.45 -67.81
N ALA C 726 16.31 -39.61 -68.78
CA ALA C 726 16.14 -40.01 -70.19
C ALA C 726 16.94 -41.26 -70.51
N GLN C 727 18.13 -41.38 -69.92
CA GLN C 727 18.92 -42.60 -70.16
C GLN C 727 18.29 -43.78 -69.44
N ARG C 728 17.80 -43.57 -68.23
CA ARG C 728 17.25 -44.67 -67.45
C ARG C 728 16.02 -45.26 -68.13
N ARG C 729 15.13 -44.38 -68.60
CA ARG C 729 13.92 -44.89 -69.23
C ARG C 729 14.20 -45.48 -70.61
N ASP C 730 15.18 -44.97 -71.35
CA ASP C 730 15.51 -45.61 -72.61
C ASP C 730 16.06 -47.02 -72.37
N GLU C 731 16.89 -47.16 -71.34
CA GLU C 731 17.46 -48.47 -71.05
C GLU C 731 16.37 -49.43 -70.58
N MET C 732 15.44 -48.95 -69.74
CA MET C 732 14.42 -49.87 -69.25
C MET C 732 13.51 -50.32 -70.38
N LEU C 733 13.27 -49.46 -71.37
CA LEU C 733 12.49 -49.88 -72.53
C LEU C 733 13.20 -50.96 -73.33
N ARG C 734 14.52 -50.80 -73.54
CA ARG C 734 15.25 -51.84 -74.26
C ARG C 734 15.25 -53.15 -73.47
N MET C 735 15.44 -53.08 -72.15
CA MET C 735 15.42 -54.30 -71.34
C MET C 735 14.06 -54.98 -71.43
N TYR C 736 12.98 -54.21 -71.42
CA TYR C 736 11.64 -54.80 -71.46
C TYR C 736 11.43 -55.56 -72.76
N HIS C 737 11.77 -54.93 -73.89
CA HIS C 737 11.57 -55.62 -75.16
C HIS C 737 12.46 -56.85 -75.27
N ALA C 738 13.71 -56.75 -74.81
CA ALA C 738 14.59 -57.90 -74.90
C ALA C 738 14.07 -59.06 -74.06
N LEU C 739 13.54 -58.76 -72.87
CA LEU C 739 12.99 -59.82 -72.04
C LEU C 739 11.83 -60.51 -72.74
N LYS C 740 10.96 -59.73 -73.39
CA LYS C 740 9.82 -60.36 -74.06
C LYS C 740 10.28 -61.27 -75.20
N GLU C 741 11.25 -60.82 -75.99
CA GLU C 741 11.76 -61.67 -77.07
C GLU C 741 12.39 -62.95 -76.52
N ALA C 742 13.18 -62.84 -75.45
CA ALA C 742 13.80 -64.02 -74.88
C ALA C 742 12.76 -65.01 -74.38
N LEU C 743 11.72 -64.52 -73.71
CA LEU C 743 10.68 -65.42 -73.22
C LEU C 743 9.89 -66.03 -74.36
N SER C 744 9.80 -65.33 -75.49
CA SER C 744 9.17 -65.92 -76.66
C SER C 744 10.00 -67.08 -77.20
N ILE C 745 11.32 -66.89 -77.28
CA ILE C 745 12.16 -67.97 -77.80
C ILE C 745 12.08 -69.18 -76.88
N ILE C 746 12.10 -68.96 -75.56
CA ILE C 746 12.01 -70.10 -74.66
C ILE C 746 10.68 -70.81 -74.85
N GLY C 747 9.60 -70.05 -75.04
CA GLY C 747 8.31 -70.68 -75.28
C GLY C 747 8.30 -71.48 -76.57
N ASN C 748 8.99 -71.01 -77.60
CA ASN C 748 9.01 -71.72 -78.86
C ASN C 748 10.03 -72.85 -78.91
N ILE C 749 10.83 -73.00 -77.86
CA ILE C 749 11.78 -74.11 -77.77
C ILE C 749 11.27 -75.23 -76.88
N ASN C 750 10.69 -74.89 -75.72
CA ASN C 750 10.16 -75.92 -74.84
C ASN C 750 9.22 -76.86 -75.57
N THR C 751 8.24 -76.30 -76.29
CA THR C 751 7.34 -77.09 -77.13
C THR C 751 6.85 -78.35 -76.42
N LEU D 13 -34.09 81.19 80.26
CA LEU D 13 -33.08 80.41 79.55
C LEU D 13 -33.23 78.91 79.80
N ILE D 14 -32.64 78.13 78.89
CA ILE D 14 -32.70 76.68 78.95
C ILE D 14 -31.48 76.19 79.73
N PRO D 15 -31.66 75.43 80.81
CA PRO D 15 -30.49 74.88 81.50
C PRO D 15 -29.74 73.88 80.64
N LEU D 16 -28.46 73.72 80.97
CA LEU D 16 -27.55 72.95 80.14
C LEU D 16 -28.06 71.53 79.91
N VAL D 17 -28.55 70.86 80.96
CA VAL D 17 -28.97 69.48 80.79
C VAL D 17 -30.13 69.37 79.81
N ASN D 18 -30.91 70.43 79.62
CA ASN D 18 -31.92 70.46 78.56
C ASN D 18 -31.26 70.66 77.19
N ARG D 19 -30.26 71.55 77.14
CA ARG D 19 -29.55 71.78 75.89
C ARG D 19 -28.91 70.48 75.40
N LEU D 20 -28.55 69.59 76.33
CA LEU D 20 -28.00 68.31 75.91
C LEU D 20 -29.06 67.49 75.17
N GLN D 21 -30.29 67.51 75.67
CA GLN D 21 -31.33 66.71 75.03
C GLN D 21 -31.65 67.29 73.66
N ASP D 22 -31.61 68.62 73.54
CA ASP D 22 -31.73 69.24 72.23
C ASP D 22 -30.63 68.77 71.29
N ALA D 23 -29.39 68.72 71.78
CA ALA D 23 -28.27 68.28 70.94
C ALA D 23 -28.45 66.83 70.51
N PHE D 24 -28.76 65.95 71.46
CA PHE D 24 -28.97 64.54 71.14
C PHE D 24 -30.17 64.35 70.22
N SER D 25 -31.14 65.26 70.26
CA SER D 25 -32.22 65.21 69.29
C SER D 25 -31.71 65.58 67.91
N ALA D 26 -30.83 66.58 67.84
CA ALA D 26 -30.25 66.94 66.55
C ALA D 26 -29.46 65.78 65.97
N ILE D 27 -28.65 65.10 66.80
CA ILE D 27 -27.96 63.90 66.32
C ILE D 27 -28.97 62.88 65.82
N GLY D 28 -29.99 62.59 66.63
CA GLY D 28 -31.11 61.78 66.21
C GLY D 28 -31.00 60.30 66.45
N GLN D 29 -29.86 59.79 66.91
CA GLN D 29 -29.74 58.35 67.07
C GLN D 29 -28.55 57.99 67.94
N ASN D 30 -28.66 56.84 68.63
CA ASN D 30 -27.53 56.18 69.27
C ASN D 30 -26.96 56.96 70.44
N ALA D 31 -27.76 57.82 71.08
CA ALA D 31 -27.27 58.55 72.23
C ALA D 31 -28.45 59.10 73.02
N ASP D 32 -28.35 59.04 74.35
CA ASP D 32 -29.40 59.55 75.22
C ASP D 32 -28.91 59.53 76.66
N LEU D 33 -29.51 60.40 77.47
CA LEU D 33 -29.18 60.49 78.88
C LEU D 33 -29.94 59.45 79.69
N ASP D 34 -29.32 58.98 80.77
CA ASP D 34 -29.95 58.05 81.69
C ASP D 34 -30.36 58.81 82.95
N LEU D 35 -31.66 59.03 83.11
CA LEU D 35 -32.19 59.80 84.23
C LEU D 35 -33.04 58.92 85.13
N PRO D 36 -33.27 59.33 86.38
CA PRO D 36 -34.13 58.57 87.28
C PRO D 36 -35.61 58.78 87.00
N GLN D 37 -36.40 57.87 87.55
CA GLN D 37 -37.86 57.98 87.52
C GLN D 37 -38.30 58.86 88.67
N ILE D 38 -39.31 59.69 88.45
CA ILE D 38 -39.84 60.57 89.48
C ILE D 38 -41.22 60.08 89.90
N ALA D 39 -41.40 59.82 91.19
CA ALA D 39 -42.69 59.38 91.73
C ALA D 39 -43.20 60.42 92.72
N VAL D 40 -44.50 60.69 92.66
CA VAL D 40 -45.16 61.61 93.58
C VAL D 40 -46.09 60.77 94.45
N VAL D 41 -45.96 60.91 95.77
CA VAL D 41 -46.70 60.10 96.72
C VAL D 41 -47.31 61.01 97.77
N GLY D 42 -48.50 60.66 98.22
CA GLY D 42 -49.18 61.45 99.22
C GLY D 42 -50.51 60.83 99.59
N GLY D 43 -51.16 61.44 100.57
CA GLY D 43 -52.49 61.02 100.95
C GLY D 43 -53.57 61.65 100.09
N GLN D 44 -54.74 61.03 100.12
CA GLN D 44 -55.83 61.47 99.28
C GLN D 44 -56.15 62.94 99.54
N SER D 45 -56.39 63.68 98.47
CA SER D 45 -56.66 65.11 98.49
C SER D 45 -55.47 65.93 98.99
N ALA D 46 -54.28 65.33 99.07
CA ALA D 46 -53.11 66.09 99.47
C ALA D 46 -52.76 67.17 98.46
N GLY D 47 -52.93 66.87 97.17
CA GLY D 47 -52.52 67.78 96.12
C GLY D 47 -51.42 67.25 95.22
N ALA D 48 -51.25 65.94 95.15
CA ALA D 48 -50.17 65.37 94.33
C ALA D 48 -50.36 65.69 92.85
N SER D 49 -51.58 65.46 92.34
CA SER D 49 -51.80 65.66 90.92
C SER D 49 -51.76 67.13 90.54
N SER D 50 -51.93 68.04 91.49
CA SER D 50 -51.67 69.44 91.16
C SER D 50 -50.19 69.74 91.17
N VAL D 51 -49.38 68.84 91.71
CA VAL D 51 -47.93 69.03 91.69
C VAL D 51 -47.40 68.54 90.36
N LEU D 52 -47.86 67.37 89.92
CA LEU D 52 -47.47 66.92 88.59
C LEU D 52 -47.95 67.91 87.54
N GLU D 53 -49.21 68.36 87.64
CA GLU D 53 -49.72 69.34 86.70
C GLU D 53 -48.84 70.58 86.65
N ASN D 54 -48.52 71.17 87.81
CA ASN D 54 -47.68 72.37 87.81
C ASN D 54 -46.30 72.08 87.22
N PHE D 55 -45.72 70.93 87.59
CA PHE D 55 -44.37 70.57 87.13
C PHE D 55 -44.31 70.45 85.61
N VAL D 56 -45.22 69.68 85.02
CA VAL D 56 -45.19 69.52 83.57
C VAL D 56 -45.48 70.84 82.88
N GLY D 57 -46.43 71.61 83.38
CA GLY D 57 -46.76 72.90 82.81
C GLY D 57 -48.00 72.89 81.93
N ARG D 58 -48.69 71.75 81.83
CA ARG D 58 -49.89 71.63 81.02
C ARG D 58 -51.00 71.10 81.92
N ASP D 59 -52.17 71.75 81.87
CA ASP D 59 -53.30 71.33 82.70
C ASP D 59 -54.09 70.25 81.96
N PHE D 60 -53.64 69.00 82.11
CA PHE D 60 -54.26 67.87 81.44
C PHE D 60 -54.65 66.72 82.38
N LEU D 61 -54.34 66.82 83.67
CA LEU D 61 -54.68 65.72 84.57
C LEU D 61 -56.06 65.94 85.21
N PRO D 62 -56.85 64.89 85.39
CA PRO D 62 -58.06 65.03 86.21
C PRO D 62 -57.71 65.40 87.64
N ARG D 63 -58.51 66.28 88.22
CA ARG D 63 -58.23 66.85 89.53
C ARG D 63 -59.54 67.23 90.20
N GLY D 64 -59.51 67.27 91.54
CA GLY D 64 -60.67 67.69 92.30
C GLY D 64 -60.91 66.89 93.56
N SER D 65 -61.90 67.32 94.35
CA SER D 65 -62.19 66.68 95.62
C SER D 65 -62.73 65.26 95.41
N GLY D 66 -62.53 64.44 96.44
CA GLY D 66 -62.95 63.05 96.40
C GLY D 66 -61.95 62.18 95.67
N ILE D 67 -62.26 60.89 95.65
CA ILE D 67 -61.43 59.96 94.88
C ILE D 67 -61.48 60.36 93.42
N VAL D 68 -60.32 60.66 92.83
CA VAL D 68 -60.25 60.97 91.41
C VAL D 68 -59.23 60.04 90.74
N THR D 69 -58.01 60.01 91.27
CA THR D 69 -56.96 59.15 90.74
C THR D 69 -57.24 57.72 91.15
N ARG D 70 -57.76 56.92 90.22
CA ARG D 70 -58.05 55.52 90.49
C ARG D 70 -57.07 54.56 89.84
N ARG D 71 -56.11 55.05 89.06
CA ARG D 71 -55.15 54.16 88.40
C ARG D 71 -53.80 54.86 88.31
N PRO D 72 -52.71 54.10 88.23
CA PRO D 72 -51.38 54.70 88.05
C PRO D 72 -51.22 55.28 86.65
N LEU D 73 -50.95 56.58 86.58
CA LEU D 73 -50.73 57.27 85.31
C LEU D 73 -49.23 57.43 85.10
N VAL D 74 -48.69 56.73 84.11
CA VAL D 74 -47.25 56.74 83.84
C VAL D 74 -47.00 57.73 82.70
N LEU D 75 -46.83 59.00 83.06
CA LEU D 75 -46.61 60.06 82.09
C LEU D 75 -45.16 60.02 81.63
N GLN D 76 -44.94 59.91 80.32
CA GLN D 76 -43.59 59.81 79.78
C GLN D 76 -43.33 60.97 78.82
N LEU D 77 -42.45 61.88 79.21
CA LEU D 77 -42.15 63.01 78.35
C LEU D 77 -41.16 62.61 77.27
N VAL D 78 -41.20 63.31 76.15
CA VAL D 78 -40.28 63.13 75.04
C VAL D 78 -39.98 64.50 74.42
N ASN D 79 -38.71 64.73 74.10
CA ASN D 79 -38.31 65.97 73.45
C ASN D 79 -38.66 65.90 71.96
N ALA D 80 -39.29 66.95 71.46
CA ALA D 80 -39.70 67.00 70.06
C ALA D 80 -39.93 68.45 69.66
N THR D 81 -40.04 68.67 68.36
CA THR D 81 -40.17 70.01 67.81
C THR D 81 -41.60 70.54 67.87
N THR D 82 -42.58 69.69 68.15
CA THR D 82 -43.97 70.08 68.16
C THR D 82 -44.67 69.44 69.35
N GLU D 83 -45.71 70.12 69.84
CA GLU D 83 -46.36 69.79 71.10
C GLU D 83 -47.58 68.91 70.84
N TYR D 84 -47.57 67.70 71.38
CA TYR D 84 -48.76 66.84 71.27
C TYR D 84 -48.62 65.66 72.21
N ALA D 85 -49.68 64.86 72.30
CA ALA D 85 -49.70 63.71 73.20
C ALA D 85 -50.10 62.45 72.44
N GLU D 86 -49.99 61.32 73.12
CA GLU D 86 -50.48 60.06 72.55
C GLU D 86 -50.57 59.01 73.63
N PHE D 87 -51.44 58.03 73.40
CA PHE D 87 -51.64 56.90 74.30
C PHE D 87 -51.16 55.62 73.64
N LEU D 88 -50.91 54.61 74.46
CA LEU D 88 -50.62 53.28 73.94
C LEU D 88 -51.89 52.47 73.70
N HIS D 89 -53.05 53.07 73.93
CA HIS D 89 -54.31 52.66 73.34
C HIS D 89 -54.82 53.80 72.47
N CYS D 90 -55.81 53.51 71.63
CA CYS D 90 -56.20 54.46 70.60
C CYS D 90 -55.01 54.79 69.71
N LYS D 91 -54.36 53.74 69.20
CA LYS D 91 -53.09 53.90 68.52
C LYS D 91 -53.21 54.85 67.34
N GLY D 92 -52.20 55.71 67.19
CA GLY D 92 -52.06 56.54 66.02
C GLY D 92 -52.74 57.89 66.10
N LYS D 93 -53.61 58.11 67.08
CA LYS D 93 -54.30 59.38 67.21
C LYS D 93 -53.42 60.36 67.96
N LYS D 94 -53.17 61.52 67.36
CA LYS D 94 -52.36 62.56 67.97
C LYS D 94 -53.26 63.61 68.59
N PHE D 95 -53.16 63.78 69.91
CA PHE D 95 -53.99 64.71 70.64
C PHE D 95 -53.24 66.03 70.73
N THR D 96 -53.73 67.04 70.02
CA THR D 96 -53.17 68.38 70.10
C THR D 96 -53.98 69.30 70.99
N ASP D 97 -55.09 68.79 71.54
CA ASP D 97 -55.91 69.51 72.51
C ASP D 97 -55.94 68.66 73.77
N PHE D 98 -55.42 69.20 74.86
CA PHE D 98 -55.23 68.41 76.07
C PHE D 98 -56.51 68.21 76.86
N GLU D 99 -57.58 68.94 76.56
CA GLU D 99 -58.88 68.62 77.13
C GLU D 99 -59.34 67.25 76.69
N GLU D 100 -59.10 66.91 75.43
CA GLU D 100 -59.39 65.56 74.95
C GLU D 100 -58.55 64.53 75.67
N VAL D 101 -57.29 64.84 75.96
CA VAL D 101 -56.45 63.90 76.71
C VAL D 101 -57.05 63.66 78.09
N ARG D 102 -57.44 64.73 78.76
CA ARG D 102 -58.00 64.62 80.11
C ARG D 102 -59.28 63.78 80.11
N LEU D 103 -60.16 64.03 79.14
CA LEU D 103 -61.39 63.25 79.06
C LEU D 103 -61.10 61.80 78.71
N GLU D 104 -60.08 61.57 77.88
CA GLU D 104 -59.70 60.20 77.54
C GLU D 104 -59.17 59.47 78.77
N ILE D 105 -58.45 60.18 79.63
CA ILE D 105 -57.97 59.58 80.87
C ILE D 105 -59.15 59.16 81.73
N GLU D 106 -60.13 60.04 81.87
CA GLU D 106 -61.30 59.69 82.68
C GLU D 106 -62.04 58.50 82.09
N ALA D 107 -62.28 58.51 80.78
CA ALA D 107 -62.99 57.41 80.14
C ALA D 107 -62.23 56.10 80.29
N GLU D 108 -60.91 56.13 80.09
CA GLU D 108 -60.13 54.92 80.22
C GLU D 108 -60.15 54.41 81.66
N THR D 109 -60.18 55.31 82.64
CA THR D 109 -60.27 54.88 84.02
C THR D 109 -61.58 54.14 84.25
N ASP D 110 -62.68 54.70 83.74
CA ASP D 110 -63.99 54.10 83.98
C ASP D 110 -64.14 52.78 83.26
N ARG D 111 -63.54 52.62 82.07
CA ARG D 111 -63.72 51.38 81.32
C ARG D 111 -63.25 50.16 82.10
N VAL D 112 -62.27 50.33 82.98
CA VAL D 112 -61.66 49.22 83.71
C VAL D 112 -62.12 49.18 85.17
N THR D 113 -62.10 50.33 85.85
CA THR D 113 -62.39 50.33 87.28
C THR D 113 -63.88 50.30 87.56
N GLY D 114 -64.71 50.79 86.64
CA GLY D 114 -66.10 51.05 86.94
C GLY D 114 -66.25 52.42 87.59
N THR D 115 -67.51 52.78 87.85
CA THR D 115 -67.82 54.11 88.34
C THR D 115 -68.04 54.18 89.84
N ASN D 116 -68.15 53.06 90.54
CA ASN D 116 -68.39 53.08 91.98
C ASN D 116 -67.07 53.03 92.75
N LYS D 117 -66.25 54.05 92.53
CA LYS D 117 -65.01 54.26 93.29
C LYS D 117 -64.13 53.02 93.33
N GLY D 118 -63.90 52.41 92.17
CA GLY D 118 -63.03 51.26 92.09
C GLY D 118 -61.57 51.65 91.92
N ILE D 119 -60.68 50.74 92.30
CA ILE D 119 -59.24 50.94 92.20
C ILE D 119 -58.63 49.72 91.52
N SER D 120 -57.76 49.96 90.54
CA SER D 120 -57.15 48.91 89.75
C SER D 120 -55.66 49.17 89.60
N PRO D 121 -54.84 48.12 89.56
CA PRO D 121 -53.39 48.31 89.39
C PRO D 121 -52.92 48.48 87.97
N VAL D 122 -53.77 48.24 86.97
CA VAL D 122 -53.35 48.31 85.58
C VAL D 122 -53.04 49.77 85.24
N PRO D 123 -51.82 50.10 84.82
CA PRO D 123 -51.46 51.50 84.59
C PRO D 123 -51.99 52.03 83.28
N ILE D 124 -52.10 53.36 83.22
CA ILE D 124 -52.43 54.07 82.00
C ILE D 124 -51.15 54.68 81.47
N ASN D 125 -50.84 54.40 80.20
CA ASN D 125 -49.61 54.85 79.57
C ASN D 125 -49.89 56.03 78.65
N LEU D 126 -49.24 57.16 78.93
CA LEU D 126 -49.40 58.38 78.17
C LEU D 126 -48.01 58.91 77.86
N ARG D 127 -47.84 59.47 76.66
CA ARG D 127 -46.55 60.00 76.23
C ARG D 127 -46.78 61.39 75.65
N VAL D 128 -46.00 62.36 76.10
CA VAL D 128 -46.18 63.75 75.71
C VAL D 128 -44.92 64.25 75.02
N TYR D 129 -45.05 64.78 73.81
CA TYR D 129 -43.96 65.34 73.05
C TYR D 129 -43.98 66.85 73.19
N SER D 130 -42.82 67.44 73.43
CA SER D 130 -42.72 68.87 73.67
C SER D 130 -41.27 69.30 73.50
N PRO D 131 -41.00 70.61 73.36
CA PRO D 131 -39.64 71.05 73.02
C PRO D 131 -38.54 70.72 74.03
N HIS D 132 -38.76 70.91 75.33
CA HIS D 132 -37.65 70.98 76.29
C HIS D 132 -37.93 70.11 77.52
N VAL D 133 -38.33 68.87 77.26
CA VAL D 133 -38.83 67.96 78.28
C VAL D 133 -37.90 66.78 78.51
N LEU D 134 -36.60 66.98 78.31
CA LEU D 134 -35.61 65.91 78.40
C LEU D 134 -36.20 64.58 77.98
N ASN D 135 -36.14 63.56 78.85
CA ASN D 135 -36.88 62.32 78.66
C ASN D 135 -37.46 61.86 79.98
N LEU D 136 -37.75 62.81 80.86
CA LEU D 136 -38.13 62.48 82.23
C LEU D 136 -39.43 61.69 82.26
N THR D 137 -39.46 60.65 83.09
CA THR D 137 -40.65 59.85 83.33
C THR D 137 -41.24 60.21 84.69
N LEU D 138 -42.54 60.45 84.73
CA LEU D 138 -43.27 60.79 85.95
C LEU D 138 -44.35 59.75 86.19
N VAL D 139 -44.62 59.44 87.45
CA VAL D 139 -45.66 58.49 87.81
C VAL D 139 -46.61 59.13 88.80
N ASP D 140 -47.91 58.98 88.56
CA ASP D 140 -48.95 59.44 89.47
C ASP D 140 -49.68 58.23 90.05
N LEU D 141 -49.73 58.16 91.38
CA LEU D 141 -50.32 57.03 92.09
C LEU D 141 -51.61 57.43 92.80
N PRO D 142 -52.53 56.47 93.04
CA PRO D 142 -53.87 56.80 93.53
C PRO D 142 -53.97 56.95 95.05
N GLY D 143 -53.28 57.96 95.59
CA GLY D 143 -53.49 58.34 96.97
C GLY D 143 -53.42 57.21 97.98
N MET D 144 -53.87 57.47 99.22
CA MET D 144 -53.91 56.47 100.26
C MET D 144 -55.09 56.76 101.18
N THR D 145 -55.75 55.70 101.64
CA THR D 145 -56.98 55.79 102.41
C THR D 145 -56.96 54.77 103.54
N LYS D 146 -57.83 55.01 104.53
CA LYS D 146 -57.96 54.13 105.69
C LYS D 146 -59.28 53.37 105.71
N VAL D 147 -60.38 53.99 105.32
CA VAL D 147 -61.72 53.41 105.44
C VAL D 147 -62.27 53.19 104.04
N PRO D 148 -62.72 51.98 103.70
CA PRO D 148 -63.32 51.80 102.37
C PRO D 148 -64.61 52.59 102.22
N VAL D 149 -64.83 53.09 100.99
CA VAL D 149 -66.07 53.73 100.61
C VAL D 149 -66.46 53.24 99.22
N GLY D 150 -67.75 53.24 98.94
CA GLY D 150 -68.20 52.79 97.64
C GLY D 150 -67.96 51.29 97.46
N ASP D 151 -67.73 50.90 96.20
CA ASP D 151 -67.49 49.49 95.87
C ASP D 151 -66.01 49.16 96.03
N GLN D 152 -65.53 49.32 97.26
CA GLN D 152 -64.15 49.05 97.62
C GLN D 152 -64.09 47.94 98.66
N PRO D 153 -63.31 46.89 98.45
CA PRO D 153 -63.26 45.80 99.42
C PRO D 153 -62.63 46.27 100.72
N PRO D 154 -62.82 45.53 101.81
CA PRO D 154 -62.26 45.98 103.10
C PRO D 154 -60.75 46.18 103.10
N ASP D 155 -60.01 45.39 102.34
CA ASP D 155 -58.56 45.40 102.35
C ASP D 155 -57.96 46.36 101.33
N ILE D 156 -58.68 47.42 100.96
CA ILE D 156 -58.17 48.33 99.94
C ILE D 156 -56.90 49.04 100.40
N GLU D 157 -56.74 49.28 101.70
CA GLU D 157 -55.55 49.96 102.18
C GLU D 157 -54.28 49.22 101.78
N PHE D 158 -54.30 47.90 101.93
CA PHE D 158 -53.13 47.10 101.60
C PHE D 158 -52.92 47.04 100.09
N GLN D 159 -53.98 47.02 99.31
CA GLN D 159 -53.82 47.00 97.86
C GLN D 159 -53.21 48.30 97.35
N ILE D 160 -53.63 49.42 97.92
CA ILE D 160 -53.04 50.71 97.52
C ILE D 160 -51.57 50.75 97.91
N ARG D 161 -51.24 50.30 99.12
CA ARG D 161 -49.84 50.29 99.50
C ARG D 161 -49.04 49.38 98.57
N ASP D 162 -49.58 48.20 98.26
CA ASP D 162 -48.87 47.29 97.36
C ASP D 162 -48.63 47.93 96.00
N MET D 163 -49.57 48.76 95.53
CA MET D 163 -49.33 49.50 94.30
C MET D 163 -48.17 50.46 94.45
N LEU D 164 -48.13 51.18 95.58
CA LEU D 164 -47.03 52.12 95.81
C LEU D 164 -45.68 51.40 95.89
N MET D 165 -45.64 50.25 96.55
CA MET D 165 -44.39 49.54 96.79
C MET D 165 -43.78 48.93 95.53
N GLN D 166 -44.37 49.15 94.36
CA GLN D 166 -43.75 48.72 93.11
C GLN D 166 -42.94 49.83 92.44
N PHE D 167 -43.05 51.07 92.89
CA PHE D 167 -42.33 52.19 92.29
C PHE D 167 -41.32 52.80 93.24
N VAL D 168 -41.73 53.15 94.47
CA VAL D 168 -40.83 53.83 95.40
C VAL D 168 -39.81 52.91 96.04
N THR D 169 -39.95 51.60 95.88
CA THR D 169 -39.00 50.65 96.45
C THR D 169 -37.86 50.32 95.49
N LYS D 170 -37.85 50.92 94.30
CA LYS D 170 -36.75 50.78 93.37
C LYS D 170 -35.75 51.91 93.57
N GLU D 171 -34.49 51.64 93.25
CA GLU D 171 -33.49 52.69 93.24
C GLU D 171 -33.67 53.52 91.95
N ASN D 172 -32.82 54.53 91.79
CA ASN D 172 -32.89 55.41 90.62
C ASN D 172 -34.27 56.05 90.51
N CYS D 173 -34.91 56.31 91.65
CA CYS D 173 -36.26 56.84 91.68
C CYS D 173 -36.35 57.91 92.75
N LEU D 174 -36.63 59.15 92.34
CA LEU D 174 -36.89 60.20 93.30
C LEU D 174 -38.31 60.09 93.82
N ILE D 175 -38.52 60.61 95.02
CA ILE D 175 -39.82 60.61 95.67
C ILE D 175 -40.16 62.02 96.15
N LEU D 176 -41.33 62.50 95.77
CA LEU D 176 -41.89 63.71 96.34
C LEU D 176 -42.97 63.30 97.34
N ALA D 177 -42.77 63.66 98.60
CA ALA D 177 -43.72 63.40 99.67
C ALA D 177 -44.60 64.63 99.80
N VAL D 178 -45.88 64.49 99.44
CA VAL D 178 -46.81 65.61 99.40
C VAL D 178 -47.71 65.56 100.64
N SER D 179 -47.80 66.67 101.36
CA SER D 179 -48.57 66.68 102.59
C SER D 179 -49.27 68.02 102.78
N PRO D 180 -50.55 68.02 103.12
CA PRO D 180 -51.27 69.29 103.31
C PRO D 180 -50.78 70.05 104.52
N ALA D 181 -50.85 71.38 104.42
CA ALA D 181 -50.37 72.23 105.50
C ALA D 181 -51.39 72.33 106.63
N ASN D 182 -52.67 72.14 106.33
CA ASN D 182 -53.73 72.27 107.33
C ASN D 182 -54.04 70.94 108.00
N SER D 183 -53.04 70.06 108.10
CA SER D 183 -53.16 68.78 108.77
C SER D 183 -51.82 68.47 109.40
N ASP D 184 -51.78 68.31 110.71
CA ASP D 184 -50.51 68.19 111.43
C ASP D 184 -49.57 67.22 110.73
N LEU D 185 -48.31 67.62 110.61
CA LEU D 185 -47.37 66.86 109.79
C LEU D 185 -47.22 65.44 110.30
N ALA D 186 -47.43 65.23 111.59
CA ALA D 186 -47.23 63.91 112.19
C ALA D 186 -48.16 62.86 111.59
N ASN D 187 -49.24 63.26 110.92
CA ASN D 187 -50.21 62.32 110.38
C ASN D 187 -49.92 61.90 108.94
N SER D 188 -48.88 62.45 108.33
CA SER D 188 -48.67 62.24 106.89
C SER D 188 -48.31 60.79 106.60
N ASP D 189 -49.01 60.20 105.63
CA ASP D 189 -48.65 58.86 105.16
C ASP D 189 -47.55 58.90 104.11
N ALA D 190 -47.34 60.08 103.51
CA ALA D 190 -46.26 60.25 102.56
C ALA D 190 -44.93 60.10 103.26
N LEU D 191 -44.75 60.85 104.36
CA LEU D 191 -43.48 60.77 105.06
C LEU D 191 -43.27 59.37 105.62
N LYS D 192 -44.33 58.74 106.14
CA LYS D 192 -44.19 57.40 106.66
C LYS D 192 -43.66 56.44 105.60
N VAL D 193 -44.18 56.54 104.36
CA VAL D 193 -43.69 55.64 103.32
C VAL D 193 -42.27 56.02 102.91
N ALA D 194 -41.99 57.31 102.75
CA ALA D 194 -40.64 57.72 102.36
C ALA D 194 -39.63 57.26 103.39
N LYS D 195 -39.96 57.40 104.67
CA LYS D 195 -39.09 56.97 105.74
C LYS D 195 -38.90 55.47 105.72
N GLU D 196 -39.93 54.71 105.34
CA GLU D 196 -39.82 53.26 105.39
C GLU D 196 -38.94 52.76 104.26
N VAL D 197 -39.05 53.36 103.07
CA VAL D 197 -38.26 52.91 101.92
C VAL D 197 -36.95 53.68 101.76
N ASP D 198 -36.87 54.90 102.29
CA ASP D 198 -35.66 55.73 102.20
C ASP D 198 -35.33 56.29 103.57
N PRO D 199 -34.86 55.44 104.49
CA PRO D 199 -34.60 55.92 105.86
C PRO D 199 -33.60 57.06 105.92
N GLN D 200 -32.61 57.08 105.03
CA GLN D 200 -31.53 58.04 105.09
C GLN D 200 -31.89 59.40 104.51
N GLY D 201 -33.05 59.54 103.87
CA GLY D 201 -33.42 60.81 103.28
C GLY D 201 -32.67 61.16 102.01
N GLN D 202 -32.13 60.15 101.32
CA GLN D 202 -31.28 60.43 100.17
C GLN D 202 -32.07 60.95 98.98
N ARG D 203 -33.22 60.33 98.69
CA ARG D 203 -34.03 60.67 97.52
C ARG D 203 -35.22 61.56 97.83
N THR D 204 -35.73 61.51 99.05
CA THR D 204 -37.00 62.14 99.37
C THR D 204 -36.92 63.65 99.41
N ILE D 205 -37.91 64.31 98.83
CA ILE D 205 -38.10 65.75 98.96
C ILE D 205 -39.53 66.00 99.43
N GLY D 206 -39.71 66.94 100.34
CA GLY D 206 -41.01 67.20 100.93
C GLY D 206 -41.67 68.43 100.33
N VAL D 207 -42.98 68.31 100.08
CA VAL D 207 -43.79 69.38 99.52
C VAL D 207 -44.97 69.61 100.44
N ILE D 208 -45.22 70.89 100.76
CA ILE D 208 -46.32 71.29 101.64
C ILE D 208 -47.26 72.14 100.80
N THR D 209 -48.50 71.67 100.63
CA THR D 209 -49.32 72.09 99.50
C THR D 209 -50.37 73.14 99.81
N LYS D 210 -50.94 73.15 101.01
CA LYS D 210 -52.15 73.95 101.21
C LYS D 210 -51.92 75.05 102.23
N LEU D 211 -50.80 75.75 102.09
CA LEU D 211 -50.40 76.76 103.06
C LEU D 211 -51.38 77.92 103.15
N ASP D 212 -52.29 78.06 102.18
CA ASP D 212 -53.26 79.14 102.21
C ASP D 212 -54.51 78.80 103.02
N LEU D 213 -54.66 77.55 103.45
CA LEU D 213 -55.83 77.10 104.18
C LEU D 213 -55.53 76.90 105.66
N MET D 214 -54.41 77.40 106.16
CA MET D 214 -54.08 77.24 107.57
C MET D 214 -55.11 77.93 108.46
N ASP D 215 -55.52 77.24 109.51
CA ASP D 215 -56.46 77.81 110.47
C ASP D 215 -55.88 79.10 111.04
N GLU D 216 -56.69 80.14 111.09
CA GLU D 216 -56.20 81.45 111.49
C GLU D 216 -55.51 81.34 112.85
N GLY D 217 -54.30 81.89 112.93
CA GLY D 217 -53.49 81.81 114.13
C GLY D 217 -52.40 80.76 114.14
N THR D 218 -52.27 79.98 113.08
CA THR D 218 -51.23 78.96 112.99
C THR D 218 -50.51 79.11 111.64
N ASP D 219 -49.35 78.46 111.54
CA ASP D 219 -48.60 78.42 110.29
C ASP D 219 -47.70 77.19 110.31
N ALA D 220 -46.93 77.02 109.23
CA ALA D 220 -46.02 75.90 109.09
C ALA D 220 -44.56 76.34 109.11
N ARG D 221 -44.29 77.53 109.67
CA ARG D 221 -42.92 78.05 109.67
C ARG D 221 -41.96 77.05 110.30
N ASP D 222 -42.39 76.35 111.34
CA ASP D 222 -41.53 75.38 112.00
C ASP D 222 -41.25 74.17 111.13
N VAL D 223 -42.12 73.90 110.14
CA VAL D 223 -41.92 72.77 109.23
C VAL D 223 -41.12 73.19 108.01
N LEU D 224 -41.32 74.41 107.55
CA LEU D 224 -40.61 74.89 106.37
C LEU D 224 -39.13 75.08 106.63
N GLU D 225 -38.72 75.27 107.88
CA GLU D 225 -37.33 75.41 108.27
C GLU D 225 -36.67 74.09 108.62
N ASN D 226 -37.33 72.97 108.36
CA ASN D 226 -36.73 71.64 108.52
C ASN D 226 -36.28 71.42 109.96
N LYS D 227 -37.09 71.90 110.90
CA LYS D 227 -36.83 71.74 112.33
C LYS D 227 -37.74 70.71 112.98
N LEU D 228 -39.05 70.78 112.73
CA LEU D 228 -39.98 69.91 113.44
C LEU D 228 -39.65 68.43 113.20
N LEU D 229 -39.56 68.04 111.94
CA LEU D 229 -39.27 66.65 111.57
C LEU D 229 -38.14 66.71 110.56
N PRO D 230 -36.90 66.89 111.03
CA PRO D 230 -35.81 67.19 110.10
C PRO D 230 -35.71 66.16 108.98
N LEU D 231 -35.71 66.66 107.75
CA LEU D 231 -35.55 65.86 106.56
C LEU D 231 -34.34 66.40 105.81
N ARG D 232 -33.55 65.49 105.23
CA ARG D 232 -32.25 65.88 104.71
C ARG D 232 -32.35 67.05 103.73
N ARG D 233 -33.27 66.97 102.78
CA ARG D 233 -33.32 67.90 101.66
C ARG D 233 -34.33 69.03 101.85
N GLY D 234 -34.95 69.14 103.02
CA GLY D 234 -35.81 70.26 103.30
C GLY D 234 -37.23 70.10 102.78
N TYR D 235 -38.01 71.16 102.97
CA TYR D 235 -39.41 71.21 102.56
C TYR D 235 -39.66 72.45 101.71
N ILE D 236 -40.50 72.28 100.69
CA ILE D 236 -40.83 73.34 99.74
C ILE D 236 -42.33 73.57 99.79
N GLY D 237 -42.73 74.82 99.99
CA GLY D 237 -44.14 75.18 100.15
C GLY D 237 -44.71 75.75 98.87
N VAL D 238 -45.91 75.29 98.52
CA VAL D 238 -46.56 75.64 97.27
C VAL D 238 -48.01 76.01 97.56
N VAL D 239 -48.58 76.83 96.67
CA VAL D 239 -49.99 77.22 96.74
C VAL D 239 -50.57 77.02 95.36
N ASN D 240 -51.58 76.17 95.26
CA ASN D 240 -52.18 75.82 93.99
C ASN D 240 -53.55 76.48 93.83
N ARG D 241 -54.26 76.10 92.78
CA ARG D 241 -55.59 76.65 92.52
C ARG D 241 -56.63 75.91 93.34
N SER D 242 -57.51 76.66 94.00
CA SER D 242 -58.58 76.06 94.77
C SER D 242 -59.59 75.40 93.84
N GLN D 243 -60.56 74.71 94.43
CA GLN D 243 -61.56 74.02 93.63
C GLN D 243 -62.35 75.00 92.79
N LYS D 244 -62.72 76.14 93.39
CA LYS D 244 -63.46 77.15 92.65
C LYS D 244 -62.66 77.67 91.46
N ASP D 245 -61.36 77.91 91.64
CA ASP D 245 -60.56 78.47 90.56
C ASP D 245 -60.40 77.47 89.41
N ILE D 246 -60.18 76.20 89.75
CA ILE D 246 -60.03 75.18 88.71
C ILE D 246 -61.36 75.00 87.98
N ASP D 247 -62.48 75.12 88.69
CA ASP D 247 -63.77 75.12 88.02
C ASP D 247 -64.02 76.44 87.29
N GLY D 248 -63.42 77.53 87.77
CA GLY D 248 -63.52 78.80 87.07
C GLY D 248 -62.58 78.97 85.91
N LYS D 249 -61.76 77.96 85.61
CA LYS D 249 -60.84 77.98 84.48
C LYS D 249 -59.85 79.13 84.56
N LYS D 250 -59.20 79.26 85.71
CA LYS D 250 -58.09 80.20 85.87
C LYS D 250 -56.81 79.65 85.24
N ASP D 251 -56.06 80.53 84.59
CA ASP D 251 -54.85 80.12 83.87
C ASP D 251 -53.69 79.96 84.85
N ILE D 252 -52.73 79.11 84.47
CA ILE D 252 -51.58 78.83 85.32
C ILE D 252 -50.76 80.09 85.64
N THR D 253 -50.65 81.02 84.69
CA THR D 253 -49.87 82.23 84.94
C THR D 253 -50.44 83.03 86.11
N ALA D 254 -51.76 83.17 86.16
CA ALA D 254 -52.38 83.88 87.27
C ALA D 254 -52.15 83.15 88.59
N ALA D 255 -52.24 81.81 88.56
CA ALA D 255 -52.01 81.06 89.78
C ALA D 255 -50.60 81.27 90.30
N LEU D 256 -49.61 81.24 89.42
CA LEU D 256 -48.23 81.47 89.84
C LEU D 256 -48.06 82.88 90.40
N ALA D 257 -48.67 83.87 89.76
CA ALA D 257 -48.57 85.23 90.27
C ALA D 257 -49.19 85.34 91.66
N ALA D 258 -50.33 84.67 91.87
CA ALA D 258 -50.95 84.67 93.20
C ALA D 258 -50.04 84.00 94.21
N GLU D 259 -49.44 82.87 93.84
CA GLU D 259 -48.56 82.17 94.76
C GLU D 259 -47.41 83.07 95.21
N ARG D 260 -46.83 83.79 94.24
CA ARG D 260 -45.73 84.69 94.58
C ARG D 260 -46.21 85.82 95.48
N LYS D 261 -47.41 86.34 95.22
CA LYS D 261 -47.93 87.39 96.08
C LYS D 261 -48.12 86.87 97.50
N PHE D 262 -48.63 85.65 97.62
CA PHE D 262 -48.90 85.10 98.93
C PHE D 262 -47.61 84.99 99.73
N PHE D 263 -46.60 84.35 99.16
CA PHE D 263 -45.35 84.17 99.89
C PHE D 263 -44.69 85.51 100.20
N LEU D 264 -44.68 86.43 99.23
CA LEU D 264 -44.10 87.75 99.50
C LEU D 264 -44.86 88.50 100.58
N SER D 265 -46.14 88.18 100.77
CA SER D 265 -46.98 88.94 101.69
C SER D 265 -47.04 88.36 103.10
N HIS D 266 -47.13 87.04 103.23
CA HIS D 266 -47.34 86.44 104.54
C HIS D 266 -46.20 86.80 105.48
N PRO D 267 -46.48 87.40 106.65
CA PRO D 267 -45.37 87.85 107.52
C PRO D 267 -44.42 86.75 107.93
N SER D 268 -44.92 85.53 108.14
CA SER D 268 -44.09 84.42 108.62
C SER D 268 -43.28 83.75 107.52
N TYR D 269 -43.44 84.17 106.26
CA TYR D 269 -42.73 83.55 105.14
C TYR D 269 -41.93 84.54 104.29
N ARG D 270 -41.81 85.81 104.67
CA ARG D 270 -41.09 86.75 103.82
C ARG D 270 -39.66 86.31 103.61
N HIS D 271 -38.98 85.89 104.68
CA HIS D 271 -37.57 85.51 104.56
C HIS D 271 -37.38 84.17 103.86
N LEU D 272 -38.42 83.37 103.70
CA LEU D 272 -38.33 82.12 102.96
C LEU D 272 -38.86 82.25 101.54
N ALA D 273 -39.24 83.46 101.11
CA ALA D 273 -39.92 83.61 99.83
C ALA D 273 -39.11 83.00 98.69
N ASP D 274 -37.79 83.11 98.76
CA ASP D 274 -36.92 82.68 97.68
C ASP D 274 -36.72 81.17 97.63
N ARG D 275 -37.21 80.45 98.64
CA ARG D 275 -37.13 78.99 98.67
C ARG D 275 -38.48 78.33 98.47
N MET D 276 -39.52 79.10 98.15
CA MET D 276 -40.88 78.61 98.10
C MET D 276 -41.48 78.85 96.72
N GLY D 277 -42.28 77.90 96.26
CA GLY D 277 -43.00 78.04 95.00
C GLY D 277 -42.72 76.88 94.07
N THR D 278 -43.52 76.86 93.00
CA THR D 278 -43.30 75.87 91.93
C THR D 278 -41.97 76.08 91.22
N PRO D 279 -41.60 77.29 90.78
CA PRO D 279 -40.32 77.43 90.09
C PRO D 279 -39.13 76.97 90.90
N TYR D 280 -39.11 77.25 92.21
CA TYR D 280 -37.99 76.78 93.01
C TYR D 280 -37.96 75.25 93.01
N LEU D 281 -39.13 74.62 93.10
CA LEU D 281 -39.18 73.16 93.04
C LEU D 281 -38.62 72.67 91.71
N GLN D 282 -38.85 73.43 90.64
CA GLN D 282 -38.29 73.06 89.35
C GLN D 282 -36.77 73.15 89.38
N LYS D 283 -36.25 74.23 89.94
CA LYS D 283 -34.80 74.36 90.04
C LYS D 283 -34.20 73.21 90.85
N VAL D 284 -34.83 72.88 91.99
CA VAL D 284 -34.31 71.81 92.84
C VAL D 284 -34.29 70.48 92.09
N LEU D 285 -35.31 70.24 91.26
CA LEU D 285 -35.34 68.97 90.55
C LEU D 285 -34.40 68.97 89.36
N ASN D 286 -34.16 70.14 88.76
CA ASN D 286 -33.17 70.22 87.71
C ASN D 286 -31.76 69.95 88.25
N GLN D 287 -31.43 70.55 89.39
CA GLN D 287 -30.13 70.27 90.01
C GLN D 287 -30.03 68.80 90.41
N GLN D 288 -31.12 68.24 90.95
CA GLN D 288 -31.10 66.84 91.34
C GLN D 288 -30.85 65.94 90.15
N LEU D 289 -31.47 66.25 89.01
CA LEU D 289 -31.29 65.38 87.86
C LEU D 289 -29.93 65.60 87.23
N THR D 290 -29.45 66.85 87.21
CA THR D 290 -28.13 67.15 86.68
C THR D 290 -27.04 66.41 87.43
N ASN D 291 -27.26 66.13 88.72
CA ASN D 291 -26.23 65.50 89.52
C ASN D 291 -26.27 63.97 89.44
N HIS D 292 -27.21 63.39 88.70
CA HIS D 292 -27.25 61.95 88.45
C HIS D 292 -26.62 61.54 87.12
N ILE D 293 -26.09 62.48 86.35
CA ILE D 293 -25.38 62.17 85.12
C ILE D 293 -23.89 62.44 85.20
N ARG D 294 -23.41 63.04 86.29
CA ARG D 294 -22.03 63.50 86.36
C ARG D 294 -21.04 62.36 86.10
N ASP D 295 -21.27 61.19 86.71
CA ASP D 295 -20.34 60.08 86.54
C ASP D 295 -20.56 59.31 85.24
N THR D 296 -21.56 59.67 84.45
CA THR D 296 -21.82 59.04 83.16
C THR D 296 -21.33 59.86 81.98
N LEU D 297 -21.10 61.15 82.16
CA LEU D 297 -20.60 61.99 81.07
C LEU D 297 -19.32 61.49 80.40
N PRO D 298 -18.31 60.99 81.10
CA PRO D 298 -17.12 60.47 80.40
C PRO D 298 -17.42 59.40 79.35
N GLY D 299 -18.39 58.51 79.59
CA GLY D 299 -18.75 57.54 78.59
C GLY D 299 -19.42 58.16 77.38
N LEU D 300 -20.31 59.12 77.60
CA LEU D 300 -20.96 59.78 76.48
C LEU D 300 -19.92 60.52 75.65
N ARG D 301 -19.01 61.24 76.33
CA ARG D 301 -18.03 62.04 75.62
C ARG D 301 -17.14 61.14 74.77
N ASN D 302 -16.73 60.00 75.32
CA ASN D 302 -15.89 59.08 74.54
C ASN D 302 -16.65 58.55 73.33
N LYS D 303 -17.92 58.17 73.51
CA LYS D 303 -18.68 57.63 72.40
C LYS D 303 -18.85 58.67 71.29
N LEU D 304 -19.14 59.92 71.67
CA LEU D 304 -19.25 60.98 70.68
C LEU D 304 -17.93 61.25 69.97
N GLN D 305 -16.81 61.24 70.70
CA GLN D 305 -15.55 61.53 70.05
C GLN D 305 -15.17 60.41 69.08
N SER D 306 -15.49 59.18 69.45
CA SER D 306 -15.26 58.06 68.56
C SER D 306 -16.08 58.21 67.30
N GLN D 307 -17.35 58.62 67.44
CA GLN D 307 -18.17 58.78 66.26
C GLN D 307 -17.64 59.90 65.37
N LEU D 308 -17.22 61.02 65.98
CA LEU D 308 -16.77 62.16 65.20
C LEU D 308 -15.47 61.87 64.43
N LEU D 309 -14.69 60.89 64.89
CA LEU D 309 -13.47 60.58 64.18
C LEU D 309 -13.74 59.90 62.85
N SER D 310 -14.80 59.11 62.76
CA SER D 310 -15.13 58.46 61.51
C SER D 310 -15.73 59.41 60.49
N ILE D 311 -16.03 60.65 60.91
CA ILE D 311 -16.65 61.62 60.03
C ILE D 311 -15.69 62.72 59.59
N GLU D 312 -14.69 63.05 60.40
CA GLU D 312 -13.82 64.17 60.03
C GLU D 312 -13.04 63.89 58.74
N LYS D 313 -12.52 62.65 58.61
CA LYS D 313 -11.70 62.29 57.45
C LYS D 313 -12.41 62.60 56.15
N GLU D 314 -13.73 62.44 56.12
CA GLU D 314 -14.52 62.61 54.91
C GLU D 314 -15.03 64.05 54.80
N VAL D 315 -15.55 64.61 55.88
CA VAL D 315 -16.14 65.93 55.77
C VAL D 315 -15.09 66.98 55.48
N GLU D 316 -13.80 66.65 55.64
CA GLU D 316 -12.78 67.62 55.25
C GLU D 316 -12.84 67.91 53.76
N GLU D 317 -13.35 66.97 52.96
CA GLU D 317 -13.57 67.22 51.55
C GLU D 317 -14.85 68.02 51.31
N TYR D 318 -15.90 67.75 52.07
CA TYR D 318 -17.18 68.41 51.86
C TYR D 318 -17.14 69.88 52.27
N LYS D 319 -16.41 70.21 53.35
CA LYS D 319 -16.44 71.58 53.85
C LYS D 319 -15.99 72.58 52.79
N ASN D 320 -15.06 72.20 51.93
CA ASN D 320 -14.58 73.08 50.87
C ASN D 320 -15.24 72.79 49.54
N PHE D 321 -16.41 72.15 49.54
CA PHE D 321 -17.06 71.77 48.30
C PHE D 321 -17.50 72.99 47.51
N ARG D 322 -17.26 72.96 46.20
CA ARG D 322 -17.74 73.95 45.27
C ARG D 322 -18.39 73.27 44.09
N PRO D 323 -19.43 73.86 43.48
CA PRO D 323 -20.04 73.22 42.31
C PRO D 323 -19.11 73.19 41.11
N ASP D 324 -18.09 74.04 41.08
CA ASP D 324 -17.18 74.16 39.94
C ASP D 324 -15.75 74.19 40.49
N ASP D 325 -15.09 73.04 40.51
CA ASP D 325 -13.75 72.91 41.08
C ASP D 325 -12.97 71.90 40.24
N PRO D 326 -12.29 72.35 39.18
CA PRO D 326 -11.55 71.41 38.33
C PRO D 326 -10.49 70.58 39.04
N ALA D 327 -9.79 71.14 40.03
CA ALA D 327 -8.76 70.38 40.73
C ALA D 327 -9.36 69.19 41.48
N ARG D 328 -10.50 69.39 42.13
CA ARG D 328 -11.15 68.30 42.84
C ARG D 328 -11.55 67.19 41.89
N LYS D 329 -12.11 67.55 40.73
CA LYS D 329 -12.52 66.54 39.77
C LYS D 329 -11.30 65.80 39.24
N THR D 330 -10.22 66.54 38.95
CA THR D 330 -9.03 65.92 38.38
C THR D 330 -8.43 64.88 39.33
N LYS D 331 -8.30 65.24 40.62
CA LYS D 331 -7.71 64.26 41.53
C LYS D 331 -8.69 63.14 41.86
N ALA D 332 -10.00 63.37 41.68
CA ALA D 332 -10.94 62.27 41.87
C ALA D 332 -10.83 61.29 40.70
N LEU D 333 -10.59 61.82 39.51
CA LEU D 333 -10.39 60.95 38.35
C LEU D 333 -9.15 60.11 38.55
N LEU D 334 -8.04 60.75 38.92
CA LEU D 334 -6.79 60.01 39.04
C LEU D 334 -6.91 58.94 40.12
N GLN D 335 -7.49 59.29 41.27
CA GLN D 335 -7.63 58.31 42.34
C GLN D 335 -8.55 57.16 41.97
N MET D 336 -9.60 57.42 41.19
CA MET D 336 -10.50 56.34 40.83
C MET D 336 -9.92 55.44 39.75
N VAL D 337 -9.14 56.00 38.83
CA VAL D 337 -8.45 55.16 37.85
C VAL D 337 -7.45 54.26 38.54
N GLN D 338 -6.69 54.81 39.50
CA GLN D 338 -5.73 53.97 40.20
C GLN D 338 -6.43 52.89 41.02
N GLN D 339 -7.56 53.25 41.65
CA GLN D 339 -8.31 52.25 42.40
C GLN D 339 -8.77 51.13 41.49
N PHE D 340 -9.29 51.48 40.31
CA PHE D 340 -9.82 50.48 39.41
C PHE D 340 -8.72 49.52 38.97
N ALA D 341 -7.57 50.06 38.55
CA ALA D 341 -6.50 49.20 38.06
C ALA D 341 -6.03 48.25 39.15
N VAL D 342 -5.88 48.75 40.38
CA VAL D 342 -5.44 47.89 41.47
C VAL D 342 -6.48 46.81 41.77
N ASP D 343 -7.76 47.19 41.80
CA ASP D 343 -8.79 46.21 42.15
C ASP D 343 -8.88 45.13 41.07
N PHE D 344 -8.83 45.52 39.80
CA PHE D 344 -8.94 44.51 38.73
C PHE D 344 -7.78 43.52 38.83
N GLU D 345 -6.55 44.05 38.90
CA GLU D 345 -5.41 43.14 39.02
C GLU D 345 -5.57 42.24 40.24
N LYS D 346 -6.14 42.78 41.33
CA LYS D 346 -6.31 41.96 42.52
C LYS D 346 -7.31 40.84 42.28
N ARG D 347 -8.32 41.11 41.46
CA ARG D 347 -9.38 40.13 41.27
C ARG D 347 -8.94 39.00 40.37
N ILE D 348 -8.13 39.28 39.36
CA ILE D 348 -7.72 38.19 38.46
C ILE D 348 -6.41 37.55 38.90
N GLU D 349 -5.40 38.35 39.26
CA GLU D 349 -4.12 37.76 39.65
C GLU D 349 -4.21 37.01 40.97
N GLY D 350 -5.03 37.48 41.91
CA GLY D 350 -5.06 36.90 43.23
C GLY D 350 -4.02 37.47 44.19
N SER D 351 -3.52 38.67 43.92
CA SER D 351 -2.47 39.29 44.71
C SER D 351 -3.05 40.10 45.85
N GLY D 352 -2.19 40.47 46.79
CA GLY D 352 -2.57 41.31 47.89
C GLY D 352 -3.21 40.51 49.02
N ASP D 353 -3.74 41.25 49.98
CA ASP D 353 -4.40 40.68 51.15
C ASP D 353 -5.90 40.88 51.02
N GLN D 354 -6.64 40.51 52.08
CA GLN D 354 -8.10 40.66 52.09
C GLN D 354 -8.74 39.80 51.00
N ILE D 355 -8.61 38.48 51.17
CA ILE D 355 -9.20 37.53 50.23
C ILE D 355 -10.42 36.90 50.90
N ASP D 356 -11.26 36.28 50.06
CA ASP D 356 -12.54 35.71 50.49
C ASP D 356 -12.36 34.27 50.98
N THR D 357 -11.92 34.15 52.24
CA THR D 357 -11.50 32.84 52.74
C THR D 357 -12.67 31.88 52.93
N TYR D 358 -13.90 32.38 53.10
CA TYR D 358 -15.03 31.51 53.41
C TYR D 358 -16.11 31.47 52.33
N GLU D 359 -16.29 32.55 51.57
CA GLU D 359 -17.54 32.68 50.81
C GLU D 359 -17.51 31.92 49.49
N LEU D 360 -16.63 32.31 48.57
CA LEU D 360 -16.78 31.83 47.20
C LEU D 360 -15.47 32.00 46.43
N SER D 361 -15.33 31.18 45.39
CA SER D 361 -14.34 31.45 44.36
C SER D 361 -14.81 32.62 43.51
N GLY D 362 -13.90 33.53 43.19
CA GLY D 362 -14.30 34.73 42.49
C GLY D 362 -13.16 35.30 41.67
N GLY D 363 -13.53 36.03 40.64
CA GLY D 363 -12.54 36.63 39.77
C GLY D 363 -12.04 35.62 38.77
N ALA D 364 -10.71 35.46 38.73
CA ALA D 364 -10.06 34.56 37.79
C ALA D 364 -9.98 33.11 38.28
N ARG D 365 -10.36 32.82 39.52
CA ARG D 365 -10.45 31.42 39.90
C ARG D 365 -11.57 30.70 39.18
N ILE D 366 -12.49 31.43 38.57
CA ILE D 366 -13.46 30.83 37.68
C ILE D 366 -12.81 30.51 36.34
N ASN D 367 -11.98 31.41 35.82
CA ASN D 367 -11.26 31.15 34.58
C ASN D 367 -10.45 29.86 34.66
N ARG D 368 -9.78 29.62 35.78
CA ARG D 368 -8.98 28.41 35.86
C ARG D 368 -9.88 27.19 35.73
N ILE D 369 -11.14 27.34 36.13
CA ILE D 369 -12.09 26.24 35.93
C ILE D 369 -12.28 26.01 34.45
N PHE D 370 -12.41 27.08 33.66
CA PHE D 370 -12.48 26.89 32.21
C PHE D 370 -11.27 26.13 31.70
N HIS D 371 -10.07 26.56 32.11
CA HIS D 371 -8.84 25.88 31.69
C HIS D 371 -8.77 24.42 32.09
N GLU D 372 -9.52 24.00 33.13
CA GLU D 372 -9.57 22.59 33.51
C GLU D 372 -10.96 21.98 33.34
N ARG D 373 -11.85 22.65 32.61
CA ARG D 373 -13.09 22.12 32.06
C ARG D 373 -13.05 21.90 30.56
N PHE D 374 -12.24 22.65 29.85
CA PHE D 374 -12.01 22.37 28.43
C PHE D 374 -11.65 20.91 28.21
N PRO D 375 -10.86 20.27 29.08
CA PRO D 375 -10.64 18.83 28.91
C PRO D 375 -11.95 18.05 28.92
N PHE D 376 -13.00 18.59 29.55
CA PHE D 376 -14.28 17.87 29.56
C PHE D 376 -14.97 18.03 28.22
N GLU D 377 -14.81 19.18 27.57
CA GLU D 377 -15.38 19.37 26.25
C GLU D 377 -14.69 18.48 25.24
N LEU D 378 -13.41 18.20 25.46
CA LEU D 378 -12.64 17.40 24.50
C LEU D 378 -13.01 15.92 24.54
N VAL D 379 -13.80 15.47 25.51
CA VAL D 379 -14.20 14.07 25.60
C VAL D 379 -15.66 13.86 25.28
N LYS D 380 -16.41 14.91 24.96
CA LYS D 380 -17.75 14.74 24.41
C LYS D 380 -17.72 14.36 22.94
N MET D 381 -16.59 14.54 22.27
CA MET D 381 -16.49 14.27 20.84
C MET D 381 -16.52 12.76 20.63
N GLU D 382 -17.71 12.17 20.78
CA GLU D 382 -17.89 10.74 20.58
C GLU D 382 -18.05 10.42 19.10
N PHE D 383 -17.74 9.17 18.76
CA PHE D 383 -17.86 8.68 17.40
C PHE D 383 -18.33 7.23 17.42
N ASP D 384 -19.00 6.83 16.35
CA ASP D 384 -19.43 5.44 16.19
C ASP D 384 -18.27 4.61 15.67
N GLU D 385 -17.91 3.55 16.39
CA GLU D 385 -16.76 2.74 16.01
C GLU D 385 -16.93 2.14 14.62
N LYS D 386 -18.10 1.60 14.31
CA LYS D 386 -18.28 0.96 13.01
C LYS D 386 -18.17 1.95 11.86
N GLU D 387 -18.39 3.24 12.13
CA GLU D 387 -18.13 4.25 11.11
C GLU D 387 -16.65 4.50 10.96
N LEU D 388 -15.89 4.41 12.05
CA LEU D 388 -14.45 4.52 11.93
C LEU D 388 -13.87 3.37 11.11
N ARG D 389 -14.33 2.14 11.36
CA ARG D 389 -13.84 1.02 10.56
C ARG D 389 -14.28 1.13 9.10
N ARG D 390 -15.51 1.61 8.87
CA ARG D 390 -15.98 1.77 7.50
C ARG D 390 -15.12 2.78 6.76
N GLU D 391 -14.76 3.87 7.44
CA GLU D 391 -14.03 4.92 6.76
C GLU D 391 -12.58 4.53 6.55
N ILE D 392 -12.01 3.76 7.48
CA ILE D 392 -10.66 3.24 7.26
C ILE D 392 -10.65 2.34 6.04
N SER D 393 -11.66 1.48 5.92
CA SER D 393 -11.72 0.54 4.80
C SER D 393 -11.81 1.29 3.47
N TYR D 394 -12.78 2.23 3.36
CA TYR D 394 -12.91 2.94 2.11
C TYR D 394 -11.72 3.84 1.83
N ALA D 395 -10.95 4.20 2.86
CA ALA D 395 -9.77 5.01 2.62
C ALA D 395 -8.66 4.15 2.01
N ILE D 396 -8.50 2.94 2.52
CA ILE D 396 -7.48 2.04 1.96
C ILE D 396 -7.82 1.73 0.51
N LYS D 397 -9.09 1.38 0.26
CA LYS D 397 -9.50 1.03 -1.09
C LYS D 397 -9.30 2.20 -2.05
N ASN D 398 -9.63 3.42 -1.62
CA ASN D 398 -9.46 4.55 -2.52
C ASN D 398 -8.01 4.96 -2.66
N ILE D 399 -7.15 4.56 -1.73
CA ILE D 399 -5.75 4.93 -1.81
C ILE D 399 -4.98 4.02 -2.76
N HIS D 400 -5.21 2.70 -2.69
CA HIS D 400 -4.60 1.84 -3.70
C HIS D 400 -4.99 2.28 -5.12
N GLY D 401 -6.28 2.31 -5.41
CA GLY D 401 -6.77 2.74 -6.72
C GLY D 401 -6.91 1.57 -7.68
N ILE D 402 -6.20 1.64 -8.81
CA ILE D 402 -6.20 0.56 -9.80
C ILE D 402 -5.21 -0.54 -9.42
N ARG D 403 -4.28 -0.25 -8.53
CA ARG D 403 -3.17 -1.14 -8.19
C ARG D 403 -3.64 -2.19 -7.19
N THR D 404 -2.71 -2.92 -6.60
CA THR D 404 -3.02 -4.03 -5.72
C THR D 404 -2.40 -3.83 -4.35
N GLY D 405 -3.09 -4.33 -3.33
CA GLY D 405 -2.73 -4.03 -1.97
C GLY D 405 -1.66 -4.93 -1.39
N LEU D 406 -0.39 -4.60 -1.61
CA LEU D 406 0.68 -5.39 -0.99
C LEU D 406 0.89 -4.94 0.45
N PHE D 407 1.33 -3.69 0.62
CA PHE D 407 1.68 -3.14 1.93
C PHE D 407 0.64 -2.10 2.33
N THR D 408 0.43 -1.97 3.64
CA THR D 408 -0.51 -0.97 4.15
C THR D 408 -0.07 0.44 3.79
N PRO D 409 -0.94 1.26 3.20
CA PRO D 409 -0.53 2.62 2.81
C PRO D 409 -0.43 3.54 4.03
N ASP D 410 0.26 4.66 3.83
CA ASP D 410 0.40 5.63 4.91
C ASP D 410 -0.71 6.67 4.96
N MET D 411 -1.44 6.89 3.86
CA MET D 411 -2.59 7.79 3.89
C MET D 411 -3.81 7.19 4.58
N ALA D 412 -3.86 5.87 4.76
CA ALA D 412 -4.93 5.29 5.56
C ALA D 412 -4.86 5.76 7.01
N PHE D 413 -3.68 6.14 7.48
CA PHE D 413 -3.48 6.69 8.81
C PHE D 413 -3.61 8.21 8.80
N GLU D 414 -2.94 8.85 7.84
CA GLU D 414 -2.87 10.30 7.79
C GLU D 414 -4.24 10.93 7.58
N THR D 415 -5.07 10.34 6.71
CA THR D 415 -6.34 10.98 6.40
C THR D 415 -7.39 10.73 7.46
N ILE D 416 -7.30 9.63 8.21
CA ILE D 416 -8.19 9.44 9.35
C ILE D 416 -7.80 10.37 10.49
N VAL D 417 -6.51 10.55 10.72
CA VAL D 417 -6.11 11.50 11.75
C VAL D 417 -6.52 12.90 11.36
N LYS D 418 -6.24 13.30 10.11
CA LYS D 418 -6.62 14.64 9.70
C LYS D 418 -8.12 14.84 9.77
N LYS D 419 -8.89 13.75 9.63
CA LYS D 419 -10.34 13.90 9.68
C LYS D 419 -10.81 14.10 11.11
N GLN D 420 -10.20 13.39 12.06
CA GLN D 420 -10.64 13.54 13.45
C GLN D 420 -10.12 14.84 14.08
N VAL D 421 -8.93 15.31 13.66
CA VAL D 421 -8.38 16.52 14.23
C VAL D 421 -9.24 17.73 13.90
N LYS D 422 -9.90 17.74 12.74
CA LYS D 422 -10.73 18.89 12.38
C LYS D 422 -11.92 19.09 13.31
N LYS D 423 -12.29 18.06 14.07
CA LYS D 423 -13.41 18.18 14.99
C LYS D 423 -13.08 19.04 16.21
N ILE D 424 -11.81 19.41 16.40
CA ILE D 424 -11.40 20.12 17.61
C ILE D 424 -11.63 21.62 17.56
N ARG D 425 -11.89 22.18 16.38
CA ARG D 425 -12.06 23.63 16.27
C ARG D 425 -13.18 24.15 17.16
N GLU D 426 -14.26 23.37 17.32
CA GLU D 426 -15.45 23.90 18.00
C GLU D 426 -15.21 24.15 19.48
N PRO D 427 -14.90 23.15 20.30
CA PRO D 427 -14.71 23.42 21.74
C PRO D 427 -13.63 24.45 22.02
N CYS D 428 -12.60 24.52 21.18
CA CYS D 428 -11.56 25.50 21.40
C CYS D 428 -12.10 26.93 21.32
N LEU D 429 -13.07 27.18 20.43
CA LEU D 429 -13.64 28.52 20.35
C LEU D 429 -14.74 28.74 21.39
N LYS D 430 -15.33 27.65 21.88
CA LYS D 430 -16.22 27.80 23.04
C LYS D 430 -15.46 28.26 24.26
N CYS D 431 -14.27 27.70 24.47
CA CYS D 431 -13.48 28.08 25.65
C CYS D 431 -13.15 29.57 25.61
N VAL D 432 -12.83 30.09 24.42
CA VAL D 432 -12.50 31.51 24.30
C VAL D 432 -13.72 32.36 24.60
N ASP D 433 -14.91 31.89 24.20
CA ASP D 433 -16.09 32.69 24.48
C ASP D 433 -16.36 32.71 25.98
N MET D 434 -16.19 31.57 26.65
CA MET D 434 -16.43 31.52 28.08
C MET D 434 -15.48 32.45 28.83
N VAL D 435 -14.21 32.46 28.43
CA VAL D 435 -13.26 33.31 29.14
C VAL D 435 -13.59 34.78 28.91
N ILE D 436 -14.08 35.14 27.72
CA ILE D 436 -14.47 36.53 27.52
C ILE D 436 -15.68 36.87 28.38
N SER D 437 -16.53 35.88 28.66
CA SER D 437 -17.67 36.13 29.53
C SER D 437 -17.20 36.48 30.93
N GLU D 438 -16.24 35.71 31.44
CA GLU D 438 -15.72 36.00 32.78
C GLU D 438 -15.03 37.36 32.85
N LEU D 439 -14.23 37.69 31.84
CA LEU D 439 -13.54 38.98 31.88
C LEU D 439 -14.54 40.14 31.88
N ILE D 440 -15.64 40.01 31.13
CA ILE D 440 -16.65 41.06 31.16
C ILE D 440 -17.34 41.11 32.52
N SER D 441 -17.55 39.95 33.13
CA SER D 441 -18.17 39.94 34.45
C SER D 441 -17.29 40.69 35.44
N THR D 442 -16.01 40.35 35.51
CA THR D 442 -15.15 40.98 36.50
C THR D 442 -15.05 42.48 36.25
N VAL D 443 -14.98 42.91 34.99
CA VAL D 443 -14.88 44.35 34.77
C VAL D 443 -16.15 45.04 35.25
N ARG D 444 -17.27 44.32 35.21
CA ARG D 444 -18.51 44.92 35.69
C ARG D 444 -18.54 44.97 37.21
N GLN D 445 -17.99 43.94 37.86
CA GLN D 445 -17.92 43.99 39.32
C GLN D 445 -17.07 45.17 39.77
N CYS D 446 -15.90 45.35 39.16
CA CYS D 446 -15.02 46.44 39.58
C CYS D 446 -15.67 47.80 39.37
N THR D 447 -16.37 47.97 38.25
CA THR D 447 -16.99 49.27 38.00
C THR D 447 -18.25 49.47 38.85
N LYS D 448 -18.96 48.40 39.19
CA LYS D 448 -20.12 48.54 40.06
C LYS D 448 -19.65 48.95 41.44
N LYS D 449 -18.68 48.21 41.98
CA LYS D 449 -18.23 48.45 43.35
C LYS D 449 -17.70 49.86 43.52
N LEU D 450 -16.76 50.29 42.68
CA LEU D 450 -16.06 51.52 43.02
C LEU D 450 -16.93 52.76 42.84
N GLN D 451 -17.62 52.88 41.72
CA GLN D 451 -17.95 54.19 41.19
C GLN D 451 -19.42 54.54 41.25
N GLN D 452 -19.68 55.80 41.59
CA GLN D 452 -20.99 56.43 41.61
C GLN D 452 -20.90 57.79 40.96
N TYR D 453 -20.05 57.89 39.93
CA TYR D 453 -20.07 58.99 38.98
C TYR D 453 -20.60 58.32 37.73
N PRO D 454 -21.90 58.42 37.44
CA PRO D 454 -22.47 57.58 36.37
C PRO D 454 -21.76 57.69 35.03
N ARG D 455 -21.36 58.90 34.66
CA ARG D 455 -20.62 59.11 33.41
C ARG D 455 -19.30 58.38 33.41
N LEU D 456 -18.57 58.44 34.53
CA LEU D 456 -17.25 57.82 34.56
C LEU D 456 -17.34 56.30 34.61
N ARG D 457 -18.33 55.75 35.31
CA ARG D 457 -18.45 54.30 35.33
C ARG D 457 -18.89 53.78 33.97
N GLU D 458 -19.74 54.55 33.29
CA GLU D 458 -20.20 54.14 31.97
C GLU D 458 -19.04 54.11 30.99
N GLU D 459 -18.26 55.21 30.94
CA GLU D 459 -17.16 55.26 30.00
C GLU D 459 -16.12 54.19 30.32
N MET D 460 -15.76 54.04 31.59
CA MET D 460 -14.70 53.10 31.92
C MET D 460 -15.09 51.67 31.54
N GLU D 461 -16.37 51.31 31.71
CA GLU D 461 -16.75 49.95 31.37
C GLU D 461 -16.88 49.77 29.86
N ARG D 462 -17.22 50.85 29.16
CA ARG D 462 -17.30 50.74 27.71
C ARG D 462 -15.91 50.53 27.15
N ILE D 463 -14.92 51.26 27.66
CA ILE D 463 -13.58 51.18 27.10
C ILE D 463 -12.97 49.81 27.37
N VAL D 464 -13.09 49.33 28.61
CA VAL D 464 -12.44 48.06 28.90
C VAL D 464 -13.14 46.90 28.18
N THR D 465 -14.43 47.03 27.87
CA THR D 465 -15.05 45.91 27.17
C THR D 465 -14.82 45.99 25.67
N THR D 466 -14.73 47.19 25.12
CA THR D 466 -14.39 47.31 23.71
C THR D 466 -13.00 46.73 23.47
N HIS D 467 -12.05 47.00 24.38
CA HIS D 467 -10.73 46.40 24.24
C HIS D 467 -10.79 44.88 24.30
N ILE D 468 -11.56 44.32 25.25
CA ILE D 468 -11.61 42.87 25.34
C ILE D 468 -12.21 42.27 24.06
N ARG D 469 -13.07 43.03 23.40
CA ARG D 469 -13.67 42.56 22.16
C ARG D 469 -12.63 42.62 21.04
N GLU D 470 -11.87 43.71 20.94
CA GLU D 470 -10.87 43.78 19.89
C GLU D 470 -9.82 42.68 20.06
N ARG D 471 -9.63 42.19 21.29
CA ARG D 471 -8.67 41.10 21.52
C ARG D 471 -9.25 39.71 21.24
N GLU D 472 -10.56 39.52 21.38
CA GLU D 472 -11.11 38.23 20.97
C GLU D 472 -10.79 37.91 19.51
N GLY D 473 -10.72 38.95 18.67
CA GLY D 473 -10.43 38.81 17.25
C GLY D 473 -9.01 38.36 16.96
N ARG D 474 -8.12 38.51 17.93
CA ARG D 474 -6.73 38.08 17.76
C ARG D 474 -6.48 36.78 18.50
N THR D 475 -7.23 36.54 19.58
CA THR D 475 -7.07 35.29 20.30
C THR D 475 -7.60 34.11 19.49
N LYS D 476 -8.58 34.34 18.62
CA LYS D 476 -9.18 33.21 17.91
C LYS D 476 -8.43 32.84 16.64
N GLU D 477 -7.69 33.78 16.05
CA GLU D 477 -6.83 33.47 14.92
C GLU D 477 -5.75 32.46 15.28
N GLN D 478 -5.07 32.65 16.42
CA GLN D 478 -4.00 31.72 16.77
C GLN D 478 -4.51 30.34 17.14
N VAL D 479 -5.79 30.21 17.47
CA VAL D 479 -6.35 28.89 17.73
C VAL D 479 -6.65 28.19 16.41
N MET D 480 -7.19 28.93 15.45
CA MET D 480 -7.35 28.34 14.13
C MET D 480 -5.98 27.98 13.54
N LEU D 481 -4.99 28.87 13.67
CA LEU D 481 -3.69 28.60 13.09
C LEU D 481 -2.94 27.50 13.79
N LEU D 482 -3.25 27.23 15.07
CA LEU D 482 -2.61 26.11 15.73
C LEU D 482 -3.22 24.80 15.30
N ILE D 483 -4.51 24.80 14.96
CA ILE D 483 -5.09 23.56 14.47
C ILE D 483 -4.61 23.31 13.04
N ASP D 484 -4.59 24.36 12.22
CA ASP D 484 -4.01 24.23 10.89
C ASP D 484 -2.61 23.65 10.98
N ILE D 485 -1.80 24.13 11.93
CA ILE D 485 -0.45 23.61 12.06
C ILE D 485 -0.50 22.14 12.46
N GLU D 486 -1.48 21.76 13.27
CA GLU D 486 -1.63 20.36 13.63
C GLU D 486 -1.93 19.50 12.41
N LEU D 487 -2.56 20.06 11.39
CA LEU D 487 -2.90 19.30 10.19
C LEU D 487 -1.82 19.29 9.12
N ALA D 488 -0.80 20.14 9.25
CA ALA D 488 0.18 20.30 8.18
C ALA D 488 1.17 19.14 8.08
N TYR D 489 1.39 18.39 9.16
CA TYR D 489 2.44 17.38 9.19
C TYR D 489 2.14 16.37 10.27
N MET D 490 2.54 15.13 10.04
CA MET D 490 2.30 14.02 10.95
C MET D 490 3.64 13.57 11.53
N ASN D 491 3.84 13.83 12.82
CA ASN D 491 5.11 13.59 13.49
C ASN D 491 5.00 12.31 14.32
N THR D 492 5.67 11.25 13.87
CA THR D 492 5.59 9.93 14.50
C THR D 492 6.89 9.56 15.22
N ASN D 493 7.63 10.56 15.69
CA ASN D 493 8.94 10.36 16.27
C ASN D 493 8.96 10.31 17.80
N HIS D 494 7.81 10.44 18.47
CA HIS D 494 7.84 10.51 19.93
C HIS D 494 6.57 9.91 20.52
N GLU D 495 6.71 9.32 21.70
CA GLU D 495 5.59 8.88 22.53
C GLU D 495 4.51 8.16 21.72
N ASP D 496 4.91 7.45 20.68
CA ASP D 496 3.98 6.69 19.85
C ASP D 496 4.43 5.24 19.84
N PHE D 497 3.58 4.37 19.29
CA PHE D 497 3.95 2.96 19.18
C PHE D 497 5.25 2.81 18.40
N ILE D 498 5.35 3.46 17.24
CA ILE D 498 6.56 3.32 16.45
C ILE D 498 7.74 3.96 17.18
N GLY D 499 7.54 5.15 17.75
CA GLY D 499 8.60 5.85 18.43
C GLY D 499 8.85 5.30 19.83
N ILE D 525 -4.05 -7.82 24.76
CA ILE D 525 -5.30 -7.10 24.59
C ILE D 525 -6.26 -7.46 25.71
N ARG D 526 -6.11 -8.65 26.28
CA ARG D 526 -6.98 -9.07 27.38
C ARG D 526 -6.19 -9.97 28.32
N LYS D 527 -6.34 -9.78 29.62
CA LYS D 527 -5.63 -10.59 30.59
C LYS D 527 -6.58 -11.06 31.68
N GLY D 528 -6.26 -12.22 32.26
CA GLY D 528 -7.09 -12.73 33.34
C GLY D 528 -6.73 -14.15 33.67
N TRP D 529 -7.37 -14.67 34.72
CA TRP D 529 -7.14 -16.04 35.14
C TRP D 529 -8.14 -16.97 34.45
N LEU D 530 -7.63 -18.05 33.87
CA LEU D 530 -8.45 -19.04 33.20
C LEU D 530 -8.22 -20.41 33.81
N THR D 531 -9.30 -21.18 33.96
CA THR D 531 -9.25 -22.49 34.57
C THR D 531 -9.64 -23.57 33.56
N ILE D 532 -8.81 -24.60 33.45
CA ILE D 532 -9.06 -25.76 32.62
C ILE D 532 -9.91 -26.71 33.45
N ASN D 533 -11.10 -27.03 32.94
CA ASN D 533 -12.05 -27.88 33.66
C ASN D 533 -11.74 -29.36 33.46
N ASN D 534 -11.32 -29.75 32.25
CA ASN D 534 -11.03 -31.14 31.94
C ASN D 534 -9.56 -31.40 32.23
N ILE D 535 -9.30 -32.35 33.12
CA ILE D 535 -7.97 -32.69 33.58
C ILE D 535 -7.64 -34.12 33.19
N GLY D 536 -6.40 -34.34 32.75
CA GLY D 536 -5.99 -35.63 32.28
C GLY D 536 -5.73 -36.62 33.41
N ILE D 537 -5.32 -37.83 33.02
CA ILE D 537 -5.13 -38.90 33.99
C ILE D 537 -4.00 -38.60 34.98
N MET D 538 -3.05 -37.75 34.62
CA MET D 538 -1.91 -37.47 35.47
C MET D 538 -2.17 -36.33 36.46
N LYS D 539 -3.34 -35.71 36.40
CA LYS D 539 -3.68 -34.58 37.25
C LYS D 539 -5.14 -34.70 37.67
N GLY D 540 -5.50 -34.00 38.75
CA GLY D 540 -6.86 -33.97 39.23
C GLY D 540 -7.37 -32.55 39.39
N GLY D 541 -8.60 -32.47 39.90
CA GLY D 541 -9.22 -31.17 40.12
C GLY D 541 -9.36 -30.36 38.85
N SER D 542 -8.82 -29.14 38.86
CA SER D 542 -8.82 -28.25 37.70
C SER D 542 -7.50 -27.50 37.70
N LYS D 543 -7.14 -26.95 36.54
CA LYS D 543 -5.86 -26.26 36.37
C LYS D 543 -6.10 -24.77 36.17
N GLU D 544 -5.51 -23.93 37.02
CA GLU D 544 -5.65 -22.49 36.87
C GLU D 544 -4.34 -21.88 36.39
N TYR D 545 -4.44 -20.89 35.49
CA TYR D 545 -3.25 -20.21 35.00
C TYR D 545 -3.61 -18.78 34.60
N TRP D 546 -2.60 -17.92 34.62
CA TRP D 546 -2.76 -16.54 34.18
C TRP D 546 -2.61 -16.50 32.67
N PHE D 547 -3.58 -15.92 31.97
CA PHE D 547 -3.64 -15.95 30.52
C PHE D 547 -3.58 -14.53 29.99
N VAL D 548 -2.76 -14.36 28.94
CA VAL D 548 -2.62 -13.09 28.24
C VAL D 548 -2.96 -13.30 26.77
N LEU D 549 -3.86 -12.48 26.25
CA LEU D 549 -4.27 -12.48 24.86
C LEU D 549 -3.79 -11.19 24.21
N THR D 550 -3.12 -11.33 23.07
CA THR D 550 -2.73 -10.23 22.21
C THR D 550 -3.36 -10.43 20.84
N ALA D 551 -3.16 -9.43 19.97
CA ALA D 551 -3.64 -9.56 18.60
C ALA D 551 -2.79 -10.53 17.79
N GLU D 552 -1.66 -10.99 18.32
CA GLU D 552 -0.75 -11.86 17.62
C GLU D 552 -0.72 -13.28 18.18
N ASN D 553 -0.76 -13.44 19.50
CA ASN D 553 -0.61 -14.76 20.10
C ASN D 553 -1.31 -14.80 21.46
N LEU D 554 -1.47 -16.03 21.96
CA LEU D 554 -1.99 -16.32 23.29
C LEU D 554 -0.84 -16.86 24.12
N SER D 555 -0.82 -16.54 25.41
CA SER D 555 0.28 -16.98 26.28
C SER D 555 -0.24 -17.36 27.66
N TRP D 556 0.37 -18.40 28.22
CA TRP D 556 0.04 -18.91 29.54
C TRP D 556 1.20 -18.62 30.49
N TYR D 557 0.86 -18.32 31.74
CA TYR D 557 1.83 -18.07 32.79
C TYR D 557 1.33 -18.67 34.10
N LYS D 558 2.26 -18.96 34.99
CA LYS D 558 1.91 -19.51 36.30
C LYS D 558 1.50 -18.43 37.30
N ASP D 559 1.72 -17.15 36.96
CA ASP D 559 1.38 -16.06 37.87
C ASP D 559 1.20 -14.79 37.03
N ASP D 560 0.71 -13.74 37.70
CA ASP D 560 0.51 -12.45 37.04
C ASP D 560 1.81 -11.74 36.70
N GLU D 561 2.95 -12.21 37.21
CA GLU D 561 4.23 -11.61 36.85
C GLU D 561 4.60 -11.86 35.41
N GLU D 562 3.98 -12.84 34.76
CA GLU D 562 4.22 -13.13 33.34
C GLU D 562 5.70 -13.38 33.07
N LYS D 563 6.29 -14.28 33.85
CA LYS D 563 7.69 -14.63 33.74
C LYS D 563 7.94 -16.02 33.17
N GLU D 564 6.99 -16.94 33.35
CA GLU D 564 7.26 -18.34 33.04
C GLU D 564 7.37 -18.58 31.54
N LYS D 565 6.43 -18.06 30.75
CA LYS D 565 6.43 -18.21 29.30
C LYS D 565 6.59 -19.68 28.90
N LYS D 566 5.59 -20.48 29.25
CA LYS D 566 5.65 -21.93 29.06
C LYS D 566 4.80 -22.43 27.92
N TYR D 567 3.60 -21.89 27.72
CA TYR D 567 2.69 -22.36 26.68
C TYR D 567 2.16 -21.18 25.88
N MET D 568 1.98 -21.40 24.58
CA MET D 568 1.52 -20.34 23.70
C MET D 568 0.63 -20.95 22.61
N LEU D 569 -0.27 -20.13 22.08
CA LEU D 569 -1.09 -20.50 20.94
C LEU D 569 -1.10 -19.38 19.91
N SER D 570 -1.29 -19.74 18.65
CA SER D 570 -1.41 -18.74 17.59
C SER D 570 -2.82 -18.16 17.57
N VAL D 571 -2.91 -16.85 17.38
CA VAL D 571 -4.22 -16.20 17.25
C VAL D 571 -4.95 -16.74 16.02
N ASP D 572 -4.23 -16.83 14.90
CA ASP D 572 -4.80 -17.42 13.69
C ASP D 572 -4.66 -18.94 13.75
N ASN D 573 -5.27 -19.60 12.77
CA ASN D 573 -5.30 -21.07 12.74
C ASN D 573 -5.88 -21.62 14.04
N LEU D 574 -6.91 -20.95 14.54
CA LEU D 574 -7.57 -21.34 15.79
C LEU D 574 -9.02 -20.90 15.73
N LYS D 575 -9.88 -21.66 16.41
CA LYS D 575 -11.31 -21.43 16.40
C LYS D 575 -11.83 -21.30 17.82
N LEU D 576 -12.90 -20.52 17.96
CA LEU D 576 -13.50 -20.19 19.25
C LEU D 576 -14.94 -20.68 19.29
N ARG D 577 -15.34 -21.30 20.40
CA ARG D 577 -16.68 -21.85 20.52
C ARG D 577 -17.17 -21.79 21.96
N ASP D 578 -18.49 -21.87 22.11
CA ASP D 578 -19.13 -22.03 23.40
C ASP D 578 -19.18 -23.53 23.74
N VAL D 579 -19.95 -23.90 24.76
CA VAL D 579 -20.04 -25.28 25.21
C VAL D 579 -21.50 -25.65 25.41
N GLU D 580 -21.75 -26.96 25.42
CA GLU D 580 -23.10 -27.50 25.55
C GLU D 580 -23.55 -27.49 27.00
N LYS D 581 -24.79 -27.94 27.22
CA LYS D 581 -25.30 -28.09 28.58
C LYS D 581 -24.56 -29.20 29.30
N GLY D 582 -24.34 -29.01 30.61
CA GLY D 582 -23.56 -29.90 31.43
C GLY D 582 -22.30 -29.28 31.98
N PHE D 583 -21.80 -28.21 31.36
CA PHE D 583 -20.66 -27.48 31.85
C PHE D 583 -21.06 -26.62 33.04
N MET D 584 -20.07 -26.25 33.85
CA MET D 584 -20.34 -25.49 35.06
C MET D 584 -21.03 -24.17 34.72
N SER D 585 -22.12 -23.89 35.43
CA SER D 585 -22.81 -22.61 35.30
C SER D 585 -22.26 -21.54 36.23
N SER D 586 -21.71 -21.94 37.38
CA SER D 586 -21.06 -20.98 38.26
C SER D 586 -19.76 -20.46 37.66
N LYS D 587 -19.11 -21.26 36.80
CA LYS D 587 -17.90 -20.84 36.09
C LYS D 587 -18.09 -21.16 34.61
N HIS D 588 -18.64 -20.20 33.87
CA HIS D 588 -18.97 -20.44 32.46
C HIS D 588 -17.72 -20.81 31.69
N ILE D 589 -17.86 -21.78 30.78
CA ILE D 589 -16.74 -22.37 30.06
C ILE D 589 -16.91 -22.06 28.58
N PHE D 590 -15.84 -21.56 27.97
CA PHE D 590 -15.71 -21.48 26.51
C PHE D 590 -14.63 -22.46 26.08
N ALA D 591 -14.33 -22.47 24.78
CA ALA D 591 -13.35 -23.42 24.27
C ALA D 591 -12.62 -22.85 23.07
N LEU D 592 -11.32 -23.15 23.00
CA LEU D 592 -10.49 -22.90 21.83
C LEU D 592 -10.16 -24.26 21.22
N PHE D 593 -10.29 -24.37 19.89
CA PHE D 593 -10.19 -25.66 19.25
C PHE D 593 -9.69 -25.50 17.82
N ASN D 594 -9.21 -26.61 17.27
CA ASN D 594 -8.84 -26.70 15.87
C ASN D 594 -9.55 -27.90 15.24
N THR D 595 -9.82 -27.79 13.94
CA THR D 595 -10.36 -28.91 13.18
C THR D 595 -9.37 -29.47 12.17
N GLU D 596 -8.36 -28.70 11.77
CA GLU D 596 -7.33 -29.22 10.88
C GLU D 596 -6.21 -29.93 11.63
N GLN D 597 -6.17 -29.81 12.96
CA GLN D 597 -5.17 -30.48 13.77
C GLN D 597 -5.83 -31.06 15.02
N ARG D 598 -5.34 -32.22 15.45
CA ARG D 598 -5.88 -32.85 16.65
C ARG D 598 -5.39 -32.16 17.92
N ASN D 599 -4.16 -31.66 17.94
CA ASN D 599 -3.59 -31.04 19.13
C ASN D 599 -3.66 -29.53 18.96
N VAL D 600 -4.45 -28.90 19.83
CA VAL D 600 -4.64 -27.44 19.80
C VAL D 600 -3.55 -26.84 20.67
N TYR D 601 -2.38 -26.63 20.05
CA TYR D 601 -1.27 -25.91 20.67
C TYR D 601 -1.02 -26.39 22.10
N LYS D 602 -0.60 -27.64 22.21
CA LYS D 602 -0.41 -28.30 23.50
C LYS D 602 -1.73 -28.37 24.26
N ASP D 603 -2.70 -29.03 23.63
CA ASP D 603 -4.08 -29.02 24.11
C ASP D 603 -4.23 -29.74 25.44
N TYR D 604 -5.19 -29.27 26.23
CA TYR D 604 -5.59 -29.90 27.48
C TYR D 604 -7.05 -30.30 27.34
N ARG D 605 -7.29 -31.48 26.77
CA ARG D 605 -8.64 -32.00 26.55
C ARG D 605 -9.55 -30.93 25.95
N GLN D 606 -9.14 -30.47 24.77
CA GLN D 606 -9.86 -29.50 23.94
C GLN D 606 -9.87 -28.09 24.54
N LEU D 607 -9.06 -27.83 25.56
CA LEU D 607 -8.89 -26.48 26.10
C LEU D 607 -10.24 -25.83 26.39
N GLU D 608 -11.05 -26.52 27.20
CA GLU D 608 -12.32 -25.98 27.67
C GLU D 608 -12.03 -25.19 28.94
N LEU D 609 -12.05 -23.86 28.81
CA LEU D 609 -11.54 -22.96 29.83
C LEU D 609 -12.71 -22.25 30.50
N ALA D 610 -12.70 -22.25 31.84
CA ALA D 610 -13.72 -21.59 32.64
C ALA D 610 -13.26 -20.18 33.02
N CYS D 611 -14.24 -19.29 33.17
CA CYS D 611 -14.01 -17.94 33.65
C CYS D 611 -14.80 -17.71 34.94
N GLU D 612 -14.51 -16.59 35.60
CA GLU D 612 -15.19 -16.29 36.85
C GLU D 612 -16.67 -16.02 36.62
N THR D 613 -17.00 -15.34 35.52
CA THR D 613 -18.37 -14.95 35.23
C THR D 613 -18.65 -15.15 33.75
N GLN D 614 -19.94 -15.14 33.40
CA GLN D 614 -20.33 -15.20 31.99
C GLN D 614 -19.89 -13.94 31.26
N GLU D 615 -19.92 -12.79 31.95
CA GLU D 615 -19.46 -11.55 31.33
C GLU D 615 -17.98 -11.65 30.98
N GLU D 616 -17.19 -12.28 31.85
CA GLU D 616 -15.78 -12.47 31.55
C GLU D 616 -15.60 -13.32 30.29
N VAL D 617 -16.41 -14.36 30.14
CA VAL D 617 -16.36 -15.18 28.95
C VAL D 617 -16.68 -14.36 27.72
N ASP D 618 -17.74 -13.55 27.79
CA ASP D 618 -18.12 -12.72 26.65
C ASP D 618 -17.02 -11.74 26.28
N SER D 619 -16.40 -11.11 27.28
CA SER D 619 -15.29 -10.20 27.02
C SER D 619 -14.11 -10.93 26.38
N TRP D 620 -13.79 -12.12 26.87
CA TRP D 620 -12.73 -12.90 26.24
C TRP D 620 -13.06 -13.23 24.80
N LYS D 621 -14.29 -13.65 24.54
CA LYS D 621 -14.69 -13.97 23.17
C LYS D 621 -14.58 -12.75 22.26
N ALA D 622 -14.99 -11.59 22.76
CA ALA D 622 -14.85 -10.36 21.98
C ALA D 622 -13.38 -10.05 21.70
N SER D 623 -12.52 -10.22 22.69
CA SER D 623 -11.10 -9.97 22.49
C SER D 623 -10.51 -10.95 21.47
N PHE D 624 -10.89 -12.22 21.56
CA PHE D 624 -10.41 -13.21 20.59
C PHE D 624 -10.87 -12.85 19.18
N LEU D 625 -12.13 -12.45 19.02
CA LEU D 625 -12.62 -12.05 17.71
C LEU D 625 -11.87 -10.83 17.18
N ARG D 626 -11.61 -9.84 18.03
CA ARG D 626 -10.83 -8.70 17.61
C ARG D 626 -9.42 -9.11 17.20
N ALA D 627 -8.80 -10.02 17.96
CA ALA D 627 -7.48 -10.51 17.62
C ALA D 627 -7.48 -11.19 16.26
N GLY D 628 -8.53 -11.95 15.96
CA GLY D 628 -8.64 -12.61 14.68
C GLY D 628 -8.93 -14.09 14.79
N VAL D 629 -9.39 -14.52 15.96
CA VAL D 629 -9.77 -15.92 16.15
C VAL D 629 -11.10 -16.16 15.45
N TYR D 630 -11.14 -17.17 14.60
CA TYR D 630 -12.32 -17.44 13.79
C TYR D 630 -13.43 -18.02 14.65
N PRO D 631 -14.63 -17.42 14.69
CA PRO D 631 -15.73 -18.03 15.43
C PRO D 631 -16.14 -19.36 14.84
N GLU D 632 -16.56 -20.28 15.71
CA GLU D 632 -16.96 -21.62 15.29
C GLU D 632 -17.88 -21.58 14.07
N MET D 655 -11.18 -9.97 0.72
CA MET D 655 -10.43 -8.90 1.37
C MET D 655 -10.26 -9.17 2.87
N ASP D 656 -11.25 -9.87 3.45
CA ASP D 656 -11.39 -9.91 4.90
C ASP D 656 -10.11 -10.31 5.64
N PRO D 657 -9.40 -11.39 5.26
CA PRO D 657 -8.22 -11.78 6.05
C PRO D 657 -7.15 -10.71 6.15
N GLN D 658 -6.92 -9.94 5.08
CA GLN D 658 -5.90 -8.90 5.11
C GLN D 658 -6.49 -7.53 5.46
N LEU D 659 -7.68 -7.24 4.92
CA LEU D 659 -8.29 -5.94 5.16
C LEU D 659 -8.61 -5.76 6.64
N GLU D 660 -9.10 -6.80 7.31
CA GLU D 660 -9.43 -6.68 8.72
C GLU D 660 -8.18 -6.36 9.55
N ARG D 661 -7.06 -7.00 9.22
CA ARG D 661 -5.81 -6.71 9.92
C ARG D 661 -5.33 -5.28 9.66
N GLN D 662 -5.43 -4.82 8.41
CA GLN D 662 -5.05 -3.45 8.12
C GLN D 662 -5.93 -2.44 8.84
N VAL D 663 -7.23 -2.70 8.90
CA VAL D 663 -8.15 -1.81 9.60
C VAL D 663 -7.81 -1.75 11.08
N GLU D 664 -7.56 -2.90 11.70
CA GLU D 664 -7.25 -2.91 13.12
C GLU D 664 -5.97 -2.14 13.41
N THR D 665 -4.93 -2.37 12.59
CA THR D 665 -3.67 -1.69 12.81
C THR D 665 -3.82 -0.18 12.70
N ILE D 666 -4.56 0.28 11.69
CA ILE D 666 -4.75 1.71 11.51
C ILE D 666 -5.54 2.28 12.68
N ARG D 667 -6.55 1.55 13.16
CA ARG D 667 -7.36 2.06 14.24
C ARG D 667 -6.53 2.28 15.50
N ASN D 668 -5.68 1.30 15.83
CA ASN D 668 -4.86 1.45 17.03
C ASN D 668 -3.87 2.60 16.89
N LEU D 669 -3.26 2.74 15.71
CA LEU D 669 -2.31 3.85 15.54
C LEU D 669 -3.01 5.19 15.63
N VAL D 670 -4.25 5.27 15.14
CA VAL D 670 -4.99 6.54 15.21
C VAL D 670 -5.27 6.89 16.66
N ASP D 671 -5.74 5.92 17.45
CA ASP D 671 -6.02 6.22 18.85
C ASP D 671 -4.77 6.75 19.55
N SER D 672 -3.65 6.06 19.34
CA SER D 672 -2.43 6.46 20.03
C SER D 672 -1.97 7.85 19.62
N TYR D 673 -2.14 8.22 18.35
CA TYR D 673 -1.68 9.55 17.94
C TYR D 673 -2.66 10.65 18.35
N MET D 674 -3.94 10.31 18.51
CA MET D 674 -4.87 11.34 18.96
C MET D 674 -4.76 11.60 20.44
N ALA D 675 -4.20 10.66 21.21
CA ALA D 675 -3.90 10.99 22.61
C ALA D 675 -2.86 12.10 22.68
N ILE D 676 -1.85 12.04 21.82
CA ILE D 676 -0.83 13.08 21.79
C ILE D 676 -1.46 14.41 21.38
N VAL D 677 -2.34 14.37 20.36
CA VAL D 677 -2.87 15.65 19.88
C VAL D 677 -3.74 16.28 20.95
N ASN D 678 -4.39 15.45 21.78
CA ASN D 678 -5.21 16.00 22.86
C ASN D 678 -4.33 16.63 23.93
N LYS D 679 -3.22 15.99 24.27
CA LYS D 679 -2.34 16.61 25.26
C LYS D 679 -1.85 17.97 24.78
N THR D 680 -1.45 18.04 23.50
CA THR D 680 -0.94 19.31 22.98
C THR D 680 -2.00 20.40 23.03
N VAL D 681 -3.24 20.06 22.68
CA VAL D 681 -4.26 21.10 22.63
C VAL D 681 -4.57 21.58 24.04
N ARG D 682 -4.65 20.63 24.98
CA ARG D 682 -4.93 20.98 26.37
C ARG D 682 -3.86 21.90 26.93
N ASP D 683 -2.61 21.70 26.52
CA ASP D 683 -1.54 22.47 27.11
C ASP D 683 -1.25 23.76 26.36
N LEU D 684 -1.86 23.96 25.19
CA LEU D 684 -1.60 25.18 24.42
C LEU D 684 -2.76 26.15 24.39
N MET D 685 -3.98 25.75 24.78
CA MET D 685 -5.06 26.73 24.78
C MET D 685 -4.93 27.74 25.90
N PRO D 686 -4.80 27.34 27.17
CA PRO D 686 -4.59 28.34 28.24
C PRO D 686 -3.44 29.30 28.00
N LYS D 687 -2.29 28.84 27.51
CA LYS D 687 -1.18 29.77 27.31
C LYS D 687 -1.46 30.77 26.20
N THR D 688 -2.18 30.36 25.16
CA THR D 688 -2.54 31.29 24.10
C THR D 688 -3.54 32.33 24.59
N ILE D 689 -4.46 31.92 25.46
CA ILE D 689 -5.42 32.90 25.97
C ILE D 689 -4.76 33.84 26.96
N MET D 690 -3.88 33.31 27.81
CA MET D 690 -3.16 34.16 28.74
C MET D 690 -2.30 35.18 28.00
N HIS D 691 -1.59 34.75 26.97
CA HIS D 691 -0.70 35.68 26.29
C HIS D 691 -1.47 36.73 25.52
N LEU D 692 -2.47 36.32 24.74
CA LEU D 692 -3.05 37.21 23.76
C LEU D 692 -4.16 38.10 24.31
N MET D 693 -4.87 37.67 25.36
CA MET D 693 -6.01 38.42 25.87
C MET D 693 -5.79 38.99 27.27
N ILE D 694 -5.49 38.14 28.25
CA ILE D 694 -5.47 38.61 29.64
C ILE D 694 -4.27 39.50 29.90
N ASN D 695 -3.08 39.04 29.51
CA ASN D 695 -1.87 39.81 29.80
C ASN D 695 -1.81 41.09 28.99
N ASN D 696 -2.49 41.16 27.85
CA ASN D 696 -2.49 42.40 27.11
C ASN D 696 -3.55 43.35 27.67
N THR D 697 -4.60 42.78 28.28
CA THR D 697 -5.60 43.60 28.95
C THR D 697 -5.00 44.33 30.14
N LYS D 698 -4.20 43.62 30.95
CA LYS D 698 -3.58 44.31 32.09
C LYS D 698 -2.75 45.50 31.60
N GLU D 699 -1.91 45.27 30.60
CA GLU D 699 -1.08 46.34 30.04
C GLU D 699 -1.94 47.50 29.57
N PHE D 700 -3.06 47.19 28.90
CA PHE D 700 -3.94 48.27 28.45
C PHE D 700 -4.44 49.06 29.64
N ILE D 701 -4.90 48.38 30.68
CA ILE D 701 -5.48 49.06 31.84
C ILE D 701 -4.47 50.04 32.39
N PHE D 702 -3.22 49.57 32.57
CA PHE D 702 -2.22 50.41 33.23
C PHE D 702 -1.79 51.57 32.35
N SER D 703 -1.69 51.38 31.03
CA SER D 703 -1.00 52.36 30.19
C SER D 703 -1.89 53.25 29.34
N GLU D 704 -3.08 52.81 28.91
CA GLU D 704 -3.89 53.56 27.96
C GLU D 704 -5.23 54.08 28.48
N LEU D 705 -5.72 53.58 29.61
CA LEU D 705 -7.07 53.90 30.05
C LEU D 705 -7.27 55.39 30.28
N LEU D 706 -6.33 56.05 30.96
CA LEU D 706 -6.55 57.47 31.24
C LEU D 706 -6.51 58.29 29.98
N ALA D 707 -5.69 57.89 29.01
CA ALA D 707 -5.64 58.62 27.74
C ALA D 707 -6.96 58.47 27.01
N ASN D 708 -7.55 57.28 27.07
CA ASN D 708 -8.85 57.11 26.45
C ASN D 708 -9.89 57.98 27.13
N LEU D 709 -9.87 58.00 28.47
CA LEU D 709 -10.87 58.79 29.18
C LEU D 709 -10.73 60.27 28.83
N TYR D 710 -9.50 60.74 28.66
CA TYR D 710 -9.31 62.10 28.15
C TYR D 710 -9.68 62.23 26.68
N SER D 711 -9.93 61.13 25.99
CA SER D 711 -10.29 61.20 24.58
C SER D 711 -11.80 61.26 24.36
N CYS D 712 -12.59 61.19 25.44
CA CYS D 712 -14.03 61.25 25.32
C CYS D 712 -14.48 62.60 24.79
N GLY D 713 -15.66 62.62 24.15
CA GLY D 713 -16.08 63.81 23.43
C GLY D 713 -16.28 65.02 24.32
N ASP D 714 -16.91 64.83 25.49
CA ASP D 714 -17.30 65.94 26.35
C ASP D 714 -16.64 65.80 27.72
N GLN D 715 -15.67 66.67 28.01
CA GLN D 715 -14.90 66.59 29.24
C GLN D 715 -15.45 67.45 30.37
N ASN D 716 -16.43 68.31 30.09
CA ASN D 716 -17.03 69.14 31.13
C ASN D 716 -18.20 68.46 31.83
N THR D 717 -18.67 67.34 31.30
CA THR D 717 -19.74 66.56 31.94
C THR D 717 -19.23 65.22 32.45
N LEU D 718 -17.95 64.91 32.25
CA LEU D 718 -17.37 63.72 32.85
C LEU D 718 -17.22 63.92 34.35
N MET D 719 -17.55 62.89 35.12
CA MET D 719 -17.50 62.94 36.58
C MET D 719 -18.45 64.00 37.14
N GLU D 720 -19.70 63.98 36.69
CA GLU D 720 -20.73 64.77 37.31
C GLU D 720 -21.44 63.92 38.36
N GLU D 721 -21.50 64.42 39.58
CA GLU D 721 -21.99 63.64 40.71
C GLU D 721 -23.50 63.40 40.62
N SER D 722 -23.92 62.23 41.09
CA SER D 722 -25.33 61.91 41.20
C SER D 722 -25.95 62.66 42.38
N ALA D 723 -27.28 62.64 42.42
CA ALA D 723 -28.01 63.29 43.51
C ALA D 723 -27.75 62.66 44.87
N GLU D 724 -27.52 61.35 44.93
CA GLU D 724 -27.32 60.72 46.24
C GLU D 724 -26.10 61.27 46.95
N GLN D 725 -24.99 61.48 46.22
CA GLN D 725 -23.84 62.11 46.83
C GLN D 725 -24.15 63.52 47.32
N ALA D 726 -25.09 64.21 46.66
CA ALA D 726 -25.45 65.55 47.10
C ALA D 726 -26.28 65.53 48.37
N GLN D 727 -27.08 64.49 48.56
CA GLN D 727 -27.82 64.36 49.81
C GLN D 727 -26.89 63.95 50.95
N ARG D 728 -25.99 63.02 50.66
CA ARG D 728 -25.04 62.54 51.67
C ARG D 728 -24.08 63.63 52.11
N ARG D 729 -23.73 64.57 51.23
CA ARG D 729 -22.84 65.65 51.66
C ARG D 729 -23.48 66.47 52.76
N ASP D 730 -24.76 66.80 52.60
CA ASP D 730 -25.45 67.63 53.58
C ASP D 730 -25.72 66.85 54.85
N GLU D 731 -26.02 65.56 54.71
CA GLU D 731 -26.24 64.75 55.90
C GLU D 731 -24.97 64.65 56.74
N MET D 732 -23.82 64.46 56.08
CA MET D 732 -22.57 64.34 56.81
C MET D 732 -22.19 65.65 57.49
N LEU D 733 -22.43 66.79 56.83
CA LEU D 733 -22.11 68.05 57.48
C LEU D 733 -23.03 68.33 58.65
N ARG D 734 -24.32 68.01 58.50
CA ARG D 734 -25.27 68.21 59.59
C ARG D 734 -24.90 67.36 60.81
N MET D 735 -24.55 66.09 60.58
CA MET D 735 -24.14 65.25 61.69
C MET D 735 -22.84 65.75 62.33
N TYR D 736 -21.97 66.36 61.52
CA TYR D 736 -20.71 66.85 62.04
C TYR D 736 -20.93 68.02 62.99
N HIS D 737 -21.76 68.98 62.58
CA HIS D 737 -22.03 70.12 63.46
C HIS D 737 -22.81 69.70 64.69
N ALA D 738 -23.69 68.70 64.57
CA ALA D 738 -24.44 68.26 65.74
C ALA D 738 -23.51 67.65 66.77
N LEU D 739 -22.57 66.80 66.32
CA LEU D 739 -21.67 66.18 67.28
C LEU D 739 -20.76 67.22 67.92
N LYS D 740 -20.33 68.22 67.16
CA LYS D 740 -19.50 69.26 67.77
C LYS D 740 -20.26 70.00 68.86
N GLU D 741 -21.51 70.38 68.59
CA GLU D 741 -22.25 71.14 69.60
C GLU D 741 -22.50 70.29 70.84
N ALA D 742 -22.77 69.00 70.67
CA ALA D 742 -22.96 68.12 71.83
C ALA D 742 -21.69 68.04 72.67
N LEU D 743 -20.53 67.95 72.02
CA LEU D 743 -19.30 67.89 72.81
C LEU D 743 -19.01 69.22 73.50
N SER D 744 -19.38 70.33 72.88
CA SER D 744 -19.19 71.62 73.53
C SER D 744 -20.06 71.71 74.79
N ILE D 745 -21.29 71.21 74.71
CA ILE D 745 -22.15 71.30 75.89
C ILE D 745 -21.64 70.40 77.01
N ILE D 746 -21.24 69.16 76.68
CA ILE D 746 -20.68 68.33 77.74
C ILE D 746 -19.46 69.01 78.35
N GLY D 747 -18.72 69.75 77.55
CA GLY D 747 -17.60 70.51 78.07
C GLY D 747 -18.03 71.57 79.04
N ASN D 748 -19.13 72.26 78.74
CA ASN D 748 -19.60 73.31 79.62
C ASN D 748 -20.10 72.72 80.93
N ILE D 749 -20.76 71.57 80.86
CA ILE D 749 -21.29 70.95 82.09
C ILE D 749 -20.15 70.56 83.01
N ASN D 750 -19.18 69.79 82.50
CA ASN D 750 -18.08 69.38 83.39
C ASN D 750 -17.25 70.57 83.84
N THR D 751 -16.94 71.50 82.94
CA THR D 751 -16.13 72.64 83.30
C THR D 751 -16.81 73.49 84.38
N THR D 752 -18.12 73.67 84.26
CA THR D 752 -18.88 74.47 85.23
C THR D 752 -18.30 75.87 85.31
PB GDP E . 48.67 -26.09 -59.35
O1B GDP E . 47.63 -26.96 -58.73
O2B GDP E . 48.28 -24.65 -59.55
O3B GDP E . 50.03 -26.27 -58.73
O3A GDP E . 48.84 -26.66 -60.81
PA GDP E . 48.62 -25.62 -61.98
O1A GDP E . 47.19 -25.25 -61.93
O2A GDP E . 49.62 -24.52 -61.86
O5' GDP E . 48.84 -26.42 -63.33
C5' GDP E . 49.54 -27.65 -63.23
C4' GDP E . 49.85 -28.22 -64.59
O4' GDP E . 48.83 -29.12 -64.97
C3' GDP E . 49.89 -27.19 -65.70
O3' GDP E . 50.92 -27.51 -66.60
C2' GDP E . 48.59 -27.32 -66.43
O2' GDP E . 48.72 -26.98 -67.81
C1' GDP E . 48.29 -28.78 -66.24
N9 GDP E . 46.84 -29.03 -66.26
C8 GDP E . 46.02 -28.85 -65.21
N7 GDP E . 44.76 -29.16 -65.55
C5 GDP E . 44.76 -29.56 -66.82
C6 GDP E . 43.77 -30.03 -67.78
O6 GDP E . 42.58 -30.13 -67.44
N1 GDP E . 44.15 -30.34 -69.01
C2 GDP E . 45.42 -30.24 -69.37
N2 GDP E . 45.71 -30.59 -70.64
N3 GDP E . 46.40 -29.82 -68.55
C4 GDP E . 46.14 -29.47 -67.29
H5' GDP E . 50.45 -27.50 -62.67
H5'' GDP E . 48.92 -28.36 -62.68
H4' GDP E . 50.81 -28.72 -64.56
H3' GDP E . 50.01 -26.18 -65.31
HO3' GDP E . 50.53 -27.68 -67.48
H2' GDP E . 47.82 -26.72 -65.94
HO2' GDP E . 48.17 -27.57 -68.34
H1' GDP E . 48.78 -29.34 -67.03
H8 GDP E . 46.33 -28.50 -64.24
HN1 GDP E . 43.46 -30.67 -69.68
HN21 GDP E . 44.97 -30.91 -71.26
HN22 GDP E . 46.66 -30.53 -70.97
MG MG F . 49.02 -23.24 -57.78
PB GDP G . -52.73 58.26 25.26
O1B GDP G . -54.02 58.30 26.03
O2B GDP G . -51.54 57.82 26.06
O3B GDP G . -52.87 57.60 23.92
O3A GDP G . -52.46 59.79 24.90
PA GDP G . -53.23 60.31 23.62
O1A GDP G . -54.49 59.55 23.59
O2A GDP G . -52.34 60.24 22.44
O5' GDP G . -53.60 61.82 23.95
C5' GDP G . -54.98 62.14 24.05
C4' GDP G . -55.14 63.61 23.74
O4' GDP G . -54.07 64.36 24.28
C3' GDP G . -55.05 63.87 22.28
O3' GDP G . -56.35 63.92 21.72
C2' GDP G . -54.43 65.24 22.16
O2' GDP G . -55.34 66.19 21.61
C1' GDP G . -54.03 65.58 23.57
N9 GDP G . -52.68 66.14 23.57
C8 GDP G . -51.55 65.43 23.64
N7 GDP G . -50.49 66.25 23.61
C5 GDP G . -50.93 67.50 23.51
C6 GDP G . -50.33 68.82 23.44
O6 GDP G . -49.10 68.94 23.46
N1 GDP G . -51.11 69.88 23.35
C2 GDP G . -52.42 69.76 23.33
N2 GDP G . -53.13 70.90 23.24
N3 GDP G . -53.06 68.57 23.41
C4 GDP G . -52.38 67.43 23.49
H5' GDP G . -55.57 61.57 23.34
H5'' GDP G . -55.32 61.93 25.06
H4' GDP G . -56.09 63.96 24.12
H3' GDP G . -54.42 63.13 21.79
HO3' GDP G . -56.51 64.80 21.35
H2' GDP G . -53.53 65.16 21.54
HO2' GDP G . -54.95 66.56 20.80
H1' GDP G . -54.74 66.30 23.97
H8 GDP G . -51.52 64.35 23.71
HN1 GDP G . -50.70 70.80 23.31
HN21 GDP G . -52.66 71.79 23.20
HN22 GDP G . -54.15 70.87 23.22
MG MG H . -52.82 55.57 24.31
PB GDP I . 42.28 -98.72 -69.15
O1B GDP I . 40.81 -98.43 -69.12
O2B GDP I . 43.14 -97.63 -69.70
O3B GDP I . 42.77 -99.31 -67.86
O3A GDP I . 42.43 -99.93 -70.18
PA GDP I . 42.70 -99.55 -71.69
O1A GDP I . 41.47 -98.89 -72.17
O2A GDP I . 43.96 -98.78 -71.77
O5' GDP I . 42.83 -100.92 -72.49
C5' GDP I . 43.61 -101.93 -71.90
C4' GDP I . 43.82 -103.06 -72.87
O4' GDP I . 42.68 -103.89 -72.87
C3' GDP I . 43.96 -102.58 -74.28
O3' GDP I . 44.95 -103.34 -74.94
C2' GDP I . 42.65 -102.86 -74.95
O2' GDP I . 42.82 -103.12 -76.33
C1' GDP I . 42.19 -104.07 -74.20
N9 GDP I . 40.73 -104.16 -74.19
C8 GDP I . 39.91 -103.44 -73.43
N7 GDP I . 38.63 -103.78 -73.68
C5 GDP I . 38.64 -104.72 -74.62
C6 GDP I . 37.62 -105.49 -75.32
O6 GDP I . 36.42 -105.33 -75.08
N1 GDP I . 38.01 -106.38 -76.22
C2 GDP I . 39.30 -106.57 -76.50
N2 GDP I . 39.61 -107.49 -77.42
N3 GDP I . 40.29 -105.89 -75.88
C4 GDP I . 40.02 -104.97 -74.96
H5' GDP I . 44.58 -101.53 -71.59
H5'' GDP I . 43.11 -102.29 -70.99
H4' GDP I . 44.71 -103.63 -72.59
H3' GDP I . 44.19 -101.52 -74.32
HO3' GDP I . 44.54 -103.86 -75.65
H2' GDP I . 41.97 -102.03 -74.79
HO2' GDP I . 42.08 -103.66 -76.65
H1' GDP I . 42.64 -104.95 -74.66
H8 GDP I . 40.23 -102.69 -72.71
HN1 GDP I . 37.32 -106.93 -76.72
HN21 GDP I . 38.87 -108.01 -77.89
HN22 GDP I . 40.57 -107.66 -77.66
MG MG J . 43.45 -95.20 -69.33
PB GDP K . -55.01 64.20 94.46
O1B GDP K . -56.38 63.76 94.89
O2B GDP K . -53.88 63.49 95.15
O3B GDP K . -54.88 64.31 92.96
O3A GDP K . -54.94 65.71 94.94
PA GDP K . -55.78 66.71 94.05
O1A GDP K . -56.93 65.91 93.56
O2A GDP K . -54.89 67.36 93.04
O5' GDP K . -56.37 67.79 95.04
C5' GDP K . -57.77 67.90 95.12
C4' GDP K . -58.11 69.29 95.57
O4' GDP K . -57.00 69.84 96.27
C3' GDP K . -58.34 70.24 94.43
O3' GDP K . -59.71 70.59 94.40
C2' GDP K . -57.53 71.45 94.73
O2' GDP K . -58.29 72.65 94.54
C1' GDP K . -57.14 71.25 96.16
N9 GDP K . -55.89 71.95 96.47
C8 GDP K . -54.67 71.43 96.27
N7 GDP K . -53.73 72.32 96.65
C5 GDP K . -54.36 73.41 97.10
C6 GDP K . -53.96 74.70 97.63
O6 GDP K . -52.76 74.97 97.77
N1 GDP K . -54.89 75.57 97.98
C2 GDP K . -56.18 75.28 97.85
N2 GDP K . -57.05 76.23 98.23
N3 GDP K . -56.63 74.10 97.35
C4 GDP K . -55.77 73.15 96.98
H5' GDP K . -58.24 67.72 94.15
H5'' GDP K . -58.16 67.17 95.82
H4' GDP K . -58.99 69.27 96.21
H3' GDP K . -58.02 69.79 93.50
HO3' GDP K . -59.94 70.85 93.49
H2' GDP K . -56.64 71.46 94.10
HO2' GDP K . -58.13 72.98 93.64
H1' GDP K . -57.94 71.61 96.80
H8 GDP K . -54.46 70.45 95.87
HN1 GDP K . -54.63 76.46 98.36
HN21 GDP K . -56.71 77.12 98.60
HN22 GDP K . -58.05 76.07 98.16
MG MG L . -54.95 62.37 92.26
#